data_7JVC
#
_entry.id   7JVC
#
loop_
_entity.id
_entity.type
_entity.pdbx_description
1 polymer 'Spike glycoprotein'
2 polymer 'S2A4 Fab heavy chain'
3 polymer 'S2A4 Fab light chain'
4 branched 2-acetamido-2-deoxy-beta-D-glucopyranose-(1-4)-2-acetamido-2-deoxy-beta-D-glucopyranose
5 branched beta-D-mannopyranose-(1-4)-2-acetamido-2-deoxy-beta-D-glucopyranose-(1-4)-2-acetamido-2-deoxy-beta-D-glucopyranose
6 non-polymer 2-acetamido-2-deoxy-beta-D-glucopyranose
#
loop_
_entity_poly.entity_id
_entity_poly.type
_entity_poly.pdbx_seq_one_letter_code
_entity_poly.pdbx_strand_id
1 'polypeptide(L)'
;MGILPSPGMPALLSLVSLLSVLLMGCVAETGTQCVNLTTRTQLPPAYTNSFTRGVYYPDKVFRSSVLHSTQDLFLPFFSN
VTWFHAIHVSGTNGTKRFDNPVLPFNDGVYFASTEKSNIIRGWIFGTTLDSKTQSLLIVNNATNVVIKVCEFQFCNDPFL
GVYYHKNNKSWMESEFRVYSSANNCTFEYVSQPFLMDLEGKQGNFKNLREFVFKNIDGYFKIYSKHTPINLVRDLPQGFS
ALEPLVDLPIGINITRFQTLLALHRSYLTPGDSSSGWTAGAAAYYVGYLQPRTFLLKYNENGTITDAVDCALDPLSETKC
TLKSFTVEKGIYQTSNFRVQPTESIVRFPNITNLCPFGEVFNATRFASVYAWNRKRISNCVADYSVLYNSASFSTFKCYG
VSPTKLNDLCFTNVYADSFVIRGDEVRQIAPGQTGKIADYNYKLPDDFTGCVIAWNSNNLDSKVGGNYNYLYRLFRKSNL
KPFERDISTEIYQAGSTPCNGVEGFNCYFPLQSYGFQPTNGVGYQPYRVVVLSFELLHAPATVCGPKKSTNLVKNKCVNF
NFNGLTGTGVLTESNKKFLPFQQFGRDIADTTDAVRDPQTLEILDITPCSFGGVSVITPGTNTSNQVAVLYQDVNCTEVP
VAIHADQLTPTWRVYSTGSNVFQTRAGCLIGAEHVNNSYECDIPIGAGICASYQTQTNSPSGAGSVASQSIIAYTMSLGA
ENSVAYSNNSIAIPTNFTISVTTEILPVSMTKTSVDCTMYICGDSTECSNLLLQYGSFCTQLNRALTGIAVEQDKNTQEV
FAQVKQIYKTPPIKDFGGFNFSQILPDPSKPSKRSFIEDLLFNKVTLADAGFIKQYGDCLGDIAARDLICAQKFNGLTVL
PPLLTDEMIAQYTSALLAGTITSGWTFGAGAALQIPFAMQMAYRFNGIGVTQNVLYENQKLIANQFNSAIGKIQDSLSST
ASALGKLQDVVNQNAQALNTLVKQLSSNFGAISSVLNDILSRLDPPEAEVQIDRLITGRLQSLQTYVTQQLIRAAEIRAS
ANLAATKMSECVLGQSKRVDFCGKGYHLMSFPQSAPHGVVFLHVTYVPAQEKNFTTAPAICHDGKAHFPREGVFVSNGTH
WFVTQRNFYEPQIITTDNTFVSGNCDVVIGIVNNTVYDPLQPELDSFKEELDKYFKNHTSPDVDLGDISGINASVVNIQK
EIDRLNEVAKNLNESLIDLQELGKYEQYIKGSGRENLYFQGGGGSGYIPEAPRDGQAYVRKDGEWVLLSTFLGHHHHHHH
H
;
A,B,E
2 'polypeptide(L)'
;EVQLVESGGGLVQPGGSLRLSCAASGFTFSSYWMNWVRQAPGKGLEWVANIKQDGSEKYYVDSVKGRFTISRDNAKNSLF
LQMNSLRAEDTAVYYCARVWWLRGSFDYWGQGTLVTVSSASTKGPSVFPLAPSSKSTSGGTAALGCLVKDYFPEPVTVSW
NSGALTSGVHTFPAVLQSSGLYSLSSVVTVPSSSLGTQTYICNVNHKPSNTKVDKKVEPKSCDKTHTC
;
H,C,F
3 'polypeptide(L)'
;NFMLTQPHSVSESPGKTVTISCTGSSGSIASNYVQWYQQRPGSAPTTVIYEDNQRPSGVPDRFSGSIDSSSNSASLTISG
LKTEDEADYYCQSYDSSNHVVFGGGTKLTVLGQPKAAPSVTLFPPSSEELQANKATLVCLISDFYPGAVTVAWKADSSPV
KAGVETTTPSKQSNNKYAASSYLSLTPEQWKSHRSYSCQVTHEGSTVEKTVAPTECS
;
L,D,G
#
loop_
_chem_comp.id
_chem_comp.type
_chem_comp.name
_chem_comp.formula
BMA D-saccharide, beta linking beta-D-mannopyranose 'C6 H12 O6'
NAG D-saccharide, beta linking 2-acetamido-2-deoxy-beta-D-glucopyranose 'C8 H15 N O6'
#
# COMPACT_ATOMS: atom_id res chain seq x y z
N ALA A 46 32.05 36.00 -32.89
CA ALA A 46 30.98 36.15 -33.85
C ALA A 46 29.86 35.15 -33.56
N TYR A 47 28.61 35.63 -33.55
CA TYR A 47 27.40 34.84 -33.30
C TYR A 47 26.32 35.15 -34.31
N THR A 48 25.44 34.20 -34.56
CA THR A 48 24.26 34.47 -35.37
C THR A 48 22.99 33.95 -34.72
N ASN A 49 21.87 34.27 -35.34
CA ASN A 49 20.54 33.90 -34.88
C ASN A 49 20.13 32.55 -35.44
N SER A 50 19.93 31.57 -34.56
CA SER A 50 19.57 30.21 -34.98
C SER A 50 18.15 30.10 -35.53
N PHE A 51 17.35 31.14 -35.31
CA PHE A 51 15.97 31.20 -35.74
C PHE A 51 15.17 29.99 -35.24
N THR A 52 14.62 29.21 -36.16
CA THR A 52 13.79 28.08 -35.78
C THR A 52 14.40 26.76 -36.21
N ARG A 53 15.69 26.77 -36.48
CA ARG A 53 16.40 25.56 -36.90
C ARG A 53 16.84 24.76 -35.69
N GLY A 54 17.12 23.47 -35.89
CA GLY A 54 17.60 22.63 -34.80
C GLY A 54 16.56 21.60 -34.35
N VAL A 55 15.49 21.49 -35.11
CA VAL A 55 14.44 20.50 -34.87
C VAL A 55 14.73 19.25 -35.67
N TYR A 56 14.49 18.11 -35.05
CA TYR A 56 14.73 16.83 -35.67
C TYR A 56 13.68 15.86 -35.20
N TYR A 57 13.54 14.75 -35.90
CA TYR A 57 12.55 13.76 -35.49
C TYR A 57 13.04 13.07 -34.24
N PRO A 58 12.35 13.20 -33.09
CA PRO A 58 12.76 12.70 -31.80
C PRO A 58 12.77 11.17 -31.75
N ASP A 59 12.03 10.56 -32.66
CA ASP A 59 11.94 9.12 -32.73
C ASP A 59 11.64 8.68 -34.15
N LYS A 60 11.39 7.39 -34.32
CA LYS A 60 11.14 6.81 -35.64
C LYS A 60 9.68 6.41 -35.76
N VAL A 61 8.81 7.16 -35.09
CA VAL A 61 7.39 6.86 -35.08
C VAL A 61 6.61 7.76 -36.02
N PHE A 62 5.82 7.14 -36.88
CA PHE A 62 5.00 7.85 -37.83
C PHE A 62 3.76 8.41 -37.16
N ARG A 63 3.53 9.68 -37.37
CA ARG A 63 2.37 10.37 -36.86
C ARG A 63 1.91 11.22 -38.00
N SER A 64 0.62 11.52 -38.09
CA SER A 64 0.20 12.38 -39.19
C SER A 64 -0.99 13.24 -38.80
N SER A 65 -1.06 14.41 -39.42
CA SER A 65 -2.15 15.36 -39.19
C SER A 65 -2.41 15.52 -37.69
N VAL A 66 -1.33 15.75 -36.96
CA VAL A 66 -1.43 15.82 -35.50
C VAL A 66 -0.34 16.67 -34.90
N LEU A 67 -0.65 17.28 -33.76
CA LEU A 67 0.35 18.03 -33.03
C LEU A 67 0.80 17.22 -31.82
N HIS A 68 2.09 16.95 -31.76
CA HIS A 68 2.61 16.12 -30.69
C HIS A 68 3.56 16.87 -29.77
N SER A 69 3.30 16.78 -28.48
CA SER A 69 4.13 17.44 -27.48
C SER A 69 5.20 16.50 -26.96
N THR A 70 6.45 16.90 -27.11
CA THR A 70 7.56 16.06 -26.70
C THR A 70 8.65 16.84 -25.99
N GLN A 71 9.44 16.15 -25.16
CA GLN A 71 10.58 16.78 -24.53
C GLN A 71 11.85 16.04 -24.87
N ASP A 72 12.81 16.77 -25.41
CA ASP A 72 14.08 16.18 -25.83
C ASP A 72 15.13 17.26 -25.94
N LEU A 73 16.33 16.89 -26.31
CA LEU A 73 17.38 17.87 -26.49
C LEU A 73 17.26 18.55 -27.85
N PHE A 74 16.81 19.79 -27.85
CA PHE A 74 16.60 20.54 -29.08
C PHE A 74 17.33 21.86 -29.02
N LEU A 75 17.66 22.45 -30.16
CA LEU A 75 18.27 23.76 -30.11
C LEU A 75 17.16 24.78 -29.79
N PRO A 76 17.25 25.56 -28.72
CA PRO A 76 16.24 26.53 -28.33
C PRO A 76 16.03 27.52 -29.46
N PHE A 77 14.79 27.91 -29.69
CA PHE A 77 14.52 28.84 -30.76
C PHE A 77 15.09 30.21 -30.46
N PHE A 78 15.63 30.81 -31.51
CA PHE A 78 16.23 32.13 -31.51
C PHE A 78 17.42 32.27 -30.59
N SER A 79 18.04 31.14 -30.21
CA SER A 79 19.26 31.20 -29.42
C SER A 79 20.45 31.61 -30.29
N ASN A 80 21.56 31.99 -29.63
CA ASN A 80 22.82 32.35 -30.29
C ASN A 80 23.66 31.11 -30.57
N VAL A 81 24.22 31.03 -31.78
CA VAL A 81 25.15 29.97 -32.17
C VAL A 81 26.44 30.63 -32.63
N THR A 82 27.57 30.04 -32.30
CA THR A 82 28.84 30.65 -32.62
C THR A 82 29.16 30.46 -34.09
N TRP A 83 29.54 31.55 -34.73
CA TRP A 83 29.82 31.58 -36.16
C TRP A 83 31.31 31.50 -36.44
N PHE A 84 31.75 30.40 -37.02
CA PHE A 84 33.16 30.16 -37.28
C PHE A 84 33.44 30.28 -38.77
N HIS A 85 34.65 30.74 -39.11
CA HIS A 85 35.11 30.89 -40.51
C HIS A 85 36.39 30.09 -40.72
N ASN A 100 38.36 26.54 -36.82
CA ASN A 100 38.80 25.18 -36.50
C ASN A 100 39.28 24.96 -35.01
N PRO A 101 38.62 25.52 -33.96
CA PRO A 101 38.93 25.32 -32.54
C PRO A 101 38.37 24.01 -31.99
N VAL A 102 38.80 23.65 -30.79
CA VAL A 102 38.13 22.56 -30.10
C VAL A 102 36.96 23.14 -29.31
N LEU A 103 35.78 22.58 -29.52
CA LEU A 103 34.57 23.08 -28.89
C LEU A 103 34.01 22.06 -27.90
N PRO A 104 33.28 22.51 -26.87
CA PRO A 104 32.54 21.66 -25.96
C PRO A 104 31.47 20.88 -26.70
N PHE A 105 31.13 19.71 -26.18
CA PHE A 105 30.03 18.92 -26.72
C PHE A 105 28.80 19.08 -25.84
N ASN A 106 29.04 19.19 -24.55
CA ASN A 106 27.99 19.32 -23.53
C ASN A 106 26.96 18.20 -23.60
N ASP A 107 25.68 18.55 -23.77
CA ASP A 107 24.59 17.57 -23.80
C ASP A 107 24.38 17.02 -25.20
N GLY A 108 24.72 17.83 -26.19
CA GLY A 108 24.56 17.49 -27.58
C GLY A 108 24.84 18.72 -28.41
N VAL A 109 25.12 18.51 -29.68
CA VAL A 109 25.52 19.60 -30.54
C VAL A 109 24.71 19.78 -31.80
N TYR A 110 24.36 21.02 -32.06
CA TYR A 110 23.76 21.39 -33.33
C TYR A 110 24.83 21.97 -34.21
N PHE A 111 25.04 21.38 -35.35
CA PHE A 111 26.07 21.84 -36.25
C PHE A 111 25.47 22.19 -37.59
N ALA A 112 25.87 23.30 -38.16
CA ALA A 112 25.38 23.64 -39.48
C ALA A 112 26.47 24.29 -40.27
N SER A 113 26.43 24.14 -41.58
CA SER A 113 27.43 24.77 -42.40
C SER A 113 26.93 25.22 -43.74
N THR A 114 27.61 26.20 -44.29
CA THR A 114 27.31 26.70 -45.61
C THR A 114 28.56 26.50 -46.46
N GLU A 115 28.36 25.93 -47.65
CA GLU A 115 29.50 25.62 -48.50
C GLU A 115 29.30 25.92 -49.98
N LYS A 116 30.43 26.17 -50.64
CA LYS A 116 30.47 26.30 -52.09
C LYS A 116 31.43 25.29 -52.72
N SER A 117 32.12 24.49 -51.88
CA SER A 117 33.11 23.54 -52.40
C SER A 117 33.48 22.40 -51.44
N ASN A 118 32.55 21.99 -50.58
CA ASN A 118 32.78 20.85 -49.70
C ASN A 118 34.07 20.95 -48.87
N ILE A 119 34.32 22.10 -48.29
CA ILE A 119 35.51 22.34 -47.48
C ILE A 119 35.49 21.59 -46.15
N ILE A 120 34.34 21.51 -45.51
CA ILE A 120 34.27 20.79 -44.24
C ILE A 120 34.18 19.31 -44.52
N ARG A 121 35.11 18.56 -43.94
CA ARG A 121 35.20 17.15 -44.22
C ARG A 121 34.78 16.26 -43.08
N GLY A 122 34.94 16.70 -41.84
CA GLY A 122 34.62 15.77 -40.77
C GLY A 122 34.72 16.32 -39.36
N TRP A 123 34.57 15.40 -38.40
CA TRP A 123 34.59 15.73 -36.98
C TRP A 123 35.34 14.71 -36.13
N ILE A 124 35.90 15.18 -35.02
CA ILE A 124 36.45 14.28 -34.02
C ILE A 124 35.70 14.44 -32.72
N PHE A 125 35.12 13.37 -32.19
CA PHE A 125 34.38 13.46 -30.94
C PHE A 125 35.06 12.65 -29.83
N GLY A 126 35.27 13.28 -28.67
CA GLY A 126 35.92 12.56 -27.58
C GLY A 126 36.20 13.45 -26.37
N THR A 127 37.21 13.07 -25.59
CA THR A 127 37.61 13.80 -24.39
C THR A 127 38.91 14.53 -24.62
N THR A 128 40.01 13.79 -24.58
CA THR A 128 41.34 14.35 -24.79
C THR A 128 41.62 14.67 -26.26
N LEU A 129 40.98 13.92 -27.16
CA LEU A 129 41.11 14.14 -28.60
C LEU A 129 42.55 14.08 -29.11
N ASP A 130 43.41 13.26 -28.49
CA ASP A 130 44.80 13.10 -28.94
C ASP A 130 45.39 11.83 -28.34
N SER A 131 45.15 10.70 -29.00
CA SER A 131 45.52 9.39 -28.47
C SER A 131 44.99 9.23 -27.05
N LYS A 132 45.70 8.46 -26.23
CA LYS A 132 45.35 8.18 -24.82
C LYS A 132 44.11 7.29 -24.67
N THR A 133 43.00 7.73 -25.21
CA THR A 133 41.75 6.99 -25.20
C THR A 133 41.10 7.00 -26.57
N GLN A 134 39.95 6.37 -26.68
CA GLN A 134 39.28 6.28 -27.98
C GLN A 134 38.55 7.56 -28.33
N SER A 135 38.47 7.85 -29.61
CA SER A 135 37.68 8.97 -30.07
C SER A 135 37.06 8.61 -31.40
N LEU A 136 35.95 9.26 -31.72
CA LEU A 136 35.22 8.98 -32.94
C LEU A 136 35.57 9.93 -34.06
N LEU A 137 36.15 9.37 -35.12
CA LEU A 137 36.59 10.14 -36.26
C LEU A 137 35.69 9.91 -37.47
N ILE A 138 34.98 10.94 -37.89
CA ILE A 138 34.09 10.84 -39.02
C ILE A 138 34.59 11.70 -40.17
N VAL A 139 35.12 11.08 -41.21
CA VAL A 139 35.72 11.88 -42.30
C VAL A 139 35.23 11.56 -43.70
N ASN A 140 34.84 12.61 -44.40
CA ASN A 140 34.46 12.55 -45.80
C ASN A 140 35.69 12.93 -46.64
N ASN A 141 36.22 11.99 -47.45
CA ASN A 141 37.44 12.21 -48.24
C ASN A 141 37.29 11.60 -49.64
N ALA A 142 37.54 12.44 -50.67
CA ALA A 142 37.45 12.09 -52.09
C ALA A 142 36.06 11.59 -52.47
N THR A 143 35.89 10.28 -52.59
CA THR A 143 34.61 9.72 -53.03
C THR A 143 33.83 8.94 -51.97
N ASN A 144 34.32 8.89 -50.72
CA ASN A 144 33.55 8.15 -49.71
C ASN A 144 33.70 8.67 -48.29
N VAL A 145 33.02 7.99 -47.38
CA VAL A 145 33.00 8.36 -45.97
C VAL A 145 33.56 7.27 -45.10
N VAL A 146 34.50 7.64 -44.25
CA VAL A 146 35.13 6.69 -43.34
C VAL A 146 34.91 7.03 -41.87
N ILE A 147 34.35 6.09 -41.13
CA ILE A 147 34.13 6.27 -39.70
C ILE A 147 34.94 5.27 -38.91
N LYS A 148 35.77 5.76 -38.00
CA LYS A 148 36.61 4.90 -37.17
C LYS A 148 36.65 5.37 -35.72
N VAL A 149 36.82 4.44 -34.77
CA VAL A 149 36.91 4.84 -33.36
C VAL A 149 38.19 4.44 -32.61
N CYS A 150 39.34 4.42 -33.30
CA CYS A 150 40.64 4.06 -32.74
C CYS A 150 41.17 5.14 -31.80
N GLU A 151 42.22 4.79 -31.07
CA GLU A 151 42.87 5.76 -30.20
C GLU A 151 43.84 6.56 -31.07
N PHE A 152 43.25 7.39 -31.92
CA PHE A 152 43.98 8.13 -32.93
C PHE A 152 44.80 9.24 -32.35
N GLN A 153 46.01 9.40 -32.87
CA GLN A 153 46.86 10.51 -32.48
C GLN A 153 46.55 11.67 -33.42
N PHE A 154 46.36 12.85 -32.85
CA PHE A 154 46.00 13.99 -33.67
C PHE A 154 46.93 15.17 -33.51
N CYS A 155 47.02 15.95 -34.57
CA CYS A 155 47.74 17.21 -34.54
C CYS A 155 46.94 18.22 -33.74
N ASN A 156 47.57 19.31 -33.31
CA ASN A 156 46.87 20.37 -32.58
C ASN A 156 46.21 21.33 -33.57
N ASP A 157 46.34 20.99 -34.83
CA ASP A 157 45.75 21.70 -35.94
C ASP A 157 45.56 20.71 -37.09
N PRO A 158 44.67 19.72 -36.94
CA PRO A 158 44.42 18.67 -37.88
C PRO A 158 43.67 19.21 -39.08
N PHE A 159 43.92 18.68 -40.25
CA PHE A 159 43.22 19.09 -41.45
C PHE A 159 43.43 18.10 -42.58
N LEU A 160 42.67 18.29 -43.66
CA LEU A 160 42.86 17.48 -44.85
C LEU A 160 43.49 18.32 -45.94
N GLY A 161 44.25 17.71 -46.84
CA GLY A 161 44.82 18.49 -47.93
C GLY A 161 43.87 18.57 -49.12
N VAL A 162 44.26 19.37 -50.13
CA VAL A 162 43.51 19.56 -51.38
C VAL A 162 44.46 19.36 -52.56
N ASN A 184 42.87 1.05 -30.58
CA ASN A 184 42.19 0.03 -31.35
C ASN A 184 40.74 0.45 -31.64
N CYS A 185 40.27 0.17 -32.87
CA CYS A 185 38.89 0.45 -33.28
C CYS A 185 37.96 -0.69 -32.88
N THR A 186 36.83 -0.33 -32.32
CA THR A 186 35.78 -1.27 -31.97
C THR A 186 34.59 -1.04 -32.90
N PHE A 187 34.81 -0.15 -33.85
CA PHE A 187 33.85 0.20 -34.88
C PHE A 187 34.56 0.74 -36.09
N GLU A 188 34.17 0.28 -37.26
CA GLU A 188 34.66 0.83 -38.50
C GLU A 188 33.63 0.69 -39.61
N TYR A 189 33.44 1.77 -40.36
CA TYR A 189 32.53 1.75 -41.49
C TYR A 189 33.05 2.58 -42.65
N VAL A 190 32.93 2.03 -43.85
CA VAL A 190 33.31 2.78 -45.04
C VAL A 190 32.20 2.72 -46.10
N SER A 191 31.80 3.89 -46.63
CA SER A 191 30.81 3.99 -47.71
C SER A 191 31.49 3.67 -49.04
N PHE A 205 27.98 30.59 -51.47
CA PHE A 205 27.48 29.35 -50.89
C PHE A 205 26.15 28.95 -51.54
N LYS A 206 25.96 27.63 -51.75
CA LYS A 206 24.72 27.06 -52.27
C LYS A 206 24.26 25.87 -51.46
N ASN A 207 25.16 25.29 -50.67
CA ASN A 207 24.83 24.09 -49.94
C ASN A 207 24.73 24.27 -48.44
N LEU A 208 23.55 24.02 -47.89
CA LEU A 208 23.35 24.09 -46.45
C LEU A 208 23.26 22.71 -45.86
N ARG A 209 24.15 22.40 -44.94
CA ARG A 209 24.18 21.10 -44.31
C ARG A 209 23.93 21.25 -42.82
N GLU A 210 23.00 20.47 -42.30
CA GLU A 210 22.68 20.55 -40.89
C GLU A 210 22.79 19.19 -40.24
N PHE A 211 23.38 19.15 -39.04
CA PHE A 211 23.56 17.91 -38.30
C PHE A 211 23.23 18.05 -36.83
N VAL A 212 22.76 16.98 -36.23
CA VAL A 212 22.62 16.93 -34.79
C VAL A 212 23.35 15.74 -34.23
N PHE A 213 24.24 16.00 -33.30
CA PHE A 213 25.03 14.95 -32.68
C PHE A 213 24.69 14.80 -31.21
N LYS A 214 24.24 13.62 -30.80
CA LYS A 214 23.90 13.41 -29.39
C LYS A 214 24.30 12.02 -28.93
N ASN A 215 24.68 11.88 -27.66
CA ASN A 215 25.08 10.59 -27.12
C ASN A 215 24.11 10.08 -26.05
N ILE A 216 23.28 9.11 -26.41
CA ILE A 216 22.27 8.61 -25.50
C ILE A 216 22.50 7.16 -25.15
N ASP A 217 22.74 6.89 -23.87
CA ASP A 217 22.96 5.54 -23.39
C ASP A 217 24.03 4.80 -24.21
N GLY A 218 25.09 5.52 -24.57
CA GLY A 218 26.21 4.92 -25.29
C GLY A 218 26.07 5.00 -26.80
N TYR A 219 24.89 5.37 -27.29
CA TYR A 219 24.66 5.46 -28.72
C TYR A 219 24.94 6.83 -29.27
N PHE A 220 25.71 6.89 -30.33
CA PHE A 220 25.97 8.16 -30.95
C PHE A 220 25.01 8.33 -32.11
N LYS A 221 24.05 9.21 -31.92
CA LYS A 221 23.01 9.40 -32.91
C LYS A 221 23.33 10.59 -33.76
N ILE A 222 23.17 10.43 -35.06
CA ILE A 222 23.39 11.54 -35.97
C ILE A 222 22.18 11.77 -36.81
N TYR A 223 21.70 13.01 -36.81
CA TYR A 223 20.58 13.40 -37.65
C TYR A 223 21.15 14.32 -38.70
N SER A 224 20.58 14.35 -39.89
CA SER A 224 21.10 15.26 -40.89
C SER A 224 20.10 15.70 -41.95
N LYS A 225 20.37 16.87 -42.53
CA LYS A 225 19.59 17.41 -43.63
C LYS A 225 20.49 18.19 -44.59
N HIS A 226 20.22 18.07 -45.89
CA HIS A 226 20.96 18.83 -46.90
C HIS A 226 20.00 19.52 -47.85
N THR A 227 20.05 20.85 -47.87
CA THR A 227 19.17 21.65 -48.72
C THR A 227 19.96 22.68 -49.52
N PRO A 228 19.47 23.11 -50.68
CA PRO A 228 19.98 24.22 -51.46
C PRO A 228 19.60 25.54 -50.83
N ILE A 229 20.49 26.53 -50.92
CA ILE A 229 20.21 27.87 -50.44
C ILE A 229 20.64 28.94 -51.43
N ASN A 230 20.10 30.15 -51.30
CA ASN A 230 20.55 31.28 -52.11
C ASN A 230 21.11 32.41 -51.25
N LEU A 231 21.51 32.08 -50.03
CA LEU A 231 22.10 33.05 -49.12
C LEU A 231 23.57 32.76 -48.93
N VAL A 232 24.40 33.76 -49.21
CA VAL A 232 25.85 33.53 -49.18
C VAL A 232 26.56 34.24 -48.03
N ARG A 233 25.81 34.96 -47.21
CA ARG A 233 26.42 35.76 -46.15
C ARG A 233 26.31 35.19 -44.74
N ASP A 234 25.17 34.60 -44.41
CA ASP A 234 24.90 34.17 -43.03
C ASP A 234 24.02 32.93 -43.01
N LEU A 235 23.70 32.46 -41.80
CA LEU A 235 22.84 31.30 -41.62
C LEU A 235 21.42 31.63 -42.14
N PRO A 236 20.88 30.87 -43.10
CA PRO A 236 19.55 31.03 -43.66
C PRO A 236 18.45 30.87 -42.62
N GLN A 237 17.39 31.63 -42.81
CA GLN A 237 16.20 31.54 -41.96
C GLN A 237 15.17 30.64 -42.63
N GLY A 238 14.52 29.81 -41.83
CA GLY A 238 13.50 28.90 -42.35
C GLY A 238 13.35 27.71 -41.41
N PHE A 239 12.51 26.77 -41.78
CA PHE A 239 12.29 25.61 -40.93
C PHE A 239 12.40 24.30 -41.68
N SER A 240 13.10 23.36 -41.06
CA SER A 240 13.21 22.01 -41.57
C SER A 240 13.48 21.07 -40.41
N ALA A 241 13.12 19.80 -40.56
CA ALA A 241 13.45 18.82 -39.55
C ALA A 241 14.49 17.88 -40.09
N LEU A 242 15.39 17.45 -39.22
CA LEU A 242 16.44 16.53 -39.61
C LEU A 242 16.08 15.08 -39.34
N GLU A 243 16.19 14.26 -40.38
CA GLU A 243 15.90 12.84 -40.27
C GLU A 243 17.14 12.17 -39.70
N PRO A 244 17.00 11.07 -38.96
CA PRO A 244 18.10 10.28 -38.46
C PRO A 244 18.86 9.68 -39.61
N LEU A 245 20.18 9.66 -39.49
CA LEU A 245 21.07 9.09 -40.49
C LEU A 245 21.60 7.76 -39.99
N VAL A 246 22.28 7.81 -38.84
CA VAL A 246 22.82 6.61 -38.21
C VAL A 246 22.55 6.59 -36.72
N ASP A 247 22.70 5.42 -36.13
CA ASP A 247 22.62 5.23 -34.69
C ASP A 247 23.71 4.24 -34.35
N LEU A 248 24.86 4.73 -33.90
CA LEU A 248 26.02 3.89 -33.74
C LEU A 248 26.31 3.46 -32.28
N PRO A 249 26.43 2.16 -32.00
CA PRO A 249 26.67 1.57 -30.68
C PRO A 249 28.14 1.68 -30.30
N ILE A 250 28.59 2.91 -30.08
CA ILE A 250 30.01 3.22 -29.87
C ILE A 250 30.54 3.13 -28.44
N GLY A 251 29.84 3.68 -27.45
CA GLY A 251 30.31 3.59 -26.06
C GLY A 251 31.47 4.54 -25.66
N ILE A 252 31.60 5.68 -26.34
CA ILE A 252 32.69 6.62 -26.03
C ILE A 252 32.20 7.91 -25.35
N ASN A 253 32.92 8.34 -24.28
CA ASN A 253 32.66 9.61 -23.59
C ASN A 253 33.04 10.79 -24.48
N ILE A 254 32.07 11.67 -24.77
CA ILE A 254 32.30 12.85 -25.61
C ILE A 254 32.04 14.10 -24.81
N THR A 255 33.08 14.90 -24.60
CA THR A 255 32.95 16.12 -23.84
C THR A 255 33.33 17.30 -24.71
N ARG A 256 34.11 17.04 -25.76
CA ARG A 256 34.61 18.04 -26.69
C ARG A 256 34.63 17.48 -28.11
N PHE A 257 34.66 18.37 -29.10
CA PHE A 257 34.85 17.91 -30.47
C PHE A 257 35.62 18.91 -31.32
N GLN A 258 36.19 18.41 -32.40
CA GLN A 258 36.97 19.21 -33.34
C GLN A 258 36.41 19.15 -34.75
N THR A 259 36.21 20.29 -35.38
CA THR A 259 35.73 20.32 -36.76
C THR A 259 36.93 20.27 -37.71
N LEU A 260 36.84 19.44 -38.76
CA LEU A 260 37.93 19.26 -39.71
C LEU A 260 37.61 19.81 -41.09
N LEU A 261 38.46 20.73 -41.54
CA LEU A 261 38.34 21.36 -42.86
C LEU A 261 39.51 20.97 -43.76
N ALA A 262 39.30 21.01 -45.07
CA ALA A 262 40.40 20.82 -46.00
C ALA A 262 41.06 22.15 -46.31
N LEU A 263 42.38 22.16 -46.45
CA LEU A 263 43.12 23.38 -46.74
C LEU A 263 43.88 23.32 -48.07
N HIS A 264 43.91 24.43 -48.81
CA HIS A 264 44.61 24.56 -50.09
C HIS A 264 46.10 24.85 -49.87
N ALA A 283 32.02 28.23 -44.10
CA ALA A 283 31.78 28.67 -42.71
C ALA A 283 30.81 27.70 -42.03
N TYR A 284 30.80 27.69 -40.67
CA TYR A 284 29.93 26.81 -39.91
C TYR A 284 29.48 27.41 -38.59
N TYR A 285 28.42 26.85 -38.05
CA TYR A 285 27.79 27.36 -36.85
C TYR A 285 27.63 26.25 -35.82
N VAL A 286 27.89 26.57 -34.56
CA VAL A 286 27.71 25.58 -33.52
C VAL A 286 26.85 26.07 -32.37
N GLY A 287 25.81 25.30 -32.06
CA GLY A 287 24.92 25.60 -30.95
C GLY A 287 24.85 24.41 -30.02
N TYR A 288 24.10 24.55 -28.94
CA TYR A 288 23.98 23.46 -27.98
C TYR A 288 22.53 23.17 -27.66
N LEU A 289 22.25 21.90 -27.45
CA LEU A 289 20.89 21.46 -27.22
C LEU A 289 20.49 21.56 -25.76
N GLN A 290 19.20 21.75 -25.52
CA GLN A 290 18.64 21.79 -24.17
C GLN A 290 17.40 20.91 -24.08
N PRO A 291 17.11 20.34 -22.90
CA PRO A 291 15.96 19.49 -22.62
C PRO A 291 14.68 20.28 -22.48
N ARG A 292 14.25 20.85 -23.60
CA ARG A 292 13.08 21.71 -23.66
C ARG A 292 11.90 21.00 -24.29
N THR A 293 10.71 21.48 -23.97
CA THR A 293 9.49 20.94 -24.54
C THR A 293 9.13 21.67 -25.83
N PHE A 294 8.80 20.89 -26.85
CA PHE A 294 8.34 21.40 -28.14
C PHE A 294 7.02 20.79 -28.58
N LEU A 295 6.24 21.60 -29.28
CA LEU A 295 5.04 21.09 -29.92
C LEU A 295 5.36 20.92 -31.40
N LEU A 296 5.34 19.69 -31.89
CA LEU A 296 5.71 19.44 -33.27
C LEU A 296 4.51 19.18 -34.15
N LYS A 297 4.46 19.85 -35.30
CA LYS A 297 3.35 19.70 -36.23
C LYS A 297 3.66 18.77 -37.37
N TYR A 298 2.93 17.65 -37.41
CA TYR A 298 3.07 16.64 -38.45
C TYR A 298 1.98 16.82 -39.50
N ASN A 299 2.38 16.84 -40.77
CA ASN A 299 1.43 17.00 -41.87
C ASN A 299 0.86 15.64 -42.26
N GLU A 300 0.11 15.61 -43.35
CA GLU A 300 -0.56 14.38 -43.80
C GLU A 300 0.40 13.21 -44.09
N ASN A 301 1.61 13.50 -44.57
CA ASN A 301 2.63 12.50 -44.90
C ASN A 301 3.54 12.17 -43.70
N GLY A 302 3.27 12.77 -42.51
CA GLY A 302 4.04 12.57 -41.29
C GLY A 302 5.35 13.34 -41.24
N THR A 303 5.44 14.39 -42.04
CA THR A 303 6.63 15.22 -42.05
C THR A 303 6.44 16.36 -41.08
N ILE A 304 7.48 16.70 -40.32
CA ILE A 304 7.35 17.82 -39.41
C ILE A 304 7.48 19.08 -40.23
N THR A 305 6.45 19.91 -40.21
CA THR A 305 6.45 21.12 -41.03
C THR A 305 6.57 22.36 -40.19
N ASP A 306 6.27 22.25 -38.91
CA ASP A 306 6.41 23.40 -38.03
C ASP A 306 6.71 22.98 -36.60
N ALA A 307 6.95 23.94 -35.72
CA ALA A 307 7.20 23.63 -34.31
C ALA A 307 7.04 24.86 -33.42
N VAL A 308 6.68 24.62 -32.15
CA VAL A 308 6.64 25.67 -31.14
C VAL A 308 7.58 25.38 -29.99
N ASP A 309 8.42 26.34 -29.67
CA ASP A 309 9.31 26.24 -28.52
C ASP A 309 8.52 26.72 -27.31
N CYS A 310 8.13 25.78 -26.42
CA CYS A 310 7.15 25.99 -25.37
C CYS A 310 7.67 26.89 -24.25
N ALA A 311 8.93 27.28 -24.30
CA ALA A 311 9.44 28.17 -23.28
C ALA A 311 10.10 29.40 -23.90
N LEU A 312 9.74 29.72 -25.13
CA LEU A 312 10.29 30.88 -25.83
C LEU A 312 9.70 32.20 -25.35
N ASP A 313 8.37 32.26 -25.29
CA ASP A 313 7.68 33.47 -24.85
C ASP A 313 6.27 33.07 -24.39
N PRO A 314 5.45 33.98 -23.82
CA PRO A 314 4.11 33.71 -23.33
C PRO A 314 3.11 33.27 -24.40
N LEU A 315 3.36 33.56 -25.66
CA LEU A 315 2.39 33.13 -26.66
C LEU A 315 2.65 31.69 -27.01
N SER A 316 3.92 31.34 -27.04
CA SER A 316 4.30 29.98 -27.31
C SER A 316 3.79 29.09 -26.18
N GLU A 317 3.82 29.60 -24.95
CA GLU A 317 3.32 28.83 -23.84
C GLU A 317 1.84 28.54 -24.03
N THR A 318 1.08 29.54 -24.49
CA THR A 318 -0.33 29.34 -24.73
C THR A 318 -0.56 28.32 -25.84
N LYS A 319 0.21 28.42 -26.92
CA LYS A 319 0.07 27.46 -28.02
C LYS A 319 0.32 26.02 -27.59
N CYS A 320 1.35 25.78 -26.75
CA CYS A 320 1.67 24.45 -26.25
C CYS A 320 0.61 23.97 -25.27
N THR A 321 0.14 24.85 -24.42
CA THR A 321 -0.87 24.52 -23.43
C THR A 321 -2.14 24.04 -24.09
N LEU A 322 -2.52 24.71 -25.16
CA LEU A 322 -3.74 24.41 -25.88
C LEU A 322 -3.56 23.38 -27.00
N LYS A 323 -2.33 22.91 -27.19
CA LYS A 323 -2.04 21.99 -28.28
C LYS A 323 -2.55 22.51 -29.61
N SER A 324 -2.20 23.76 -29.94
CA SER A 324 -2.65 24.34 -31.19
C SER A 324 -1.69 25.43 -31.69
N PHE A 325 -1.52 25.52 -33.00
CA PHE A 325 -0.64 26.55 -33.56
C PHE A 325 -1.39 27.84 -33.82
N THR A 326 -2.69 27.79 -33.56
CA THR A 326 -3.57 28.94 -33.70
C THR A 326 -4.28 29.15 -32.36
N VAL A 327 -4.29 30.38 -31.89
CA VAL A 327 -4.94 30.65 -30.62
C VAL A 327 -6.05 31.66 -30.77
N GLU A 328 -7.23 31.27 -30.29
CA GLU A 328 -8.41 32.11 -30.33
C GLU A 328 -8.31 33.24 -29.33
N LYS A 329 -9.06 34.29 -29.58
CA LYS A 329 -9.07 35.42 -28.67
C LYS A 329 -9.60 35.03 -27.30
N GLY A 330 -8.90 35.47 -26.25
CA GLY A 330 -9.32 35.15 -24.89
C GLY A 330 -8.16 35.10 -23.91
N ILE A 331 -8.40 34.53 -22.74
CA ILE A 331 -7.37 34.41 -21.71
C ILE A 331 -7.13 32.96 -21.36
N TYR A 332 -5.87 32.56 -21.36
CA TYR A 332 -5.56 31.19 -21.04
C TYR A 332 -4.54 31.10 -19.92
N GLN A 333 -4.78 30.21 -18.95
CA GLN A 333 -3.79 30.02 -17.90
C GLN A 333 -2.76 29.02 -18.38
N THR A 334 -1.50 29.42 -18.36
CA THR A 334 -0.47 28.57 -18.92
C THR A 334 0.56 28.08 -17.92
N SER A 335 0.72 28.82 -16.83
CA SER A 335 1.73 28.45 -15.85
C SER A 335 1.39 29.07 -14.53
N ASN A 336 2.06 28.63 -13.46
CA ASN A 336 1.86 29.27 -12.17
C ASN A 336 3.13 29.99 -11.71
N PHE A 337 2.94 31.09 -11.01
CA PHE A 337 4.01 31.90 -10.47
C PHE A 337 4.16 31.71 -8.99
N ARG A 338 5.39 31.47 -8.54
CA ARG A 338 5.65 31.35 -7.12
C ARG A 338 6.96 32.03 -6.74
N VAL A 339 6.88 32.93 -5.77
CA VAL A 339 8.08 33.59 -5.26
C VAL A 339 8.84 32.63 -4.38
N GLN A 340 10.14 32.53 -4.62
CA GLN A 340 10.95 31.61 -3.84
C GLN A 340 11.64 32.35 -2.70
N PRO A 341 11.87 31.69 -1.56
CA PRO A 341 12.68 32.16 -0.46
C PRO A 341 14.10 32.46 -0.91
N THR A 342 14.64 33.58 -0.44
CA THR A 342 16.01 33.95 -0.82
C THR A 342 16.99 33.92 0.34
N GLU A 343 16.48 33.84 1.56
CA GLU A 343 17.31 33.84 2.76
C GLU A 343 16.78 32.87 3.79
N SER A 344 17.48 32.73 4.91
CA SER A 344 17.05 31.87 6.00
C SER A 344 17.28 32.55 7.34
N ILE A 345 16.20 32.80 8.06
CA ILE A 345 16.28 33.50 9.34
C ILE A 345 16.04 32.57 10.51
N VAL A 346 17.03 32.49 11.37
CA VAL A 346 16.95 31.62 12.53
C VAL A 346 17.07 32.44 13.81
N ARG A 347 16.07 32.34 14.68
CA ARG A 347 16.08 33.16 15.88
C ARG A 347 15.86 32.38 17.16
N PHE A 348 16.77 32.60 18.10
CA PHE A 348 16.71 32.04 19.44
C PHE A 348 16.78 33.19 20.44
N PRO A 349 16.23 33.03 21.65
CA PRO A 349 16.18 34.03 22.69
C PRO A 349 17.55 34.29 23.29
N ASN A 350 17.68 35.44 24.00
CA ASN A 350 18.89 35.84 24.68
C ASN A 350 19.34 34.81 25.71
N ILE A 351 20.63 34.49 25.73
CA ILE A 351 21.21 33.57 26.69
C ILE A 351 21.72 34.36 27.88
N THR A 352 20.99 34.27 28.98
CA THR A 352 21.27 35.02 30.19
C THR A 352 21.58 34.04 31.32
N ASN A 353 21.70 32.77 30.97
CA ASN A 353 21.92 31.70 31.91
C ASN A 353 22.96 30.71 31.42
N LEU A 354 24.23 31.04 31.62
CA LEU A 354 25.32 30.18 31.18
C LEU A 354 25.75 29.24 32.31
N CYS A 355 26.21 28.04 31.93
CA CYS A 355 26.73 27.03 32.85
C CYS A 355 28.05 27.51 33.45
N PRO A 356 28.22 27.39 34.77
CA PRO A 356 29.33 27.89 35.56
C PRO A 356 30.61 27.08 35.41
N PHE A 357 31.09 26.95 34.17
CA PHE A 357 32.34 26.25 33.96
C PHE A 357 33.45 27.11 34.52
N GLY A 358 33.31 28.42 34.35
CA GLY A 358 34.32 29.34 34.83
C GLY A 358 34.47 29.25 36.34
N GLU A 359 33.37 29.01 37.04
CA GLU A 359 33.46 28.94 38.49
C GLU A 359 34.30 27.74 38.93
N VAL A 360 34.17 26.64 38.18
CA VAL A 360 34.91 25.44 38.49
C VAL A 360 36.38 25.57 38.10
N PHE A 361 36.63 26.09 36.91
CA PHE A 361 37.99 26.23 36.37
C PHE A 361 38.84 27.38 36.95
N ASN A 362 38.19 28.50 37.32
CA ASN A 362 38.86 29.70 37.85
C ASN A 362 38.74 29.82 39.38
N ALA A 363 38.49 28.70 40.07
CA ALA A 363 38.37 28.63 41.53
C ALA A 363 39.67 29.00 42.21
N THR A 364 39.56 29.62 43.38
CA THR A 364 40.74 29.97 44.14
C THR A 364 41.38 28.72 44.74
N ARG A 365 40.57 27.70 45.02
CA ARG A 365 41.08 26.47 45.60
C ARG A 365 40.42 25.21 45.06
N PHE A 366 41.23 24.18 44.88
CA PHE A 366 40.77 22.84 44.53
C PHE A 366 40.93 21.89 45.71
N ALA A 367 40.13 20.83 45.69
CA ALA A 367 40.22 19.77 46.67
C ALA A 367 41.35 18.81 46.38
N SER A 368 41.75 18.08 47.41
CA SER A 368 42.69 16.99 47.29
C SER A 368 42.06 15.89 46.48
N VAL A 369 42.86 15.12 45.76
CA VAL A 369 42.29 14.07 44.92
C VAL A 369 41.64 12.95 45.72
N TYR A 370 42.12 12.69 46.93
CA TYR A 370 41.49 11.65 47.74
C TYR A 370 40.08 12.07 48.16
N ALA A 371 39.82 13.37 48.09
CA ALA A 371 38.56 13.96 48.50
C ALA A 371 38.12 14.95 47.43
N TRP A 372 38.04 14.48 46.20
CA TRP A 372 37.76 15.33 45.05
C TRP A 372 36.37 15.95 45.14
N ASN A 373 36.24 17.17 44.63
CA ASN A 373 34.96 17.88 44.68
C ASN A 373 34.09 17.57 43.49
N ARG A 374 32.78 17.71 43.67
CA ARG A 374 31.84 17.62 42.58
C ARG A 374 30.82 18.75 42.61
N LYS A 375 30.59 19.34 41.44
CA LYS A 375 29.53 20.31 41.30
C LYS A 375 28.62 19.93 40.15
N ARG A 376 27.32 20.00 40.38
CA ARG A 376 26.35 19.67 39.35
C ARG A 376 26.04 20.89 38.49
N ILE A 377 26.10 20.68 37.20
CA ILE A 377 25.76 21.67 36.20
C ILE A 377 24.42 21.26 35.59
N SER A 378 23.43 22.12 35.73
CA SER A 378 22.08 21.81 35.27
C SER A 378 21.30 23.06 34.92
N ASN A 379 20.25 22.91 34.11
CA ASN A 379 19.35 24.02 33.82
C ASN A 379 20.07 25.30 33.39
N CYS A 380 20.98 25.18 32.42
CA CYS A 380 21.84 26.25 31.92
C CYS A 380 22.32 25.99 30.49
N VAL A 381 22.94 26.99 29.88
CA VAL A 381 23.52 26.85 28.56
C VAL A 381 25.01 26.55 28.64
N ALA A 382 25.40 25.41 28.08
CA ALA A 382 26.77 24.96 28.19
C ALA A 382 27.63 25.49 27.06
N ASP A 383 28.34 26.56 27.36
CA ASP A 383 29.21 27.19 26.39
C ASP A 383 30.61 26.63 26.55
N TYR A 384 31.06 25.82 25.60
CA TYR A 384 32.35 25.17 25.75
C TYR A 384 33.41 25.92 24.98
N SER A 385 33.04 27.06 24.40
CA SER A 385 33.96 27.83 23.56
C SER A 385 35.05 28.46 24.40
N VAL A 386 34.84 28.47 25.71
CA VAL A 386 35.81 29.03 26.63
C VAL A 386 36.73 27.94 27.15
N LEU A 387 36.48 26.69 26.75
CA LEU A 387 37.31 25.59 27.17
C LEU A 387 38.15 25.03 26.03
N TYR A 388 37.55 24.85 24.85
CA TYR A 388 38.28 24.19 23.76
C TYR A 388 39.06 25.18 22.88
N ASN A 389 38.83 26.47 23.06
CA ASN A 389 39.56 27.50 22.31
C ASN A 389 40.62 28.16 23.20
N SER A 390 40.87 27.55 24.35
CA SER A 390 41.83 28.06 25.32
C SER A 390 43.16 27.35 25.22
N ALA A 391 44.23 28.11 25.02
CA ALA A 391 45.58 27.55 24.86
C ALA A 391 46.26 27.27 26.20
N SER A 392 45.61 27.64 27.30
CA SER A 392 46.21 27.47 28.62
C SER A 392 46.21 26.03 29.13
N PHE A 393 45.41 25.16 28.52
CA PHE A 393 45.31 23.79 29.01
C PHE A 393 46.42 22.92 28.43
N SER A 394 47.01 22.07 29.27
CA SER A 394 48.05 21.17 28.80
C SER A 394 47.43 19.85 28.36
N THR A 395 46.29 19.53 28.94
CA THR A 395 45.55 18.32 28.64
C THR A 395 44.15 18.68 28.24
N PHE A 396 43.69 18.11 27.14
CA PHE A 396 42.33 18.31 26.71
C PHE A 396 41.93 17.16 25.83
N LYS A 397 41.29 16.17 26.42
CA LYS A 397 40.94 14.97 25.68
C LYS A 397 39.55 14.48 26.06
N CYS A 398 38.68 14.26 25.06
CA CYS A 398 37.33 13.76 25.27
C CYS A 398 37.25 12.30 24.88
N TYR A 399 36.69 11.53 25.78
CA TYR A 399 36.54 10.09 25.62
C TYR A 399 35.10 9.77 25.25
N GLY A 400 34.25 10.78 25.38
CA GLY A 400 32.84 10.67 25.05
C GLY A 400 32.59 11.10 23.62
N VAL A 401 32.37 12.40 23.43
CA VAL A 401 32.09 12.94 22.12
C VAL A 401 33.00 14.12 21.78
N SER A 402 33.38 14.20 20.51
CA SER A 402 34.19 15.29 20.00
C SER A 402 33.63 16.66 20.37
N PRO A 403 34.48 17.62 20.82
CA PRO A 403 34.15 18.99 21.15
C PRO A 403 33.42 19.73 20.05
N THR A 404 33.60 19.27 18.80
CA THR A 404 32.99 19.90 17.65
C THR A 404 31.50 19.57 17.57
N LYS A 405 31.08 18.55 18.30
CA LYS A 405 29.68 18.14 18.35
C LYS A 405 29.10 18.48 19.70
N LEU A 406 29.95 18.43 20.73
CA LEU A 406 29.54 18.64 22.12
C LEU A 406 28.80 19.96 22.33
N ASN A 407 29.21 21.00 21.61
CA ASN A 407 28.65 22.33 21.77
C ASN A 407 27.28 22.44 21.10
N ASP A 408 26.82 21.34 20.50
CA ASP A 408 25.50 21.28 19.90
C ASP A 408 24.67 20.11 20.45
N LEU A 409 25.07 19.59 21.62
CA LEU A 409 24.33 18.48 22.23
C LEU A 409 23.65 18.88 23.53
N CYS A 410 22.54 18.20 23.86
CA CYS A 410 21.77 18.37 25.08
C CYS A 410 21.92 17.16 26.01
N PHE A 411 22.08 17.44 27.30
CA PHE A 411 22.24 16.44 28.35
C PHE A 411 21.30 16.74 29.51
N THR A 412 21.00 15.73 30.33
CA THR A 412 20.17 15.98 31.50
C THR A 412 21.02 16.54 32.61
N ASN A 413 22.23 16.02 32.74
CA ASN A 413 23.14 16.46 33.78
C ASN A 413 24.58 16.52 33.29
N VAL A 414 25.31 17.52 33.77
CA VAL A 414 26.73 17.60 33.52
C VAL A 414 27.45 17.71 34.87
N TYR A 415 28.47 16.90 35.09
CA TYR A 415 29.15 16.97 36.37
C TYR A 415 30.60 17.36 36.22
N ALA A 416 31.02 18.33 37.03
CA ALA A 416 32.40 18.77 36.98
C ALA A 416 33.14 18.34 38.24
N ASP A 417 34.02 17.36 38.06
CA ASP A 417 34.79 16.79 39.16
C ASP A 417 36.19 17.40 39.20
N SER A 418 36.56 18.01 40.33
CA SER A 418 37.83 18.73 40.37
C SER A 418 38.78 18.32 41.49
N PHE A 419 40.07 18.29 41.16
CA PHE A 419 41.12 17.92 42.10
C PHE A 419 42.54 18.31 41.65
N VAL A 420 43.49 18.28 42.59
CA VAL A 420 44.91 18.52 42.25
C VAL A 420 45.80 17.30 42.43
N ILE A 421 46.52 16.97 41.36
CA ILE A 421 47.47 15.85 41.32
C ILE A 421 48.77 16.26 40.65
N ARG A 422 49.77 15.38 40.70
CA ARG A 422 51.03 15.60 39.99
C ARG A 422 50.86 15.52 38.48
N GLY A 423 51.71 16.22 37.75
CA GLY A 423 51.70 16.16 36.29
C GLY A 423 51.88 14.73 35.75
N ASP A 424 52.70 13.94 36.43
CA ASP A 424 52.96 12.57 36.01
C ASP A 424 51.79 11.64 36.27
N GLU A 425 50.78 12.14 36.97
CA GLU A 425 49.60 11.36 37.30
C GLU A 425 48.40 11.79 36.47
N VAL A 426 48.57 12.83 35.64
CA VAL A 426 47.44 13.34 34.86
C VAL A 426 46.99 12.29 33.87
N ARG A 427 47.94 11.54 33.34
CA ARG A 427 47.69 10.47 32.39
C ARG A 427 46.82 9.33 32.97
N GLN A 428 46.69 9.28 34.30
CA GLN A 428 45.87 8.25 34.93
C GLN A 428 44.39 8.60 34.90
N ILE A 429 44.07 9.87 34.60
CA ILE A 429 42.67 10.26 34.63
C ILE A 429 42.04 9.95 33.30
N ALA A 430 41.71 8.69 33.13
CA ALA A 430 41.13 8.20 31.89
C ALA A 430 40.52 6.82 32.12
N PRO A 431 39.52 6.43 31.33
CA PRO A 431 38.91 5.13 31.34
C PRO A 431 39.93 4.07 30.96
N GLY A 432 39.92 2.95 31.67
CA GLY A 432 40.82 1.85 31.38
C GLY A 432 42.19 1.98 32.05
N GLN A 433 42.42 3.09 32.76
CA GLN A 433 43.72 3.28 33.41
C GLN A 433 43.74 2.77 34.84
N THR A 434 44.95 2.45 35.30
CA THR A 434 45.18 2.00 36.66
C THR A 434 46.32 2.80 37.28
N GLY A 435 46.50 2.70 38.58
CA GLY A 435 47.57 3.42 39.25
C GLY A 435 47.09 3.96 40.59
N LYS A 436 47.96 4.63 41.33
CA LYS A 436 47.56 5.07 42.67
C LYS A 436 46.39 6.04 42.64
N ILE A 437 46.29 6.85 41.60
CA ILE A 437 45.20 7.81 41.57
C ILE A 437 43.99 7.14 40.93
N ALA A 438 44.19 6.49 39.80
CA ALA A 438 43.09 5.83 39.12
C ALA A 438 42.40 4.79 40.01
N ASP A 439 43.16 4.09 40.84
CA ASP A 439 42.58 3.05 41.68
C ASP A 439 42.13 3.48 43.08
N TYR A 440 42.83 4.43 43.72
CA TYR A 440 42.44 4.74 45.10
C TYR A 440 41.86 6.12 45.32
N ASN A 441 41.94 7.02 44.34
CA ASN A 441 41.49 8.38 44.57
C ASN A 441 40.35 8.82 43.67
N TYR A 442 40.51 8.60 42.37
CA TYR A 442 39.53 9.04 41.40
C TYR A 442 39.46 8.11 40.20
N LYS A 443 38.44 7.27 40.18
CA LYS A 443 38.30 6.26 39.15
C LYS A 443 37.25 6.61 38.10
N LEU A 444 37.64 6.55 36.83
CA LEU A 444 36.68 6.72 35.75
C LEU A 444 36.37 5.34 35.18
N PRO A 445 35.10 5.08 34.83
CA PRO A 445 34.61 3.83 34.26
C PRO A 445 35.15 3.63 32.86
N ASP A 446 35.28 2.39 32.43
CA ASP A 446 35.80 2.08 31.10
C ASP A 446 34.94 2.70 29.99
N ASP A 447 33.64 2.86 30.26
CA ASP A 447 32.70 3.44 29.31
C ASP A 447 32.40 4.91 29.61
N PHE A 448 33.35 5.58 30.26
CA PHE A 448 33.22 7.00 30.58
C PHE A 448 32.87 7.86 29.39
N THR A 449 31.86 8.69 29.57
CA THR A 449 31.46 9.64 28.56
C THR A 449 31.70 11.04 29.08
N GLY A 450 32.67 11.71 28.49
CA GLY A 450 33.04 13.03 28.95
C GLY A 450 34.42 13.48 28.50
N CYS A 451 34.91 14.56 29.12
CA CYS A 451 36.17 15.23 28.78
C CYS A 451 37.05 15.47 29.99
N VAL A 452 38.34 15.22 29.82
CA VAL A 452 39.32 15.47 30.86
C VAL A 452 40.19 16.65 30.48
N ILE A 453 40.15 17.69 31.30
CA ILE A 453 40.89 18.91 31.05
C ILE A 453 41.82 19.23 32.20
N ALA A 454 43.09 19.53 31.91
CA ALA A 454 44.02 19.83 33.00
C ALA A 454 45.06 20.88 32.61
N TRP A 455 45.55 21.59 33.61
CA TRP A 455 46.55 22.61 33.39
C TRP A 455 47.50 22.76 34.56
N ASN A 456 48.69 23.27 34.28
CA ASN A 456 49.71 23.49 35.29
C ASN A 456 49.31 24.61 36.24
N SER A 457 49.44 24.35 37.54
CA SER A 457 49.10 25.34 38.57
C SER A 457 50.28 25.61 39.50
N ASN A 458 51.49 25.39 39.01
CA ASN A 458 52.72 25.52 39.78
C ASN A 458 52.96 26.93 40.28
N ASN A 459 52.34 27.92 39.64
CA ASN A 459 52.54 29.30 40.01
C ASN A 459 51.70 29.70 41.22
N LEU A 460 50.94 28.77 41.77
CA LEU A 460 50.12 29.07 42.93
C LEU A 460 50.12 27.92 43.95
N ASP A 461 49.83 26.70 43.50
CA ASP A 461 49.60 25.57 44.39
C ASP A 461 50.88 24.84 44.78
N SER A 462 51.88 25.58 45.26
CA SER A 462 53.15 24.99 45.68
C SER A 462 53.85 25.87 46.72
N LYS A 463 54.71 25.26 47.55
CA LYS A 463 55.49 25.94 48.61
C LYS A 463 56.85 25.29 48.76
N GLY A 466 57.56 22.72 51.47
CA GLY A 466 56.67 22.09 50.51
C GLY A 466 55.21 22.31 50.91
N ASN A 467 54.32 22.30 49.90
CA ASN A 467 52.87 22.41 50.08
C ASN A 467 52.29 21.02 50.19
N TYR A 468 51.94 20.65 51.42
CA TYR A 468 51.47 19.32 51.74
C TYR A 468 49.99 19.34 52.04
N ASN A 469 49.32 20.41 51.60
CA ASN A 469 47.90 20.57 51.82
C ASN A 469 47.10 19.64 50.93
N TYR A 470 47.68 19.25 49.80
CA TYR A 470 47.02 18.33 48.90
C TYR A 470 47.46 16.92 49.20
N LEU A 471 46.50 16.02 49.32
CA LEU A 471 46.78 14.62 49.61
C LEU A 471 46.15 13.64 48.65
N TYR A 472 46.76 12.46 48.58
CA TYR A 472 46.24 11.35 47.82
C TYR A 472 46.30 10.08 48.65
N ARG A 473 45.43 9.16 48.34
CA ARG A 473 45.40 7.88 49.01
C ARG A 473 46.48 6.99 48.44
N LEU A 474 47.26 6.42 49.34
CA LEU A 474 48.39 5.56 49.02
C LEU A 474 48.02 4.09 49.22
N PHE A 475 47.23 3.84 50.27
CA PHE A 475 46.82 2.48 50.58
C PHE A 475 45.32 2.34 50.73
N ARG A 476 44.79 1.21 50.29
CA ARG A 476 43.39 0.89 50.50
C ARG A 476 43.21 -0.62 50.46
N LYS A 477 42.19 -1.11 51.15
CA LYS A 477 41.86 -2.54 51.17
C LYS A 477 41.50 -3.07 49.78
N SER A 478 40.85 -2.23 48.98
CA SER A 478 40.43 -2.57 47.63
C SER A 478 40.40 -1.30 46.80
N ASN A 479 40.22 -1.43 45.49
CA ASN A 479 40.21 -0.24 44.65
C ASN A 479 38.84 0.44 44.70
N LEU A 480 38.72 1.57 44.02
CA LEU A 480 37.45 2.31 43.96
C LEU A 480 36.56 1.91 42.81
N LYS A 481 35.27 2.06 43.02
CA LYS A 481 34.29 1.94 41.97
C LYS A 481 34.31 3.25 41.19
N PRO A 482 33.83 3.28 39.95
CA PRO A 482 33.73 4.47 39.14
C PRO A 482 33.03 5.59 39.90
N PHE A 483 33.68 6.74 39.91
CA PHE A 483 33.21 7.95 40.58
C PHE A 483 32.93 7.78 42.07
N GLU A 484 33.63 6.87 42.73
CA GLU A 484 33.43 6.75 44.17
C GLU A 484 34.39 7.72 44.86
N ARG A 485 34.31 7.79 46.18
CA ARG A 485 35.17 8.65 46.97
C ARG A 485 35.40 8.00 48.33
N ASP A 486 36.62 8.05 48.83
CA ASP A 486 36.90 7.52 50.15
C ASP A 486 37.79 8.48 50.93
N ILE A 487 37.21 9.06 51.99
CA ILE A 487 37.90 10.07 52.77
C ILE A 487 38.13 9.62 54.21
N SER A 488 38.06 8.31 54.43
CA SER A 488 38.28 7.78 55.77
C SER A 488 39.77 7.82 56.11
N THR A 489 40.08 7.74 57.39
CA THR A 489 41.47 7.75 57.85
C THR A 489 41.87 6.46 58.56
N GLU A 490 41.07 5.41 58.37
CA GLU A 490 41.35 4.13 58.99
C GLU A 490 42.72 3.62 58.58
N ILE A 491 43.51 3.22 59.57
CA ILE A 491 44.87 2.76 59.29
C ILE A 491 44.86 1.48 58.48
N TYR A 492 45.62 1.48 57.39
CA TYR A 492 45.70 0.35 56.50
C TYR A 492 46.59 -0.72 57.07
N GLN A 493 46.09 -1.95 57.08
CA GLN A 493 46.87 -3.07 57.57
C GLN A 493 47.49 -3.82 56.40
N ALA A 494 48.81 -3.75 56.30
CA ALA A 494 49.52 -4.42 55.22
C ALA A 494 49.91 -5.83 55.65
N GLY A 495 50.13 -5.99 56.95
CA GLY A 495 50.56 -7.27 57.51
C GLY A 495 49.43 -8.05 58.14
N SER A 496 49.78 -8.93 59.08
CA SER A 496 48.80 -9.79 59.74
C SER A 496 48.48 -9.31 61.15
N THR A 497 49.19 -8.29 61.61
CA THR A 497 49.03 -7.76 62.96
C THR A 497 48.00 -6.63 62.95
N PRO A 498 46.93 -6.69 63.76
CA PRO A 498 45.92 -5.66 63.89
C PRO A 498 46.59 -4.33 64.20
N CYS A 499 46.15 -3.26 63.51
CA CYS A 499 46.73 -1.92 63.66
C CYS A 499 46.12 -1.22 64.88
N ASN A 500 44.90 -1.56 65.21
CA ASN A 500 44.21 -0.99 66.36
C ASN A 500 44.14 0.54 66.32
N GLY A 501 43.98 1.09 65.12
CA GLY A 501 43.83 2.54 64.96
C GLY A 501 45.14 3.34 64.85
N VAL A 502 46.30 2.67 64.98
CA VAL A 502 47.56 3.41 64.91
C VAL A 502 48.54 2.82 63.90
N GLU A 503 49.53 3.64 63.54
CA GLU A 503 50.60 3.21 62.63
C GLU A 503 51.59 2.32 63.36
N GLY A 504 52.33 1.51 62.61
CA GLY A 504 53.26 0.57 63.20
C GLY A 504 53.83 -0.38 62.17
N PHE A 505 54.33 -1.52 62.63
CA PHE A 505 54.92 -2.47 61.68
C PHE A 505 53.85 -2.98 60.75
N ASN A 506 54.05 -2.72 59.46
CA ASN A 506 53.09 -3.05 58.42
C ASN A 506 51.67 -2.48 58.66
N CYS A 507 51.61 -1.24 59.20
CA CYS A 507 50.38 -0.46 59.43
C CYS A 507 50.68 0.98 59.00
N TYR A 508 49.83 1.51 58.13
CA TYR A 508 50.10 2.84 57.57
C TYR A 508 48.89 3.76 57.55
N PHE A 509 49.14 5.06 57.73
CA PHE A 509 48.07 6.01 57.52
C PHE A 509 47.78 5.92 56.02
N PRO A 510 46.52 5.80 55.59
CA PRO A 510 46.13 5.58 54.22
C PRO A 510 46.49 6.69 53.25
N LEU A 511 46.67 7.91 53.75
CA LEU A 511 46.96 9.02 52.87
C LEU A 511 48.43 9.42 52.91
N GLN A 512 48.89 9.95 51.79
CA GLN A 512 50.21 10.53 51.68
C GLN A 512 50.09 11.89 51.02
N SER A 513 50.80 12.87 51.55
CA SER A 513 50.73 14.22 50.99
C SER A 513 51.64 14.39 49.77
N TYR A 514 51.34 15.39 48.96
CA TYR A 514 52.20 15.75 47.84
C TYR A 514 53.21 16.80 48.24
N GLY A 515 54.47 16.58 47.93
CA GLY A 515 55.49 17.59 48.21
C GLY A 515 55.57 18.60 47.08
N PHE A 516 54.54 19.43 46.95
CA PHE A 516 54.54 20.38 45.85
C PHE A 516 55.39 21.60 46.17
N GLN A 517 56.39 21.84 45.33
CA GLN A 517 57.33 22.95 45.49
C GLN A 517 57.48 23.65 44.14
N PRO A 518 57.70 24.98 44.14
CA PRO A 518 57.81 25.82 42.96
C PRO A 518 58.99 25.45 42.07
N THR A 519 59.95 24.74 42.64
CA THR A 519 61.15 24.35 41.90
C THR A 519 61.14 22.91 41.35
N ASN A 520 60.02 22.16 41.51
CA ASN A 520 59.89 20.79 41.01
C ASN A 520 60.04 20.72 39.48
N VAL A 522 58.70 19.18 36.00
CA VAL A 522 57.36 19.25 35.42
C VAL A 522 56.49 18.10 35.98
N GLY A 523 57.01 16.85 36.02
CA GLY A 523 56.26 15.67 36.48
C GLY A 523 55.78 15.75 37.94
N TYR A 524 56.53 16.48 38.77
CA TYR A 524 56.18 16.63 40.17
C TYR A 524 55.51 17.96 40.46
N GLN A 525 55.20 18.74 39.43
CA GLN A 525 54.49 19.98 39.63
C GLN A 525 53.01 19.63 39.75
N PRO A 526 52.22 20.43 40.48
CA PRO A 526 50.80 20.28 40.61
C PRO A 526 50.08 20.67 39.33
N TYR A 527 49.03 19.93 39.03
CA TYR A 527 48.12 20.22 37.96
C TYR A 527 46.69 20.21 38.45
N ARG A 528 45.93 21.17 37.97
CA ARG A 528 44.52 21.22 38.29
C ARG A 528 43.77 20.43 37.25
N VAL A 529 43.00 19.45 37.69
CA VAL A 529 42.30 18.60 36.78
C VAL A 529 40.80 18.71 36.99
N VAL A 530 40.09 18.95 35.89
CA VAL A 530 38.64 18.98 35.91
C VAL A 530 38.09 17.97 34.92
N VAL A 531 37.22 17.10 35.39
CA VAL A 531 36.62 16.12 34.51
C VAL A 531 35.15 16.44 34.31
N LEU A 532 34.77 16.62 33.06
CA LEU A 532 33.39 16.93 32.74
C LEU A 532 32.67 15.69 32.24
N SER A 533 31.76 15.18 33.06
CA SER A 533 31.00 13.98 32.74
C SER A 533 29.62 14.37 32.22
N PHE A 534 29.25 13.84 31.07
CA PHE A 534 27.98 14.24 30.45
C PHE A 534 27.05 13.06 30.32
N GLU A 535 25.81 13.19 30.80
CA GLU A 535 24.88 12.07 30.66
C GLU A 535 23.51 12.49 30.16
N LEU A 536 22.89 11.58 29.42
CA LEU A 536 21.53 11.72 28.96
C LEU A 536 20.66 10.64 29.58
N LEU A 537 19.66 11.06 30.34
CA LEU A 537 18.75 10.17 31.03
C LEU A 537 17.38 10.21 30.37
N HIS A 538 16.45 9.45 30.93
CA HIS A 538 15.06 9.44 30.46
C HIS A 538 14.36 10.75 30.76
N ALA A 539 14.93 11.51 31.69
CA ALA A 539 14.44 12.81 32.09
C ALA A 539 14.65 13.80 30.94
N PRO A 540 13.89 14.90 30.87
CA PRO A 540 14.09 15.96 29.91
C PRO A 540 15.49 16.53 30.03
N ALA A 541 16.14 16.82 28.91
CA ALA A 541 17.47 17.41 28.96
C ALA A 541 17.38 18.79 29.58
N THR A 542 18.38 19.18 30.36
CA THR A 542 18.31 20.50 30.98
C THR A 542 19.46 21.39 30.54
N VAL A 543 20.53 20.78 30.03
CA VAL A 543 21.69 21.55 29.60
C VAL A 543 22.01 21.34 28.13
N CYS A 544 21.93 22.42 27.35
CA CYS A 544 22.19 22.43 25.92
C CYS A 544 23.23 23.49 25.62
N GLY A 545 23.95 23.33 24.53
CA GLY A 545 24.90 24.36 24.14
C GLY A 545 24.11 25.55 23.62
N PRO A 546 24.77 26.68 23.36
CA PRO A 546 24.21 27.92 22.87
C PRO A 546 23.83 27.74 21.43
N LYS A 547 22.80 28.46 20.99
CA LYS A 547 22.45 28.44 19.59
C LYS A 547 22.68 29.82 19.02
N LYS A 548 23.17 29.88 17.80
CA LYS A 548 23.40 31.15 17.16
C LYS A 548 22.17 31.61 16.42
N SER A 549 21.99 32.91 16.35
CA SER A 549 20.88 33.50 15.63
C SER A 549 21.38 34.37 14.50
N THR A 550 20.54 34.53 13.50
CA THR A 550 20.83 35.39 12.37
C THR A 550 20.10 36.69 12.56
N ASN A 551 20.40 37.66 11.71
CA ASN A 551 19.65 38.91 11.76
C ASN A 551 18.30 38.65 11.13
N LEU A 552 17.32 39.47 11.46
CA LEU A 552 16.01 39.29 10.90
C LEU A 552 15.73 40.31 9.82
N VAL A 553 15.37 39.82 8.64
CA VAL A 553 15.07 40.64 7.49
C VAL A 553 13.58 40.69 7.24
N LYS A 554 13.05 41.90 7.20
CA LYS A 554 11.62 42.13 7.04
C LYS A 554 11.22 42.35 5.60
N ASN A 555 9.95 42.12 5.31
CA ASN A 555 9.34 42.38 4.01
C ASN A 555 10.02 41.65 2.86
N LYS A 556 10.47 40.43 3.13
CA LYS A 556 11.11 39.60 2.11
C LYS A 556 10.66 38.16 2.27
N CYS A 557 10.59 37.39 1.17
CA CYS A 557 10.26 35.97 1.22
C CYS A 557 11.47 35.18 1.69
N VAL A 558 11.31 34.58 2.87
CA VAL A 558 12.39 33.87 3.52
C VAL A 558 11.96 32.52 4.07
N ASN A 559 12.95 31.70 4.37
CA ASN A 559 12.71 30.50 5.16
C ASN A 559 12.94 30.94 6.59
N PHE A 560 12.32 30.28 7.56
CA PHE A 560 12.60 30.66 8.92
C PHE A 560 12.47 29.55 9.96
N ASN A 561 13.14 29.79 11.08
CA ASN A 561 13.09 28.94 12.26
C ASN A 561 13.09 29.78 13.53
N PHE A 562 11.95 29.84 14.20
CA PHE A 562 11.80 30.61 15.43
C PHE A 562 11.62 29.67 16.61
N ASN A 563 12.59 29.64 17.50
CA ASN A 563 12.52 28.69 18.60
C ASN A 563 12.38 27.28 18.03
N GLY A 564 11.18 26.69 18.17
CA GLY A 564 10.95 25.33 17.71
C GLY A 564 10.05 25.21 16.49
N LEU A 565 9.65 26.32 15.86
CA LEU A 565 8.76 26.20 14.71
C LEU A 565 9.46 26.65 13.45
N THR A 566 9.07 26.06 12.34
CA THR A 566 9.64 26.43 11.06
C THR A 566 8.57 26.67 10.03
N GLY A 567 8.96 27.33 8.95
CA GLY A 567 8.05 27.57 7.85
C GLY A 567 8.67 28.55 6.88
N THR A 568 7.86 29.01 5.93
CA THR A 568 8.33 29.99 4.96
C THR A 568 7.29 31.08 4.86
N GLY A 569 7.71 32.24 4.39
CA GLY A 569 6.78 33.34 4.22
C GLY A 569 7.45 34.69 4.38
N VAL A 570 6.62 35.72 4.53
CA VAL A 570 7.10 37.07 4.66
C VAL A 570 6.79 37.61 6.05
N LEU A 571 7.80 38.13 6.72
CA LEU A 571 7.67 38.65 8.06
C LEU A 571 7.45 40.16 8.05
N THR A 572 6.36 40.62 8.65
CA THR A 572 6.07 42.05 8.72
C THR A 572 5.65 42.41 10.14
N GLU A 573 5.74 43.68 10.52
CA GLU A 573 5.28 44.06 11.85
C GLU A 573 3.79 43.81 12.02
N SER A 574 3.42 43.26 13.17
CA SER A 574 2.04 42.98 13.50
C SER A 574 1.41 44.12 14.25
N ASN A 575 0.10 44.29 14.08
CA ASN A 575 -0.65 45.29 14.83
C ASN A 575 -1.40 44.64 15.99
N LYS A 576 -1.10 43.38 16.27
CA LYS A 576 -1.77 42.64 17.33
C LYS A 576 -0.82 42.38 18.49
N LYS A 577 -1.37 42.21 19.68
CA LYS A 577 -0.56 41.86 20.82
C LYS A 577 -0.94 40.50 21.38
N PHE A 578 0.05 39.83 21.94
CA PHE A 578 -0.10 38.51 22.54
C PHE A 578 -0.08 38.61 24.04
N LEU A 579 -0.58 37.57 24.69
CA LEU A 579 -0.46 37.52 26.13
C LEU A 579 1.02 37.32 26.43
N PRO A 580 1.51 37.72 27.61
CA PRO A 580 2.91 37.68 28.03
C PRO A 580 3.62 36.33 27.88
N PHE A 581 2.88 35.23 27.89
CA PHE A 581 3.51 33.92 27.80
C PHE A 581 3.43 33.28 26.42
N GLN A 582 2.68 33.89 25.51
CA GLN A 582 2.46 33.27 24.21
C GLN A 582 3.64 33.47 23.28
N GLN A 583 3.93 32.44 22.48
CA GLN A 583 5.10 32.46 21.61
C GLN A 583 4.79 32.70 20.15
N PHE A 584 3.60 32.31 19.72
CA PHE A 584 3.20 32.50 18.34
C PHE A 584 1.70 32.48 18.27
N GLY A 585 1.15 32.95 17.15
CA GLY A 585 -0.28 32.93 16.94
C GLY A 585 -0.66 31.97 15.84
N ARG A 586 -1.91 31.52 15.88
CA ARG A 586 -2.43 30.56 14.93
C ARG A 586 -3.78 30.99 14.38
N ASP A 587 -4.04 30.62 13.12
CA ASP A 587 -5.26 30.98 12.42
C ASP A 587 -6.39 29.96 12.63
N ILE A 588 -7.55 30.24 12.03
CA ILE A 588 -8.72 29.40 12.12
C ILE A 588 -8.49 28.01 11.57
N ALA A 589 -7.76 27.93 10.46
CA ALA A 589 -7.50 26.64 9.81
C ALA A 589 -6.18 26.05 10.30
N ASP A 590 -5.80 26.40 11.52
CA ASP A 590 -4.61 25.88 12.18
C ASP A 590 -3.30 26.10 11.43
N THR A 591 -3.14 27.27 10.83
CA THR A 591 -1.88 27.60 10.18
C THR A 591 -1.22 28.70 11.00
N THR A 592 0.08 28.87 10.89
CA THR A 592 0.73 29.91 11.69
C THR A 592 0.32 31.28 11.18
N ASP A 593 -0.13 32.14 12.09
CA ASP A 593 -0.59 33.47 11.75
C ASP A 593 0.50 34.52 11.96
N ALA A 594 1.20 34.38 13.07
CA ALA A 594 2.21 35.34 13.47
C ALA A 594 3.18 34.68 14.42
N VAL A 595 4.37 35.25 14.55
CA VAL A 595 5.32 34.73 15.51
C VAL A 595 5.87 35.85 16.38
N ARG A 596 6.12 35.55 17.64
CA ARG A 596 6.73 36.54 18.50
C ARG A 596 8.22 36.32 18.50
N ASP A 597 8.98 37.36 18.16
CA ASP A 597 10.42 37.26 18.04
C ASP A 597 11.11 37.01 19.39
N PRO A 598 11.90 35.95 19.52
CA PRO A 598 12.61 35.53 20.71
C PRO A 598 13.54 36.58 21.36
N GLN A 599 14.05 37.56 20.62
CA GLN A 599 14.97 38.51 21.22
C GLN A 599 14.36 39.89 21.44
N THR A 600 13.49 40.30 20.54
CA THR A 600 12.92 41.63 20.63
C THR A 600 11.54 41.60 21.27
N LEU A 601 10.94 40.41 21.29
CA LEU A 601 9.61 40.18 21.82
C LEU A 601 8.53 40.93 21.04
N GLU A 602 8.89 41.44 19.86
CA GLU A 602 7.97 42.07 18.95
C GLU A 602 7.22 41.01 18.18
N ILE A 603 6.04 41.32 17.72
CA ILE A 603 5.26 40.35 16.99
C ILE A 603 5.27 40.63 15.51
N LEU A 604 5.59 39.60 14.74
CA LEU A 604 5.66 39.69 13.29
C LEU A 604 4.61 38.82 12.63
N ASP A 605 3.78 39.43 11.80
CA ASP A 605 2.77 38.68 11.08
C ASP A 605 3.46 37.86 10.01
N ILE A 606 2.93 36.67 9.74
CA ILE A 606 3.52 35.87 8.67
C ILE A 606 2.56 35.67 7.52
N THR A 607 2.96 36.09 6.34
CA THR A 607 2.10 35.88 5.20
C THR A 607 2.78 34.87 4.29
N PRO A 608 2.03 34.12 3.48
CA PRO A 608 2.56 33.23 2.46
C PRO A 608 3.33 34.06 1.46
N CYS A 609 4.37 33.45 0.83
CA CYS A 609 5.12 34.10 -0.25
C CYS A 609 4.20 34.19 -1.46
N SER A 610 4.21 35.33 -2.11
CA SER A 610 3.30 35.59 -3.20
C SER A 610 3.28 34.50 -4.25
N PHE A 611 2.07 34.10 -4.64
CA PHE A 611 1.90 33.11 -5.68
C PHE A 611 0.57 33.33 -6.37
N GLY A 612 0.41 32.76 -7.54
CA GLY A 612 -0.85 32.83 -8.25
C GLY A 612 -0.70 32.33 -9.68
N GLY A 613 -1.82 32.14 -10.37
CA GLY A 613 -1.77 31.67 -11.74
C GLY A 613 -1.29 32.74 -12.69
N VAL A 614 -0.67 32.32 -13.77
CA VAL A 614 -0.22 33.23 -14.81
C VAL A 614 -0.98 32.95 -16.08
N SER A 615 -1.67 33.97 -16.56
CA SER A 615 -2.49 33.80 -17.73
C SER A 615 -2.13 34.77 -18.83
N VAL A 616 -2.32 34.34 -20.05
CA VAL A 616 -1.98 35.15 -21.20
C VAL A 616 -3.21 35.68 -21.88
N ILE A 617 -3.23 36.99 -22.04
CA ILE A 617 -4.32 37.72 -22.66
C ILE A 617 -3.98 37.99 -24.09
N THR A 618 -4.73 37.42 -25.00
CA THR A 618 -4.33 37.54 -26.39
C THR A 618 -5.50 37.76 -27.34
N PRO A 619 -5.33 38.60 -28.37
CA PRO A 619 -6.19 38.74 -29.51
C PRO A 619 -5.94 37.51 -30.32
N GLY A 620 -6.83 37.14 -31.20
CA GLY A 620 -6.54 35.91 -31.92
C GLY A 620 -5.26 36.05 -32.73
N THR A 621 -4.52 34.94 -32.85
CA THR A 621 -3.25 34.92 -33.61
C THR A 621 -3.46 35.11 -35.11
N ASN A 622 -4.73 35.09 -35.54
CA ASN A 622 -5.17 35.37 -36.90
C ASN A 622 -4.93 36.86 -37.25
N THR A 623 -4.91 37.75 -36.23
CA THR A 623 -4.74 39.20 -36.42
C THR A 623 -3.47 39.74 -35.74
N SER A 624 -3.02 39.11 -34.66
CA SER A 624 -1.84 39.60 -33.94
C SER A 624 -1.15 38.57 -33.06
N ASN A 625 0.18 38.63 -33.02
CA ASN A 625 0.96 37.77 -32.13
C ASN A 625 1.44 38.53 -30.89
N GLN A 626 0.87 39.70 -30.64
CA GLN A 626 1.20 40.48 -29.46
C GLN A 626 0.36 40.00 -28.29
N VAL A 627 0.98 39.82 -27.12
CA VAL A 627 0.23 39.38 -25.95
C VAL A 627 0.52 40.20 -24.72
N ALA A 628 -0.39 40.14 -23.76
CA ALA A 628 -0.19 40.72 -22.43
C ALA A 628 -0.28 39.62 -21.41
N VAL A 629 0.44 39.75 -20.31
CA VAL A 629 0.42 38.69 -19.31
C VAL A 629 -0.09 39.17 -17.96
N LEU A 630 -1.05 38.43 -17.43
CA LEU A 630 -1.64 38.73 -16.15
C LEU A 630 -1.22 37.77 -15.06
N TYR A 631 -0.60 38.31 -14.02
CA TYR A 631 -0.20 37.53 -12.87
C TYR A 631 -1.26 37.70 -11.81
N GLN A 632 -2.00 36.63 -11.55
CA GLN A 632 -3.16 36.73 -10.69
C GLN A 632 -2.80 36.95 -9.24
N ASP A 633 -3.51 37.89 -8.62
CA ASP A 633 -3.39 38.13 -7.19
C ASP A 633 -1.97 38.35 -6.66
N VAL A 634 -1.15 39.10 -7.40
CA VAL A 634 0.19 39.42 -6.94
C VAL A 634 0.41 40.92 -7.11
N ASN A 635 1.45 41.47 -6.43
CA ASN A 635 1.85 42.85 -6.58
C ASN A 635 2.83 42.98 -7.75
N CYS A 636 2.85 44.14 -8.41
CA CYS A 636 3.73 44.42 -9.53
C CYS A 636 5.18 44.61 -9.08
N THR A 637 5.35 44.73 -7.77
CA THR A 637 6.67 44.87 -7.17
C THR A 637 7.27 43.50 -6.93
N GLU A 638 6.45 42.46 -7.05
CA GLU A 638 6.88 41.08 -6.80
C GLU A 638 7.19 40.32 -8.11
N VAL A 639 6.49 40.67 -9.21
CA VAL A 639 6.67 40.06 -10.52
C VAL A 639 8.03 40.46 -11.09
N ASN A 660 4.71 49.17 -19.72
CA ASN A 660 3.25 49.02 -19.59
C ASN A 660 2.89 48.05 -18.47
N VAL A 661 3.04 48.50 -17.21
CA VAL A 661 2.69 47.69 -16.03
C VAL A 661 1.53 48.32 -15.27
N PHE A 662 0.43 47.59 -15.23
CA PHE A 662 -0.81 48.04 -14.63
C PHE A 662 -1.25 47.17 -13.46
N GLN A 663 -1.37 47.78 -12.30
CA GLN A 663 -1.80 47.03 -11.13
C GLN A 663 -3.30 47.12 -10.97
N THR A 664 -3.96 45.98 -10.92
CA THR A 664 -5.40 45.97 -10.68
C THR A 664 -5.77 44.92 -9.66
N ARG A 665 -7.06 44.75 -9.43
CA ARG A 665 -7.57 43.81 -8.44
C ARG A 665 -7.41 42.37 -8.87
N ALA A 666 -7.52 42.12 -10.16
CA ALA A 666 -7.36 40.78 -10.71
C ALA A 666 -5.92 40.30 -10.51
N GLY A 667 -4.97 41.22 -10.60
CA GLY A 667 -3.56 40.89 -10.52
C GLY A 667 -2.73 41.97 -11.20
N CYS A 668 -1.46 41.65 -11.50
CA CYS A 668 -0.55 42.58 -12.16
C CYS A 668 -0.52 42.28 -13.65
N LEU A 669 -0.94 43.26 -14.43
CA LEU A 669 -1.03 43.08 -15.87
C LEU A 669 0.09 43.79 -16.62
N ILE A 670 0.88 43.02 -17.35
CA ILE A 670 2.01 43.57 -18.07
C ILE A 670 1.85 43.44 -19.58
N GLY A 671 2.04 44.55 -20.28
CA GLY A 671 1.97 44.60 -21.75
C GLY A 671 0.73 45.29 -22.26
N ALA A 672 -0.28 45.42 -21.42
CA ALA A 672 -1.49 46.13 -21.81
C ALA A 672 -1.41 47.57 -21.37
N GLU A 673 -1.84 48.48 -22.22
CA GLU A 673 -1.85 49.88 -21.86
C GLU A 673 -3.18 50.26 -21.25
N HIS A 674 -3.18 50.70 -20.01
CA HIS A 674 -4.41 51.09 -19.37
C HIS A 674 -4.87 52.44 -19.88
N VAL A 675 -6.17 52.56 -20.13
CA VAL A 675 -6.73 53.80 -20.61
C VAL A 675 -7.94 54.21 -19.76
N ASN A 676 -8.30 55.51 -19.79
CA ASN A 676 -9.46 56.05 -19.08
C ASN A 676 -10.79 55.70 -19.76
N ASN A 677 -10.79 55.57 -21.09
CA ASN A 677 -12.00 55.30 -21.88
C ASN A 677 -12.56 53.91 -21.65
N SER A 678 -13.86 53.84 -21.39
CA SER A 678 -14.51 52.55 -21.23
C SER A 678 -15.02 52.07 -22.57
N TYR A 679 -15.10 50.76 -22.73
CA TYR A 679 -15.63 50.16 -23.94
C TYR A 679 -16.44 48.95 -23.56
N GLU A 680 -17.34 48.51 -24.42
CA GLU A 680 -18.03 47.26 -24.17
C GLU A 680 -16.95 46.20 -24.03
N CYS A 681 -17.13 45.24 -23.10
CA CYS A 681 -16.13 44.22 -22.78
C CYS A 681 -15.90 43.26 -23.95
N ASP A 682 -14.63 42.94 -24.16
CA ASP A 682 -14.22 41.98 -25.18
C ASP A 682 -13.56 40.80 -24.48
N ILE A 683 -12.30 40.96 -24.05
CA ILE A 683 -11.65 39.91 -23.29
C ILE A 683 -11.73 40.25 -21.81
N PRO A 684 -12.49 39.54 -20.99
CA PRO A 684 -12.68 39.84 -19.58
C PRO A 684 -11.45 39.49 -18.80
N ILE A 685 -11.04 40.36 -17.87
CA ILE A 685 -9.91 40.08 -16.99
C ILE A 685 -10.43 39.75 -15.60
N GLY A 686 -11.35 40.57 -15.11
CA GLY A 686 -11.93 40.38 -13.80
C GLY A 686 -11.99 41.69 -13.03
N ALA A 687 -12.86 41.77 -12.03
CA ALA A 687 -13.00 42.94 -11.19
C ALA A 687 -13.30 44.20 -12.01
N GLY A 688 -14.12 44.04 -13.04
CA GLY A 688 -14.55 45.16 -13.86
C GLY A 688 -13.60 45.51 -15.00
N ILE A 689 -12.46 44.82 -15.07
CA ILE A 689 -11.48 45.09 -16.10
C ILE A 689 -11.59 44.13 -17.27
N CYS A 690 -11.54 44.69 -18.50
CA CYS A 690 -11.53 43.97 -19.77
C CYS A 690 -10.40 44.51 -20.63
N ALA A 691 -10.03 43.76 -21.66
CA ALA A 691 -8.98 44.18 -22.56
C ALA A 691 -9.36 43.93 -24.01
N SER A 692 -8.72 44.67 -24.92
CA SER A 692 -8.95 44.51 -26.34
C SER A 692 -7.75 45.02 -27.15
N TYR A 693 -7.76 44.73 -28.45
CA TYR A 693 -6.70 45.17 -29.35
C TYR A 693 -7.21 46.27 -30.27
N GLN A 694 -6.75 47.50 -30.02
CA GLN A 694 -7.26 48.68 -30.74
C GLN A 694 -6.17 49.68 -31.12
N THR A 695 -6.44 50.50 -32.17
CA THR A 695 -5.55 51.57 -32.63
C THR A 695 -5.35 52.61 -31.51
N SER A 708 0.47 50.18 -35.09
CA SER A 708 -0.47 51.20 -34.62
C SER A 708 -1.40 50.68 -33.52
N GLN A 709 -1.86 49.42 -33.65
CA GLN A 709 -2.76 48.77 -32.69
C GLN A 709 -1.99 48.09 -31.57
N SER A 710 -2.58 48.06 -30.39
CA SER A 710 -1.96 47.39 -29.25
C SER A 710 -3.02 46.96 -28.24
N ILE A 711 -2.59 46.15 -27.28
CA ILE A 711 -3.51 45.67 -26.25
C ILE A 711 -3.72 46.73 -25.19
N ILE A 712 -4.98 47.01 -24.88
CA ILE A 712 -5.30 47.99 -23.86
C ILE A 712 -6.16 47.37 -22.78
N ALA A 713 -6.17 48.02 -21.62
CA ALA A 713 -7.00 47.59 -20.50
C ALA A 713 -7.88 48.73 -20.03
N TYR A 714 -9.11 48.41 -19.66
CA TYR A 714 -10.05 49.43 -19.24
C TYR A 714 -11.14 48.88 -18.37
N THR A 715 -11.82 49.77 -17.66
CA THR A 715 -13.01 49.36 -16.94
C THR A 715 -14.12 49.25 -17.96
N MET A 716 -14.79 48.12 -17.96
CA MET A 716 -15.80 47.84 -18.97
C MET A 716 -17.03 48.71 -18.88
N SER A 717 -17.60 49.01 -20.03
CA SER A 717 -18.87 49.68 -20.11
C SER A 717 -19.95 48.63 -20.01
N LEU A 718 -21.07 48.97 -19.42
CA LEU A 718 -22.14 48.01 -19.29
C LEU A 718 -23.15 48.18 -20.41
N GLY A 719 -22.87 49.09 -21.32
CA GLY A 719 -23.76 49.38 -22.43
C GLY A 719 -23.97 50.87 -22.54
N ALA A 720 -24.61 51.29 -23.62
CA ALA A 720 -24.86 52.70 -23.83
C ALA A 720 -25.78 53.21 -22.76
N GLU A 721 -25.56 54.44 -22.32
CA GLU A 721 -26.46 55.06 -21.37
C GLU A 721 -27.58 55.76 -22.11
N ASN A 722 -28.79 55.65 -21.59
CA ASN A 722 -29.92 56.33 -22.19
C ASN A 722 -30.84 56.85 -21.10
N SER A 723 -31.89 57.52 -21.50
CA SER A 723 -32.88 58.03 -20.57
C SER A 723 -34.22 58.07 -21.23
N VAL A 724 -35.19 57.47 -20.58
CA VAL A 724 -36.54 57.47 -21.10
C VAL A 724 -37.13 58.85 -20.82
N ALA A 725 -37.73 59.46 -21.83
CA ALA A 725 -38.27 60.81 -21.66
C ALA A 725 -39.61 60.75 -20.95
N TYR A 726 -39.55 60.33 -19.70
CA TYR A 726 -40.71 60.13 -18.87
C TYR A 726 -41.39 61.43 -18.52
N SER A 727 -42.69 61.44 -18.66
CA SER A 727 -43.54 62.54 -18.29
C SER A 727 -44.93 61.99 -18.05
N ASN A 728 -45.66 62.56 -17.10
CA ASN A 728 -46.97 62.08 -16.64
C ASN A 728 -48.07 62.13 -17.72
N ASN A 729 -47.84 62.86 -18.82
CA ASN A 729 -48.78 63.00 -19.94
C ASN A 729 -48.14 62.70 -21.28
N SER A 730 -47.09 61.88 -21.30
CA SER A 730 -46.42 61.56 -22.56
C SER A 730 -46.24 60.08 -22.79
N ILE A 731 -46.72 59.59 -23.94
CA ILE A 731 -46.56 58.18 -24.26
C ILE A 731 -45.89 58.01 -25.61
N ALA A 732 -44.96 57.07 -25.71
CA ALA A 732 -44.37 56.80 -27.01
C ALA A 732 -44.98 55.53 -27.57
N ILE A 733 -45.55 55.66 -28.75
CA ILE A 733 -46.25 54.54 -29.38
C ILE A 733 -45.61 54.26 -30.73
N PRO A 734 -45.23 53.02 -31.01
CA PRO A 734 -44.59 52.62 -32.23
C PRO A 734 -45.54 52.81 -33.40
N THR A 735 -44.99 53.26 -34.51
CA THR A 735 -45.70 53.49 -35.76
C THR A 735 -45.32 52.51 -36.88
N ASN A 736 -44.17 51.84 -36.73
CA ASN A 736 -43.66 50.84 -37.67
C ASN A 736 -42.97 49.74 -36.88
N PHE A 737 -42.74 48.60 -37.53
CA PHE A 737 -42.16 47.41 -36.92
C PHE A 737 -41.37 46.59 -37.92
N THR A 738 -40.54 45.70 -37.39
CA THR A 738 -39.83 44.74 -38.19
C THR A 738 -40.02 43.34 -37.67
N ILE A 739 -39.72 42.37 -38.51
CA ILE A 739 -39.76 40.97 -38.14
C ILE A 739 -38.35 40.47 -38.12
N SER A 740 -37.97 39.83 -37.03
CA SER A 740 -36.61 39.34 -36.93
C SER A 740 -36.58 37.89 -36.56
N VAL A 741 -35.49 37.22 -36.94
CA VAL A 741 -35.33 35.82 -36.59
C VAL A 741 -34.09 35.61 -35.76
N THR A 742 -34.28 35.01 -34.60
CA THR A 742 -33.20 34.71 -33.68
C THR A 742 -32.88 33.24 -33.71
N THR A 743 -31.62 32.90 -33.84
CA THR A 743 -31.24 31.51 -33.83
C THR A 743 -30.76 31.14 -32.45
N GLU A 744 -31.42 30.16 -31.84
CA GLU A 744 -31.03 29.71 -30.51
C GLU A 744 -30.70 28.23 -30.51
N ILE A 745 -29.53 27.91 -29.99
CA ILE A 745 -29.04 26.55 -30.03
C ILE A 745 -28.99 25.89 -28.66
N LEU A 746 -29.56 24.70 -28.58
CA LEU A 746 -29.51 23.94 -27.35
C LEU A 746 -29.01 22.53 -27.64
N PRO A 747 -28.11 21.97 -26.82
CA PRO A 747 -27.69 20.60 -26.89
C PRO A 747 -28.81 19.74 -26.37
N VAL A 748 -28.93 18.54 -26.92
CA VAL A 748 -29.93 17.61 -26.45
C VAL A 748 -29.30 16.33 -25.91
N SER A 749 -28.23 15.86 -26.56
CA SER A 749 -27.68 14.57 -26.18
C SER A 749 -26.17 14.50 -26.37
N MET A 750 -25.58 13.53 -25.69
CA MET A 750 -24.17 13.20 -25.79
C MET A 750 -24.04 11.92 -26.57
N THR A 751 -22.81 11.52 -26.87
CA THR A 751 -22.64 10.22 -27.48
C THR A 751 -22.87 9.21 -26.38
N LYS A 752 -23.16 7.97 -26.74
CA LYS A 752 -23.37 6.95 -25.75
C LYS A 752 -22.13 6.12 -25.56
N THR A 753 -21.45 6.33 -24.45
CA THR A 753 -20.21 5.63 -24.25
C THR A 753 -20.38 4.53 -23.23
N SER A 754 -19.55 3.52 -23.35
CA SER A 754 -19.53 2.44 -22.39
C SER A 754 -18.14 1.84 -22.34
N VAL A 755 -17.66 1.54 -21.15
CA VAL A 755 -16.35 0.91 -21.03
C VAL A 755 -16.41 -0.28 -20.10
N ASP A 756 -15.87 -1.40 -20.58
CA ASP A 756 -15.77 -2.60 -19.78
C ASP A 756 -14.56 -2.49 -18.88
N CYS A 757 -14.76 -2.45 -17.55
CA CYS A 757 -13.66 -2.27 -16.61
C CYS A 757 -12.70 -3.45 -16.69
N THR A 758 -13.21 -4.63 -17.08
CA THR A 758 -12.33 -5.75 -17.12
C THR A 758 -11.25 -5.51 -18.15
N MET A 759 -11.66 -5.07 -19.35
CA MET A 759 -10.70 -4.79 -20.42
C MET A 759 -9.89 -3.54 -20.17
N TYR A 760 -10.52 -2.53 -19.58
CA TYR A 760 -9.83 -1.28 -19.31
C TYR A 760 -8.75 -1.46 -18.26
N ILE A 761 -9.10 -2.12 -17.18
CA ILE A 761 -8.17 -2.33 -16.07
C ILE A 761 -7.14 -3.41 -16.39
N CYS A 762 -7.60 -4.57 -16.88
CA CYS A 762 -6.76 -5.74 -17.14
C CYS A 762 -6.71 -6.06 -18.63
N GLY A 763 -5.50 -6.10 -19.17
CA GLY A 763 -5.31 -6.39 -20.60
C GLY A 763 -5.43 -7.88 -20.91
N ASP A 764 -6.62 -8.42 -20.69
CA ASP A 764 -6.91 -9.84 -20.89
C ASP A 764 -5.93 -10.72 -20.13
N SER A 765 -5.62 -10.33 -18.90
CA SER A 765 -4.70 -11.08 -18.07
C SER A 765 -5.42 -11.66 -16.87
N THR A 766 -5.38 -12.98 -16.76
CA THR A 766 -6.09 -13.69 -15.69
C THR A 766 -5.54 -13.32 -14.33
N GLU A 767 -4.23 -13.20 -14.21
CA GLU A 767 -3.63 -12.85 -12.93
C GLU A 767 -4.16 -11.51 -12.39
N CYS A 768 -4.43 -10.55 -13.29
CA CYS A 768 -4.98 -9.24 -12.98
C CYS A 768 -6.48 -9.36 -12.65
N SER A 769 -7.23 -10.07 -13.49
CA SER A 769 -8.67 -10.14 -13.28
C SER A 769 -8.99 -10.80 -11.94
N ASN A 770 -8.11 -11.69 -11.49
CA ASN A 770 -8.29 -12.35 -10.21
C ASN A 770 -8.18 -11.37 -9.04
N LEU A 771 -7.44 -10.28 -9.25
CA LEU A 771 -7.27 -9.27 -8.22
C LEU A 771 -8.36 -8.23 -8.35
N LEU A 772 -8.83 -8.00 -9.58
CA LEU A 772 -9.90 -7.06 -9.84
C LEU A 772 -11.17 -7.50 -9.12
N LEU A 773 -11.38 -8.81 -9.05
CA LEU A 773 -12.55 -9.40 -8.40
C LEU A 773 -12.57 -9.14 -6.89
N GLN A 774 -11.46 -8.68 -6.33
CA GLN A 774 -11.39 -8.47 -4.90
C GLN A 774 -12.11 -7.19 -4.53
N TYR A 775 -12.52 -6.43 -5.54
CA TYR A 775 -13.22 -5.18 -5.33
C TYR A 775 -14.72 -5.37 -5.48
N GLY A 776 -15.14 -6.62 -5.58
CA GLY A 776 -16.56 -6.95 -5.58
C GLY A 776 -17.36 -6.36 -6.73
N SER A 777 -18.38 -5.60 -6.36
CA SER A 777 -19.33 -4.98 -7.28
C SER A 777 -18.91 -3.61 -7.76
N PHE A 778 -17.69 -3.19 -7.43
CA PHE A 778 -17.17 -1.88 -7.84
C PHE A 778 -17.34 -1.59 -9.34
N CYS A 779 -17.08 -2.61 -10.15
CA CYS A 779 -17.25 -2.55 -11.61
C CYS A 779 -18.72 -2.54 -12.04
N THR A 780 -19.55 -3.25 -11.30
CA THR A 780 -20.96 -3.32 -11.64
C THR A 780 -21.55 -1.93 -11.53
N GLN A 781 -21.13 -1.19 -10.50
CA GLN A 781 -21.62 0.17 -10.31
C GLN A 781 -21.19 1.06 -11.47
N LEU A 782 -19.96 0.89 -11.94
CA LEU A 782 -19.47 1.70 -13.06
C LEU A 782 -20.26 1.39 -14.32
N ASN A 783 -20.54 0.11 -14.53
CA ASN A 783 -21.24 -0.33 -15.72
C ASN A 783 -22.68 0.14 -15.75
N ARG A 784 -23.35 0.10 -14.60
CA ARG A 784 -24.74 0.52 -14.55
C ARG A 784 -24.86 2.02 -14.71
N ALA A 785 -23.92 2.77 -14.16
CA ALA A 785 -23.99 4.21 -14.28
C ALA A 785 -23.89 4.63 -15.73
N LEU A 786 -22.97 4.03 -16.48
CA LEU A 786 -22.79 4.38 -17.86
C LEU A 786 -23.95 3.91 -18.71
N THR A 787 -24.50 2.75 -18.39
CA THR A 787 -25.65 2.26 -19.13
C THR A 787 -26.82 3.21 -18.94
N GLY A 788 -27.02 3.65 -17.70
CA GLY A 788 -28.11 4.56 -17.40
C GLY A 788 -27.97 5.85 -18.19
N ILE A 789 -26.76 6.37 -18.29
CA ILE A 789 -26.56 7.58 -19.07
C ILE A 789 -26.92 7.34 -20.52
N ALA A 790 -26.43 6.22 -21.06
CA ALA A 790 -26.67 5.91 -22.46
C ALA A 790 -28.16 5.82 -22.76
N VAL A 791 -28.94 5.24 -21.85
CA VAL A 791 -30.38 5.15 -22.07
C VAL A 791 -31.02 6.52 -22.06
N GLU A 792 -30.62 7.37 -21.12
CA GLU A 792 -31.16 8.70 -21.02
C GLU A 792 -30.91 9.50 -22.28
N GLN A 793 -29.79 9.26 -22.95
CA GLN A 793 -29.51 10.03 -24.15
C GLN A 793 -30.56 9.80 -25.22
N ASP A 794 -31.17 8.61 -25.26
CA ASP A 794 -32.22 8.39 -26.25
C ASP A 794 -33.52 8.97 -25.78
N LYS A 795 -33.75 8.95 -24.47
CA LYS A 795 -34.94 9.56 -23.94
C LYS A 795 -34.94 11.05 -24.21
N ASN A 796 -33.75 11.66 -24.09
CA ASN A 796 -33.63 13.09 -24.32
C ASN A 796 -34.01 13.43 -25.74
N THR A 797 -33.50 12.66 -26.69
CA THR A 797 -33.81 12.92 -28.09
C THR A 797 -35.28 12.75 -28.37
N GLN A 798 -35.88 11.69 -27.83
CA GLN A 798 -37.30 11.47 -28.11
C GLN A 798 -38.19 12.53 -27.51
N GLU A 799 -37.90 12.98 -26.29
CA GLU A 799 -38.74 13.99 -25.68
C GLU A 799 -38.69 15.32 -26.42
N VAL A 800 -37.55 15.64 -27.00
CA VAL A 800 -37.43 16.88 -27.74
C VAL A 800 -38.07 16.81 -29.12
N PHE A 801 -37.80 15.76 -29.88
CA PHE A 801 -38.26 15.73 -31.26
C PHE A 801 -39.55 14.96 -31.52
N ALA A 802 -39.79 13.88 -30.79
CA ALA A 802 -40.95 13.04 -31.09
C ALA A 802 -42.18 13.53 -30.36
N GLN A 803 -42.59 14.76 -30.65
CA GLN A 803 -43.76 15.35 -30.03
C GLN A 803 -44.92 15.43 -31.00
N VAL A 804 -44.74 14.85 -32.15
CA VAL A 804 -45.77 14.91 -33.17
C VAL A 804 -46.35 13.52 -33.33
N LYS A 805 -47.66 13.43 -33.37
CA LYS A 805 -48.36 12.16 -33.45
C LYS A 805 -48.20 11.50 -34.82
N GLN A 806 -48.14 12.32 -35.86
CA GLN A 806 -48.04 11.84 -37.22
C GLN A 806 -46.96 12.58 -37.97
N ILE A 807 -46.43 11.95 -39.01
CA ILE A 807 -45.45 12.64 -39.82
C ILE A 807 -46.18 13.38 -40.92
N TYR A 808 -46.16 14.70 -40.84
CA TYR A 808 -46.93 15.51 -41.78
C TYR A 808 -46.08 15.94 -42.95
N LYS A 809 -46.66 15.83 -44.14
CA LYS A 809 -46.03 16.28 -45.35
C LYS A 809 -46.52 17.67 -45.71
N THR A 810 -45.69 18.40 -46.44
CA THR A 810 -46.06 19.71 -46.95
C THR A 810 -46.85 19.50 -48.23
N PRO A 811 -47.64 20.49 -48.67
CA PRO A 811 -48.32 20.48 -49.95
C PRO A 811 -47.28 20.55 -51.07
N PRO A 812 -47.58 20.01 -52.24
CA PRO A 812 -46.75 20.02 -53.45
C PRO A 812 -46.59 21.42 -54.01
N ILE A 813 -47.52 22.30 -53.68
CA ILE A 813 -47.49 23.68 -54.12
C ILE A 813 -47.24 24.57 -52.93
N LYS A 814 -46.15 25.31 -52.98
CA LYS A 814 -45.81 26.14 -51.84
C LYS A 814 -46.38 27.53 -52.02
N ASP A 815 -47.41 27.83 -51.25
CA ASP A 815 -48.06 29.12 -51.29
C ASP A 815 -48.50 29.50 -49.91
N PHE A 816 -47.66 30.27 -49.25
CA PHE A 816 -47.92 30.64 -47.88
C PHE A 816 -48.10 32.13 -47.78
N GLY A 817 -48.68 32.73 -48.81
CA GLY A 817 -49.00 34.15 -48.77
C GLY A 817 -47.79 35.05 -48.91
N GLY A 818 -46.74 34.55 -49.56
CA GLY A 818 -45.52 35.31 -49.73
C GLY A 818 -44.40 34.88 -48.80
N PHE A 819 -44.71 34.05 -47.81
CA PHE A 819 -43.68 33.58 -46.91
C PHE A 819 -42.94 32.39 -47.53
N ASN A 820 -41.61 32.56 -47.70
CA ASN A 820 -40.73 31.58 -48.33
C ASN A 820 -40.04 30.71 -47.28
N PHE A 821 -40.45 29.45 -47.16
CA PHE A 821 -39.95 28.50 -46.18
C PHE A 821 -39.04 27.44 -46.81
N SER A 822 -38.64 27.67 -48.05
CA SER A 822 -37.87 26.65 -48.76
C SER A 822 -36.50 26.40 -48.15
N GLN A 823 -36.03 27.32 -47.31
CA GLN A 823 -34.72 27.19 -46.71
C GLN A 823 -34.77 26.47 -45.36
N ILE A 824 -35.98 26.27 -44.84
CA ILE A 824 -36.13 25.58 -43.56
C ILE A 824 -36.78 24.21 -43.76
N LEU A 825 -37.48 24.04 -44.89
CA LEU A 825 -38.10 22.77 -45.24
C LEU A 825 -37.09 21.85 -45.90
N PRO A 826 -37.26 20.52 -45.83
CA PRO A 826 -36.38 19.54 -46.43
C PRO A 826 -36.19 19.77 -47.91
N ASP A 827 -34.95 19.62 -48.36
CA ASP A 827 -34.61 19.71 -49.75
C ASP A 827 -35.03 18.40 -50.42
N PRO A 828 -35.91 18.42 -51.44
CA PRO A 828 -36.39 17.25 -52.16
C PRO A 828 -35.23 16.37 -52.68
N SER A 829 -34.06 16.99 -52.89
CA SER A 829 -32.89 16.27 -53.37
C SER A 829 -32.26 15.45 -52.26
N LYS A 830 -31.49 14.41 -52.61
CA LYS A 830 -30.76 13.55 -51.66
C LYS A 830 -31.73 12.69 -50.84
N SER A 832 -29.33 14.05 -47.23
CA SER A 832 -30.01 13.18 -46.27
C SER A 832 -31.41 13.73 -45.91
N LYS A 833 -32.12 14.27 -46.92
CA LYS A 833 -33.47 14.84 -46.83
C LYS A 833 -33.58 15.91 -45.74
N ARG A 834 -32.57 16.77 -45.70
CA ARG A 834 -32.50 17.87 -44.76
C ARG A 834 -32.70 19.18 -45.49
N SER A 835 -33.02 20.22 -44.74
CA SER A 835 -33.20 21.54 -45.30
C SER A 835 -31.86 22.18 -45.58
N PHE A 836 -31.85 23.28 -46.32
CA PHE A 836 -30.59 23.97 -46.58
C PHE A 836 -29.92 24.38 -45.27
N ILE A 837 -30.68 25.01 -44.39
CA ILE A 837 -30.10 25.43 -43.13
C ILE A 837 -29.63 24.26 -42.30
N GLU A 838 -30.39 23.18 -42.24
CA GLU A 838 -29.94 22.04 -41.46
C GLU A 838 -28.59 21.53 -41.95
N ASP A 839 -28.40 21.48 -43.27
CA ASP A 839 -27.08 21.08 -43.76
C ASP A 839 -25.99 22.04 -43.31
N LEU A 840 -26.30 23.33 -43.22
CA LEU A 840 -25.27 24.26 -42.76
C LEU A 840 -24.88 23.91 -41.35
N LEU A 841 -25.86 23.53 -40.54
CA LEU A 841 -25.59 23.24 -39.14
C LEU A 841 -24.75 21.99 -38.99
N PHE A 842 -25.05 20.96 -39.77
CA PHE A 842 -24.31 19.71 -39.67
C PHE A 842 -22.88 19.87 -40.13
N ASN A 843 -22.67 20.68 -41.14
CA ASN A 843 -21.34 20.85 -41.72
C ASN A 843 -20.41 21.68 -40.82
N LYS A 844 -20.95 22.22 -39.73
CA LYS A 844 -20.16 23.06 -38.84
C LYS A 844 -19.65 22.34 -37.60
N VAL A 845 -20.13 21.12 -37.33
CA VAL A 845 -19.72 20.46 -36.10
C VAL A 845 -18.98 19.16 -36.41
N THR A 846 -17.76 19.03 -35.86
CA THR A 846 -16.88 17.88 -36.05
C THR A 846 -15.67 17.97 -35.13
N PHE A 874 -9.79 2.33 -27.89
CA PHE A 874 -10.40 1.00 -28.04
C PHE A 874 -10.02 0.04 -26.90
N ASN A 875 -9.48 0.56 -25.80
CA ASN A 875 -9.04 -0.21 -24.64
C ASN A 875 -10.21 -0.51 -23.71
N GLY A 876 -11.16 -1.28 -24.24
CA GLY A 876 -12.33 -1.70 -23.50
C GLY A 876 -13.52 -0.77 -23.70
N LEU A 877 -13.28 0.39 -24.30
CA LEU A 877 -14.36 1.35 -24.52
C LEU A 877 -15.01 1.18 -25.88
N THR A 878 -16.24 1.66 -25.97
CA THR A 878 -17.01 1.64 -27.20
C THR A 878 -17.98 2.81 -27.24
N VAL A 879 -18.41 3.17 -28.43
CA VAL A 879 -19.44 4.18 -28.58
C VAL A 879 -20.62 3.58 -29.33
N LEU A 880 -21.78 3.66 -28.72
CA LEU A 880 -22.98 3.05 -29.25
C LEU A 880 -23.77 4.06 -30.08
N PRO A 881 -24.44 3.63 -31.14
CA PRO A 881 -25.27 4.45 -31.99
C PRO A 881 -26.57 4.81 -31.28
N PRO A 882 -27.17 5.96 -31.61
CA PRO A 882 -28.46 6.45 -31.15
C PRO A 882 -29.55 5.64 -31.79
N LEU A 883 -30.72 5.58 -31.16
CA LEU A 883 -31.85 4.93 -31.79
C LEU A 883 -32.33 5.69 -33.00
N LEU A 884 -32.41 7.01 -32.88
CA LEU A 884 -32.87 7.82 -33.99
C LEU A 884 -31.71 8.43 -34.74
N THR A 885 -31.59 8.04 -35.99
CA THR A 885 -30.52 8.47 -36.85
C THR A 885 -30.80 9.86 -37.36
N ASP A 886 -29.81 10.51 -37.95
CA ASP A 886 -30.01 11.87 -38.44
C ASP A 886 -31.19 11.97 -39.38
N GLU A 887 -31.39 10.93 -40.18
CA GLU A 887 -32.50 10.88 -41.11
C GLU A 887 -33.86 10.89 -40.40
N MET A 888 -33.93 10.27 -39.23
CA MET A 888 -35.18 10.19 -38.51
C MET A 888 -35.45 11.47 -37.75
N ILE A 889 -34.38 12.13 -37.35
CA ILE A 889 -34.52 13.41 -36.68
C ILE A 889 -35.03 14.40 -37.70
N ALA A 890 -34.48 14.32 -38.91
CA ALA A 890 -34.91 15.18 -39.99
C ALA A 890 -36.39 14.96 -40.30
N GLN A 891 -36.84 13.71 -40.28
CA GLN A 891 -38.26 13.45 -40.53
C GLN A 891 -39.16 14.00 -39.44
N TYR A 892 -38.74 13.90 -38.17
CA TYR A 892 -39.54 14.48 -37.12
C TYR A 892 -39.59 15.98 -37.27
N THR A 893 -38.45 16.57 -37.59
CA THR A 893 -38.38 18.01 -37.76
C THR A 893 -39.26 18.44 -38.91
N SER A 894 -39.24 17.69 -40.00
CA SER A 894 -40.05 18.00 -41.15
C SER A 894 -41.52 17.98 -40.79
N ALA A 895 -41.94 16.98 -40.02
CA ALA A 895 -43.32 16.88 -39.60
C ALA A 895 -43.73 18.07 -38.76
N LEU A 896 -42.84 18.52 -37.89
CA LEU A 896 -43.13 19.65 -37.04
C LEU A 896 -43.23 20.91 -37.88
N LEU A 897 -42.38 21.04 -38.89
CA LEU A 897 -42.44 22.22 -39.74
C LEU A 897 -43.70 22.23 -40.57
N ALA A 898 -44.04 21.09 -41.15
CA ALA A 898 -45.24 21.01 -41.97
C ALA A 898 -46.46 21.29 -41.12
N GLY A 899 -46.46 20.76 -39.90
CA GLY A 899 -47.56 20.99 -38.99
C GLY A 899 -47.67 22.47 -38.66
N THR A 900 -46.56 23.07 -38.26
CA THR A 900 -46.53 24.47 -37.86
C THR A 900 -47.02 25.37 -38.96
N ILE A 901 -46.57 25.11 -40.18
CA ILE A 901 -46.89 25.97 -41.30
C ILE A 901 -48.32 25.79 -41.81
N THR A 902 -48.80 24.56 -41.94
CA THR A 902 -50.13 24.39 -42.53
C THR A 902 -51.28 24.26 -41.54
N SER A 903 -51.00 23.98 -40.26
CA SER A 903 -52.10 23.81 -39.30
C SER A 903 -51.92 24.59 -37.99
N GLY A 904 -50.91 25.44 -37.93
CA GLY A 904 -50.67 26.23 -36.73
C GLY A 904 -50.38 25.36 -35.54
N TRP A 905 -51.10 25.58 -34.45
CA TRP A 905 -50.90 24.81 -33.23
C TRP A 905 -51.89 23.68 -33.05
N THR A 906 -52.77 23.45 -34.01
CA THR A 906 -53.81 22.48 -33.76
C THR A 906 -53.24 21.08 -33.87
N PHE A 907 -52.12 20.92 -34.59
CA PHE A 907 -51.53 19.59 -34.71
C PHE A 907 -50.94 19.17 -33.38
N GLY A 908 -50.76 20.13 -32.50
CA GLY A 908 -50.23 19.89 -31.17
C GLY A 908 -51.39 19.46 -30.28
N ALA A 909 -52.36 20.36 -30.13
CA ALA A 909 -53.52 20.14 -29.27
C ALA A 909 -54.39 18.96 -29.71
N GLY A 910 -54.54 18.75 -31.02
CA GLY A 910 -55.40 17.70 -31.54
C GLY A 910 -54.97 17.30 -32.95
N ALA A 911 -55.90 17.42 -33.89
CA ALA A 911 -55.63 17.08 -35.28
C ALA A 911 -55.02 18.26 -36.01
N ALA A 912 -54.28 17.99 -37.08
CA ALA A 912 -53.73 19.08 -37.86
C ALA A 912 -54.79 19.61 -38.79
N LEU A 913 -55.31 20.78 -38.46
CA LEU A 913 -56.40 21.39 -39.21
C LEU A 913 -55.90 22.48 -40.11
N GLN A 914 -56.13 22.34 -41.41
CA GLN A 914 -55.58 23.30 -42.33
C GLN A 914 -56.11 24.70 -42.10
N ILE A 915 -55.21 25.66 -42.27
CA ILE A 915 -55.53 27.07 -42.23
C ILE A 915 -54.63 27.80 -43.24
N PRO A 916 -55.09 28.79 -43.99
CA PRO A 916 -54.27 29.60 -44.84
C PRO A 916 -53.17 30.20 -44.01
N PHE A 917 -51.94 30.21 -44.53
CA PHE A 917 -50.86 30.71 -43.69
C PHE A 917 -51.07 32.16 -43.28
N ALA A 918 -51.56 32.99 -44.19
CA ALA A 918 -51.78 34.39 -43.85
C ALA A 918 -52.77 34.53 -42.70
N MET A 919 -53.75 33.65 -42.64
CA MET A 919 -54.72 33.75 -41.56
C MET A 919 -54.11 33.22 -40.29
N GLN A 920 -53.25 32.24 -40.41
CA GLN A 920 -52.57 31.74 -39.24
C GLN A 920 -51.76 32.84 -38.60
N MET A 921 -51.09 33.63 -39.43
CA MET A 921 -50.30 34.74 -38.89
C MET A 921 -51.21 35.77 -38.26
N ALA A 922 -52.40 35.95 -38.81
CA ALA A 922 -53.35 36.90 -38.26
C ALA A 922 -53.65 36.58 -36.81
N TYR A 923 -53.73 35.29 -36.50
CA TYR A 923 -54.02 34.90 -35.14
C TYR A 923 -52.82 35.17 -34.27
N ARG A 924 -51.63 34.91 -34.82
CA ARG A 924 -50.38 35.11 -34.12
C ARG A 924 -50.12 36.59 -33.83
N PHE A 925 -50.54 37.46 -34.73
CA PHE A 925 -50.43 38.90 -34.51
C PHE A 925 -51.43 39.36 -33.47
N ASN A 926 -52.65 38.86 -33.54
CA ASN A 926 -53.66 39.23 -32.57
C ASN A 926 -53.19 38.79 -31.18
N GLY A 927 -52.47 37.68 -31.14
CA GLY A 927 -51.95 37.10 -29.91
C GLY A 927 -50.90 37.96 -29.22
N ILE A 928 -50.36 38.97 -29.90
CA ILE A 928 -49.36 39.84 -29.29
C ILE A 928 -49.91 41.25 -29.11
N GLY A 929 -51.22 41.39 -29.23
CA GLY A 929 -51.86 42.68 -29.01
C GLY A 929 -51.88 43.57 -30.24
N VAL A 930 -51.69 43.01 -31.42
CA VAL A 930 -51.74 43.80 -32.63
C VAL A 930 -52.93 43.37 -33.45
N THR A 931 -53.86 44.27 -33.68
CA THR A 931 -55.08 43.90 -34.36
C THR A 931 -54.74 43.33 -35.72
N GLN A 932 -55.40 42.24 -36.08
CA GLN A 932 -55.11 41.47 -37.29
C GLN A 932 -55.18 42.24 -38.60
N ASN A 933 -55.86 43.37 -38.62
CA ASN A 933 -55.93 44.10 -39.87
C ASN A 933 -54.57 44.63 -40.24
N VAL A 934 -53.68 44.75 -39.25
CA VAL A 934 -52.35 45.26 -39.50
C VAL A 934 -51.62 44.30 -40.39
N LEU A 935 -51.76 43.01 -40.12
CA LEU A 935 -51.10 42.00 -40.94
C LEU A 935 -51.56 42.05 -42.36
N TYR A 936 -52.85 42.07 -42.57
CA TYR A 936 -53.32 41.97 -43.94
C TYR A 936 -52.93 43.20 -44.72
N GLU A 937 -53.05 44.37 -44.12
CA GLU A 937 -52.74 45.60 -44.82
C GLU A 937 -51.24 45.66 -45.14
N ASN A 938 -50.42 45.09 -44.27
CA ASN A 938 -48.98 45.08 -44.47
C ASN A 938 -48.46 43.69 -44.80
N GLN A 939 -49.31 42.81 -45.32
CA GLN A 939 -48.89 41.44 -45.57
C GLN A 939 -47.67 41.33 -46.46
N LYS A 940 -47.59 42.15 -47.51
CA LYS A 940 -46.45 42.05 -48.41
C LYS A 940 -45.17 42.46 -47.71
N LEU A 941 -45.26 43.51 -46.90
CA LEU A 941 -44.10 43.99 -46.16
C LEU A 941 -43.63 42.95 -45.18
N ILE A 942 -44.57 42.35 -44.47
CA ILE A 942 -44.24 41.39 -43.45
C ILE A 942 -43.60 40.17 -44.05
N ALA A 943 -44.15 39.67 -45.15
CA ALA A 943 -43.57 38.52 -45.81
C ALA A 943 -42.16 38.82 -46.29
N ASN A 944 -41.94 40.04 -46.80
CA ASN A 944 -40.61 40.40 -47.29
C ASN A 944 -39.61 40.53 -46.15
N GLN A 945 -40.04 41.09 -45.03
CA GLN A 945 -39.14 41.21 -43.89
C GLN A 945 -38.78 39.83 -43.37
N PHE A 946 -39.76 38.93 -43.35
CA PHE A 946 -39.52 37.57 -42.91
C PHE A 946 -38.50 36.89 -43.80
N ASN A 947 -38.71 36.97 -45.11
CA ASN A 947 -37.83 36.30 -46.04
C ASN A 947 -36.41 36.82 -45.94
N SER A 948 -36.28 38.12 -45.72
CA SER A 948 -34.96 38.73 -45.55
C SER A 948 -34.28 38.21 -44.29
N ALA A 949 -35.04 38.14 -43.19
CA ALA A 949 -34.49 37.67 -41.93
C ALA A 949 -33.96 36.25 -42.05
N ILE A 950 -34.64 35.41 -42.83
CA ILE A 950 -34.14 34.05 -43.01
C ILE A 950 -32.81 34.09 -43.76
N GLY A 951 -32.73 34.92 -44.79
CA GLY A 951 -31.47 35.03 -45.52
C GLY A 951 -30.34 35.46 -44.59
N LYS A 952 -30.63 36.33 -43.64
CA LYS A 952 -29.61 36.80 -42.72
C LYS A 952 -29.07 35.69 -41.82
N ILE A 953 -29.94 34.80 -41.35
CA ILE A 953 -29.45 33.73 -40.49
C ILE A 953 -28.60 32.75 -41.29
N GLN A 954 -28.89 32.60 -42.59
CA GLN A 954 -28.07 31.73 -43.42
C GLN A 954 -26.68 32.29 -43.55
N ASP A 955 -26.58 33.61 -43.72
CA ASP A 955 -25.28 34.26 -43.84
C ASP A 955 -24.51 34.16 -42.53
N SER A 956 -25.22 34.29 -41.41
CA SER A 956 -24.56 34.21 -40.12
C SER A 956 -23.97 32.83 -39.89
N LEU A 957 -24.76 31.78 -40.13
CA LEU A 957 -24.28 30.42 -39.94
C LEU A 957 -23.18 30.05 -40.92
N SER A 958 -23.30 30.51 -42.16
CA SER A 958 -22.29 30.17 -43.16
C SER A 958 -20.93 30.81 -42.84
N SER A 959 -20.94 32.10 -42.47
CA SER A 959 -19.73 32.86 -42.22
C SER A 959 -19.11 32.69 -40.83
N THR A 960 -19.92 32.79 -39.78
CA THR A 960 -19.42 32.81 -38.42
C THR A 960 -19.11 31.43 -37.86
N ALA A 961 -17.89 31.25 -37.36
CA ALA A 961 -17.49 29.98 -36.75
C ALA A 961 -18.02 29.88 -35.33
N SER A 962 -18.00 31.01 -34.62
CA SER A 962 -18.48 31.08 -33.25
C SER A 962 -20.00 31.22 -33.24
N ALA A 963 -20.67 30.19 -33.71
CA ALA A 963 -22.12 30.17 -33.84
C ALA A 963 -22.65 29.00 -33.03
N LEU A 964 -22.34 27.79 -33.47
CA LEU A 964 -22.80 26.62 -32.74
C LEU A 964 -21.78 26.27 -31.68
N GLY A 965 -21.56 27.21 -30.78
CA GLY A 965 -20.54 27.09 -29.76
C GLY A 965 -20.93 26.12 -28.67
N LYS A 966 -22.21 25.83 -28.58
CA LYS A 966 -22.69 24.92 -27.56
C LYS A 966 -22.58 23.48 -28.02
N LEU A 967 -22.77 23.25 -29.31
CA LEU A 967 -22.72 21.90 -29.81
C LEU A 967 -21.27 21.49 -29.98
N GLN A 968 -20.43 22.42 -30.46
CA GLN A 968 -19.01 22.13 -30.59
C GLN A 968 -18.34 22.49 -29.26
N ASP A 969 -18.85 21.88 -28.22
CA ASP A 969 -18.39 22.01 -26.85
C ASP A 969 -18.78 20.77 -26.13
N VAL A 970 -20.06 20.42 -26.21
CA VAL A 970 -20.49 19.18 -25.58
C VAL A 970 -19.69 18.04 -26.17
N VAL A 971 -19.47 18.06 -27.48
CA VAL A 971 -18.69 17.00 -28.10
C VAL A 971 -17.23 17.08 -27.70
N ASN A 972 -16.72 18.30 -27.47
CA ASN A 972 -15.33 18.47 -27.13
C ASN A 972 -15.06 17.99 -25.72
N GLN A 973 -16.00 18.25 -24.82
CA GLN A 973 -15.82 17.84 -23.44
C GLN A 973 -15.83 16.33 -23.32
N ASN A 974 -16.67 15.67 -24.10
CA ASN A 974 -16.72 14.22 -24.03
C ASN A 974 -15.48 13.64 -24.68
N ALA A 975 -15.00 14.26 -25.76
CA ALA A 975 -13.81 13.78 -26.41
C ALA A 975 -12.60 13.89 -25.49
N GLN A 976 -12.53 14.99 -24.75
CA GLN A 976 -11.44 15.19 -23.83
C GLN A 976 -11.53 14.20 -22.68
N ALA A 977 -12.74 13.94 -22.20
CA ALA A 977 -12.90 12.99 -21.12
C ALA A 977 -12.41 11.61 -21.53
N LEU A 978 -12.72 11.20 -22.76
CA LEU A 978 -12.27 9.90 -23.23
C LEU A 978 -10.79 9.88 -23.51
N ASN A 979 -10.25 10.97 -24.05
CA ASN A 979 -8.83 10.98 -24.34
C ASN A 979 -8.02 10.92 -23.07
N THR A 980 -8.52 11.59 -22.03
CA THR A 980 -7.83 11.58 -20.76
C THR A 980 -7.91 10.20 -20.15
N LEU A 981 -9.08 9.59 -20.21
CA LEU A 981 -9.27 8.27 -19.64
C LEU A 981 -8.30 7.28 -20.27
N VAL A 982 -8.19 7.31 -21.59
CA VAL A 982 -7.31 6.39 -22.27
C VAL A 982 -5.85 6.67 -21.95
N LYS A 983 -5.45 7.93 -21.93
CA LYS A 983 -4.07 8.27 -21.62
C LYS A 983 -3.66 7.85 -20.22
N GLN A 984 -4.61 7.79 -19.29
CA GLN A 984 -4.27 7.38 -17.92
C GLN A 984 -3.79 5.95 -17.83
N LEU A 985 -4.01 5.15 -18.88
CA LEU A 985 -3.53 3.78 -18.87
C LEU A 985 -2.01 3.74 -18.95
N SER A 986 -1.41 4.85 -19.35
CA SER A 986 0.04 4.96 -19.47
C SER A 986 0.69 5.42 -18.17
N SER A 987 -0.12 5.69 -17.14
CA SER A 987 0.42 6.14 -15.88
C SER A 987 0.84 4.96 -15.01
N ASN A 988 1.86 5.20 -14.20
CA ASN A 988 2.38 4.17 -13.32
C ASN A 988 1.59 4.03 -12.03
N PHE A 989 1.08 5.14 -11.52
CA PHE A 989 0.35 5.14 -10.26
C PHE A 989 1.19 4.60 -9.11
N GLY A 990 2.51 4.73 -9.23
CA GLY A 990 3.45 4.27 -8.21
C GLY A 990 4.09 2.94 -8.58
N ALA A 991 3.57 2.30 -9.61
CA ALA A 991 4.09 1.03 -10.08
C ALA A 991 5.40 1.23 -10.80
N ILE A 992 6.19 0.16 -10.91
CA ILE A 992 7.46 0.19 -11.63
C ILE A 992 7.25 0.38 -13.13
N SER A 993 6.07 0.03 -13.62
CA SER A 993 5.73 0.19 -15.02
C SER A 993 4.22 0.25 -15.21
N SER A 994 3.78 1.08 -16.15
CA SER A 994 2.37 1.21 -16.50
C SER A 994 1.84 0.01 -17.26
N VAL A 995 2.76 -0.80 -17.80
CA VAL A 995 2.35 -1.92 -18.62
C VAL A 995 2.16 -3.17 -17.79
N LEU A 996 0.95 -3.70 -17.84
CA LEU A 996 0.58 -4.85 -17.04
C LEU A 996 1.45 -6.05 -17.35
N ASN A 997 1.75 -6.24 -18.62
CA ASN A 997 2.54 -7.39 -19.03
C ASN A 997 3.98 -7.28 -18.55
N ASP A 998 4.51 -6.06 -18.45
CA ASP A 998 5.90 -5.88 -18.06
C ASP A 998 6.07 -6.09 -16.57
N ILE A 999 5.07 -5.73 -15.78
CA ILE A 999 5.20 -5.98 -14.36
C ILE A 999 4.97 -7.45 -14.07
N LEU A 1000 4.06 -8.08 -14.82
CA LEU A 1000 3.75 -9.47 -14.54
C LEU A 1000 4.86 -10.42 -15.00
N SER A 1001 5.38 -10.24 -16.21
CA SER A 1001 6.34 -11.21 -16.75
C SER A 1001 7.71 -11.14 -16.08
N ARG A 1002 7.98 -10.06 -15.36
CA ARG A 1002 9.28 -9.90 -14.74
C ARG A 1002 9.29 -10.12 -13.24
N LEU A 1003 8.13 -10.43 -12.67
CA LEU A 1003 8.02 -10.54 -11.22
C LEU A 1003 7.49 -11.89 -10.76
N ASP A 1004 7.86 -12.28 -9.55
CA ASP A 1004 7.32 -13.49 -8.96
C ASP A 1004 5.91 -13.15 -8.47
N PRO A 1005 5.10 -14.11 -8.01
CA PRO A 1005 3.74 -13.88 -7.55
C PRO A 1005 3.59 -12.70 -6.58
N PRO A 1006 4.19 -12.68 -5.36
CA PRO A 1006 3.93 -11.63 -4.39
C PRO A 1006 4.33 -10.25 -4.89
N GLU A 1007 5.34 -10.15 -5.74
CA GLU A 1007 5.72 -8.84 -6.25
C GLU A 1007 4.79 -8.41 -7.36
N ALA A 1008 4.35 -9.36 -8.18
CA ALA A 1008 3.43 -9.04 -9.25
C ALA A 1008 2.13 -8.58 -8.65
N GLU A 1009 1.70 -9.21 -7.56
CA GLU A 1009 0.44 -8.85 -6.94
C GLU A 1009 0.48 -7.43 -6.41
N VAL A 1010 1.59 -7.03 -5.82
CA VAL A 1010 1.69 -5.65 -5.33
C VAL A 1010 1.67 -4.66 -6.47
N GLN A 1011 2.43 -4.92 -7.52
CA GLN A 1011 2.47 -3.97 -8.62
C GLN A 1011 1.14 -3.89 -9.34
N ILE A 1012 0.44 -5.02 -9.43
CA ILE A 1012 -0.86 -5.02 -10.06
C ILE A 1012 -1.85 -4.26 -9.20
N ASP A 1013 -1.83 -4.46 -7.88
CA ASP A 1013 -2.74 -3.70 -7.02
C ASP A 1013 -2.60 -2.21 -7.25
N ARG A 1014 -1.36 -1.75 -7.44
CA ARG A 1014 -1.15 -0.33 -7.68
C ARG A 1014 -1.81 0.12 -8.98
N LEU A 1015 -1.70 -0.68 -10.03
CA LEU A 1015 -2.32 -0.29 -11.30
C LEU A 1015 -3.83 -0.41 -11.26
N ILE A 1016 -4.36 -1.44 -10.58
CA ILE A 1016 -5.80 -1.59 -10.51
C ILE A 1016 -6.41 -0.45 -9.74
N THR A 1017 -5.82 -0.10 -8.61
CA THR A 1017 -6.38 0.98 -7.81
C THR A 1017 -6.35 2.27 -8.59
N GLY A 1018 -5.22 2.56 -9.25
CA GLY A 1018 -5.07 3.77 -10.02
C GLY A 1018 -6.04 3.85 -11.19
N ARG A 1019 -6.21 2.73 -11.89
CA ARG A 1019 -7.08 2.71 -13.03
C ARG A 1019 -8.55 2.70 -12.65
N LEU A 1020 -8.91 2.06 -11.53
CA LEU A 1020 -10.30 2.12 -11.08
C LEU A 1020 -10.62 3.52 -10.64
N GLN A 1021 -9.67 4.21 -10.02
CA GLN A 1021 -9.91 5.59 -9.62
C GLN A 1021 -10.18 6.41 -10.86
N SER A 1022 -9.45 6.15 -11.93
CA SER A 1022 -9.65 6.86 -13.19
C SER A 1022 -11.05 6.60 -13.76
N LEU A 1023 -11.49 5.33 -13.76
CA LEU A 1023 -12.85 5.06 -14.24
C LEU A 1023 -13.89 5.68 -13.35
N GLN A 1024 -13.68 5.67 -12.04
CA GLN A 1024 -14.66 6.25 -11.14
C GLN A 1024 -14.75 7.73 -11.36
N THR A 1025 -13.61 8.36 -11.63
CA THR A 1025 -13.59 9.78 -11.89
C THR A 1025 -14.33 10.07 -13.18
N TYR A 1026 -14.05 9.29 -14.22
CA TYR A 1026 -14.71 9.46 -15.51
C TYR A 1026 -16.21 9.31 -15.39
N VAL A 1027 -16.66 8.25 -14.74
CA VAL A 1027 -18.08 8.01 -14.63
C VAL A 1027 -18.75 9.11 -13.85
N THR A 1028 -18.13 9.56 -12.77
CA THR A 1028 -18.72 10.63 -11.98
C THR A 1028 -18.90 11.87 -12.83
N GLN A 1029 -17.89 12.21 -13.62
CA GLN A 1029 -17.98 13.39 -14.46
C GLN A 1029 -19.04 13.23 -15.54
N GLN A 1030 -19.19 12.03 -16.09
CA GLN A 1030 -20.19 11.82 -17.11
C GLN A 1030 -21.58 11.91 -16.53
N LEU A 1031 -21.76 11.50 -15.28
CA LEU A 1031 -23.08 11.59 -14.65
C LEU A 1031 -23.45 13.04 -14.38
N ILE A 1032 -22.49 13.84 -13.95
CA ILE A 1032 -22.76 15.25 -13.70
C ILE A 1032 -23.04 15.95 -15.02
N ARG A 1033 -22.23 15.67 -16.03
CA ARG A 1033 -22.44 16.25 -17.34
C ARG A 1033 -23.76 15.77 -17.93
N ALA A 1034 -24.10 14.51 -17.72
CA ALA A 1034 -25.35 14.00 -18.23
C ALA A 1034 -26.51 14.77 -17.63
N ALA A 1035 -26.39 15.12 -16.36
CA ALA A 1035 -27.45 15.85 -15.69
C ALA A 1035 -27.67 17.23 -16.30
N GLU A 1036 -26.61 17.94 -16.65
CA GLU A 1036 -26.81 19.25 -17.25
C GLU A 1036 -27.33 19.13 -18.68
N ILE A 1037 -26.93 18.07 -19.38
CA ILE A 1037 -27.46 17.81 -20.71
C ILE A 1037 -28.93 17.48 -20.62
N ARG A 1038 -29.32 16.71 -19.61
CA ARG A 1038 -30.71 16.39 -19.40
C ARG A 1038 -31.50 17.65 -19.14
N ALA A 1039 -30.95 18.56 -18.35
CA ALA A 1039 -31.62 19.82 -18.08
C ALA A 1039 -31.80 20.62 -19.36
N SER A 1040 -30.78 20.61 -20.21
CA SER A 1040 -30.86 21.30 -21.49
C SER A 1040 -31.90 20.65 -22.38
N ALA A 1041 -31.93 19.32 -22.40
CA ALA A 1041 -32.91 18.60 -23.20
C ALA A 1041 -34.31 18.91 -22.71
N ASN A 1042 -34.49 19.04 -21.40
CA ASN A 1042 -35.79 19.35 -20.86
C ASN A 1042 -36.23 20.74 -21.30
N LEU A 1043 -35.29 21.67 -21.33
CA LEU A 1043 -35.58 23.01 -21.78
C LEU A 1043 -35.91 23.01 -23.26
N ALA A 1044 -35.15 22.25 -24.04
CA ALA A 1044 -35.38 22.18 -25.47
C ALA A 1044 -36.75 21.60 -25.75
N ALA A 1045 -37.14 20.58 -24.99
CA ALA A 1045 -38.44 19.97 -25.17
C ALA A 1045 -39.54 20.95 -24.80
N THR A 1046 -39.30 21.75 -23.76
CA THR A 1046 -40.26 22.75 -23.34
C THR A 1046 -40.45 23.80 -24.42
N LYS A 1047 -39.34 24.27 -24.98
CA LYS A 1047 -39.42 25.27 -26.05
C LYS A 1047 -40.15 24.72 -27.24
N MET A 1048 -39.90 23.45 -27.56
CA MET A 1048 -40.59 22.86 -28.69
C MET A 1048 -42.09 22.93 -28.45
N SER A 1049 -42.51 22.47 -27.29
CA SER A 1049 -43.93 22.41 -27.01
C SER A 1049 -44.59 23.76 -26.96
N GLU A 1050 -43.93 24.73 -26.35
CA GLU A 1050 -44.55 26.04 -26.16
C GLU A 1050 -44.38 27.06 -27.28
N CYS A 1051 -43.27 27.01 -28.03
CA CYS A 1051 -42.94 28.00 -29.04
C CYS A 1051 -43.13 27.49 -30.47
N VAL A 1052 -43.08 26.16 -30.67
CA VAL A 1052 -43.27 25.61 -32.01
C VAL A 1052 -44.72 25.22 -32.16
N LEU A 1053 -45.26 24.61 -31.13
CA LEU A 1053 -46.65 24.12 -31.14
C LEU A 1053 -47.59 25.13 -30.49
N GLY A 1054 -47.19 26.40 -30.48
CA GLY A 1054 -48.01 27.47 -29.92
C GLY A 1054 -47.23 28.76 -29.69
N GLN A 1055 -47.87 29.73 -29.05
CA GLN A 1055 -47.22 30.99 -28.68
C GLN A 1055 -47.04 31.01 -27.19
N SER A 1056 -45.80 31.02 -26.74
CA SER A 1056 -45.54 30.91 -25.31
C SER A 1056 -46.00 32.10 -24.50
N LYS A 1057 -45.95 33.28 -25.11
CA LYS A 1057 -46.32 34.53 -24.43
C LYS A 1057 -45.46 34.79 -23.20
N ARG A 1058 -44.31 34.15 -23.14
CA ARG A 1058 -43.36 34.33 -22.06
C ARG A 1058 -42.25 35.24 -22.55
N VAL A 1059 -41.98 36.29 -21.81
CA VAL A 1059 -41.01 37.27 -22.26
C VAL A 1059 -39.61 36.71 -22.32
N ASP A 1060 -38.98 36.91 -23.46
CA ASP A 1060 -37.62 36.49 -23.77
C ASP A 1060 -37.41 35.00 -23.62
N PHE A 1061 -38.49 34.23 -23.59
CA PHE A 1061 -38.38 32.79 -23.56
C PHE A 1061 -37.88 32.24 -24.90
N CYS A 1062 -38.42 32.79 -26.01
CA CYS A 1062 -38.11 32.39 -27.38
C CYS A 1062 -37.81 33.61 -28.24
N GLY A 1063 -36.67 34.23 -27.97
CA GLY A 1063 -36.22 35.38 -28.73
C GLY A 1063 -36.68 36.67 -28.09
N LYS A 1064 -35.98 37.75 -28.41
CA LYS A 1064 -36.35 39.06 -27.90
C LYS A 1064 -37.50 39.59 -28.74
N GLY A 1065 -38.47 40.22 -28.12
CA GLY A 1065 -39.60 40.76 -28.86
C GLY A 1065 -40.85 39.96 -28.58
N TYR A 1066 -41.90 40.22 -29.35
CA TYR A 1066 -43.16 39.54 -29.11
C TYR A 1066 -43.21 38.29 -29.98
N HIS A 1067 -43.30 37.13 -29.36
CA HIS A 1067 -43.21 35.88 -30.10
C HIS A 1067 -44.36 35.67 -31.05
N LEU A 1068 -44.06 35.39 -32.31
CA LEU A 1068 -45.09 35.05 -33.28
C LEU A 1068 -45.09 33.56 -33.54
N MET A 1069 -43.93 33.00 -33.83
CA MET A 1069 -43.81 31.58 -34.18
C MET A 1069 -42.38 31.14 -34.15
N SER A 1070 -42.16 29.84 -34.26
CA SER A 1070 -40.80 29.36 -34.40
C SER A 1070 -40.73 28.08 -35.19
N PHE A 1071 -39.54 27.79 -35.68
CA PHE A 1071 -39.32 26.59 -36.46
C PHE A 1071 -38.11 25.84 -35.92
N PRO A 1072 -38.21 24.55 -35.62
CA PRO A 1072 -37.13 23.71 -35.20
C PRO A 1072 -36.27 23.37 -36.39
N GLN A 1073 -35.00 23.10 -36.14
CA GLN A 1073 -34.08 22.59 -37.14
C GLN A 1073 -33.24 21.47 -36.53
N SER A 1074 -32.97 20.44 -37.30
CA SER A 1074 -32.10 19.37 -36.86
C SER A 1074 -30.67 19.85 -36.73
N ALA A 1075 -29.96 19.35 -35.74
CA ALA A 1075 -28.56 19.70 -35.57
C ALA A 1075 -27.86 18.51 -34.93
N PRO A 1076 -26.55 18.35 -35.14
CA PRO A 1076 -25.79 17.28 -34.56
C PRO A 1076 -25.80 17.39 -33.05
N HIS A 1077 -26.28 16.34 -32.40
CA HIS A 1077 -26.38 16.24 -30.95
C HIS A 1077 -27.21 17.35 -30.31
N GLY A 1078 -28.13 17.94 -31.05
CA GLY A 1078 -28.94 19.00 -30.47
C GLY A 1078 -29.99 19.55 -31.40
N VAL A 1079 -30.62 20.64 -30.98
CA VAL A 1079 -31.69 21.25 -31.74
C VAL A 1079 -31.45 22.74 -31.88
N VAL A 1080 -31.79 23.26 -33.03
CA VAL A 1080 -31.69 24.68 -33.26
C VAL A 1080 -33.06 25.26 -33.54
N PHE A 1081 -33.41 26.31 -32.83
CA PHE A 1081 -34.69 26.92 -33.03
C PHE A 1081 -34.55 28.26 -33.72
N LEU A 1082 -35.43 28.51 -34.67
CA LEU A 1082 -35.49 29.78 -35.33
C LEU A 1082 -36.70 30.52 -34.81
N HIS A 1083 -36.49 31.52 -33.99
CA HIS A 1083 -37.59 32.20 -33.35
C HIS A 1083 -37.96 33.46 -34.10
N VAL A 1084 -39.21 33.55 -34.51
CA VAL A 1084 -39.69 34.68 -35.27
C VAL A 1084 -40.44 35.62 -34.35
N THR A 1085 -39.94 36.83 -34.24
CA THR A 1085 -40.52 37.78 -33.30
C THR A 1085 -40.90 39.10 -33.96
N TYR A 1086 -41.89 39.74 -33.37
CA TYR A 1086 -42.34 41.06 -33.77
C TYR A 1086 -41.68 42.10 -32.91
N VAL A 1087 -40.96 43.01 -33.53
CA VAL A 1087 -40.25 44.03 -32.78
C VAL A 1087 -40.60 45.43 -33.28
N PRO A 1088 -41.16 46.31 -32.44
CA PRO A 1088 -41.46 47.69 -32.75
C PRO A 1088 -40.20 48.36 -33.27
N ALA A 1089 -40.31 49.18 -34.32
CA ALA A 1089 -39.12 49.74 -34.94
C ALA A 1089 -39.02 51.26 -34.86
N GLN A 1090 -40.13 51.94 -35.07
CA GLN A 1090 -40.11 53.40 -35.08
C GLN A 1090 -41.22 53.90 -34.20
N GLU A 1091 -40.99 55.00 -33.47
CA GLU A 1091 -42.00 55.52 -32.55
C GLU A 1091 -42.12 57.02 -32.59
N LYS A 1092 -43.28 57.52 -32.17
CA LYS A 1092 -43.51 58.94 -32.02
C LYS A 1092 -43.97 59.31 -30.61
N ASN A 1093 -43.68 60.55 -30.18
CA ASN A 1093 -44.07 61.14 -28.92
C ASN A 1093 -45.50 61.68 -28.99
N PHE A 1094 -46.46 61.03 -28.33
CA PHE A 1094 -47.87 61.44 -28.32
C PHE A 1094 -48.25 61.95 -26.96
N THR A 1095 -49.19 62.88 -26.90
CA THR A 1095 -49.70 63.33 -25.63
C THR A 1095 -50.78 62.36 -25.23
N THR A 1096 -50.85 62.01 -23.95
CA THR A 1096 -51.83 61.04 -23.53
C THR A 1096 -52.67 61.46 -22.33
N ALA A 1097 -53.63 60.62 -22.00
CA ALA A 1097 -54.52 60.82 -20.88
C ALA A 1097 -55.13 59.48 -20.50
N PRO A 1098 -55.41 59.25 -19.21
CA PRO A 1098 -56.07 58.07 -18.69
C PRO A 1098 -57.53 57.99 -19.06
N ALA A 1099 -58.14 59.13 -19.35
CA ALA A 1099 -59.56 59.13 -19.65
C ALA A 1099 -59.98 60.40 -20.36
N ILE A 1100 -61.12 60.33 -20.99
CA ILE A 1100 -61.76 61.48 -21.60
C ILE A 1100 -63.00 61.89 -20.82
N CYS A 1101 -63.12 63.17 -20.50
CA CYS A 1101 -64.28 63.74 -19.83
C CYS A 1101 -65.26 64.25 -20.87
N HIS A 1102 -66.48 63.73 -20.81
CA HIS A 1102 -67.49 64.10 -21.79
C HIS A 1102 -68.59 64.89 -21.09
N ASP A 1103 -69.77 64.31 -20.91
CA ASP A 1103 -70.83 65.02 -20.23
C ASP A 1103 -70.74 64.80 -18.72
N GLY A 1104 -69.59 65.15 -18.16
CA GLY A 1104 -69.28 64.98 -16.76
C GLY A 1104 -68.87 63.54 -16.43
N LYS A 1105 -68.91 62.69 -17.44
CA LYS A 1105 -68.62 61.28 -17.31
C LYS A 1105 -67.21 60.95 -17.77
N ALA A 1106 -66.63 59.91 -17.20
CA ALA A 1106 -65.28 59.51 -17.57
C ALA A 1106 -65.28 58.32 -18.51
N HIS A 1107 -64.71 58.52 -19.69
CA HIS A 1107 -64.62 57.52 -20.73
C HIS A 1107 -63.23 56.90 -20.79
N PHE A 1108 -63.17 55.58 -20.72
CA PHE A 1108 -61.93 54.83 -20.76
C PHE A 1108 -61.94 53.95 -22.00
N PRO A 1109 -60.82 53.66 -22.64
CA PRO A 1109 -60.77 52.84 -23.82
C PRO A 1109 -61.07 51.40 -23.46
N ARG A 1110 -61.77 50.67 -24.31
CA ARG A 1110 -61.98 49.26 -24.02
C ARG A 1110 -60.71 48.47 -24.19
N GLU A 1111 -59.96 48.80 -25.24
CA GLU A 1111 -58.71 48.12 -25.53
C GLU A 1111 -57.83 49.04 -26.35
N GLY A 1112 -57.17 49.96 -25.67
CA GLY A 1112 -56.39 50.97 -26.36
C GLY A 1112 -55.92 52.05 -25.41
N VAL A 1113 -55.31 53.08 -25.97
CA VAL A 1113 -54.81 54.19 -25.21
C VAL A 1113 -55.19 55.50 -25.88
N PHE A 1114 -55.56 56.50 -25.09
CA PHE A 1114 -55.87 57.78 -25.70
C PHE A 1114 -54.59 58.52 -26.05
N VAL A 1115 -54.57 59.10 -27.22
CA VAL A 1115 -53.43 59.85 -27.71
C VAL A 1115 -53.84 61.18 -28.27
N SER A 1116 -52.90 62.10 -28.35
CA SER A 1116 -53.15 63.35 -29.03
C SER A 1116 -51.95 63.77 -29.84
N ASN A 1117 -52.21 64.26 -31.06
CA ASN A 1117 -51.19 64.73 -31.99
C ASN A 1117 -50.94 66.25 -31.85
N GLY A 1118 -51.53 66.88 -30.82
CA GLY A 1118 -51.41 68.31 -30.51
C GLY A 1118 -52.68 69.07 -30.81
N THR A 1119 -53.55 68.54 -31.67
CA THR A 1119 -54.81 69.23 -31.94
C THR A 1119 -56.04 68.35 -31.74
N HIS A 1120 -55.89 67.04 -31.95
CA HIS A 1120 -57.03 66.14 -31.82
C HIS A 1120 -56.71 64.89 -31.03
N TRP A 1121 -57.71 64.44 -30.26
CA TRP A 1121 -57.61 63.22 -29.48
C TRP A 1121 -58.15 62.03 -30.25
N PHE A 1122 -57.41 60.94 -30.20
CA PHE A 1122 -57.74 59.69 -30.85
C PHE A 1122 -57.53 58.55 -29.89
N VAL A 1123 -58.13 57.41 -30.16
CA VAL A 1123 -57.84 56.23 -29.37
C VAL A 1123 -57.19 55.19 -30.25
N THR A 1124 -56.09 54.62 -29.81
CA THR A 1124 -55.43 53.64 -30.65
C THR A 1124 -54.98 52.42 -29.87
N GLN A 1125 -54.51 51.42 -30.60
CA GLN A 1125 -54.02 50.20 -29.98
C GLN A 1125 -52.63 50.42 -29.43
N ARG A 1126 -52.26 49.65 -28.43
CA ARG A 1126 -51.00 49.86 -27.75
C ARG A 1126 -49.72 49.55 -28.53
N ASN A 1127 -49.70 48.49 -29.34
CA ASN A 1127 -48.45 48.07 -29.97
C ASN A 1127 -48.25 48.49 -31.43
N PHE A 1128 -49.12 49.33 -31.97
CA PHE A 1128 -48.97 49.80 -33.33
C PHE A 1128 -49.91 50.96 -33.61
N TYR A 1129 -49.37 52.15 -33.81
CA TYR A 1129 -50.16 53.35 -33.93
C TYR A 1129 -51.07 53.31 -35.13
N GLU A 1130 -52.36 53.44 -34.85
CA GLU A 1130 -53.39 53.42 -35.85
C GLU A 1130 -54.64 54.09 -35.27
N PRO A 1131 -54.68 55.42 -35.25
CA PRO A 1131 -55.60 56.25 -34.50
C PRO A 1131 -57.02 56.12 -34.97
N GLN A 1132 -57.94 55.99 -34.03
CA GLN A 1132 -59.36 55.91 -34.33
C GLN A 1132 -60.08 57.09 -33.72
N ILE A 1133 -61.24 57.41 -34.28
CA ILE A 1133 -62.06 58.43 -33.67
C ILE A 1133 -62.59 57.90 -32.35
N ILE A 1134 -62.57 58.73 -31.32
CA ILE A 1134 -63.06 58.31 -30.03
C ILE A 1134 -64.57 58.32 -30.06
N THR A 1135 -65.15 57.16 -29.85
CA THR A 1135 -66.59 56.98 -29.91
C THR A 1135 -67.08 56.15 -28.76
N THR A 1136 -68.38 56.05 -28.63
CA THR A 1136 -69.00 55.25 -27.59
C THR A 1136 -68.79 53.75 -27.83
N ASP A 1137 -68.35 53.39 -29.04
CA ASP A 1137 -68.10 52.00 -29.36
C ASP A 1137 -66.63 51.64 -29.14
N ASN A 1138 -65.83 52.64 -28.75
CA ASN A 1138 -64.41 52.41 -28.47
C ASN A 1138 -64.12 52.52 -26.98
N THR A 1139 -64.95 53.29 -26.28
CA THR A 1139 -64.74 53.55 -24.87
C THR A 1139 -65.93 53.11 -24.02
N PHE A 1140 -65.70 52.96 -22.73
CA PHE A 1140 -66.75 52.62 -21.78
C PHE A 1140 -66.77 53.65 -20.67
N VAL A 1141 -67.90 53.77 -19.99
CA VAL A 1141 -68.03 54.80 -18.97
C VAL A 1141 -68.09 54.26 -17.57
N SER A 1142 -67.31 54.89 -16.70
CA SER A 1142 -67.34 54.55 -15.28
C SER A 1142 -66.85 55.71 -14.43
N GLY A 1143 -67.48 55.94 -13.29
CA GLY A 1143 -67.05 57.00 -12.40
C GLY A 1143 -67.34 58.35 -13.02
N ASN A 1144 -66.56 59.36 -12.66
CA ASN A 1144 -66.79 60.69 -13.20
C ASN A 1144 -65.48 61.51 -13.23
N CYS A 1145 -65.59 62.71 -13.80
CA CYS A 1145 -64.47 63.62 -14.05
C CYS A 1145 -63.85 64.21 -12.79
N ASP A 1146 -64.51 64.06 -11.65
CA ASP A 1146 -63.96 64.60 -10.41
C ASP A 1146 -63.15 63.56 -9.67
N VAL A 1147 -63.08 62.35 -10.23
CA VAL A 1147 -62.37 61.26 -9.60
C VAL A 1147 -61.07 60.93 -10.31
N VAL A 1148 -61.13 60.83 -11.63
CA VAL A 1148 -59.95 60.41 -12.39
C VAL A 1148 -58.89 61.51 -12.43
N ILE A 1149 -57.66 61.14 -12.10
CA ILE A 1149 -56.55 62.07 -12.09
C ILE A 1149 -55.95 62.22 -13.49
N GLY A 1150 -55.87 63.46 -13.97
CA GLY A 1150 -55.30 63.69 -15.29
C GLY A 1150 -56.29 63.52 -16.44
N ILE A 1151 -57.56 63.55 -16.14
CA ILE A 1151 -58.60 63.42 -17.16
C ILE A 1151 -58.67 64.68 -18.01
N VAL A 1152 -58.87 64.52 -19.31
CA VAL A 1152 -58.92 65.69 -20.19
C VAL A 1152 -60.28 65.82 -20.86
N ASN A 1153 -60.63 67.05 -21.27
CA ASN A 1153 -61.90 67.38 -21.91
C ASN A 1153 -61.85 67.16 -23.43
N ASN A 1154 -62.82 66.40 -23.95
CA ASN A 1154 -62.94 66.12 -25.40
C ASN A 1154 -64.39 65.85 -25.73
N THR A 1155 -64.65 65.59 -27.00
CA THR A 1155 -65.98 65.24 -27.44
C THR A 1155 -66.00 63.80 -27.91
N VAL A 1156 -66.83 62.99 -27.29
CA VAL A 1156 -66.95 61.60 -27.67
C VAL A 1156 -68.11 61.45 -28.64
N TYR A 1157 -67.83 60.84 -29.77
CA TYR A 1157 -68.80 60.70 -30.83
C TYR A 1157 -69.75 59.52 -30.62
N ASP A 1158 -71.04 59.77 -30.88
CA ASP A 1158 -72.06 58.74 -30.81
C ASP A 1158 -72.59 58.42 -32.21
N PRO A 1159 -72.20 57.28 -32.83
CA PRO A 1159 -72.57 56.82 -34.16
C PRO A 1159 -74.07 56.69 -34.36
N LEU A 1160 -74.84 56.60 -33.28
CA LEU A 1160 -76.28 56.46 -33.39
C LEU A 1160 -77.00 57.77 -33.70
N GLN A 1161 -76.50 58.89 -33.20
CA GLN A 1161 -77.29 60.10 -33.33
C GLN A 1161 -77.56 60.52 -34.78
N PRO A 1162 -76.60 60.41 -35.73
CA PRO A 1162 -76.76 60.70 -37.14
C PRO A 1162 -77.74 59.76 -37.84
N GLU A 1163 -78.01 58.60 -37.22
CA GLU A 1163 -78.92 57.62 -37.82
C GLU A 1163 -80.39 57.87 -37.45
N LEU A 1164 -80.63 58.39 -36.23
CA LEU A 1164 -81.96 58.66 -35.68
C LEU A 1164 -82.65 59.77 -36.47
N GLU B 1 31.44 24.08 -0.33
CA GLU B 1 32.69 24.06 -1.08
C GLU B 1 33.66 25.12 -0.51
N VAL B 2 34.71 24.65 0.18
CA VAL B 2 35.75 25.50 0.79
C VAL B 2 37.05 25.42 0.03
N GLN B 3 37.59 26.57 -0.31
CA GLN B 3 38.83 26.64 -1.05
C GLN B 3 39.81 27.65 -0.48
N LEU B 4 41.09 27.31 -0.56
CA LEU B 4 42.19 28.18 -0.13
C LEU B 4 43.08 28.52 -1.33
N VAL B 5 43.38 29.80 -1.53
CA VAL B 5 44.22 30.25 -2.64
C VAL B 5 45.41 31.06 -2.15
N GLU B 6 46.63 30.62 -2.46
CA GLU B 6 47.80 31.32 -1.95
C GLU B 6 48.62 32.04 -3.01
N SER B 7 49.32 33.07 -2.57
CA SER B 7 50.23 33.84 -3.42
C SER B 7 51.27 34.57 -2.57
N GLY B 8 52.25 35.20 -3.23
CA GLY B 8 53.26 36.00 -2.55
C GLY B 8 54.63 35.33 -2.43
N GLY B 9 54.83 34.22 -3.12
CA GLY B 9 56.11 33.53 -3.07
C GLY B 9 57.10 34.14 -4.04
N GLY B 10 58.26 33.50 -4.18
CA GLY B 10 59.30 34.03 -5.05
C GLY B 10 60.67 34.04 -4.38
N LEU B 11 61.60 34.77 -4.99
CA LEU B 11 62.98 34.87 -4.50
C LEU B 11 63.22 36.17 -3.75
N VAL B 12 63.74 36.04 -2.53
CA VAL B 12 64.05 37.17 -1.66
C VAL B 12 65.49 37.03 -1.16
N GLN B 13 66.15 38.16 -0.93
CA GLN B 13 67.50 38.14 -0.40
C GLN B 13 67.45 37.89 1.11
N PRO B 14 68.50 37.33 1.72
CA PRO B 14 68.67 37.19 3.16
C PRO B 14 68.55 38.55 3.81
N GLY B 15 67.77 38.59 4.88
CA GLY B 15 67.53 39.82 5.62
C GLY B 15 66.34 40.58 5.05
N GLY B 16 65.81 40.11 3.92
CA GLY B 16 64.70 40.77 3.27
C GLY B 16 63.37 40.35 3.88
N SER B 17 62.28 40.78 3.26
CA SER B 17 60.97 40.47 3.78
C SER B 17 59.93 40.36 2.69
N LEU B 18 58.83 39.69 3.02
CA LEU B 18 57.71 39.57 2.10
C LEU B 18 56.44 39.20 2.84
N ARG B 19 55.30 39.39 2.20
CA ARG B 19 54.04 38.99 2.81
C ARG B 19 53.35 37.92 2.00
N LEU B 20 53.01 36.82 2.65
CA LEU B 20 52.27 35.76 2.01
C LEU B 20 50.79 35.96 2.30
N SER B 21 49.95 35.54 1.38
CA SER B 21 48.52 35.62 1.65
C SER B 21 47.81 34.36 1.20
N CYS B 22 46.69 34.07 1.88
CA CYS B 22 45.81 32.94 1.58
C CYS B 22 44.34 33.39 1.59
N ALA B 23 43.83 33.60 0.38
CA ALA B 23 42.46 34.06 0.20
C ALA B 23 41.57 32.86 0.31
N ALA B 24 40.36 33.03 0.82
CA ALA B 24 39.53 31.85 0.91
C ALA B 24 38.06 32.15 0.90
N SER B 25 37.28 31.13 0.58
CA SER B 25 35.83 31.24 0.58
C SER B 25 35.16 29.92 0.91
N GLY B 26 33.84 29.97 1.14
CA GLY B 26 33.05 28.79 1.47
C GLY B 26 32.77 28.68 2.97
N PHE B 27 33.30 29.63 3.72
CA PHE B 27 33.13 29.66 5.17
C PHE B 27 33.29 31.07 5.68
N THR B 28 32.85 31.30 6.92
CA THR B 28 33.07 32.58 7.55
C THR B 28 34.37 32.53 8.33
N PHE B 29 35.27 33.46 8.04
CA PHE B 29 36.59 33.44 8.67
C PHE B 29 36.53 33.60 10.18
N SER B 30 35.63 34.42 10.66
CA SER B 30 35.52 34.70 12.09
C SER B 30 35.10 33.49 12.90
N SER B 31 34.71 32.40 12.24
CA SER B 31 34.29 31.19 12.93
C SER B 31 35.41 30.15 13.04
N TYR B 32 36.55 30.39 12.38
CA TYR B 32 37.63 29.40 12.32
C TYR B 32 39.02 29.90 12.68
N TRP B 33 39.86 28.97 13.14
CA TRP B 33 41.26 29.24 13.44
C TRP B 33 42.06 29.17 12.15
N MET B 34 43.02 30.06 12.00
CA MET B 34 43.83 30.04 10.79
C MET B 34 45.30 29.80 11.13
N ASN B 35 45.96 28.99 10.32
CA ASN B 35 47.34 28.62 10.58
C ASN B 35 48.25 28.62 9.35
N TRP B 36 49.54 28.79 9.61
CA TRP B 36 50.57 28.56 8.60
C TRP B 36 51.44 27.39 9.03
N VAL B 37 51.68 26.49 8.08
CA VAL B 37 52.51 25.30 8.25
C VAL B 37 53.60 25.31 7.18
N ARG B 38 54.84 25.06 7.60
CA ARG B 38 55.96 25.12 6.67
C ARG B 38 56.56 23.75 6.35
N GLN B 39 57.02 23.60 5.11
CA GLN B 39 57.71 22.38 4.72
C GLN B 39 58.87 22.64 3.77
N ALA B 40 60.09 22.54 4.29
CA ALA B 40 61.27 22.74 3.44
C ALA B 40 61.38 21.53 2.52
N PRO B 41 61.93 21.66 1.31
CA PRO B 41 62.14 20.55 0.40
C PRO B 41 62.93 19.44 1.08
N GLY B 42 62.40 18.22 0.99
CA GLY B 42 63.03 17.05 1.58
C GLY B 42 62.77 16.90 3.07
N LYS B 43 61.99 17.80 3.65
CA LYS B 43 61.71 17.80 5.08
C LYS B 43 60.24 17.50 5.36
N GLY B 44 59.95 17.22 6.62
CA GLY B 44 58.58 16.96 7.04
C GLY B 44 57.87 18.27 7.35
N LEU B 45 56.72 18.19 7.98
CA LEU B 45 55.94 19.39 8.26
C LEU B 45 56.32 19.98 9.60
N GLU B 46 56.22 21.30 9.71
CA GLU B 46 56.36 21.96 10.99
C GLU B 46 55.41 23.15 11.05
N TRP B 47 54.94 23.47 12.24
CA TRP B 47 54.03 24.58 12.42
C TRP B 47 54.77 25.91 12.56
N VAL B 48 54.24 26.96 11.97
CA VAL B 48 54.84 28.29 12.08
C VAL B 48 54.06 29.24 12.97
N ALA B 49 52.77 29.41 12.68
CA ALA B 49 52.00 30.38 13.44
C ALA B 49 50.50 30.07 13.43
N ASN B 50 49.82 30.55 14.48
CA ASN B 50 48.38 30.38 14.69
C ASN B 50 47.71 31.67 15.14
N ILE B 51 46.60 32.00 14.48
CA ILE B 51 45.86 33.18 14.88
C ILE B 51 44.41 32.84 15.21
N LYS B 52 43.94 33.42 16.31
CA LYS B 52 42.59 33.17 16.82
C LYS B 52 41.51 33.72 15.91
N GLN B 53 40.33 33.13 16.02
CA GLN B 53 39.16 33.41 15.18
C GLN B 53 38.87 34.89 14.96
N ASP B 54 38.92 35.68 16.02
CA ASP B 54 38.64 37.10 15.93
C ASP B 54 39.89 37.97 15.88
N GLY B 55 41.05 37.33 15.79
CA GLY B 55 42.34 38.01 15.74
C GLY B 55 42.79 38.55 17.10
N SER B 56 42.08 38.16 18.17
CA SER B 56 42.36 38.67 19.50
C SER B 56 43.65 38.16 20.13
N GLU B 57 44.20 37.07 19.61
CA GLU B 57 45.43 36.48 20.15
C GLU B 57 46.23 35.76 19.05
N LYS B 58 47.55 35.69 19.24
CA LYS B 58 48.44 35.04 18.27
C LYS B 58 49.48 34.14 18.93
N TYR B 59 49.85 33.05 18.26
CA TYR B 59 50.85 32.12 18.76
C TYR B 59 51.91 31.83 17.69
N TYR B 60 53.16 31.66 18.12
CA TYR B 60 54.25 31.38 17.18
C TYR B 60 55.16 30.26 17.65
N VAL B 61 55.79 29.58 16.70
CA VAL B 61 56.85 28.65 17.02
C VAL B 61 58.10 29.45 17.34
N ASP B 62 58.88 28.99 18.32
CA ASP B 62 60.06 29.73 18.73
C ASP B 62 61.01 30.12 17.58
N SER B 63 61.12 29.25 16.59
CA SER B 63 62.07 29.48 15.49
C SER B 63 61.78 30.74 14.64
N VAL B 64 60.56 31.27 14.70
CA VAL B 64 60.22 32.45 13.91
C VAL B 64 59.81 33.61 14.82
N LYS B 65 59.97 33.41 16.12
CA LYS B 65 59.49 34.39 17.08
C LYS B 65 60.29 35.68 16.94
N GLY B 66 59.58 36.79 16.84
CA GLY B 66 60.19 38.10 16.71
C GLY B 66 60.48 38.45 15.24
N ARG B 67 60.25 37.50 14.34
CA ARG B 67 60.51 37.74 12.93
C ARG B 67 59.25 37.69 12.11
N PHE B 68 58.40 36.69 12.37
CA PHE B 68 57.19 36.53 11.57
C PHE B 68 55.98 37.02 12.35
N THR B 69 55.07 37.68 11.65
CA THR B 69 53.80 38.09 12.23
C THR B 69 52.62 37.51 11.47
N ILE B 70 51.72 36.86 12.20
CA ILE B 70 50.53 36.28 11.59
C ILE B 70 49.40 37.26 11.81
N SER B 71 48.65 37.52 10.76
CA SER B 71 47.55 38.45 10.85
C SER B 71 46.41 38.02 9.95
N ARG B 72 45.22 38.53 10.20
CA ARG B 72 44.08 38.15 9.38
C ARG B 72 43.12 39.30 9.21
N ASP B 73 42.35 39.24 8.15
CA ASP B 73 41.30 40.20 7.91
C ASP B 73 40.03 39.44 7.55
N ASN B 74 39.08 39.43 8.48
CA ASN B 74 37.87 38.63 8.32
C ASN B 74 36.87 39.28 7.37
N ALA B 75 37.13 40.53 6.99
CA ALA B 75 36.25 41.25 6.07
C ALA B 75 36.71 41.00 4.64
N LYS B 76 38.02 40.86 4.48
CA LYS B 76 38.64 40.63 3.18
C LYS B 76 38.74 39.15 2.87
N ASN B 77 38.31 38.34 3.83
CA ASN B 77 38.36 36.89 3.71
C ASN B 77 39.75 36.38 3.36
N SER B 78 40.77 36.85 4.07
CA SER B 78 42.11 36.37 3.79
C SER B 78 43.06 36.36 5.00
N LEU B 79 43.92 35.35 5.02
CA LEU B 79 44.97 35.14 6.01
C LEU B 79 46.31 35.65 5.50
N PHE B 80 47.09 36.32 6.36
CA PHE B 80 48.38 36.84 5.93
C PHE B 80 49.54 36.41 6.84
N LEU B 81 50.74 36.31 6.26
CA LEU B 81 51.94 36.10 7.07
C LEU B 81 53.04 37.06 6.63
N GLN B 82 53.46 37.93 7.54
CA GLN B 82 54.50 38.89 7.24
C GLN B 82 55.83 38.36 7.76
N MET B 83 56.73 38.03 6.85
CA MET B 83 57.99 37.43 7.28
C MET B 83 59.15 38.38 7.12
N ASN B 84 59.71 38.80 8.25
CA ASN B 84 60.81 39.75 8.24
C ASN B 84 62.14 39.05 8.51
N SER B 85 63.24 39.68 8.09
CA SER B 85 64.58 39.16 8.36
C SER B 85 64.70 37.69 7.96
N LEU B 86 64.21 37.36 6.76
CA LEU B 86 64.25 35.98 6.29
C LEU B 86 65.67 35.45 6.16
N ARG B 87 65.86 34.22 6.65
CA ARG B 87 67.15 33.56 6.66
C ARG B 87 67.21 32.44 5.62
N ALA B 88 68.42 31.97 5.30
CA ALA B 88 68.56 30.89 4.34
C ALA B 88 67.79 29.64 4.81
N GLU B 89 67.75 29.44 6.12
CA GLU B 89 67.07 28.32 6.74
C GLU B 89 65.56 28.37 6.58
N ASP B 90 65.03 29.52 6.17
CA ASP B 90 63.60 29.71 6.00
C ASP B 90 63.12 29.34 4.60
N THR B 91 64.03 28.84 3.75
CA THR B 91 63.57 28.40 2.43
C THR B 91 62.63 27.23 2.61
N ALA B 92 61.41 27.38 2.13
CA ALA B 92 60.40 26.35 2.32
C ALA B 92 59.13 26.63 1.56
N VAL B 93 58.27 25.62 1.48
CA VAL B 93 56.92 25.81 0.98
C VAL B 93 55.99 26.13 2.14
N TYR B 94 55.28 27.24 2.04
CA TYR B 94 54.36 27.67 3.07
C TYR B 94 52.92 27.36 2.74
N TYR B 95 52.28 26.58 3.58
CA TYR B 95 50.90 26.19 3.40
C TYR B 95 50.02 26.95 4.39
N CYS B 96 48.81 27.30 3.96
CA CYS B 96 47.79 27.84 4.85
C CYS B 96 46.79 26.73 5.13
N ALA B 97 46.18 26.77 6.30
CA ALA B 97 45.21 25.76 6.62
C ALA B 97 44.13 26.24 7.60
N ARG B 98 42.97 25.63 7.48
CA ARG B 98 41.81 25.88 8.34
C ARG B 98 41.70 24.86 9.44
N VAL B 99 41.53 25.35 10.66
CA VAL B 99 41.36 24.53 11.85
C VAL B 99 40.03 24.79 12.57
N TRP B 100 39.26 23.72 12.79
CA TRP B 100 37.96 23.84 13.47
C TRP B 100 38.12 24.38 14.89
N TRP B 101 39.00 23.76 15.66
CA TRP B 101 39.25 24.20 17.02
C TRP B 101 40.73 24.04 17.35
N LEU B 102 41.19 24.73 18.37
CA LEU B 102 42.64 24.84 18.62
C LEU B 102 43.40 23.52 18.66
N ARG B 103 42.83 22.49 19.28
CA ARG B 103 43.55 21.23 19.42
C ARG B 103 43.00 20.17 18.49
N GLY B 104 42.24 20.60 17.49
CA GLY B 104 41.66 19.70 16.53
C GLY B 104 42.55 19.57 15.30
N SER B 105 41.96 19.12 14.21
CA SER B 105 42.69 18.87 12.98
C SER B 105 42.73 20.06 12.03
N PHE B 106 43.61 19.96 11.05
CA PHE B 106 43.69 20.91 9.96
C PHE B 106 42.83 20.35 8.84
N ASP B 107 41.64 20.92 8.68
CA ASP B 107 40.62 20.34 7.81
C ASP B 107 40.87 20.68 6.35
N TYR B 108 41.36 21.88 6.09
CA TYR B 108 41.62 22.29 4.72
C TYR B 108 43.01 22.84 4.57
N TRP B 109 43.65 22.48 3.46
CA TRP B 109 45.00 22.92 3.17
C TRP B 109 45.09 23.57 1.80
N GLY B 110 45.98 24.54 1.69
CA GLY B 110 46.26 25.19 0.42
C GLY B 110 47.21 24.33 -0.38
N GLN B 111 47.77 24.86 -1.47
CA GLN B 111 48.67 24.07 -2.30
C GLN B 111 50.13 24.29 -1.94
N GLY B 112 50.41 25.43 -1.33
CA GLY B 112 51.76 25.74 -0.87
C GLY B 112 52.47 26.76 -1.73
N THR B 113 52.98 27.80 -1.08
CA THR B 113 53.69 28.87 -1.75
C THR B 113 55.19 28.80 -1.45
N LEU B 114 56.01 28.71 -2.48
CA LEU B 114 57.44 28.54 -2.25
C LEU B 114 58.18 29.85 -2.10
N VAL B 115 58.90 29.96 -0.99
CA VAL B 115 59.74 31.09 -0.69
C VAL B 115 61.20 30.66 -0.63
N THR B 116 62.02 31.28 -1.47
CA THR B 116 63.44 30.94 -1.51
C THR B 116 64.27 32.12 -1.06
N VAL B 117 65.18 31.88 -0.12
CA VAL B 117 66.02 32.93 0.39
C VAL B 117 67.45 32.74 -0.11
N SER B 118 67.93 33.69 -0.90
CA SER B 118 69.26 33.59 -1.51
C SER B 118 69.82 34.90 -2.00
N SER B 119 71.09 35.15 -1.69
CA SER B 119 71.80 36.34 -2.15
C SER B 119 72.54 36.10 -3.46
N ALA B 120 72.49 34.86 -3.92
CA ALA B 120 73.22 34.46 -5.12
C ALA B 120 72.68 35.16 -6.36
N SER B 121 73.61 35.51 -7.24
CA SER B 121 73.30 36.08 -8.54
C SER B 121 73.24 34.94 -9.54
N THR B 122 72.76 35.20 -10.75
CA THR B 122 72.73 34.14 -11.73
C THR B 122 74.15 33.77 -12.16
N LYS B 123 74.48 32.49 -12.11
CA LYS B 123 75.80 32.01 -12.46
C LYS B 123 75.74 30.64 -13.15
N GLY B 124 76.62 30.41 -14.11
CA GLY B 124 76.68 29.11 -14.74
C GLY B 124 77.49 28.17 -13.84
N PRO B 125 77.31 26.85 -14.00
CA PRO B 125 77.98 25.79 -13.27
C PRO B 125 79.42 25.58 -13.66
N SER B 126 80.17 25.03 -12.71
CA SER B 126 81.49 24.50 -12.96
C SER B 126 81.35 22.99 -12.91
N VAL B 127 82.04 22.27 -13.78
CA VAL B 127 81.88 20.83 -13.77
C VAL B 127 83.18 20.14 -13.51
N PHE B 128 83.15 19.20 -12.59
CA PHE B 128 84.32 18.42 -12.23
C PHE B 128 83.97 16.95 -12.43
N PRO B 129 84.84 16.15 -13.04
CA PRO B 129 84.63 14.74 -13.30
C PRO B 129 84.68 13.96 -12.00
N LEU B 130 83.87 12.93 -11.90
CA LEU B 130 83.90 12.01 -10.78
C LEU B 130 84.41 10.65 -11.23
N ALA B 131 85.69 10.38 -10.96
CA ALA B 131 86.32 9.16 -11.43
C ALA B 131 86.17 8.04 -10.40
N PRO B 132 85.86 6.80 -10.82
CA PRO B 132 85.83 5.62 -9.98
C PRO B 132 87.22 5.22 -9.54
N SER B 133 87.32 4.67 -8.34
CA SER B 133 88.59 4.15 -7.85
C SER B 133 88.75 2.68 -8.23
N SER B 134 89.98 2.19 -8.16
CA SER B 134 90.27 0.80 -8.51
C SER B 134 89.55 -0.18 -7.57
N LYS B 135 89.29 0.24 -6.34
CA LYS B 135 88.61 -0.61 -5.38
C LYS B 135 87.21 -1.00 -5.84
N SER B 136 86.51 -0.09 -6.51
CA SER B 136 85.17 -0.39 -6.97
C SER B 136 85.21 -1.02 -8.36
N THR B 137 86.19 -0.61 -9.16
CA THR B 137 86.34 -1.08 -10.52
C THR B 137 86.58 -2.58 -10.55
N SER B 138 87.36 -3.08 -9.59
CA SER B 138 87.74 -4.48 -9.49
C SER B 138 86.55 -5.41 -9.28
N GLY B 139 85.39 -4.86 -8.93
CA GLY B 139 84.20 -5.68 -8.70
C GLY B 139 83.60 -6.24 -9.99
N GLY B 140 84.05 -5.74 -11.14
CA GLY B 140 83.58 -6.19 -12.45
C GLY B 140 82.63 -5.20 -13.10
N THR B 141 82.04 -4.33 -12.30
CA THR B 141 81.15 -3.27 -12.77
C THR B 141 81.69 -1.95 -12.26
N ALA B 142 81.24 -0.85 -12.83
CA ALA B 142 81.73 0.43 -12.37
C ALA B 142 80.76 1.55 -12.66
N ALA B 143 80.93 2.66 -11.96
CA ALA B 143 80.14 3.83 -12.25
C ALA B 143 81.04 5.04 -12.31
N LEU B 144 80.72 5.96 -13.20
CA LEU B 144 81.46 7.20 -13.32
C LEU B 144 80.49 8.33 -13.58
N GLY B 145 80.81 9.53 -13.14
CA GLY B 145 79.85 10.62 -13.31
C GLY B 145 80.49 11.99 -13.27
N CYS B 146 79.66 13.02 -13.17
CA CYS B 146 80.05 14.44 -13.12
C CYS B 146 79.42 15.15 -11.94
N LEU B 147 80.17 16.04 -11.32
CA LEU B 147 79.67 16.93 -10.29
C LEU B 147 79.46 18.32 -10.88
N VAL B 148 78.25 18.82 -10.74
CA VAL B 148 77.89 20.13 -11.25
C VAL B 148 77.74 21.06 -10.04
N LYS B 149 78.60 22.07 -9.97
CA LYS B 149 78.63 22.86 -8.75
C LYS B 149 78.60 24.38 -8.96
N ASP B 150 78.14 25.08 -7.93
CA ASP B 150 78.11 26.54 -7.83
C ASP B 150 77.31 27.26 -8.90
N TYR B 151 76.11 26.77 -9.22
CA TYR B 151 75.26 27.45 -10.20
C TYR B 151 74.02 28.01 -9.56
N PHE B 152 73.42 28.99 -10.22
CA PHE B 152 72.18 29.57 -9.72
C PHE B 152 71.43 30.28 -10.82
N PRO B 153 70.10 30.13 -10.87
CA PRO B 153 69.17 29.27 -10.15
C PRO B 153 69.02 27.91 -10.81
N GLU B 154 68.13 27.10 -10.27
CA GLU B 154 67.71 25.84 -10.88
C GLU B 154 66.91 26.12 -12.15
N PRO B 155 66.72 25.11 -13.02
CA PRO B 155 67.28 23.76 -13.09
C PRO B 155 68.58 23.66 -13.88
N VAL B 156 69.22 22.49 -13.79
CA VAL B 156 70.29 22.08 -14.71
C VAL B 156 69.96 20.73 -15.33
N THR B 157 70.13 20.63 -16.65
CA THR B 157 69.88 19.39 -17.37
C THR B 157 71.22 18.74 -17.75
N VAL B 158 71.35 17.44 -17.47
CA VAL B 158 72.59 16.75 -17.79
C VAL B 158 72.33 15.49 -18.61
N SER B 159 73.09 15.32 -19.68
CA SER B 159 72.97 14.12 -20.52
C SER B 159 74.36 13.63 -20.92
N TRP B 160 74.47 12.39 -21.39
CA TRP B 160 75.77 11.88 -21.78
C TRP B 160 75.93 11.71 -23.28
N ASN B 161 77.11 12.06 -23.78
CA ASN B 161 77.48 11.93 -25.18
C ASN B 161 76.43 12.58 -26.10
N SER B 162 76.00 13.78 -25.71
CA SER B 162 75.02 14.60 -26.42
C SER B 162 73.68 13.90 -26.63
N GLY B 163 73.30 13.02 -25.69
CA GLY B 163 72.02 12.35 -25.76
C GLY B 163 72.14 10.96 -26.37
N ALA B 164 73.33 10.65 -26.90
CA ALA B 164 73.57 9.34 -27.49
C ALA B 164 73.56 8.24 -26.43
N LEU B 165 74.01 8.56 -25.22
CA LEU B 165 74.08 7.56 -24.18
C LEU B 165 72.96 7.81 -23.16
N THR B 166 71.95 6.95 -23.20
CA THR B 166 70.80 7.09 -22.32
C THR B 166 70.64 5.87 -21.41
N SER B 167 71.32 4.78 -21.76
CA SER B 167 71.19 3.53 -21.02
C SER B 167 72.08 3.51 -19.80
N GLY B 168 71.51 3.25 -18.63
CA GLY B 168 72.27 3.24 -17.40
C GLY B 168 72.57 4.66 -16.93
N VAL B 169 71.71 5.61 -17.28
CA VAL B 169 71.95 7.00 -16.95
C VAL B 169 70.91 7.59 -16.02
N HIS B 170 71.40 8.29 -14.99
CA HIS B 170 70.51 8.96 -14.06
C HIS B 170 71.06 10.30 -13.60
N THR B 171 70.19 11.31 -13.59
CA THR B 171 70.55 12.63 -13.08
C THR B 171 69.90 12.82 -11.74
N PHE B 172 70.69 13.17 -10.75
CA PHE B 172 70.20 13.32 -9.39
C PHE B 172 69.61 14.71 -9.20
N PRO B 173 68.64 14.87 -8.28
CA PRO B 173 68.09 16.13 -7.83
C PRO B 173 69.19 17.01 -7.27
N ALA B 174 69.01 18.31 -7.39
CA ALA B 174 69.98 19.28 -6.87
C ALA B 174 69.74 19.56 -5.40
N VAL B 175 70.77 20.06 -4.74
CA VAL B 175 70.67 20.52 -3.37
C VAL B 175 71.07 21.99 -3.30
N LEU B 176 70.55 22.69 -2.30
CA LEU B 176 70.90 24.10 -2.09
C LEU B 176 71.94 24.23 -1.00
N GLN B 177 73.06 24.86 -1.34
CA GLN B 177 74.16 25.07 -0.42
C GLN B 177 73.90 26.32 0.41
N SER B 178 74.58 26.45 1.54
CA SER B 178 74.44 27.59 2.43
C SER B 178 74.91 28.89 1.77
N SER B 179 75.65 28.77 0.67
CA SER B 179 76.17 29.91 -0.07
C SER B 179 75.11 30.52 -0.98
N GLY B 180 73.96 29.85 -1.13
CA GLY B 180 72.87 30.31 -1.99
C GLY B 180 72.95 29.69 -3.37
N LEU B 181 73.98 28.89 -3.59
CA LEU B 181 74.20 28.24 -4.88
C LEU B 181 73.73 26.79 -4.83
N TYR B 182 73.47 26.23 -6.00
CA TYR B 182 73.01 24.86 -6.12
C TYR B 182 74.08 23.92 -6.66
N SER B 183 73.93 22.64 -6.33
CA SER B 183 74.80 21.59 -6.86
C SER B 183 74.04 20.30 -7.12
N LEU B 184 74.49 19.54 -8.11
CA LEU B 184 73.88 18.24 -8.43
C LEU B 184 74.90 17.33 -9.08
N SER B 185 74.51 16.12 -9.39
CA SER B 185 75.41 15.19 -10.05
C SER B 185 74.65 14.29 -11.02
N SER B 186 75.41 13.67 -11.91
CA SER B 186 74.88 12.73 -12.89
C SER B 186 75.81 11.55 -13.06
N VAL B 187 75.27 10.35 -13.14
CA VAL B 187 76.10 9.16 -13.25
C VAL B 187 75.68 8.25 -14.40
N VAL B 188 76.67 7.61 -15.00
CA VAL B 188 76.43 6.58 -16.00
C VAL B 188 77.04 5.26 -15.52
N THR B 189 76.23 4.21 -15.56
CA THR B 189 76.66 2.88 -15.13
C THR B 189 77.30 2.13 -16.29
N VAL B 190 78.48 1.57 -16.05
CA VAL B 190 79.22 0.88 -17.09
C VAL B 190 79.77 -0.46 -16.62
N PRO B 191 80.14 -1.37 -17.53
CA PRO B 191 81.01 -2.51 -17.30
C PRO B 191 82.37 -1.96 -16.87
N SER B 192 83.06 -2.62 -15.96
CA SER B 192 84.36 -2.09 -15.54
C SER B 192 85.37 -2.03 -16.67
N SER B 193 85.27 -2.97 -17.61
CA SER B 193 86.20 -3.06 -18.73
C SER B 193 86.02 -1.95 -19.75
N SER B 194 84.91 -1.23 -19.72
CA SER B 194 84.68 -0.20 -20.72
C SER B 194 85.26 1.14 -20.29
N LEU B 195 85.69 1.25 -19.03
CA LEU B 195 86.15 2.54 -18.51
C LEU B 195 87.34 3.09 -19.28
N GLY B 196 88.24 2.21 -19.71
CA GLY B 196 89.43 2.62 -20.41
C GLY B 196 89.32 2.56 -21.93
N THR B 197 88.14 2.22 -22.47
CA THR B 197 88.02 2.10 -23.93
C THR B 197 86.90 2.96 -24.52
N GLN B 198 85.88 3.27 -23.73
CA GLN B 198 84.76 4.04 -24.22
C GLN B 198 84.83 5.49 -23.77
N THR B 199 84.16 6.36 -24.51
CA THR B 199 84.12 7.78 -24.19
C THR B 199 82.88 8.14 -23.40
N TYR B 200 83.09 8.80 -22.27
CA TYR B 200 82.02 9.23 -21.38
C TYR B 200 82.10 10.72 -21.08
N ILE B 201 81.43 11.51 -21.90
CA ILE B 201 81.42 12.95 -21.73
C ILE B 201 80.04 13.42 -21.29
N CYS B 202 79.96 14.17 -20.17
CA CYS B 202 78.70 14.70 -19.68
C CYS B 202 78.49 16.08 -20.26
N ASN B 203 77.24 16.38 -20.58
CA ASN B 203 76.87 17.65 -21.15
C ASN B 203 75.95 18.37 -20.20
N VAL B 204 76.49 19.37 -19.53
CA VAL B 204 75.78 20.09 -18.50
C VAL B 204 75.25 21.40 -19.03
N ASN B 205 73.92 21.55 -18.99
CA ASN B 205 73.25 22.71 -19.56
C ASN B 205 72.48 23.54 -18.54
N HIS B 206 72.89 24.80 -18.39
CA HIS B 206 72.24 25.72 -17.48
C HIS B 206 71.69 26.91 -18.25
N LYS B 207 70.40 26.86 -18.55
CA LYS B 207 69.77 27.84 -19.42
C LYS B 207 69.87 29.30 -18.96
N PRO B 208 69.65 29.64 -17.67
CA PRO B 208 69.65 30.99 -17.13
C PRO B 208 70.94 31.78 -17.38
N SER B 209 72.06 31.09 -17.63
CA SER B 209 73.31 31.79 -17.84
C SER B 209 73.90 31.48 -19.20
N ASN B 210 73.13 30.78 -20.04
CA ASN B 210 73.61 30.35 -21.35
C ASN B 210 74.95 29.60 -21.25
N THR B 211 75.05 28.71 -20.26
CA THR B 211 76.30 27.97 -20.05
C THR B 211 76.18 26.50 -20.38
N LYS B 212 77.13 26.01 -21.18
CA LYS B 212 77.20 24.61 -21.55
C LYS B 212 78.61 24.09 -21.30
N VAL B 213 78.72 23.04 -20.49
CA VAL B 213 80.02 22.49 -20.17
C VAL B 213 80.12 21.01 -20.55
N ASP B 214 81.13 20.70 -21.36
CA ASP B 214 81.36 19.33 -21.83
C ASP B 214 82.55 18.72 -21.09
N LYS B 215 82.29 17.76 -20.22
CA LYS B 215 83.39 17.22 -19.41
C LYS B 215 83.57 15.71 -19.53
N LYS B 216 84.77 15.30 -19.94
CA LYS B 216 85.11 13.89 -20.08
C LYS B 216 85.50 13.30 -18.72
N VAL B 217 84.95 12.13 -18.42
CA VAL B 217 85.27 11.48 -17.15
C VAL B 217 86.06 10.20 -17.40
N GLU B 218 87.23 10.11 -16.78
CA GLU B 218 88.12 8.97 -16.91
C GLU B 218 88.28 8.29 -15.56
N PRO B 219 88.60 6.98 -15.52
CA PRO B 219 88.87 6.18 -14.33
C PRO B 219 90.16 6.60 -13.64
N LYS B 220 90.23 6.40 -12.31
CA LYS B 220 91.43 6.65 -11.51
C LYS B 220 92.15 5.32 -11.25
N ASN C 1 61.02 21.09 24.76
CA ASN C 1 59.62 21.18 24.36
C ASN C 1 59.20 19.83 23.78
N PHE C 2 57.88 19.54 23.77
CA PHE C 2 57.34 18.28 23.24
C PHE C 2 57.58 18.16 21.75
N MET C 3 58.08 17.00 21.33
CA MET C 3 58.38 16.73 19.93
C MET C 3 57.91 15.34 19.52
N LEU C 4 57.65 15.18 18.23
CA LEU C 4 57.25 13.91 17.65
C LEU C 4 58.28 13.40 16.66
N THR C 5 58.52 12.09 16.67
CA THR C 5 59.43 11.46 15.73
C THR C 5 58.79 10.28 15.02
N GLN C 6 59.26 9.99 13.80
CA GLN C 6 58.74 8.90 12.99
C GLN C 6 59.85 8.12 12.30
N PRO C 7 59.63 6.84 11.95
CA PRO C 7 60.52 6.00 11.15
C PRO C 7 60.55 6.51 9.72
N HIS C 8 61.72 6.50 9.10
CA HIS C 8 61.83 6.98 7.73
C HIS C 8 61.24 6.03 6.71
N SER C 9 61.67 4.77 6.74
CA SER C 9 61.28 3.81 5.72
C SER C 9 60.26 2.79 6.19
N VAL C 10 59.06 2.87 5.64
CA VAL C 10 57.99 1.93 5.94
C VAL C 10 57.42 1.38 4.64
N SER C 11 57.33 0.06 4.54
CA SER C 11 56.79 -0.51 3.31
C SER C 11 56.11 -1.84 3.57
N GLU C 12 55.18 -2.17 2.69
CA GLU C 12 54.46 -3.45 2.75
C GLU C 12 53.86 -3.79 1.38
N SER C 13 53.58 -5.07 1.16
CA SER C 13 52.95 -5.57 -0.05
C SER C 13 51.53 -5.04 -0.22
N PRO C 14 51.07 -4.84 -1.46
CA PRO C 14 49.72 -4.42 -1.80
C PRO C 14 48.73 -5.46 -1.33
N GLY C 15 47.61 -4.99 -0.82
CA GLY C 15 46.54 -5.86 -0.32
C GLY C 15 46.74 -6.20 1.16
N LYS C 16 47.90 -5.86 1.72
CA LYS C 16 48.23 -6.17 3.10
C LYS C 16 48.13 -4.95 3.99
N THR C 17 48.26 -5.15 5.29
CA THR C 17 48.16 -4.05 6.25
C THR C 17 49.52 -3.59 6.75
N VAL C 18 49.74 -2.29 6.70
CA VAL C 18 51.00 -1.70 7.16
C VAL C 18 50.76 -0.76 8.33
N THR C 19 51.68 -0.79 9.30
CA THR C 19 51.54 0.10 10.45
C THR C 19 52.55 1.23 10.41
N ILE C 20 52.04 2.45 10.50
CA ILE C 20 52.87 3.65 10.55
C ILE C 20 52.81 4.25 11.93
N SER C 21 53.95 4.30 12.60
CA SER C 21 53.97 4.75 13.98
C SER C 21 54.60 6.14 14.14
N CYS C 22 54.30 6.76 15.29
CA CYS C 22 54.82 8.06 15.72
C CYS C 22 55.00 8.04 17.23
N THR C 23 56.14 8.51 17.72
CA THR C 23 56.38 8.51 19.15
C THR C 23 56.62 9.92 19.66
N GLY C 24 56.32 10.14 20.93
CA GLY C 24 56.56 11.46 21.50
C GLY C 24 57.68 11.46 22.52
N SER C 25 58.21 12.65 22.78
CA SER C 25 59.21 12.85 23.81
C SER C 25 59.03 14.23 24.43
N SER C 26 59.52 14.39 25.67
CA SER C 26 59.44 15.64 26.42
C SER C 26 57.99 16.10 26.60
N GLY C 27 57.11 15.16 26.90
CA GLY C 27 55.69 15.42 27.15
C GLY C 27 54.90 14.17 26.81
N SER C 28 53.58 14.20 27.06
CA SER C 28 52.72 13.04 26.85
C SER C 28 51.81 13.18 25.62
N ILE C 29 52.00 12.29 24.66
CA ILE C 29 51.24 12.32 23.40
C ILE C 29 49.74 12.08 23.64
N ALA C 30 49.43 11.26 24.64
CA ALA C 30 48.06 10.87 24.94
C ALA C 30 47.28 11.93 25.72
N SER C 31 47.89 13.08 26.01
CA SER C 31 47.17 14.12 26.75
C SER C 31 46.33 14.99 25.82
N ASN C 32 46.50 14.80 24.52
CA ASN C 32 45.82 15.59 23.50
C ASN C 32 45.43 14.70 22.34
N TYR C 33 44.82 15.28 21.33
CA TYR C 33 44.40 14.50 20.17
C TYR C 33 45.52 14.28 19.17
N VAL C 34 45.51 13.12 18.53
CA VAL C 34 46.48 12.84 17.48
C VAL C 34 45.84 12.76 16.10
N GLN C 35 46.41 13.52 15.17
CA GLN C 35 46.00 13.55 13.78
C GLN C 35 47.01 12.85 12.89
N TRP C 36 46.52 12.33 11.77
CA TRP C 36 47.39 11.76 10.75
C TRP C 36 47.06 12.36 9.39
N TYR C 37 48.11 12.73 8.67
CA TYR C 37 47.99 13.35 7.36
C TYR C 37 48.67 12.56 6.28
N GLN C 38 48.15 12.64 5.07
CA GLN C 38 48.76 11.98 3.92
C GLN C 38 49.03 12.95 2.80
N GLN C 39 50.31 13.08 2.45
CA GLN C 39 50.75 13.96 1.38
C GLN C 39 51.22 13.20 0.16
N ARG C 40 50.40 13.19 -0.88
CA ARG C 40 50.85 12.53 -2.09
C ARG C 40 51.80 13.52 -2.77
N PRO C 41 52.87 13.06 -3.43
CA PRO C 41 53.84 13.90 -4.10
C PRO C 41 53.15 14.86 -5.06
N GLY C 42 53.59 16.11 -5.05
CA GLY C 42 53.04 17.13 -5.93
C GLY C 42 52.02 18.06 -5.27
N SER C 43 51.50 17.69 -4.09
CA SER C 43 50.51 18.56 -3.45
C SER C 43 50.63 18.63 -1.93
N ALA C 44 49.61 19.19 -1.29
CA ALA C 44 49.54 19.41 0.14
C ALA C 44 49.11 18.15 0.88
N PRO C 45 49.45 18.00 2.16
CA PRO C 45 48.95 16.97 3.05
C PRO C 45 47.49 17.20 3.35
N THR C 46 46.73 16.13 3.48
CA THR C 46 45.33 16.27 3.88
C THR C 46 45.02 15.31 5.03
N THR C 47 43.95 15.58 5.76
CA THR C 47 43.59 14.73 6.90
C THR C 47 43.11 13.37 6.44
N VAL C 48 43.63 12.34 7.07
CA VAL C 48 43.18 10.98 6.84
C VAL C 48 42.45 10.51 8.08
N ILE C 49 43.11 10.71 9.22
CA ILE C 49 42.55 10.36 10.52
C ILE C 49 42.66 11.58 11.44
N TYR C 50 41.62 11.84 12.20
CA TYR C 50 41.69 12.92 13.16
C TYR C 50 41.09 12.55 14.49
N GLU C 51 41.54 13.24 15.53
CA GLU C 51 41.06 12.98 16.87
C GLU C 51 41.12 11.48 17.16
N ASP C 52 42.29 10.91 16.89
CA ASP C 52 42.65 9.52 17.14
C ASP C 52 42.04 8.51 16.16
N ASN C 53 40.71 8.48 16.05
CA ASN C 53 40.06 7.45 15.24
C ASN C 53 38.93 7.91 14.31
N GLN C 54 38.85 9.19 13.99
CA GLN C 54 37.78 9.66 13.11
C GLN C 54 38.34 9.87 11.71
N ARG C 55 37.50 9.82 10.68
CA ARG C 55 38.01 10.10 9.34
C ARG C 55 37.01 10.97 8.57
N PRO C 56 37.49 11.88 7.70
CA PRO C 56 36.71 12.76 6.85
C PRO C 56 36.13 12.01 5.65
N SER C 57 35.09 12.58 5.06
CA SER C 57 34.51 11.98 3.87
C SER C 57 35.56 11.89 2.78
N GLY C 58 35.54 10.78 2.06
CA GLY C 58 36.49 10.54 0.98
C GLY C 58 37.58 9.56 1.43
N VAL C 59 37.69 9.37 2.75
CA VAL C 59 38.66 8.42 3.29
C VAL C 59 37.92 7.14 3.65
N PRO C 60 38.35 5.98 3.13
CA PRO C 60 37.76 4.67 3.33
C PRO C 60 38.07 4.13 4.71
N ASP C 61 37.38 3.05 5.07
CA ASP C 61 37.55 2.40 6.37
C ASP C 61 38.82 1.57 6.44
N ARG C 62 39.65 1.66 5.41
CA ARG C 62 40.95 1.01 5.40
C ARG C 62 41.90 1.76 6.32
N PHE C 63 41.53 2.99 6.68
CA PHE C 63 42.38 3.83 7.54
C PHE C 63 41.81 3.95 8.95
N SER C 64 42.58 3.48 9.92
CA SER C 64 42.18 3.52 11.33
C SER C 64 43.40 3.64 12.22
N GLY C 65 43.22 3.90 13.51
CA GLY C 65 44.37 4.03 14.40
C GLY C 65 43.99 4.15 15.88
N SER C 66 45.02 4.34 16.70
CA SER C 66 44.87 4.42 18.16
C SER C 66 46.09 5.05 18.82
N ILE C 67 45.97 5.37 20.11
CA ILE C 67 47.11 5.87 20.88
C ILE C 67 47.46 4.91 22.01
N ASP C 68 48.73 4.54 22.09
CA ASP C 68 49.24 3.66 23.13
C ASP C 68 49.80 4.53 24.25
N SER C 69 48.96 4.88 25.22
CA SER C 69 49.32 5.88 26.21
C SER C 69 50.47 5.46 27.11
N SER C 70 50.58 4.16 27.39
CA SER C 70 51.62 3.68 28.29
C SER C 70 52.99 3.65 27.63
N SER C 71 53.02 3.81 26.31
CA SER C 71 54.27 3.77 25.56
C SER C 71 54.58 5.16 25.03
N ASN C 72 53.72 6.13 25.37
CA ASN C 72 53.85 7.49 24.88
C ASN C 72 53.97 7.53 23.36
N SER C 73 53.13 6.76 22.69
CA SER C 73 53.17 6.68 21.23
C SER C 73 51.81 6.44 20.62
N ALA C 74 51.73 6.58 19.31
CA ALA C 74 50.50 6.42 18.55
C ALA C 74 50.79 5.83 17.18
N SER C 75 49.78 5.24 16.55
CA SER C 75 49.97 4.69 15.22
C SER C 75 48.69 4.62 14.41
N LEU C 76 48.84 4.48 13.09
CA LEU C 76 47.70 4.19 12.23
C LEU C 76 48.02 2.94 11.43
N THR C 77 46.97 2.25 11.04
CA THR C 77 47.14 1.10 10.18
C THR C 77 46.39 1.33 8.88
N ILE C 78 46.99 0.90 7.78
CA ILE C 78 46.34 1.01 6.49
C ILE C 78 46.16 -0.37 5.89
N SER C 79 44.93 -0.85 5.87
CA SER C 79 44.66 -2.19 5.36
C SER C 79 44.43 -2.14 3.87
N GLY C 80 44.53 -3.28 3.20
CA GLY C 80 44.16 -3.32 1.79
C GLY C 80 45.00 -2.36 0.96
N LEU C 81 46.30 -2.27 1.22
CA LEU C 81 47.11 -1.28 0.53
C LEU C 81 46.96 -1.29 -0.98
N LYS C 82 46.80 -0.09 -1.52
CA LYS C 82 46.70 0.15 -2.94
C LYS C 82 47.94 0.88 -3.40
N THR C 83 48.22 0.86 -4.70
CA THR C 83 49.41 1.55 -5.20
C THR C 83 49.22 3.07 -5.16
N GLU C 84 48.00 3.49 -4.88
CA GLU C 84 47.64 4.90 -4.76
C GLU C 84 47.92 5.42 -3.36
N ASP C 85 48.34 4.53 -2.46
CA ASP C 85 48.61 4.91 -1.08
C ASP C 85 50.05 5.36 -0.87
N GLU C 86 50.86 5.35 -1.93
CA GLU C 86 52.23 5.83 -1.77
C GLU C 86 52.15 7.30 -1.40
N ALA C 87 52.74 7.66 -0.26
CA ALA C 87 52.67 9.03 0.22
C ALA C 87 53.56 9.27 1.41
N ASP C 88 53.77 10.54 1.72
CA ASP C 88 54.46 10.93 2.94
C ASP C 88 53.42 11.12 4.04
N TYR C 89 53.50 10.30 5.09
CA TYR C 89 52.52 10.36 6.17
C TYR C 89 53.07 11.15 7.35
N TYR C 90 52.21 11.96 7.96
CA TYR C 90 52.63 12.77 9.10
C TYR C 90 51.73 12.61 10.30
N CYS C 91 52.32 12.71 11.51
CA CYS C 91 51.59 12.74 12.77
C CYS C 91 51.57 14.17 13.32
N GLN C 92 50.48 14.52 13.98
CA GLN C 92 50.38 15.82 14.62
C GLN C 92 49.62 15.78 15.94
N SER C 93 50.11 16.54 16.92
CA SER C 93 49.46 16.65 18.22
C SER C 93 49.66 18.06 18.77
N TYR C 94 49.07 18.34 19.91
CA TYR C 94 49.15 19.66 20.54
C TYR C 94 49.80 19.60 21.91
N ASP C 95 50.60 20.62 22.26
CA ASP C 95 51.15 20.72 23.60
C ASP C 95 51.15 22.18 24.06
N SER C 96 51.60 22.44 25.29
CA SER C 96 51.66 23.80 25.81
C SER C 96 53.07 24.35 25.67
N SER C 97 54.03 23.43 25.57
CA SER C 97 55.43 23.80 25.39
C SER C 97 55.71 24.12 23.93
N ASN C 98 54.91 23.51 23.07
CA ASN C 98 54.94 23.70 21.64
C ASN C 98 53.52 23.50 21.15
N HIS C 99 52.92 24.56 20.64
CA HIS C 99 51.50 24.55 20.31
C HIS C 99 51.16 23.41 19.37
N VAL C 100 51.52 23.55 18.11
CA VAL C 100 51.24 22.47 17.18
C VAL C 100 52.52 21.74 16.84
N VAL C 101 52.52 20.45 17.13
CA VAL C 101 53.71 19.65 16.94
C VAL C 101 53.52 18.62 15.85
N PHE C 102 54.38 18.66 14.84
CA PHE C 102 54.34 17.70 13.75
C PHE C 102 55.55 16.77 13.84
N GLY C 103 55.38 15.54 13.38
CA GLY C 103 56.49 14.60 13.28
C GLY C 103 57.31 14.86 12.02
N GLY C 104 58.39 14.11 11.85
CA GLY C 104 59.28 14.30 10.71
C GLY C 104 58.77 13.68 9.41
N GLY C 105 57.74 12.86 9.50
CA GLY C 105 57.18 12.20 8.34
C GLY C 105 57.67 10.78 8.14
N THR C 106 56.81 9.97 7.55
CA THR C 106 57.10 8.58 7.19
C THR C 106 56.91 8.37 5.69
N LYS C 107 57.88 7.75 5.05
CA LYS C 107 57.73 7.46 3.63
C LYS C 107 57.13 6.08 3.44
N LEU C 108 55.88 6.02 2.96
CA LEU C 108 55.23 4.73 2.76
C LEU C 108 55.29 4.29 1.31
N THR C 109 55.87 3.12 1.10
CA THR C 109 55.94 2.52 -0.22
C THR C 109 55.14 1.23 -0.26
N VAL C 110 54.34 1.08 -1.29
CA VAL C 110 53.58 -0.15 -1.47
C VAL C 110 54.34 -1.01 -2.46
N LEU C 111 54.69 -2.21 -2.02
CA LEU C 111 55.62 -3.04 -2.77
C LEU C 111 54.98 -3.80 -3.92
N GLY C 112 54.68 -3.06 -4.99
CA GLY C 112 54.05 -3.62 -6.18
C GLY C 112 55.07 -4.19 -7.17
N GLN C 113 56.34 -4.15 -6.78
CA GLN C 113 57.44 -4.66 -7.59
C GLN C 113 58.50 -5.25 -6.64
N PRO C 114 59.41 -6.11 -7.12
CA PRO C 114 60.50 -6.70 -6.36
C PRO C 114 61.40 -5.64 -5.74
N LYS C 115 61.95 -5.99 -4.58
CA LYS C 115 62.82 -5.10 -3.82
C LYS C 115 64.27 -5.20 -4.30
N ALA C 116 65.05 -4.17 -4.02
CA ALA C 116 66.47 -4.19 -4.38
C ALA C 116 67.31 -3.40 -3.38
N ALA C 117 68.49 -3.92 -3.06
CA ALA C 117 69.44 -3.21 -2.24
C ALA C 117 70.10 -2.13 -3.10
N PRO C 118 70.46 -0.98 -2.53
CA PRO C 118 71.12 0.12 -3.21
C PRO C 118 72.54 -0.20 -3.62
N SER C 119 72.92 0.37 -4.76
CA SER C 119 74.28 0.35 -5.24
C SER C 119 74.89 1.69 -4.91
N VAL C 120 75.99 1.69 -4.19
CA VAL C 120 76.56 2.95 -3.76
C VAL C 120 77.96 3.13 -4.30
N THR C 121 78.21 4.27 -4.93
CA THR C 121 79.54 4.58 -5.41
C THR C 121 79.96 5.92 -4.82
N LEU C 122 81.14 5.94 -4.19
CA LEU C 122 81.65 7.16 -3.59
C LEU C 122 82.84 7.68 -4.37
N PHE C 123 82.73 8.92 -4.81
CA PHE C 123 83.78 9.52 -5.61
C PHE C 123 84.58 10.57 -4.83
N PRO C 124 85.91 10.58 -4.98
CA PRO C 124 86.85 11.55 -4.43
C PRO C 124 86.81 12.82 -5.27
N PRO C 125 87.31 13.94 -4.74
CA PRO C 125 87.58 15.17 -5.46
C PRO C 125 88.55 14.95 -6.61
N SER C 126 88.27 15.55 -7.76
CA SER C 126 89.17 15.47 -8.90
C SER C 126 90.28 16.49 -8.75
N SER C 127 91.34 16.37 -9.55
CA SER C 127 92.43 17.34 -9.46
C SER C 127 91.96 18.74 -9.86
N GLU C 128 91.00 18.81 -10.77
CA GLU C 128 90.48 20.09 -11.23
C GLU C 128 89.78 20.86 -10.10
N GLU C 129 89.10 20.13 -9.22
CA GLU C 129 88.39 20.75 -8.12
C GLU C 129 89.35 21.17 -7.02
N LEU C 130 90.34 20.32 -6.75
CA LEU C 130 91.32 20.60 -5.71
C LEU C 130 92.12 21.85 -6.08
N GLN C 131 92.36 22.04 -7.36
CA GLN C 131 93.08 23.21 -7.87
C GLN C 131 92.25 24.50 -7.73
N ALA C 132 90.96 24.34 -7.43
CA ALA C 132 90.04 25.45 -7.23
C ALA C 132 89.85 25.67 -5.73
N ASN C 133 90.67 24.98 -4.93
CA ASN C 133 90.64 24.99 -3.48
C ASN C 133 89.33 24.44 -2.90
N LYS C 134 88.75 23.43 -3.55
CA LYS C 134 87.55 22.77 -3.03
C LYS C 134 87.72 21.26 -3.04
N ALA C 135 87.03 20.58 -2.12
CA ALA C 135 87.08 19.12 -2.05
C ALA C 135 85.71 18.53 -1.70
N THR C 136 84.78 18.54 -2.65
CA THR C 136 83.48 17.93 -2.40
C THR C 136 83.51 16.44 -2.72
N LEU C 137 83.03 15.65 -1.78
CA LEU C 137 82.95 14.21 -1.96
C LEU C 137 81.53 13.89 -2.35
N VAL C 138 81.38 13.04 -3.37
CA VAL C 138 80.04 12.78 -3.89
C VAL C 138 79.61 11.32 -3.73
N CYS C 139 78.49 11.10 -3.00
CA CYS C 139 77.96 9.77 -2.73
C CYS C 139 76.67 9.55 -3.54
N LEU C 140 76.74 8.63 -4.50
CA LEU C 140 75.62 8.39 -5.38
C LEU C 140 75.03 7.00 -5.18
N ILE C 141 73.74 6.98 -4.86
CA ILE C 141 73.00 5.77 -4.54
C ILE C 141 71.98 5.46 -5.64
N SER C 142 72.00 4.25 -6.19
CA SER C 142 71.04 3.94 -7.25
C SER C 142 70.48 2.53 -7.20
N ASP C 143 69.44 2.30 -8.01
CA ASP C 143 68.80 1.01 -8.21
C ASP C 143 68.22 0.37 -6.93
N PHE C 144 67.58 1.15 -6.07
CA PHE C 144 67.00 0.55 -4.86
C PHE C 144 65.49 0.59 -4.80
N TYR C 145 64.92 -0.32 -4.01
CA TYR C 145 63.49 -0.34 -3.79
C TYR C 145 63.18 -1.05 -2.47
N PRO C 146 62.29 -0.51 -1.63
CA PRO C 146 61.45 0.68 -1.73
C PRO C 146 62.27 1.95 -1.73
N GLY C 147 61.69 3.03 -2.26
CA GLY C 147 62.39 4.30 -2.40
C GLY C 147 62.58 5.09 -1.10
N ALA C 148 63.27 4.49 -0.14
CA ALA C 148 63.55 5.15 1.12
C ALA C 148 64.84 4.66 1.74
N VAL C 149 65.88 5.50 1.72
CA VAL C 149 67.18 5.15 2.29
C VAL C 149 67.70 6.27 3.17
N THR C 150 68.61 5.93 4.08
CA THR C 150 69.27 6.93 4.91
C THR C 150 70.74 7.02 4.54
N VAL C 151 71.21 8.24 4.27
CA VAL C 151 72.59 8.43 3.85
C VAL C 151 73.35 9.32 4.84
N ALA C 152 74.52 8.85 5.28
CA ALA C 152 75.33 9.62 6.23
C ALA C 152 76.81 9.54 5.92
N TRP C 153 77.53 10.61 6.28
CA TRP C 153 78.97 10.70 6.08
C TRP C 153 79.78 10.52 7.34
N LYS C 154 80.97 9.95 7.20
CA LYS C 154 81.91 9.81 8.31
C LYS C 154 83.32 10.26 7.94
N ALA C 155 84.03 10.75 8.94
CA ALA C 155 85.44 11.11 8.88
C ALA C 155 86.21 10.18 9.81
N ASP C 156 87.12 9.37 9.26
CA ASP C 156 87.74 8.33 10.06
C ASP C 156 86.65 7.46 10.70
N SER C 157 86.55 7.47 12.04
CA SER C 157 85.58 6.65 12.74
C SER C 157 84.44 7.47 13.38
N SER C 158 84.39 8.77 13.09
CA SER C 158 83.38 9.65 13.69
C SER C 158 82.52 10.27 12.59
N PRO C 159 81.22 10.51 12.83
CA PRO C 159 80.30 11.10 11.88
C PRO C 159 80.63 12.56 11.60
N VAL C 160 80.37 12.99 10.37
CA VAL C 160 80.52 14.40 10.01
C VAL C 160 79.21 14.94 9.47
N LYS C 161 78.76 16.05 10.05
CA LYS C 161 77.50 16.66 9.64
C LYS C 161 77.71 17.97 8.91
N ALA C 162 78.79 18.68 9.24
CA ALA C 162 79.03 19.97 8.63
C ALA C 162 79.30 19.79 7.15
N GLY C 163 78.70 20.67 6.33
CA GLY C 163 78.94 20.64 4.90
C GLY C 163 78.18 19.51 4.20
N VAL C 164 77.10 19.02 4.81
CA VAL C 164 76.38 17.90 4.20
C VAL C 164 74.98 18.26 3.75
N GLU C 165 74.71 17.99 2.47
CA GLU C 165 73.40 18.24 1.88
C GLU C 165 72.90 16.94 1.24
N THR C 166 71.59 16.72 1.27
CA THR C 166 71.03 15.49 0.72
C THR C 166 69.82 15.73 -0.17
N THR C 167 69.50 14.72 -0.96
CA THR C 167 68.29 14.71 -1.78
C THR C 167 67.38 13.59 -1.34
N THR C 168 66.16 13.59 -1.83
CA THR C 168 65.25 12.49 -1.57
C THR C 168 65.43 11.47 -2.68
N PRO C 169 65.02 10.22 -2.49
CA PRO C 169 64.91 9.20 -3.51
C PRO C 169 64.03 9.66 -4.64
N SER C 170 64.45 9.36 -5.86
CA SER C 170 63.70 9.73 -7.06
C SER C 170 63.68 8.57 -8.03
N LYS C 171 62.50 8.26 -8.54
CA LYS C 171 62.34 7.14 -9.45
C LYS C 171 63.18 7.36 -10.71
N GLN C 172 63.95 6.33 -11.08
CA GLN C 172 64.81 6.36 -12.26
C GLN C 172 64.19 5.50 -13.37
N SER C 173 64.86 5.43 -14.52
CA SER C 173 64.31 4.79 -15.72
C SER C 173 63.99 3.29 -15.59
N ASN C 174 64.56 2.62 -14.58
CA ASN C 174 64.31 1.19 -14.41
C ASN C 174 63.30 0.90 -13.30
N ASN C 175 62.53 1.92 -12.93
CA ASN C 175 61.48 1.85 -11.90
C ASN C 175 62.00 1.65 -10.49
N LYS C 176 63.31 1.77 -10.32
CA LYS C 176 63.94 1.75 -9.01
C LYS C 176 64.22 3.19 -8.62
N TYR C 177 64.70 3.41 -7.41
CA TYR C 177 64.99 4.77 -6.96
C TYR C 177 66.48 5.07 -6.88
N ALA C 178 66.79 6.35 -6.97
CA ALA C 178 68.16 6.83 -6.80
C ALA C 178 68.17 8.05 -5.90
N ALA C 179 69.29 8.27 -5.20
CA ALA C 179 69.45 9.37 -4.26
C ALA C 179 70.90 9.80 -4.18
N SER C 180 71.16 11.00 -3.69
CA SER C 180 72.53 11.45 -3.54
C SER C 180 72.76 12.25 -2.27
N SER C 181 74.03 12.39 -1.93
CA SER C 181 74.48 13.19 -0.81
C SER C 181 75.83 13.80 -1.12
N TYR C 182 76.03 15.03 -0.66
CA TYR C 182 77.28 15.73 -0.94
C TYR C 182 77.93 16.21 0.35
N LEU C 183 79.24 16.01 0.45
CA LEU C 183 80.02 16.51 1.58
C LEU C 183 81.05 17.53 1.10
N SER C 184 80.83 18.80 1.41
CA SER C 184 81.73 19.84 0.90
C SER C 184 82.82 20.19 1.89
N LEU C 185 84.04 19.77 1.57
CA LEU C 185 85.21 20.01 2.40
C LEU C 185 86.15 20.94 1.67
N THR C 186 87.04 21.59 2.39
CA THR C 186 88.14 22.26 1.74
C THR C 186 89.22 21.18 1.64
N PRO C 187 90.21 21.28 0.73
CA PRO C 187 91.30 20.34 0.59
C PRO C 187 92.02 20.10 1.92
N GLU C 188 92.14 21.15 2.73
CA GLU C 188 92.80 21.04 4.02
C GLU C 188 92.04 20.14 4.98
N GLN C 189 90.71 20.23 4.96
CA GLN C 189 89.87 19.40 5.82
C GLN C 189 89.88 17.97 5.33
N TRP C 190 89.84 17.81 4.02
CA TRP C 190 89.83 16.51 3.39
C TRP C 190 91.07 15.72 3.79
N LYS C 191 92.21 16.40 3.79
CA LYS C 191 93.50 15.81 4.11
C LYS C 191 93.82 15.75 5.61
N SER C 192 92.89 16.17 6.46
CA SER C 192 93.11 16.15 7.92
C SER C 192 92.68 14.82 8.53
N HIS C 193 92.11 13.95 7.72
CA HIS C 193 91.61 12.65 8.15
C HIS C 193 92.22 11.55 7.29
N ARG C 194 92.29 10.33 7.82
CA ARG C 194 92.90 9.25 7.05
C ARG C 194 92.05 8.96 5.82
N SER C 195 90.75 8.99 6.01
CA SER C 195 89.80 8.73 4.94
C SER C 195 88.42 9.27 5.28
N TYR C 196 87.60 9.41 4.24
CA TYR C 196 86.19 9.75 4.36
C TYR C 196 85.33 8.67 3.76
N SER C 197 84.12 8.51 4.29
CA SER C 197 83.25 7.46 3.79
C SER C 197 81.78 7.89 3.80
N CYS C 198 80.97 7.11 3.06
CA CYS C 198 79.53 7.30 2.94
C CYS C 198 78.85 5.97 3.21
N GLN C 199 77.94 5.97 4.18
CA GLN C 199 77.22 4.77 4.56
C GLN C 199 75.74 4.93 4.30
N VAL C 200 75.19 3.99 3.56
CA VAL C 200 73.79 4.03 3.18
C VAL C 200 73.01 2.88 3.81
N THR C 201 71.97 3.21 4.56
CA THR C 201 71.17 2.21 5.25
C THR C 201 69.89 1.91 4.49
N HIS C 202 69.64 0.62 4.26
CA HIS C 202 68.43 0.18 3.58
C HIS C 202 67.81 -0.97 4.35
N GLU C 203 66.66 -0.69 4.99
CA GLU C 203 65.94 -1.63 5.86
C GLU C 203 66.65 -1.90 7.19
N GLY C 204 67.93 -2.27 7.11
CA GLY C 204 68.72 -2.59 8.30
C GLY C 204 70.19 -2.73 7.94
N SER C 205 70.49 -3.48 6.88
CA SER C 205 71.87 -3.65 6.45
C SER C 205 72.35 -2.37 5.80
N THR C 206 73.68 -2.21 5.67
CA THR C 206 74.20 -1.00 5.07
C THR C 206 75.21 -1.28 3.97
N VAL C 207 75.40 -0.28 3.12
CA VAL C 207 76.43 -0.29 2.09
C VAL C 207 77.40 0.85 2.34
N GLU C 208 78.67 0.55 2.55
CA GLU C 208 79.63 1.59 2.88
C GLU C 208 80.81 1.64 1.94
N LYS C 209 81.08 2.84 1.42
CA LYS C 209 82.21 3.07 0.53
C LYS C 209 83.18 4.10 1.12
N THR C 210 84.47 3.92 0.84
CA THR C 210 85.51 4.81 1.37
C THR C 210 86.44 5.35 0.29
N VAL C 211 86.77 6.65 0.40
CA VAL C 211 87.73 7.31 -0.47
C VAL C 211 88.76 8.06 0.38
N ALA C 212 89.91 8.38 -0.18
CA ALA C 212 90.94 9.07 0.58
C ALA C 212 91.85 9.89 -0.34
N PRO C 213 92.58 10.88 0.21
CA PRO C 213 93.69 11.57 -0.42
C PRO C 213 94.76 10.56 -0.79
N THR C 214 95.44 10.79 -1.93
CA THR C 214 96.50 9.94 -2.44
C THR C 214 97.67 10.81 -2.90
N ALA D 46 -16.28 16.79 53.47
CA ALA D 46 -16.82 18.03 52.96
C ALA D 46 -16.41 18.23 51.50
N TYR D 47 -17.40 18.60 50.65
CA TYR D 47 -17.23 18.84 49.20
C TYR D 47 -17.91 20.12 48.79
N THR D 48 -17.41 20.73 47.72
CA THR D 48 -18.11 21.87 47.14
C THR D 48 -18.24 21.73 45.62
N ASN D 49 -18.96 22.66 45.04
CA ASN D 49 -19.24 22.71 43.61
C ASN D 49 -18.16 23.49 42.87
N SER D 50 -17.43 22.83 41.99
CA SER D 50 -16.34 23.46 41.24
C SER D 50 -16.81 24.46 40.20
N PHE D 51 -18.11 24.43 39.91
CA PHE D 51 -18.73 25.30 38.92
C PHE D 51 -18.03 25.20 37.57
N THR D 52 -17.51 26.32 37.10
CA THR D 52 -16.87 26.36 35.78
C THR D 52 -15.39 26.67 35.87
N ARG D 53 -14.82 26.49 37.06
CA ARG D 53 -13.40 26.76 37.27
C ARG D 53 -12.57 25.55 36.87
N GLY D 54 -11.27 25.76 36.63
CA GLY D 54 -10.38 24.66 36.29
C GLY D 54 -9.94 24.67 34.84
N VAL D 55 -10.26 25.75 34.15
CA VAL D 55 -9.83 25.98 32.77
C VAL D 55 -8.53 26.74 32.75
N TYR D 56 -7.66 26.35 31.85
CA TYR D 56 -6.36 26.96 31.70
C TYR D 56 -5.97 26.96 30.24
N TYR D 57 -4.99 27.76 29.89
CA TYR D 57 -4.55 27.81 28.51
C TYR D 57 -3.80 26.52 28.19
N PRO D 58 -4.29 25.68 27.29
CA PRO D 58 -3.76 24.37 26.96
C PRO D 58 -2.39 24.46 26.31
N ASP D 59 -2.10 25.62 25.74
CA ASP D 59 -0.84 25.84 25.06
C ASP D 59 -0.47 27.32 25.11
N LYS D 60 0.59 27.68 24.40
CA LYS D 60 1.09 29.04 24.40
C LYS D 60 0.83 29.68 23.05
N VAL D 61 -0.27 29.28 22.41
CA VAL D 61 -0.61 29.78 21.09
C VAL D 61 -1.69 30.85 21.15
N PHE D 62 -1.42 31.97 20.52
CA PHE D 62 -2.36 33.06 20.45
C PHE D 62 -3.44 32.80 19.43
N ARG D 63 -4.66 32.96 19.86
CA ARG D 63 -5.82 32.81 19.00
C ARG D 63 -6.70 33.97 19.37
N SER D 64 -7.52 34.45 18.46
CA SER D 64 -8.41 35.53 18.84
C SER D 64 -9.72 35.50 18.09
N SER D 65 -10.76 36.00 18.74
CA SER D 65 -12.10 36.06 18.15
C SER D 65 -12.47 34.73 17.50
N VAL D 66 -12.26 33.65 18.24
CA VAL D 66 -12.45 32.32 17.69
C VAL D 66 -12.79 31.31 18.76
N LEU D 67 -13.54 30.29 18.38
CA LEU D 67 -13.84 29.20 19.28
C LEU D 67 -13.00 27.99 18.91
N HIS D 68 -12.20 27.52 19.84
CA HIS D 68 -11.29 26.42 19.56
C HIS D 68 -11.63 25.17 20.37
N SER D 69 -11.74 24.06 19.66
CA SER D 69 -12.04 22.78 20.31
C SER D 69 -10.77 22.02 20.62
N THR D 70 -10.58 21.71 21.88
CA THR D 70 -9.37 21.03 22.32
C THR D 70 -9.65 19.92 23.33
N GLN D 71 -8.74 18.95 23.41
CA GLN D 71 -8.86 17.91 24.41
C GLN D 71 -7.62 17.87 25.27
N ASP D 72 -7.82 17.99 26.58
CA ASP D 72 -6.71 18.02 27.53
C ASP D 72 -7.23 17.67 28.90
N LEU D 73 -6.35 17.65 29.88
CA LEU D 73 -6.77 17.37 31.24
C LEU D 73 -7.34 18.62 31.89
N PHE D 74 -8.64 18.66 32.05
CA PHE D 74 -9.33 19.81 32.61
C PHE D 74 -10.20 19.39 33.77
N LEU D 75 -10.51 20.29 34.68
CA LEU D 75 -11.43 19.93 35.74
C LEU D 75 -12.85 19.91 35.14
N PRO D 76 -13.59 18.80 35.19
CA PRO D 76 -14.91 18.68 34.62
C PRO D 76 -15.82 19.72 35.25
N PHE D 77 -16.69 20.32 34.46
CA PHE D 77 -17.58 21.33 35.01
C PHE D 77 -18.58 20.73 35.96
N PHE D 78 -18.82 21.47 37.03
CA PHE D 78 -19.74 21.16 38.10
C PHE D 78 -19.41 19.88 38.84
N SER D 79 -18.16 19.42 38.75
CA SER D 79 -17.73 18.26 39.51
C SER D 79 -17.53 18.64 40.99
N ASN D 80 -17.44 17.62 41.86
CA ASN D 80 -17.17 17.78 43.29
C ASN D 80 -15.67 17.87 43.55
N VAL D 81 -15.28 18.83 44.40
CA VAL D 81 -13.90 18.98 44.87
C VAL D 81 -13.90 18.92 46.38
N THR D 82 -12.90 18.28 46.95
CA THR D 82 -12.88 18.10 48.39
C THR D 82 -12.47 19.39 49.08
N TRP D 83 -13.25 19.77 50.09
CA TRP D 83 -13.06 21.01 50.82
C TRP D 83 -12.32 20.77 52.13
N PHE D 84 -11.09 21.28 52.21
CA PHE D 84 -10.26 21.07 53.38
C PHE D 84 -10.14 22.36 54.18
N HIS D 85 -10.01 22.24 55.52
CA HIS D 85 -9.85 23.37 56.42
C HIS D 85 -8.56 23.21 57.24
N ASN D 100 -4.78 19.21 56.04
CA ASN D 100 -3.40 18.89 55.70
C ASN D 100 -3.09 17.36 55.50
N PRO D 101 -3.95 16.53 54.83
CA PRO D 101 -3.73 15.13 54.51
C PRO D 101 -2.83 14.92 53.31
N VAL D 102 -2.40 13.68 53.10
CA VAL D 102 -1.76 13.36 51.84
C VAL D 102 -2.83 12.96 50.84
N LEU D 103 -2.83 13.60 49.69
CA LEU D 103 -3.84 13.37 48.67
C LEU D 103 -3.24 12.73 47.43
N PRO D 104 -4.02 11.97 46.66
CA PRO D 104 -3.65 11.43 45.36
C PRO D 104 -3.35 12.57 44.39
N PHE D 105 -2.48 12.30 43.42
CA PHE D 105 -2.21 13.24 42.36
C PHE D 105 -2.95 12.82 41.10
N ASN D 106 -3.04 11.51 40.90
CA ASN D 106 -3.67 10.89 39.73
C ASN D 106 -3.10 11.42 38.41
N ASP D 107 -3.96 11.97 37.55
CA ASP D 107 -3.55 12.46 36.23
C ASP D 107 -3.06 13.88 36.29
N GLY D 108 -3.57 14.62 37.25
CA GLY D 108 -3.24 16.01 37.45
C GLY D 108 -4.17 16.58 38.49
N VAL D 109 -3.78 17.70 39.07
CA VAL D 109 -4.53 18.28 40.18
C VAL D 109 -4.95 19.71 40.01
N TYR D 110 -6.20 19.96 40.33
CA TYR D 110 -6.71 21.32 40.41
C TYR D 110 -6.71 21.72 41.86
N PHE D 111 -6.01 22.78 42.18
CA PHE D 111 -5.92 23.24 43.55
C PHE D 111 -6.40 24.66 43.65
N ALA D 112 -7.19 24.96 44.65
CA ALA D 112 -7.61 26.34 44.84
C ALA D 112 -7.67 26.66 46.31
N SER D 113 -7.47 27.90 46.64
CA SER D 113 -7.55 28.28 48.03
C SER D 113 -8.07 29.66 48.25
N THR D 114 -8.63 29.86 49.44
CA THR D 114 -9.12 31.15 49.85
C THR D 114 -8.34 31.55 51.11
N GLU D 115 -7.83 32.78 51.10
CA GLU D 115 -7.00 33.23 52.21
C GLU D 115 -7.26 34.66 52.67
N LYS D 116 -6.95 34.87 53.96
CA LYS D 116 -6.96 36.20 54.55
C LYS D 116 -5.59 36.56 55.12
N SER D 117 -4.63 35.62 55.07
CA SER D 117 -3.31 35.86 55.67
C SER D 117 -2.19 34.94 55.16
N ASN D 118 -2.28 34.49 53.92
CA ASN D 118 -1.22 33.68 53.32
C ASN D 118 -0.80 32.47 54.15
N ILE D 119 -1.78 31.72 54.66
CA ILE D 119 -1.53 30.55 55.49
C ILE D 119 -0.95 29.38 54.70
N ILE D 120 -1.42 29.17 53.47
CA ILE D 120 -0.89 28.07 52.68
C ILE D 120 0.43 28.50 52.07
N ARG D 121 1.46 27.71 52.31
CA ARG D 121 2.79 28.08 51.90
C ARG D 121 3.33 27.22 50.76
N GLY D 122 2.92 25.97 50.66
CA GLY D 122 3.54 25.15 49.63
C GLY D 122 3.00 23.76 49.47
N TRP D 123 3.70 22.99 48.63
CA TRP D 123 3.31 21.62 48.29
C TRP D 123 4.50 20.67 48.20
N ILE D 124 4.25 19.39 48.48
CA ILE D 124 5.22 18.35 48.23
C ILE D 124 4.66 17.37 47.22
N PHE D 125 5.35 17.17 46.11
CA PHE D 125 4.87 16.24 45.09
C PHE D 125 5.80 15.04 44.94
N GLY D 126 5.26 13.83 44.98
CA GLY D 126 6.11 12.65 44.84
C GLY D 126 5.35 11.35 45.05
N THR D 127 6.07 10.30 45.47
CA THR D 127 5.51 8.99 45.70
C THR D 127 5.43 8.70 47.18
N THR D 128 6.58 8.36 47.77
CA THR D 128 6.66 8.05 49.20
C THR D 128 6.59 9.31 50.06
N LEU D 129 7.05 10.43 49.52
CA LEU D 129 7.00 11.72 50.22
C LEU D 129 7.72 11.73 51.57
N ASP D 130 8.78 10.94 51.72
CA ASP D 130 9.56 10.90 52.96
C ASP D 130 10.92 10.26 52.71
N SER D 131 11.87 11.05 52.25
CA SER D 131 13.17 10.55 51.84
C SER D 131 12.98 9.41 50.83
N LYS D 132 13.93 8.48 50.81
CA LYS D 132 13.94 7.30 49.91
C LYS D 132 14.20 7.66 48.45
N THR D 133 13.35 8.51 47.89
CA THR D 133 13.48 8.97 46.52
C THR D 133 13.29 10.48 46.46
N GLN D 134 13.36 11.03 45.26
CA GLN D 134 13.24 12.47 45.10
C GLN D 134 11.79 12.93 45.16
N SER D 135 11.58 14.13 45.66
CA SER D 135 10.26 14.72 45.63
C SER D 135 10.41 16.21 45.41
N LEU D 136 9.37 16.83 44.87
CA LEU D 136 9.39 18.25 44.56
C LEU D 136 8.76 19.09 45.64
N LEU D 137 9.57 19.93 46.25
CA LEU D 137 9.16 20.79 47.34
C LEU D 137 9.06 22.24 46.89
N ILE D 138 7.85 22.78 46.88
CA ILE D 138 7.63 24.16 46.49
C ILE D 138 7.15 24.97 47.66
N VAL D 139 8.01 25.84 48.20
CA VAL D 139 7.62 26.57 49.40
C VAL D 139 7.80 28.09 49.35
N ASN D 140 6.73 28.78 49.70
CA ASN D 140 6.71 30.23 49.85
C ASN D 140 6.96 30.57 51.32
N ASN D 141 8.08 31.23 51.63
CA ASN D 141 8.47 31.55 53.02
C ASN D 141 9.05 32.96 53.12
N ALA D 142 8.47 33.77 54.04
CA ALA D 142 8.84 35.16 54.29
C ALA D 142 8.71 36.03 53.04
N THR D 143 9.83 36.32 52.37
CA THR D 143 9.80 37.21 51.22
C THR D 143 10.10 36.55 49.87
N ASN D 144 10.28 35.22 49.83
CA ASN D 144 10.54 34.61 48.53
C ASN D 144 10.03 33.17 48.39
N VAL D 145 10.29 32.61 47.23
CA VAL D 145 9.85 31.26 46.89
C VAL D 145 11.02 30.36 46.58
N VAL D 146 11.04 29.21 47.23
CA VAL D 146 12.10 28.23 47.05
C VAL D 146 11.60 26.90 46.52
N ILE D 147 12.15 26.48 45.39
CA ILE D 147 11.80 25.19 44.80
C ILE D 147 13.00 24.26 44.77
N LYS D 148 12.85 23.10 45.37
CA LYS D 148 13.93 22.11 45.42
C LYS D 148 13.43 20.70 45.16
N VAL D 149 14.28 19.84 44.58
CA VAL D 149 13.86 18.44 44.34
C VAL D 149 14.73 17.36 44.98
N CYS D 150 15.29 17.62 46.18
CA CYS D 150 16.14 16.68 46.91
C CYS D 150 15.33 15.53 47.50
N GLU D 151 16.05 14.52 47.99
CA GLU D 151 15.41 13.40 48.65
C GLU D 151 15.16 13.81 50.09
N PHE D 152 14.22 14.73 50.25
CA PHE D 152 13.94 15.37 51.53
C PHE D 152 13.26 14.45 52.49
N GLN D 153 13.67 14.51 53.74
CA GLN D 153 13.02 13.77 54.79
C GLN D 153 11.90 14.64 55.35
N PHE D 154 10.72 14.06 55.51
CA PHE D 154 9.59 14.85 55.97
C PHE D 154 8.92 14.28 57.20
N CYS D 155 8.33 15.17 57.97
CA CYS D 155 7.51 14.79 59.10
C CYS D 155 6.20 14.21 58.59
N ASN D 156 5.47 13.50 59.44
CA ASN D 156 4.16 12.96 59.06
C ASN D 156 3.08 14.00 59.25
N ASP D 157 3.53 15.18 59.65
CA ASP D 157 2.71 16.36 59.84
C ASP D 157 3.60 17.59 59.65
N PRO D 158 4.09 17.83 58.43
CA PRO D 158 5.00 18.90 58.09
C PRO D 158 4.25 20.22 58.11
N PHE D 159 4.92 21.28 58.49
CA PHE D 159 4.33 22.60 58.49
C PHE D 159 5.38 23.69 58.62
N LEU D 160 4.96 24.93 58.44
CA LEU D 160 5.85 26.06 58.66
C LEU D 160 5.44 26.80 59.91
N GLY D 161 6.38 27.44 60.59
CA GLY D 161 6.00 28.21 61.78
C GLY D 161 5.60 29.64 61.43
N VAL D 162 5.11 30.38 62.44
CA VAL D 162 4.70 31.78 62.32
C VAL D 162 5.36 32.57 63.43
N ASN D 184 19.66 14.18 46.76
CA ASN D 184 20.34 15.23 46.00
C ASN D 184 19.35 15.95 45.08
N CYS D 185 19.49 17.29 44.99
CA CYS D 185 18.66 18.11 44.10
C CYS D 185 19.26 18.15 42.69
N THR D 186 18.41 17.97 41.70
CA THR D 186 18.78 18.09 40.30
C THR D 186 18.12 19.33 39.72
N PHE D 187 17.48 20.07 40.61
CA PHE D 187 16.81 21.32 40.31
C PHE D 187 16.72 22.17 41.55
N GLU D 188 17.05 23.44 41.42
CA GLU D 188 16.84 24.39 42.50
C GLU D 188 16.60 25.78 41.95
N TYR D 189 15.60 26.45 42.50
CA TYR D 189 15.28 27.82 42.13
C TYR D 189 14.85 28.67 43.31
N VAL D 190 15.38 29.88 43.40
CA VAL D 190 14.95 30.79 44.43
C VAL D 190 14.59 32.16 43.85
N SER D 191 13.40 32.68 44.19
CA SER D 191 12.96 34.02 43.77
C SER D 191 13.63 35.07 44.66
N PHE D 205 -11.93 36.06 54.08
CA PHE D 205 -11.07 35.81 52.93
C PHE D 205 -11.25 36.89 51.87
N LYS D 206 -10.13 37.28 51.22
CA LYS D 206 -10.11 38.24 50.11
C LYS D 206 -9.30 37.74 48.94
N ASN D 207 -8.45 36.74 49.17
CA ASN D 207 -7.55 36.28 48.14
C ASN D 207 -7.86 34.90 47.62
N LEU D 208 -8.18 34.79 46.34
CA LEU D 208 -8.44 33.50 45.71
C LEU D 208 -7.26 33.11 44.84
N ARG D 209 -6.67 31.98 45.15
CA ARG D 209 -5.53 31.50 44.39
C ARG D 209 -5.87 30.18 43.74
N GLU D 210 -5.60 30.06 42.45
CA GLU D 210 -5.91 28.85 41.73
C GLU D 210 -4.68 28.32 41.02
N PHE D 211 -4.48 27.01 41.09
CA PHE D 211 -3.33 26.36 40.45
C PHE D 211 -3.70 25.08 39.74
N VAL D 212 -2.98 24.78 38.68
CA VAL D 212 -3.10 23.47 38.05
C VAL D 212 -1.74 22.81 37.96
N PHE D 213 -1.65 21.62 38.50
CA PHE D 213 -0.40 20.88 38.50
C PHE D 213 -0.52 19.62 37.65
N LYS D 214 0.32 19.50 36.63
CA LYS D 214 0.26 18.31 35.78
C LYS D 214 1.66 17.87 35.35
N ASN D 215 1.86 16.56 35.17
CA ASN D 215 3.16 16.05 34.78
C ASN D 215 3.12 15.41 33.38
N ILE D 216 3.67 16.12 32.40
CA ILE D 216 3.61 15.65 31.02
C ILE D 216 5.00 15.37 30.48
N ASP D 217 5.25 14.12 30.13
CA ASP D 217 6.53 13.72 29.57
C ASP D 217 7.71 14.19 30.42
N GLY D 218 7.55 14.11 31.74
CA GLY D 218 8.63 14.46 32.66
C GLY D 218 8.59 15.93 33.11
N TYR D 219 7.78 16.74 32.44
CA TYR D 219 7.70 18.15 32.78
C TYR D 219 6.62 18.44 33.78
N PHE D 220 6.97 19.18 34.81
CA PHE D 220 5.98 19.56 35.79
C PHE D 220 5.49 20.95 35.45
N LYS D 221 4.28 21.01 34.97
CA LYS D 221 3.72 22.27 34.51
C LYS D 221 2.85 22.85 35.58
N ILE D 222 3.01 24.14 35.81
CA ILE D 222 2.17 24.82 36.79
C ILE D 222 1.49 26.00 36.16
N TYR D 223 0.17 26.04 36.29
CA TYR D 223 -0.61 27.17 35.82
C TYR D 223 -1.12 27.87 37.04
N SER D 224 -1.32 29.18 36.98
CA SER D 224 -1.84 29.86 38.15
C SER D 224 -2.59 31.15 37.85
N LYS D 225 -3.48 31.50 38.79
CA LYS D 225 -4.25 32.73 38.74
C LYS D 225 -4.49 33.27 40.15
N HIS D 226 -4.41 34.58 40.32
CA HIS D 226 -4.70 35.21 41.61
C HIS D 226 -5.68 36.37 41.44
N THR D 227 -6.85 36.24 42.04
CA THR D 227 -7.90 37.26 41.94
C THR D 227 -8.42 37.65 43.32
N PRO D 228 -8.94 38.87 43.49
CA PRO D 228 -9.67 39.33 44.66
C PRO D 228 -11.07 38.74 44.69
N ILE D 229 -11.56 38.44 45.88
CA ILE D 229 -12.92 37.95 46.06
C ILE D 229 -13.62 38.64 47.22
N ASN D 230 -14.96 38.59 47.24
CA ASN D 230 -15.72 39.10 48.37
C ASN D 230 -16.55 37.99 49.03
N LEU D 231 -16.16 36.76 48.81
CA LEU D 231 -16.85 35.62 49.41
C LEU D 231 -15.97 34.97 50.45
N VAL D 232 -16.48 34.86 51.67
CA VAL D 232 -15.65 34.36 52.78
C VAL D 232 -16.06 32.98 53.28
N ARG D 233 -17.09 32.40 52.68
CA ARG D 233 -17.61 31.13 53.17
C ARG D 233 -17.24 29.90 52.35
N ASP D 234 -17.22 30.03 51.03
CA ASP D 234 -17.05 28.86 50.16
C ASP D 234 -16.32 29.25 48.89
N LEU D 235 -16.11 28.27 48.00
CA LEU D 235 -15.45 28.50 46.72
C LEU D 235 -16.33 29.43 45.85
N PRO D 236 -15.81 30.58 45.41
CA PRO D 236 -16.50 31.54 44.55
C PRO D 236 -16.89 30.95 43.21
N GLN D 237 -18.03 31.41 42.70
CA GLN D 237 -18.52 31.02 41.39
C GLN D 237 -18.11 32.07 40.37
N GLY D 238 -17.70 31.61 39.20
CA GLY D 238 -17.29 32.53 38.13
C GLY D 238 -16.35 31.81 37.18
N PHE D 239 -15.83 32.53 36.19
CA PHE D 239 -14.95 31.91 35.22
C PHE D 239 -13.68 32.69 35.00
N SER D 240 -12.57 31.97 34.97
CA SER D 240 -11.27 32.53 34.66
C SER D 240 -10.39 31.43 34.08
N ALA D 241 -9.40 31.82 33.31
CA ALA D 241 -8.44 30.84 32.81
C ALA D 241 -7.11 31.08 33.47
N LEU D 242 -6.39 30.01 33.73
CA LEU D 242 -5.09 30.11 34.36
C LEU D 242 -3.95 30.11 33.34
N GLU D 243 -3.10 31.12 33.43
CA GLU D 243 -1.96 31.25 32.56
C GLU D 243 -0.86 30.35 33.10
N PRO D 244 0.03 29.81 32.26
CA PRO D 244 1.18 29.04 32.67
C PRO D 244 2.13 29.92 33.44
N LEU D 245 2.70 29.36 34.50
CA LEU D 245 3.67 30.05 35.33
C LEU D 245 5.06 29.53 35.05
N VAL D 246 5.23 28.22 35.24
CA VAL D 246 6.50 27.56 34.97
C VAL D 246 6.30 26.25 34.23
N ASP D 247 7.38 25.76 33.64
CA ASP D 247 7.42 24.45 33.02
C ASP D 247 8.76 23.86 33.38
N LEU D 248 8.78 23.00 34.39
CA LEU D 248 10.03 22.54 34.96
C LEU D 248 10.44 21.12 34.52
N PRO D 249 11.65 20.93 33.96
CA PRO D 249 12.19 19.67 33.46
C PRO D 249 12.70 18.80 34.61
N ILE D 250 11.78 18.34 35.44
CA ILE D 250 12.10 17.64 36.68
C ILE D 250 12.32 16.13 36.59
N GLY D 251 11.45 15.38 35.91
CA GLY D 251 11.64 13.93 35.80
C GLY D 251 11.26 13.09 37.04
N ILE D 252 10.34 13.57 37.87
CA ILE D 252 9.95 12.82 39.07
C ILE D 252 8.53 12.23 38.98
N ASN D 253 8.38 10.95 39.40
CA ASN D 253 7.08 10.27 39.49
C ASN D 253 6.24 10.88 40.63
N ILE D 254 5.05 11.40 40.29
CA ILE D 254 4.15 12.00 41.28
C ILE D 254 2.86 11.21 41.32
N THR D 255 2.58 10.60 42.45
CA THR D 255 1.38 9.82 42.61
C THR D 255 0.53 10.39 43.74
N ARG D 256 1.17 11.14 44.63
CA ARG D 256 0.55 11.75 45.79
C ARG D 256 1.15 13.12 46.06
N PHE D 257 0.44 13.97 46.80
CA PHE D 257 1.03 15.23 47.22
C PHE D 257 0.53 15.68 48.59
N GLN D 258 1.29 16.55 49.22
CA GLN D 258 0.98 17.09 50.55
C GLN D 258 0.88 18.61 50.53
N THR D 259 -0.19 19.16 51.07
CA THR D 259 -0.33 20.61 51.14
C THR D 259 0.30 21.11 52.45
N LEU D 260 1.07 22.19 52.38
CA LEU D 260 1.77 22.73 53.54
C LEU D 260 1.23 24.09 53.99
N LEU D 261 0.80 24.15 55.24
CA LEU D 261 0.27 25.36 55.86
C LEU D 261 1.19 25.84 56.97
N ALA D 262 1.15 27.14 57.27
CA ALA D 262 1.86 27.66 58.42
C ALA D 262 0.97 27.60 59.65
N LEU D 263 1.55 27.30 60.80
CA LEU D 263 0.79 27.22 62.05
C LEU D 263 1.26 28.21 63.11
N HIS D 264 0.32 28.79 63.86
CA HIS D 264 0.59 29.74 64.94
C HIS D 264 0.96 29.01 66.23
N ALA D 283 -8.56 28.01 53.93
CA ALA D 283 -9.15 26.75 53.45
C ALA D 283 -8.75 26.52 51.99
N TYR D 284 -8.83 25.26 51.52
CA TYR D 284 -8.47 24.91 50.14
C TYR D 284 -9.29 23.78 49.58
N TYR D 285 -9.28 23.68 48.26
CA TYR D 285 -10.09 22.72 47.54
C TYR D 285 -9.23 21.91 46.59
N VAL D 286 -9.49 20.61 46.52
CA VAL D 286 -8.75 19.78 45.57
C VAL D 286 -9.64 18.94 44.67
N GLY D 287 -9.42 19.09 43.37
CA GLY D 287 -10.15 18.31 42.38
C GLY D 287 -9.17 17.58 41.49
N TYR D 288 -9.70 16.79 40.56
CA TYR D 288 -8.84 16.04 39.66
C TYR D 288 -9.22 16.26 38.22
N LEU D 289 -8.21 16.26 37.36
CA LEU D 289 -8.42 16.55 35.96
C LEU D 289 -8.78 15.30 35.17
N GLN D 290 -9.52 15.49 34.08
CA GLN D 290 -9.90 14.41 33.19
C GLN D 290 -9.65 14.82 31.73
N PRO D 291 -9.35 13.86 30.84
CA PRO D 291 -9.09 14.07 29.42
C PRO D 291 -10.37 14.30 28.64
N ARG D 292 -10.99 15.43 28.90
CA ARG D 292 -12.27 15.80 28.32
C ARG D 292 -12.10 16.86 27.24
N THR D 293 -13.06 16.91 26.34
CA THR D 293 -13.07 17.91 25.29
C THR D 293 -13.80 19.17 25.74
N PHE D 294 -13.17 20.31 25.47
CA PHE D 294 -13.73 21.63 25.75
C PHE D 294 -13.74 22.53 24.54
N LEU D 295 -14.74 23.38 24.47
CA LEU D 295 -14.76 24.43 23.47
C LEU D 295 -14.37 25.72 24.16
N LEU D 296 -13.25 26.31 23.78
CA LEU D 296 -12.76 27.50 24.46
C LEU D 296 -12.99 28.75 23.64
N LYS D 297 -13.54 29.78 24.29
CA LYS D 297 -13.82 31.04 23.61
C LYS D 297 -12.77 32.09 23.85
N TYR D 298 -12.08 32.48 22.78
CA TYR D 298 -11.05 33.49 22.82
C TYR D 298 -11.61 34.83 22.34
N ASN D 299 -11.37 35.88 23.13
CA ASN D 299 -11.85 37.22 22.77
C ASN D 299 -10.85 37.90 21.84
N GLU D 300 -11.07 39.18 21.58
CA GLU D 300 -10.23 39.94 20.65
C GLU D 300 -8.74 39.99 21.03
N ASN D 301 -8.45 40.01 22.35
CA ASN D 301 -7.08 40.06 22.88
C ASN D 301 -6.47 38.66 23.09
N GLY D 302 -7.20 37.59 22.72
CA GLY D 302 -6.77 36.21 22.86
C GLY D 302 -6.91 35.65 24.27
N THR D 303 -7.75 36.28 25.07
CA THR D 303 -7.98 35.81 26.42
C THR D 303 -9.16 34.86 26.42
N ILE D 304 -9.07 33.77 27.18
CA ILE D 304 -10.19 32.85 27.24
C ILE D 304 -11.21 33.46 28.17
N THR D 305 -12.40 33.71 27.65
CA THR D 305 -13.43 34.37 28.44
C THR D 305 -14.56 33.42 28.79
N ASP D 306 -14.67 32.34 28.05
CA ASP D 306 -15.71 31.36 28.37
C ASP D 306 -15.29 29.96 27.95
N ALA D 307 -16.11 28.96 28.25
CA ALA D 307 -15.82 27.59 27.86
C ALA D 307 -17.06 26.69 27.94
N VAL D 308 -17.08 25.65 27.11
CA VAL D 308 -18.11 24.62 27.19
C VAL D 308 -17.52 23.25 27.45
N ASP D 309 -18.05 22.58 28.46
CA ASP D 309 -17.64 21.21 28.76
C ASP D 309 -18.50 20.30 27.89
N CYS D 310 -17.88 19.69 26.86
CA CYS D 310 -18.57 19.00 25.77
C CYS D 310 -19.22 17.70 26.21
N ALA D 311 -19.03 17.30 27.46
CA ALA D 311 -19.68 16.08 27.91
C ALA D 311 -20.45 16.32 29.20
N LEU D 312 -20.81 17.57 29.46
CA LEU D 312 -21.57 17.94 30.64
C LEU D 312 -23.04 17.57 30.55
N ASP D 313 -23.68 17.94 29.45
CA ASP D 313 -25.10 17.66 29.25
C ASP D 313 -25.38 17.74 27.73
N PRO D 314 -26.59 17.40 27.25
CA PRO D 314 -26.96 17.41 25.85
C PRO D 314 -26.92 18.78 25.18
N LEU D 315 -26.99 19.87 25.95
CA LEU D 315 -26.96 21.17 25.29
C LEU D 315 -25.53 21.52 25.01
N SER D 316 -24.66 21.18 25.93
CA SER D 316 -23.25 21.42 25.76
C SER D 316 -22.75 20.61 24.57
N GLU D 317 -23.28 19.40 24.40
CA GLU D 317 -22.88 18.60 23.26
C GLU D 317 -23.25 19.30 21.96
N THR D 318 -24.44 19.89 21.92
CA THR D 318 -24.86 20.62 20.73
C THR D 318 -23.96 21.82 20.48
N LYS D 319 -23.64 22.57 21.53
CA LYS D 319 -22.77 23.74 21.38
C LYS D 319 -21.40 23.38 20.83
N CYS D 320 -20.79 22.28 21.31
CA CYS D 320 -19.50 21.81 20.84
C CYS D 320 -19.58 21.30 19.40
N THR D 321 -20.64 20.57 19.10
CA THR D 321 -20.85 20.01 17.77
C THR D 321 -20.92 21.11 16.73
N LEU D 322 -21.62 22.18 17.07
CA LEU D 322 -21.83 23.29 16.15
C LEU D 322 -20.75 24.37 16.25
N LYS D 323 -19.78 24.18 17.15
CA LYS D 323 -18.75 25.18 17.36
C LYS D 323 -19.35 26.55 17.61
N SER D 324 -20.29 26.64 18.54
CA SER D 324 -20.94 27.90 18.85
C SER D 324 -21.46 27.95 20.29
N PHE D 325 -21.38 29.12 20.93
CA PHE D 325 -21.90 29.25 22.29
C PHE D 325 -23.36 29.63 22.30
N THR D 326 -23.89 29.83 21.11
CA THR D 326 -25.30 30.14 20.90
C THR D 326 -25.88 29.11 19.96
N VAL D 327 -27.02 28.56 20.30
CA VAL D 327 -27.64 27.56 19.45
C VAL D 327 -29.01 27.98 19.00
N GLU D 328 -29.20 27.97 17.69
CA GLU D 328 -30.46 28.32 17.06
C GLU D 328 -31.51 27.25 17.30
N LYS D 329 -32.76 27.64 17.19
CA LYS D 329 -33.84 26.68 17.37
C LYS D 329 -33.82 25.61 16.30
N GLY D 330 -33.97 24.36 16.70
CA GLY D 330 -33.96 23.25 15.75
C GLY D 330 -33.48 21.95 16.38
N ILE D 331 -33.15 20.97 15.52
CA ILE D 331 -32.66 19.68 15.98
C ILE D 331 -31.28 19.40 15.45
N TYR D 332 -30.38 19.02 16.33
CA TYR D 332 -29.03 18.73 15.89
C TYR D 332 -28.58 17.35 16.31
N GLN D 333 -27.95 16.61 15.41
CA GLN D 333 -27.43 15.31 15.79
C GLN D 333 -26.05 15.50 16.39
N THR D 334 -25.87 15.03 17.61
CA THR D 334 -24.61 15.29 18.31
C THR D 334 -23.80 14.03 18.60
N SER D 335 -24.46 12.90 18.69
CA SER D 335 -23.76 11.67 19.03
C SER D 335 -24.56 10.49 18.57
N ASN D 336 -23.95 9.31 18.58
CA ASN D 336 -24.69 8.11 18.25
C ASN D 336 -24.81 7.19 19.45
N PHE D 337 -25.94 6.49 19.53
CA PHE D 337 -26.23 5.56 20.59
C PHE D 337 -26.10 4.13 20.13
N ARG D 338 -25.38 3.32 20.90
CA ARG D 338 -25.26 1.91 20.58
C ARG D 338 -25.33 1.05 21.83
N VAL D 339 -26.23 0.08 21.83
CA VAL D 339 -26.34 -0.85 22.94
C VAL D 339 -25.22 -1.85 22.88
N GLN D 340 -24.54 -2.04 24.00
CA GLN D 340 -23.42 -2.97 24.02
C GLN D 340 -23.86 -4.33 24.52
N PRO D 341 -23.25 -5.42 24.04
CA PRO D 341 -23.39 -6.78 24.54
C PRO D 341 -23.02 -6.85 26.00
N THR D 342 -23.82 -7.58 26.79
CA THR D 342 -23.54 -7.71 28.22
C THR D 342 -23.17 -9.13 28.63
N GLU D 343 -23.40 -10.09 27.75
CA GLU D 343 -23.12 -11.50 28.04
C GLU D 343 -22.54 -12.18 26.82
N SER D 344 -22.19 -13.46 26.97
CA SER D 344 -21.68 -14.26 25.87
C SER D 344 -22.28 -15.65 25.89
N ILE D 345 -23.02 -15.99 24.85
CA ILE D 345 -23.69 -17.28 24.78
C ILE D 345 -23.04 -18.21 23.79
N VAL D 346 -22.60 -19.35 24.28
CA VAL D 346 -21.94 -20.34 23.45
C VAL D 346 -22.70 -21.65 23.46
N ARG D 347 -23.10 -22.11 22.28
CA ARG D 347 -23.92 -23.31 22.24
C ARG D 347 -23.40 -24.38 21.28
N PHE D 348 -23.26 -25.58 21.81
CA PHE D 348 -22.88 -26.77 21.07
C PHE D 348 -23.95 -27.84 21.28
N PRO D 349 -24.12 -28.76 20.34
CA PRO D 349 -25.12 -29.82 20.36
C PRO D 349 -24.80 -30.87 21.42
N ASN D 350 -25.82 -31.67 21.78
CA ASN D 350 -25.71 -32.76 22.73
C ASN D 350 -24.64 -33.78 22.31
N ILE D 351 -23.80 -34.20 23.26
CA ILE D 351 -22.79 -35.22 23.01
C ILE D 351 -23.36 -36.58 23.38
N THR D 352 -23.67 -37.34 22.34
CA THR D 352 -24.30 -38.64 22.49
C THR D 352 -23.37 -39.73 21.94
N ASN D 353 -22.15 -39.31 21.63
CA ASN D 353 -21.16 -40.18 21.03
C ASN D 353 -19.78 -39.98 21.64
N LEU D 354 -19.54 -40.61 22.77
CA LEU D 354 -18.27 -40.50 23.46
C LEU D 354 -17.31 -41.60 23.03
N CYS D 355 -16.01 -41.30 23.04
CA CYS D 355 -14.94 -42.24 22.74
C CYS D 355 -14.85 -43.30 23.83
N PRO D 356 -14.75 -44.58 23.47
CA PRO D 356 -14.77 -45.73 24.36
C PRO D 356 -13.48 -45.94 25.13
N PHE D 357 -13.07 -44.94 25.89
CA PHE D 357 -11.88 -45.10 26.70
C PHE D 357 -12.21 -46.07 27.82
N GLY D 358 -13.44 -45.98 28.32
CA GLY D 358 -13.87 -46.85 29.40
C GLY D 358 -13.81 -48.31 28.96
N GLU D 359 -14.13 -48.59 27.70
CA GLU D 359 -14.12 -49.96 27.25
C GLU D 359 -12.71 -50.54 27.29
N VAL D 360 -11.73 -49.70 26.96
CA VAL D 360 -10.35 -50.13 26.97
C VAL D 360 -9.81 -50.28 28.40
N PHE D 361 -10.08 -49.29 29.23
CA PHE D 361 -9.58 -49.25 30.60
C PHE D 361 -10.29 -50.19 31.61
N ASN D 362 -11.61 -50.42 31.42
CA ASN D 362 -12.42 -51.24 32.32
C ASN D 362 -12.69 -52.66 31.76
N ALA D 363 -11.83 -53.11 30.82
CA ALA D 363 -11.93 -54.43 30.19
C ALA D 363 -11.74 -55.55 31.21
N THR D 364 -12.42 -56.66 30.98
CA THR D 364 -12.27 -57.80 31.85
C THR D 364 -10.91 -58.47 31.65
N ARG D 365 -10.37 -58.36 30.45
CA ARG D 365 -9.09 -58.96 30.14
C ARG D 365 -8.20 -58.12 29.23
N PHE D 366 -6.91 -58.13 29.54
CA PHE D 366 -5.88 -57.54 28.69
C PHE D 366 -5.03 -58.59 28.02
N ALA D 367 -4.43 -58.21 26.91
CA ALA D 367 -3.51 -59.07 26.19
C ALA D 367 -2.13 -59.08 26.83
N SER D 368 -1.37 -60.12 26.49
CA SER D 368 0.02 -60.23 26.85
C SER D 368 0.79 -59.14 26.13
N VAL D 369 1.88 -58.67 26.72
CA VAL D 369 2.63 -57.60 26.09
C VAL D 369 3.31 -58.02 24.79
N TYR D 370 3.67 -59.29 24.65
CA TYR D 370 4.28 -59.75 23.41
C TYR D 370 3.25 -59.71 22.27
N ALA D 371 1.98 -59.68 22.63
CA ALA D 371 0.88 -59.69 21.69
C ALA D 371 -0.13 -58.64 22.11
N TRP D 372 0.34 -57.41 22.26
CA TRP D 372 -0.47 -56.31 22.78
C TRP D 372 -1.64 -55.99 21.86
N ASN D 373 -2.76 -55.58 22.44
CA ASN D 373 -3.95 -55.26 21.66
C ASN D 373 -3.96 -53.82 21.21
N ARG D 374 -4.67 -53.57 20.11
CA ARG D 374 -4.93 -52.21 19.66
C ARG D 374 -6.38 -52.01 19.28
N LYS D 375 -6.93 -50.89 19.73
CA LYS D 375 -8.25 -50.49 19.30
C LYS D 375 -8.22 -49.07 18.77
N ARG D 376 -8.87 -48.86 17.64
CA ARG D 376 -8.93 -47.54 17.05
C ARG D 376 -10.10 -46.74 17.59
N ILE D 377 -9.80 -45.53 18.01
CA ILE D 377 -10.76 -44.57 18.48
C ILE D 377 -10.93 -43.51 17.40
N SER D 378 -12.15 -43.39 16.88
CA SER D 378 -12.42 -42.47 15.78
C SER D 378 -13.86 -41.99 15.78
N ASN D 379 -14.12 -40.87 15.12
CA ASN D 379 -15.49 -40.39 14.93
C ASN D 379 -16.31 -40.35 16.23
N CYS D 380 -15.73 -39.74 17.28
CA CYS D 380 -16.29 -39.66 18.63
C CYS D 380 -15.75 -38.46 19.41
N VAL D 381 -16.35 -38.18 20.55
CA VAL D 381 -15.87 -37.12 21.43
C VAL D 381 -14.97 -37.68 22.52
N ALA D 382 -13.75 -37.18 22.56
CA ALA D 382 -12.75 -37.69 23.47
C ALA D 382 -12.77 -36.98 24.80
N ASP D 383 -13.44 -37.59 25.75
CA ASP D 383 -13.58 -37.03 27.08
C ASP D 383 -12.47 -37.60 27.95
N TYR D 384 -11.49 -36.78 28.31
CA TYR D 384 -10.35 -37.30 29.05
C TYR D 384 -10.52 -37.01 30.54
N SER D 385 -11.66 -36.44 30.90
CA SER D 385 -11.90 -36.03 32.29
C SER D 385 -12.06 -37.24 33.19
N VAL D 386 -12.24 -38.39 32.57
CA VAL D 386 -12.39 -39.64 33.30
C VAL D 386 -11.04 -40.34 33.43
N LEU D 387 -10.00 -39.77 32.82
CA LEU D 387 -8.68 -40.34 32.90
C LEU D 387 -7.74 -39.50 33.76
N TYR D 388 -7.76 -38.17 33.57
CA TYR D 388 -6.78 -37.34 34.29
C TYR D 388 -7.27 -36.86 35.66
N ASN D 389 -8.54 -37.08 35.96
CA ASN D 389 -9.10 -36.71 37.26
C ASN D 389 -9.29 -37.95 38.13
N SER D 390 -8.72 -39.07 37.68
CA SER D 390 -8.82 -40.34 38.37
C SER D 390 -7.60 -40.63 39.22
N ALA D 391 -7.81 -40.88 40.51
CA ALA D 391 -6.71 -41.13 41.45
C ALA D 391 -6.25 -42.57 41.45
N SER D 392 -6.95 -43.43 40.69
CA SER D 392 -6.62 -44.86 40.66
C SER D 392 -5.36 -45.20 39.87
N PHE D 393 -4.89 -44.28 39.03
CA PHE D 393 -3.73 -44.58 38.20
C PHE D 393 -2.43 -44.33 38.96
N SER D 394 -1.47 -45.24 38.80
CA SER D 394 -0.17 -45.06 39.43
C SER D 394 0.78 -44.32 38.51
N THR D 395 0.54 -44.46 37.22
CA THR D 395 1.32 -43.82 36.19
C THR D 395 0.42 -42.99 35.31
N PHE D 396 0.81 -41.76 35.04
CA PHE D 396 0.06 -40.92 34.15
C PHE D 396 0.99 -39.86 33.61
N LYS D 397 1.56 -40.12 32.45
CA LYS D 397 2.53 -39.19 31.91
C LYS D 397 2.34 -39.04 30.41
N CYS D 398 2.23 -37.79 29.92
CA CYS D 398 2.09 -37.48 28.51
C CYS D 398 3.39 -36.96 27.94
N TYR D 399 3.79 -37.53 26.83
CA TYR D 399 5.02 -37.21 26.15
C TYR D 399 4.71 -36.34 24.94
N GLY D 400 3.43 -36.27 24.62
CA GLY D 400 2.95 -35.48 23.49
C GLY D 400 2.54 -34.10 23.96
N VAL D 401 1.29 -33.96 24.40
CA VAL D 401 0.77 -32.69 24.85
C VAL D 401 0.13 -32.78 26.22
N SER D 402 0.31 -31.74 27.01
CA SER D 402 -0.29 -31.62 28.33
C SER D 402 -1.79 -31.91 28.32
N PRO D 403 -2.31 -32.70 29.29
CA PRO D 403 -3.72 -33.04 29.49
C PRO D 403 -4.62 -31.82 29.57
N THR D 404 -4.04 -30.67 29.96
CA THR D 404 -4.80 -29.44 30.10
C THR D 404 -5.15 -28.84 28.74
N LYS D 405 -4.46 -29.29 27.70
CA LYS D 405 -4.69 -28.82 26.34
C LYS D 405 -5.35 -29.93 25.54
N LEU D 406 -5.00 -31.17 25.87
CA LEU D 406 -5.46 -32.36 25.15
C LEU D 406 -6.98 -32.43 25.03
N ASN D 407 -7.68 -31.98 26.06
CA ASN D 407 -9.14 -32.07 26.11
C ASN D 407 -9.78 -30.99 25.23
N ASP D 408 -8.95 -30.17 24.58
CA ASP D 408 -9.43 -29.15 23.66
C ASP D 408 -8.78 -29.29 22.28
N LEU D 409 -8.21 -30.48 21.99
CA LEU D 409 -7.58 -30.70 20.68
C LEU D 409 -8.32 -31.73 19.84
N CYS D 410 -8.20 -31.60 18.51
CA CYS D 410 -8.78 -32.50 17.52
C CYS D 410 -7.69 -33.31 16.82
N PHE D 411 -7.96 -34.60 16.63
CA PHE D 411 -7.06 -35.55 15.97
C PHE D 411 -7.81 -36.35 14.91
N THR D 412 -7.09 -36.92 13.96
CA THR D 412 -7.76 -37.77 12.97
C THR D 412 -7.97 -39.15 13.54
N ASN D 413 -6.98 -39.62 14.29
CA ASN D 413 -7.05 -40.94 14.89
C ASN D 413 -6.45 -40.98 16.28
N VAL D 414 -7.06 -41.76 17.15
CA VAL D 414 -6.51 -42.01 18.47
C VAL D 414 -6.39 -43.52 18.66
N TYR D 415 -5.23 -44.00 19.08
CA TYR D 415 -5.08 -45.43 19.24
C TYR D 415 -4.80 -45.81 20.67
N ALA D 416 -5.54 -46.81 21.16
CA ALA D 416 -5.34 -47.27 22.53
C ALA D 416 -4.71 -48.65 22.54
N ASP D 417 -3.44 -48.70 22.91
CA ASP D 417 -2.67 -49.93 22.93
C ASP D 417 -2.61 -50.49 24.35
N SER D 418 -3.07 -51.72 24.54
CA SER D 418 -3.18 -52.25 25.91
C SER D 418 -2.47 -53.59 26.13
N PHE D 419 -1.87 -53.71 27.31
CA PHE D 419 -1.14 -54.91 27.71
C PHE D 419 -0.85 -55.00 29.21
N VAL D 420 -0.47 -56.20 29.69
CA VAL D 420 -0.05 -56.37 31.09
C VAL D 420 1.42 -56.74 31.25
N ILE D 421 2.10 -55.94 32.07
CA ILE D 421 3.52 -56.12 32.41
C ILE D 421 3.76 -55.96 33.90
N ARG D 422 4.98 -56.27 34.34
CA ARG D 422 5.38 -56.05 35.73
C ARG D 422 5.48 -54.57 36.07
N GLY D 423 5.26 -54.23 37.33
CA GLY D 423 5.41 -52.85 37.80
C GLY D 423 6.80 -52.28 37.52
N ASP D 424 7.83 -53.11 37.63
CA ASP D 424 9.21 -52.68 37.40
C ASP D 424 9.51 -52.45 35.94
N GLU D 425 8.59 -52.81 35.07
CA GLU D 425 8.75 -52.66 33.64
C GLU D 425 7.90 -51.52 33.10
N VAL D 426 7.10 -50.89 33.96
CA VAL D 426 6.20 -49.83 33.51
C VAL D 426 7.02 -48.65 33.01
N ARG D 427 8.14 -48.41 33.67
CA ARG D 427 9.06 -47.33 33.32
C ARG D 427 9.66 -47.49 31.92
N GLN D 428 9.56 -48.68 31.33
CA GLN D 428 10.09 -48.90 29.99
C GLN D 428 9.13 -48.41 28.92
N ILE D 429 7.88 -48.13 29.29
CA ILE D 429 6.91 -47.73 28.28
C ILE D 429 7.01 -46.24 28.08
N ALA D 430 8.01 -45.85 27.32
CA ALA D 430 8.29 -44.45 27.05
C ALA D 430 9.24 -44.34 25.86
N PRO D 431 9.22 -43.23 25.13
CA PRO D 431 10.12 -42.91 24.05
C PRO D 431 11.54 -42.80 24.59
N GLY D 432 12.50 -43.36 23.86
CA GLY D 432 13.89 -43.28 24.24
C GLY D 432 14.32 -44.39 25.21
N GLN D 433 13.38 -45.24 25.63
CA GLN D 433 13.73 -46.29 26.58
C GLN D 433 14.10 -47.60 25.89
N THR D 434 14.88 -48.41 26.60
CA THR D 434 15.30 -49.72 26.13
C THR D 434 15.02 -50.75 27.23
N GLY D 435 15.11 -52.02 26.90
CA GLY D 435 14.87 -53.08 27.87
C GLY D 435 14.09 -54.22 27.24
N LYS D 436 13.82 -55.27 28.00
CA LYS D 436 13.16 -56.43 27.41
C LYS D 436 11.78 -56.10 26.85
N ILE D 437 11.08 -55.16 27.47
CA ILE D 437 9.75 -54.85 26.97
C ILE D 437 9.87 -53.80 25.89
N ALA D 438 10.62 -52.74 26.17
CA ALA D 438 10.78 -51.67 25.20
C ALA D 438 11.36 -52.18 23.87
N ASP D 439 12.26 -53.15 23.93
CA ASP D 439 12.89 -53.64 22.70
C ASP D 439 12.21 -54.84 22.05
N TYR D 440 11.61 -55.77 22.81
CA TYR D 440 11.07 -56.95 22.15
C TYR D 440 9.56 -57.10 22.18
N ASN D 441 8.86 -56.29 22.97
CA ASN D 441 7.42 -56.48 23.10
C ASN D 441 6.60 -55.29 22.63
N TYR D 442 6.96 -54.10 23.11
CA TYR D 442 6.19 -52.91 22.82
C TYR D 442 7.08 -51.68 22.76
N LYS D 443 7.40 -51.24 21.56
CA LYS D 443 8.32 -50.13 21.36
C LYS D 443 7.62 -48.83 20.99
N LEU D 444 7.93 -47.76 21.73
CA LEU D 444 7.44 -46.44 21.36
C LEU D 444 8.57 -45.67 20.71
N PRO D 445 8.29 -44.90 19.66
CA PRO D 445 9.23 -44.09 18.90
C PRO D 445 9.73 -42.95 19.75
N ASP D 446 10.94 -42.46 19.47
CA ASP D 446 11.53 -41.37 20.24
C ASP D 446 10.68 -40.10 20.16
N ASP D 447 9.95 -39.92 19.04
CA ASP D 447 9.09 -38.77 18.82
C ASP D 447 7.62 -39.09 19.10
N PHE D 448 7.38 -40.08 19.96
CA PHE D 448 6.03 -40.46 20.36
C PHE D 448 5.18 -39.31 20.85
N THR D 449 3.99 -39.21 20.29
CA THR D 449 3.04 -38.21 20.70
C THR D 449 1.85 -38.91 21.33
N GLY D 450 1.70 -38.75 22.63
CA GLY D 450 0.64 -39.42 23.35
C GLY D 450 0.87 -39.50 24.85
N CYS D 451 0.06 -40.35 25.51
CA CYS D 451 0.03 -40.51 26.97
C CYS D 451 0.11 -41.97 27.39
N VAL D 452 0.91 -42.21 28.42
CA VAL D 452 1.03 -43.55 28.99
C VAL D 452 0.38 -43.59 30.36
N ILE D 453 -0.63 -44.44 30.49
CA ILE D 453 -1.40 -44.56 31.72
C ILE D 453 -1.35 -45.98 32.24
N ALA D 454 -1.05 -46.16 33.53
CA ALA D 454 -0.99 -47.52 34.06
C ALA D 454 -1.46 -47.60 35.51
N TRP D 455 -1.96 -48.78 35.88
CA TRP D 455 -2.42 -48.99 37.24
C TRP D 455 -2.23 -50.42 37.70
N ASN D 456 -2.15 -50.60 39.01
CA ASN D 456 -1.98 -51.92 39.61
C ASN D 456 -3.22 -52.78 39.43
N SER D 457 -3.02 -54.02 38.99
CA SER D 457 -4.12 -54.95 38.77
C SER D 457 -3.92 -56.25 39.56
N ASN D 458 -3.16 -56.17 40.65
CA ASN D 458 -2.80 -57.33 41.46
C ASN D 458 -4.00 -58.00 42.10
N ASN D 459 -5.11 -57.29 42.22
CA ASN D 459 -6.30 -57.83 42.85
C ASN D 459 -7.10 -58.72 41.92
N LEU D 460 -6.63 -58.89 40.69
CA LEU D 460 -7.33 -59.73 39.74
C LEU D 460 -6.37 -60.59 38.90
N ASP D 461 -5.36 -59.95 38.29
CA ASP D 461 -4.51 -60.61 37.30
C ASP D 461 -3.32 -61.34 37.93
N SER D 462 -3.59 -62.18 38.91
CA SER D 462 -2.53 -62.95 39.59
C SER D 462 -3.09 -64.24 40.18
N LYS D 463 -2.23 -65.26 40.37
CA LYS D 463 -2.57 -66.56 40.95
C LYS D 463 -1.41 -67.10 41.76
N GLY D 466 1.03 -69.65 40.32
CA GLY D 466 1.28 -68.39 39.64
C GLY D 466 0.41 -68.29 38.38
N ASN D 467 0.11 -67.05 37.97
CA ASN D 467 -0.63 -66.75 36.75
C ASN D 467 0.36 -66.53 35.63
N TYR D 468 0.46 -67.53 34.76
CA TYR D 468 1.43 -67.55 33.68
C TYR D 468 0.75 -67.34 32.34
N ASN D 469 -0.47 -66.80 32.40
CA ASN D 469 -1.25 -66.54 31.20
C ASN D 469 -0.69 -65.36 30.43
N TYR D 470 -0.02 -64.46 31.14
CA TYR D 470 0.58 -63.31 30.50
C TYR D 470 2.02 -63.61 30.16
N LEU D 471 2.41 -63.31 28.93
CA LEU D 471 3.77 -63.55 28.47
C LEU D 471 4.45 -62.35 27.85
N TYR D 472 5.77 -62.38 27.88
CA TYR D 472 6.60 -61.40 27.23
C TYR D 472 7.70 -62.07 26.45
N ARG D 473 8.19 -61.40 25.43
CA ARG D 473 9.27 -61.90 24.63
C ARG D 473 10.58 -61.66 25.34
N LEU D 474 11.36 -62.71 25.45
CA LEU D 474 12.65 -62.71 26.14
C LEU D 474 13.79 -62.64 25.13
N PHE D 475 13.61 -63.33 23.99
CA PHE D 475 14.63 -63.36 22.97
C PHE D 475 14.10 -62.98 21.61
N ARG D 476 14.93 -62.28 20.83
CA ARG D 476 14.58 -62.00 19.45
C ARG D 476 15.86 -61.76 18.66
N LYS D 477 15.82 -62.02 17.36
CA LYS D 477 16.96 -61.79 16.47
C LYS D 477 17.38 -60.32 16.41
N SER D 478 16.40 -59.43 16.50
CA SER D 478 16.61 -58.00 16.47
C SER D 478 15.51 -57.32 17.28
N ASN D 479 15.63 -56.02 17.51
CA ASN D 479 14.62 -55.34 18.30
C ASN D 479 13.41 -54.98 17.43
N LEU D 480 12.39 -54.40 18.04
CA LEU D 480 11.18 -54.00 17.32
C LEU D 480 11.23 -52.58 16.79
N LYS D 481 10.51 -52.36 15.71
CA LYS D 481 10.28 -51.03 15.19
C LYS D 481 9.16 -50.44 16.04
N PRO D 482 9.01 -49.11 16.08
CA PRO D 482 7.95 -48.43 16.77
C PRO D 482 6.59 -49.00 16.41
N PHE D 483 5.83 -49.34 17.45
CA PHE D 483 4.50 -49.92 17.34
C PHE D 483 4.42 -51.21 16.53
N GLU D 484 5.51 -51.97 16.49
CA GLU D 484 5.44 -53.25 15.78
C GLU D 484 4.93 -54.31 16.77
N ARG D 485 4.74 -55.53 16.28
CA ARG D 485 4.29 -56.63 17.10
C ARG D 485 4.88 -57.92 16.55
N ASP D 486 5.33 -58.81 17.42
CA ASP D 486 5.84 -60.09 16.98
C ASP D 486 5.31 -61.21 17.86
N ILE D 487 4.47 -62.06 17.28
CA ILE D 487 3.80 -63.12 18.02
C ILE D 487 4.21 -64.50 17.52
N SER D 488 5.34 -64.57 16.83
CA SER D 488 5.83 -65.84 16.32
C SER D 488 6.41 -66.66 17.48
N THR D 489 6.54 -67.97 17.26
CA THR D 489 7.09 -68.87 18.28
C THR D 489 8.38 -69.54 17.81
N GLU D 490 8.99 -69.00 16.77
CA GLU D 490 10.22 -69.56 16.23
C GLU D 490 11.29 -69.59 17.30
N ILE D 491 11.94 -70.74 17.46
CA ILE D 491 12.96 -70.89 18.49
C ILE D 491 14.15 -70.01 18.20
N TYR D 492 14.56 -69.25 19.21
CA TYR D 492 15.66 -68.34 19.10
C TYR D 492 16.98 -69.08 19.19
N GLN D 493 17.87 -68.80 18.25
CA GLN D 493 19.18 -69.42 18.26
C GLN D 493 20.20 -68.47 18.84
N ALA D 494 20.71 -68.83 20.01
CA ALA D 494 21.69 -67.99 20.70
C ALA D 494 23.10 -68.39 20.27
N GLY D 495 23.25 -69.67 19.94
CA GLY D 495 24.55 -70.22 19.57
C GLY D 495 24.72 -70.36 18.07
N SER D 496 25.60 -71.28 17.66
CA SER D 496 25.90 -71.49 16.25
C SER D 496 25.24 -72.75 15.70
N THR D 497 24.60 -73.52 16.59
CA THR D 497 23.97 -74.77 16.21
C THR D 497 22.50 -74.52 15.85
N PRO D 498 22.04 -74.92 14.65
CA PRO D 498 20.67 -74.79 14.20
C PRO D 498 19.74 -75.43 15.22
N CYS D 499 18.63 -74.73 15.54
CA CYS D 499 17.67 -75.19 16.54
C CYS D 499 16.70 -76.19 15.93
N ASN D 500 16.45 -76.07 14.64
CA ASN D 500 15.56 -76.96 13.91
C ASN D 500 14.16 -77.04 14.53
N GLY D 501 13.67 -75.92 15.04
CA GLY D 501 12.32 -75.84 15.59
C GLY D 501 12.18 -76.26 17.06
N VAL D 502 13.27 -76.70 17.70
CA VAL D 502 13.16 -77.13 19.09
C VAL D 502 14.17 -76.47 20.01
N GLU D 503 13.90 -76.53 21.32
CA GLU D 503 14.80 -76.00 22.33
C GLU D 503 15.98 -76.93 22.54
N GLY D 504 17.08 -76.40 23.06
CA GLY D 504 18.29 -77.19 23.23
C GLY D 504 19.47 -76.32 23.65
N PHE D 505 20.68 -76.81 23.43
CA PHE D 505 21.84 -76.04 23.84
C PHE D 505 21.90 -74.76 23.04
N ASN D 506 21.84 -73.64 23.76
CA ASN D 506 21.79 -72.31 23.17
C ASN D 506 20.65 -72.11 22.16
N CYS D 507 19.47 -72.71 22.45
CA CYS D 507 18.22 -72.58 21.69
C CYS D 507 17.08 -72.42 22.68
N TYR D 508 16.30 -71.35 22.51
CA TYR D 508 15.26 -71.05 23.48
C TYR D 508 13.91 -70.71 22.87
N PHE D 509 12.84 -71.08 23.57
CA PHE D 509 11.54 -70.61 23.16
C PHE D 509 11.59 -69.10 23.40
N PRO D 510 11.18 -68.27 22.44
CA PRO D 510 11.31 -66.83 22.47
C PRO D 510 10.53 -66.14 23.58
N LEU D 511 9.48 -66.78 24.09
CA LEU D 511 8.66 -66.15 25.12
C LEU D 511 8.93 -66.73 26.50
N GLN D 512 8.73 -65.87 27.48
CA GLN D 512 8.79 -66.27 28.89
C GLN D 512 7.56 -65.73 29.59
N SER D 513 6.95 -66.56 30.43
CA SER D 513 5.75 -66.12 31.13
C SER D 513 6.07 -65.31 32.37
N TYR D 514 5.09 -64.54 32.84
CA TYR D 514 5.22 -63.82 34.09
C TYR D 514 4.69 -64.63 35.25
N GLY D 515 5.45 -64.73 36.31
CA GLY D 515 4.96 -65.43 37.50
C GLY D 515 4.16 -64.50 38.39
N PHE D 516 2.98 -64.10 37.93
CA PHE D 516 2.21 -63.16 38.71
C PHE D 516 1.45 -63.86 39.83
N GLN D 517 1.72 -63.42 41.06
CA GLN D 517 1.13 -63.98 42.27
C GLN D 517 0.64 -62.84 43.16
N PRO D 518 -0.45 -63.03 43.91
CA PRO D 518 -1.08 -62.05 44.77
C PRO D 518 -0.18 -61.57 45.89
N THR D 519 0.84 -62.36 46.21
CA THR D 519 1.75 -62.03 47.29
C THR D 519 3.09 -61.38 46.86
N ASN D 520 3.27 -61.09 45.55
CA ASN D 520 4.48 -60.45 45.02
C ASN D 520 4.70 -59.06 45.63
N VAL D 522 5.74 -55.21 45.04
CA VAL D 522 5.15 -54.21 44.15
C VAL D 522 5.76 -54.36 42.73
N GLY D 523 7.11 -54.44 42.62
CA GLY D 523 7.81 -54.52 41.33
C GLY D 523 7.43 -55.74 40.47
N TYR D 524 7.05 -56.83 41.12
CA TYR D 524 6.67 -58.03 40.42
C TYR D 524 5.16 -58.21 40.32
N GLN D 525 4.40 -57.20 40.75
CA GLN D 525 2.95 -57.27 40.62
C GLN D 525 2.62 -56.86 39.20
N PRO D 526 1.52 -57.35 38.63
CA PRO D 526 1.02 -56.98 37.33
C PRO D 526 0.45 -55.57 37.34
N TYR D 527 0.68 -54.88 36.24
CA TYR D 527 0.10 -53.58 35.97
C TYR D 527 -0.54 -53.57 34.60
N ARG D 528 -1.70 -52.95 34.53
CA ARG D 528 -2.38 -52.78 33.27
C ARG D 528 -1.92 -51.48 32.66
N VAL D 529 -1.41 -51.55 31.45
CA VAL D 529 -0.89 -50.38 30.80
C VAL D 529 -1.65 -50.08 29.53
N VAL D 530 -2.09 -48.84 29.40
CA VAL D 530 -2.75 -48.38 28.20
C VAL D 530 -2.01 -47.17 27.65
N VAL D 531 -1.64 -47.24 26.39
CA VAL D 531 -0.97 -46.12 25.77
C VAL D 531 -1.87 -45.47 24.74
N LEU D 532 -2.11 -44.19 24.92
CA LEU D 532 -2.97 -43.45 24.01
C LEU D 532 -2.13 -42.62 23.05
N SER D 533 -2.12 -43.04 21.79
CA SER D 533 -1.35 -42.38 20.75
C SER D 533 -2.27 -41.47 19.94
N PHE D 534 -1.87 -40.21 19.80
CA PHE D 534 -2.74 -39.24 19.12
C PHE D 534 -2.06 -38.69 17.87
N GLU D 535 -2.75 -38.74 16.74
CA GLU D 535 -2.15 -38.20 15.52
C GLU D 535 -3.08 -37.31 14.72
N LEU D 536 -2.47 -36.32 14.06
CA LEU D 536 -3.17 -35.45 13.15
C LEU D 536 -2.61 -35.64 11.74
N LEU D 537 -3.48 -36.06 10.83
CA LEU D 537 -3.11 -36.31 9.45
C LEU D 537 -3.69 -35.24 8.55
N HIS D 538 -3.45 -35.38 7.25
CA HIS D 538 -4.01 -34.47 6.25
C HIS D 538 -5.52 -34.65 6.13
N ALA D 539 -6.01 -35.77 6.61
CA ALA D 539 -7.42 -36.10 6.61
C ALA D 539 -8.14 -35.19 7.61
N PRO D 540 -9.46 -34.96 7.47
CA PRO D 540 -10.27 -34.24 8.42
C PRO D 540 -10.17 -34.87 9.79
N ALA D 541 -10.08 -34.05 10.84
CA ALA D 541 -10.04 -34.60 12.19
C ALA D 541 -11.36 -35.29 12.49
N THR D 542 -11.33 -36.39 13.23
CA THR D 542 -12.58 -37.06 13.53
C THR D 542 -12.86 -37.12 15.02
N VAL D 543 -11.82 -36.94 15.83
CA VAL D 543 -11.97 -37.00 17.28
C VAL D 543 -11.55 -35.72 17.95
N CYS D 544 -12.50 -35.05 18.62
CA CYS D 544 -12.31 -33.79 19.33
C CYS D 544 -12.78 -33.97 20.76
N GLY D 545 -12.26 -33.17 21.67
CA GLY D 545 -12.75 -33.22 23.03
C GLY D 545 -14.12 -32.57 23.06
N PRO D 546 -14.84 -32.66 24.18
CA PRO D 546 -16.16 -32.12 24.40
C PRO D 546 -16.07 -30.62 24.50
N LYS D 547 -17.12 -29.93 24.10
CA LYS D 547 -17.16 -28.50 24.29
C LYS D 547 -18.27 -28.17 25.25
N LYS D 548 -18.03 -27.20 26.11
CA LYS D 548 -19.03 -26.80 27.07
C LYS D 548 -19.92 -25.73 26.48
N SER D 549 -21.17 -25.72 26.91
CA SER D 549 -22.12 -24.73 26.48
C SER D 549 -22.62 -23.92 27.66
N THR D 550 -23.06 -22.71 27.37
CA THR D 550 -23.63 -21.82 28.36
C THR D 550 -25.13 -21.88 28.25
N ASN D 551 -25.82 -21.27 29.20
CA ASN D 551 -27.26 -21.18 29.10
C ASN D 551 -27.57 -20.11 28.07
N LEU D 552 -28.76 -20.17 27.49
CA LEU D 552 -29.13 -19.18 26.50
C LEU D 552 -30.09 -18.17 27.08
N VAL D 553 -29.72 -16.91 26.96
CA VAL D 553 -30.52 -15.80 27.46
C VAL D 553 -31.19 -15.07 26.32
N LYS D 554 -32.50 -14.96 26.41
CA LYS D 554 -33.32 -14.36 25.36
C LYS D 554 -33.60 -12.89 25.63
N ASN D 555 -33.92 -12.17 24.55
CA ASN D 555 -34.33 -10.77 24.60
C ASN D 555 -33.29 -9.86 25.24
N LYS D 556 -32.02 -10.15 25.02
CA LYS D 556 -30.94 -9.33 25.55
C LYS D 556 -29.84 -9.20 24.48
N CYS D 557 -29.11 -8.06 24.49
CA CYS D 557 -27.98 -7.88 23.58
C CYS D 557 -26.77 -8.66 24.09
N VAL D 558 -26.38 -9.65 23.30
CA VAL D 558 -25.32 -10.56 23.67
C VAL D 558 -24.33 -10.81 22.55
N ASN D 559 -23.18 -11.34 22.91
CA ASN D 559 -22.27 -11.89 21.94
C ASN D 559 -22.65 -13.35 21.83
N PHE D 560 -22.40 -13.99 20.71
CA PHE D 560 -22.71 -15.41 20.62
C PHE D 560 -21.84 -16.22 19.69
N ASN D 561 -21.84 -17.53 19.96
CA ASN D 561 -21.17 -18.54 19.16
C ASN D 561 -22.02 -19.80 19.09
N PHE D 562 -22.61 -20.05 17.93
CA PHE D 562 -23.45 -21.23 17.71
C PHE D 562 -22.77 -22.18 16.75
N ASN D 563 -22.37 -23.34 17.25
CA ASN D 563 -21.62 -24.26 16.42
C ASN D 563 -20.38 -23.55 15.88
N GLY D 564 -20.38 -23.24 14.59
CA GLY D 564 -19.22 -22.60 13.97
C GLY D 564 -19.42 -21.13 13.58
N LEU D 565 -20.55 -20.52 13.94
CA LEU D 565 -20.76 -19.14 13.53
C LEU D 565 -20.77 -18.23 14.74
N THR D 566 -20.33 -16.99 14.54
CA THR D 566 -20.33 -16.02 15.62
C THR D 566 -20.95 -14.72 15.17
N GLY D 567 -21.30 -13.90 16.14
CA GLY D 567 -21.83 -12.58 15.87
C GLY D 567 -22.38 -11.97 17.14
N THR D 568 -23.08 -10.86 16.98
CA THR D 568 -23.68 -10.18 18.12
C THR D 568 -25.11 -9.84 17.76
N GLY D 569 -25.94 -9.65 18.76
CA GLY D 569 -27.32 -9.29 18.51
C GLY D 569 -28.26 -9.79 19.59
N VAL D 570 -29.55 -9.75 19.29
CA VAL D 570 -30.57 -10.14 20.24
C VAL D 570 -31.28 -11.39 19.72
N LEU D 571 -31.35 -12.40 20.57
CA LEU D 571 -31.97 -13.68 20.21
C LEU D 571 -33.42 -13.73 20.69
N THR D 572 -34.34 -13.96 19.77
CA THR D 572 -35.76 -14.06 20.11
C THR D 572 -36.36 -15.28 19.43
N GLU D 573 -37.49 -15.78 19.92
CA GLU D 573 -38.11 -16.91 19.24
C GLU D 573 -38.55 -16.55 17.84
N SER D 574 -38.29 -17.45 16.90
CA SER D 574 -38.66 -17.28 15.51
C SER D 574 -40.01 -17.87 15.21
N ASN D 575 -40.72 -17.28 14.24
CA ASN D 575 -41.99 -17.83 13.79
C ASN D 575 -41.81 -18.60 12.49
N LYS D 576 -40.56 -18.85 12.11
CA LYS D 576 -40.27 -19.56 10.87
C LYS D 576 -39.70 -20.93 11.15
N LYS D 577 -39.87 -21.86 10.22
CA LYS D 577 -39.28 -23.17 10.36
C LYS D 577 -38.26 -23.44 9.27
N PHE D 578 -37.26 -24.23 9.62
CA PHE D 578 -36.19 -24.62 8.72
C PHE D 578 -36.35 -26.04 8.27
N LEU D 579 -35.69 -26.40 7.18
CA LEU D 579 -35.68 -27.78 6.76
C LEU D 579 -34.88 -28.54 7.81
N PRO D 580 -35.11 -29.85 8.00
CA PRO D 580 -34.49 -30.71 9.00
C PRO D 580 -32.97 -30.67 9.08
N PHE D 581 -32.30 -30.34 7.99
CA PHE D 581 -30.84 -30.34 7.97
C PHE D 581 -30.21 -28.97 8.09
N GLN D 582 -31.01 -27.91 8.05
CA GLN D 582 -30.47 -26.57 8.04
C GLN D 582 -30.07 -26.11 9.44
N GLN D 583 -28.97 -25.36 9.51
CA GLN D 583 -28.43 -24.94 10.79
C GLN D 583 -28.68 -23.49 11.13
N PHE D 584 -28.82 -22.65 10.12
CA PHE D 584 -29.06 -21.23 10.34
C PHE D 584 -29.69 -20.67 9.10
N GLY D 585 -30.27 -19.48 9.22
CA GLY D 585 -30.87 -18.80 8.09
C GLY D 585 -30.08 -17.55 7.73
N ARG D 586 -30.23 -17.13 6.49
CA ARG D 586 -29.53 -15.97 5.96
C ARG D 586 -30.46 -15.04 5.20
N ASP D 587 -30.16 -13.75 5.26
CA ASP D 587 -30.97 -12.71 4.63
C ASP D 587 -30.55 -12.44 3.18
N ILE D 588 -31.26 -11.51 2.54
CA ILE D 588 -31.02 -11.12 1.16
C ILE D 588 -29.64 -10.56 0.95
N ALA D 589 -29.16 -9.76 1.89
CA ALA D 589 -27.87 -9.12 1.79
C ALA D 589 -26.79 -9.96 2.47
N ASP D 590 -27.01 -11.27 2.52
CA ASP D 590 -26.08 -12.24 3.07
C ASP D 590 -25.66 -11.99 4.52
N THR D 591 -26.61 -11.59 5.36
CA THR D 591 -26.32 -11.43 6.78
C THR D 591 -27.07 -12.53 7.51
N THR D 592 -26.65 -12.88 8.72
CA THR D 592 -27.36 -13.94 9.43
C THR D 592 -28.74 -13.45 9.85
N ASP D 593 -29.76 -14.23 9.53
CA ASP D 593 -31.14 -13.88 9.83
C ASP D 593 -31.62 -14.54 11.11
N ALA D 594 -31.26 -15.81 11.26
CA ALA D 594 -31.72 -16.60 12.39
C ALA D 594 -30.77 -17.76 12.60
N VAL D 595 -30.78 -18.34 13.78
CA VAL D 595 -29.96 -19.50 14.03
C VAL D 595 -30.79 -20.60 14.68
N ARG D 596 -30.50 -21.85 14.32
CA ARG D 596 -31.19 -22.95 14.97
C ARG D 596 -30.34 -23.43 16.12
N ASP D 597 -30.92 -23.46 17.30
CA ASP D 597 -30.20 -23.82 18.52
C ASP D 597 -29.77 -25.29 18.53
N PRO D 598 -28.48 -25.58 18.68
CA PRO D 598 -27.88 -26.90 18.71
C PRO D 598 -28.47 -27.92 19.70
N GLN D 599 -29.08 -27.48 20.81
CA GLN D 599 -29.57 -28.45 21.78
C GLN D 599 -31.09 -28.57 21.78
N THR D 600 -31.77 -27.47 21.54
CA THR D 600 -33.22 -27.49 21.59
C THR D 600 -33.83 -27.62 20.21
N LEU D 601 -33.03 -27.33 19.19
CA LEU D 601 -33.43 -27.35 17.80
C LEU D 601 -34.52 -26.33 17.49
N GLU D 602 -34.73 -25.39 18.41
CA GLU D 602 -35.65 -24.30 18.22
C GLU D 602 -34.96 -23.22 17.41
N ILE D 603 -35.72 -22.42 16.70
CA ILE D 603 -35.13 -21.39 15.88
C ILE D 603 -35.28 -20.02 16.53
N LEU D 604 -34.17 -19.32 16.61
CA LEU D 604 -34.13 -17.99 17.20
C LEU D 604 -33.76 -16.94 16.17
N ASP D 605 -34.61 -15.94 16.02
CA ASP D 605 -34.32 -14.86 15.10
C ASP D 605 -33.21 -14.01 15.69
N ILE D 606 -32.35 -13.46 14.84
CA ILE D 606 -31.30 -12.59 15.35
C ILE D 606 -31.47 -11.18 14.85
N THR D 607 -31.59 -10.24 15.77
CA THR D 607 -31.70 -8.86 15.35
C THR D 607 -30.43 -8.14 15.80
N PRO D 608 -30.03 -7.06 15.13
CA PRO D 608 -28.93 -6.21 15.54
C PRO D 608 -29.27 -5.60 16.88
N CYS D 609 -28.24 -5.31 17.70
CA CYS D 609 -28.42 -4.60 18.97
C CYS D 609 -28.81 -3.17 18.65
N SER D 610 -29.80 -2.67 19.38
CA SER D 610 -30.35 -1.36 19.10
C SER D 610 -29.31 -0.28 18.97
N PHE D 611 -29.45 0.54 17.93
CA PHE D 611 -28.56 1.65 17.71
C PHE D 611 -29.30 2.73 16.92
N GLY D 612 -28.77 3.94 16.96
CA GLY D 612 -29.33 5.02 16.17
C GLY D 612 -28.71 6.35 16.56
N GLY D 613 -28.98 7.39 15.79
CA GLY D 613 -28.44 8.70 16.09
C GLY D 613 -29.14 9.33 17.29
N VAL D 614 -28.41 10.18 17.99
CA VAL D 614 -28.97 10.92 19.11
C VAL D 614 -28.97 12.39 18.78
N SER D 615 -30.15 12.98 18.81
CA SER D 615 -30.27 14.37 18.44
C SER D 615 -30.92 15.18 19.53
N VAL D 616 -30.52 16.44 19.61
CA VAL D 616 -31.03 17.32 20.63
C VAL D 616 -32.00 18.33 20.06
N ILE D 617 -33.17 18.36 20.66
CA ILE D 617 -34.25 19.24 20.28
C ILE D 617 -34.26 20.45 21.17
N THR D 618 -34.01 21.60 20.60
CA THR D 618 -33.85 22.76 21.47
C THR D 618 -34.49 24.03 20.90
N PRO D 619 -35.10 24.85 21.76
CA PRO D 619 -35.53 26.20 21.48
C PRO D 619 -34.25 26.99 21.44
N GLY D 620 -34.24 28.14 20.85
CA GLY D 620 -32.97 28.84 20.80
C GLY D 620 -32.49 29.15 22.21
N THR D 621 -31.17 29.11 22.40
CA THR D 621 -30.54 29.41 23.70
C THR D 621 -30.70 30.87 24.13
N ASN D 622 -31.20 31.69 23.20
CA ASN D 622 -31.56 33.09 23.42
C ASN D 622 -32.77 33.21 24.38
N THR D 623 -33.63 32.17 24.42
CA THR D 623 -34.84 32.15 25.25
C THR D 623 -34.82 31.04 26.31
N SER D 624 -34.13 29.93 26.06
CA SER D 624 -34.12 28.82 27.01
C SER D 624 -32.95 27.85 26.84
N ASN D 625 -32.43 27.36 27.96
CA ASN D 625 -31.39 26.34 27.94
C ASN D 625 -31.94 24.96 28.25
N GLN D 626 -33.25 24.81 28.19
CA GLN D 626 -33.89 23.52 28.39
C GLN D 626 -33.90 22.74 27.09
N VAL D 627 -33.55 21.46 27.13
CA VAL D 627 -33.55 20.66 25.92
C VAL D 627 -34.25 19.32 26.09
N ALA D 628 -34.65 18.73 24.97
CA ALA D 628 -35.19 17.37 24.94
C ALA D 628 -34.30 16.53 24.04
N VAL D 629 -34.18 15.25 24.33
CA VAL D 629 -33.30 14.42 23.51
C VAL D 629 -34.04 13.29 22.83
N LEU D 630 -33.83 13.18 21.53
CA LEU D 630 -34.44 12.15 20.72
C LEU D 630 -33.47 11.07 20.30
N TYR D 631 -33.76 9.84 20.69
CA TYR D 631 -32.96 8.70 20.30
C TYR D 631 -33.64 8.05 19.12
N GLN D 632 -33.02 8.14 17.96
CA GLN D 632 -33.68 7.71 16.73
C GLN D 632 -33.81 6.22 16.63
N ASP D 633 -35.00 5.79 16.23
CA ASP D 633 -35.27 4.38 15.95
C ASP D 633 -34.88 3.40 17.06
N VAL D 634 -35.15 3.75 18.30
CA VAL D 634 -34.89 2.83 19.42
C VAL D 634 -36.13 2.78 20.29
N ASN D 635 -36.22 1.75 21.16
CA ASN D 635 -37.28 1.62 22.15
C ASN D 635 -36.89 2.39 23.42
N CYS D 636 -37.88 2.89 24.16
CA CYS D 636 -37.68 3.63 25.40
C CYS D 636 -37.25 2.70 26.54
N THR D 637 -37.37 1.40 26.29
CA THR D 637 -36.97 0.38 27.25
C THR D 637 -35.49 0.08 27.09
N GLU D 638 -34.90 0.55 25.99
CA GLU D 638 -33.50 0.31 25.67
C GLU D 638 -32.60 1.50 26.05
N VAL D 639 -33.13 2.73 25.99
CA VAL D 639 -32.42 3.96 26.33
C VAL D 639 -32.16 4.00 27.84
N ASN D 660 -40.84 12.41 31.72
CA ASN D 660 -41.35 12.80 30.41
C ASN D 660 -40.70 11.95 29.30
N VAL D 661 -41.13 10.67 29.19
CA VAL D 661 -40.64 9.76 28.15
C VAL D 661 -41.75 9.39 27.19
N PHE D 662 -41.58 9.78 25.94
CA PHE D 662 -42.56 9.59 24.89
C PHE D 662 -42.04 8.73 23.76
N GLN D 663 -42.72 7.62 23.52
CA GLN D 663 -42.31 6.73 22.44
C GLN D 663 -43.06 7.07 21.16
N THR D 664 -42.32 7.36 20.11
CA THR D 664 -42.94 7.62 18.82
C THR D 664 -42.23 6.87 17.71
N ARG D 665 -42.65 7.12 16.48
CA ARG D 665 -42.09 6.45 15.31
C ARG D 665 -40.70 6.93 14.97
N ALA D 666 -40.44 8.20 15.23
CA ALA D 666 -39.13 8.78 14.97
C ALA D 666 -38.08 8.16 15.89
N GLY D 667 -38.50 7.83 17.11
CA GLY D 667 -37.59 7.32 18.13
C GLY D 667 -38.16 7.57 19.51
N CYS D 668 -37.30 7.46 20.54
CA CYS D 668 -37.71 7.68 21.93
C CYS D 668 -37.32 9.10 22.33
N LEU D 669 -38.32 9.89 22.67
CA LEU D 669 -38.12 11.28 23.01
C LEU D 669 -38.21 11.55 24.51
N ILE D 670 -37.13 12.04 25.09
CA ILE D 670 -37.08 12.28 26.51
C ILE D 670 -36.94 13.76 26.84
N GLY D 671 -37.81 14.25 27.71
CA GLY D 671 -37.78 15.64 28.17
C GLY D 671 -38.90 16.48 27.61
N ALA D 672 -39.52 16.02 26.54
CA ALA D 672 -40.65 16.73 25.96
C ALA D 672 -41.94 16.15 26.49
N GLU D 673 -42.89 17.02 26.81
CA GLU D 673 -44.18 16.55 27.27
C GLU D 673 -45.13 16.39 26.11
N HIS D 674 -45.61 15.18 25.90
CA HIS D 674 -46.54 14.97 24.80
C HIS D 674 -47.91 15.48 25.17
N VAL D 675 -48.56 16.14 24.22
CA VAL D 675 -49.90 16.66 24.45
C VAL D 675 -50.84 16.23 23.32
N ASN D 676 -52.16 16.27 23.59
CA ASN D 676 -53.21 15.93 22.61
C ASN D 676 -53.41 17.05 21.57
N ASN D 677 -53.21 18.32 21.97
CA ASN D 677 -53.44 19.48 21.12
C ASN D 677 -52.44 19.58 19.97
N SER D 678 -52.96 19.78 18.77
CA SER D 678 -52.09 19.97 17.61
C SER D 678 -51.79 21.43 17.43
N TYR D 679 -50.64 21.73 16.87
CA TYR D 679 -50.25 23.10 16.57
C TYR D 679 -49.54 23.12 15.25
N GLU D 680 -49.47 24.27 14.61
CA GLU D 680 -48.67 24.38 13.41
C GLU D 680 -47.25 24.00 13.81
N CYS D 681 -46.53 23.27 12.93
CA CYS D 681 -45.20 22.74 13.22
C CYS D 681 -44.16 23.83 13.40
N ASP D 682 -43.31 23.63 14.40
CA ASP D 682 -42.20 24.54 14.68
C ASP D 682 -40.90 23.77 14.49
N ILE D 683 -40.53 22.93 15.45
CA ILE D 683 -39.35 22.09 15.28
C ILE D 683 -39.80 20.70 14.87
N PRO D 684 -39.54 20.25 13.65
CA PRO D 684 -39.98 18.98 13.13
C PRO D 684 -39.19 17.85 13.75
N ILE D 685 -39.86 16.77 14.15
CA ILE D 685 -39.18 15.59 14.66
C ILE D 685 -39.20 14.49 13.62
N GLY D 686 -40.37 14.27 13.04
CA GLY D 686 -40.54 13.24 12.02
C GLY D 686 -41.80 12.42 12.28
N ALA D 687 -42.30 11.78 11.24
CA ALA D 687 -43.48 10.93 11.34
C ALA D 687 -44.68 11.68 11.90
N GLY D 688 -44.83 12.94 11.51
CA GLY D 688 -45.97 13.75 11.90
C GLY D 688 -45.78 14.47 13.23
N ILE D 689 -44.67 14.21 13.91
CA ILE D 689 -44.42 14.83 15.21
C ILE D 689 -43.52 16.06 15.10
N CYS D 690 -43.93 17.13 15.80
CA CYS D 690 -43.19 18.38 15.93
C CYS D 690 -43.13 18.76 17.41
N ALA D 691 -42.23 19.67 17.74
CA ALA D 691 -42.08 20.13 19.12
C ALA D 691 -41.93 21.64 19.18
N SER D 692 -42.25 22.20 20.34
CA SER D 692 -42.11 23.63 20.58
C SER D 692 -42.00 23.95 22.06
N TYR D 693 -41.66 25.19 22.37
CA TYR D 693 -41.53 25.63 23.76
C TYR D 693 -42.69 26.56 24.12
N GLN D 694 -43.61 26.07 24.94
CA GLN D 694 -44.83 26.81 25.26
C GLN D 694 -45.24 26.70 26.74
N THR D 695 -46.02 27.69 27.22
CA THR D 695 -46.57 27.73 28.58
C THR D 695 -47.49 26.53 28.82
N SER D 708 -42.55 28.15 33.86
CA SER D 708 -43.90 27.94 33.35
C SER D 708 -43.91 27.26 31.97
N GLN D 709 -42.97 27.65 31.09
CA GLN D 709 -42.83 27.12 29.73
C GLN D 709 -41.96 25.87 29.71
N SER D 710 -42.28 24.96 28.80
CA SER D 710 -41.49 23.74 28.63
C SER D 710 -41.62 23.19 27.23
N ILE D 711 -40.77 22.22 26.90
CA ILE D 711 -40.81 21.62 25.58
C ILE D 711 -41.93 20.58 25.51
N ILE D 712 -42.74 20.69 24.46
CA ILE D 712 -43.84 19.76 24.26
C ILE D 712 -43.72 19.09 22.91
N ALA D 713 -44.39 17.95 22.78
CA ALA D 713 -44.44 17.21 21.53
C ALA D 713 -45.88 16.96 21.12
N TYR D 714 -46.14 17.07 19.84
CA TYR D 714 -47.49 16.90 19.33
C TYR D 714 -47.53 16.48 17.88
N THR D 715 -48.68 15.96 17.45
CA THR D 715 -48.87 15.74 16.04
C THR D 715 -49.18 17.07 15.41
N MET D 716 -48.45 17.40 14.36
CA MET D 716 -48.57 18.71 13.74
C MET D 716 -49.89 18.96 13.05
N SER D 717 -50.33 20.20 13.10
CA SER D 717 -51.48 20.64 12.36
C SER D 717 -51.01 21.01 10.97
N LEU D 718 -51.84 20.80 9.98
CA LEU D 718 -51.45 21.13 8.62
C LEU D 718 -51.96 22.49 8.22
N GLY D 719 -52.60 23.18 9.17
CA GLY D 719 -53.16 24.49 8.93
C GLY D 719 -54.59 24.53 9.43
N ALA D 720 -55.18 25.72 9.44
CA ALA D 720 -56.53 25.87 9.90
C ALA D 720 -57.47 25.12 8.99
N GLU D 721 -58.51 24.53 9.55
CA GLU D 721 -59.52 23.87 8.74
C GLU D 721 -60.58 24.89 8.35
N ASN D 722 -61.04 24.81 7.12
CA ASN D 722 -62.10 25.69 6.66
C ASN D 722 -63.04 24.93 5.74
N SER D 723 -64.07 25.60 5.29
CA SER D 723 -65.02 25.01 4.38
C SER D 723 -65.58 26.09 3.49
N VAL D 724 -65.51 25.85 2.19
CA VAL D 724 -66.07 26.79 1.25
C VAL D 724 -67.57 26.60 1.25
N ALA D 725 -68.31 27.69 1.35
CA ALA D 725 -69.78 27.59 1.41
C ALA D 725 -70.35 27.37 0.03
N TYR D 726 -70.03 26.22 -0.53
CA TYR D 726 -70.40 25.86 -1.87
C TYR D 726 -71.89 25.63 -2.00
N SER D 727 -72.45 26.20 -3.04
CA SER D 727 -73.84 26.03 -3.39
C SER D 727 -73.96 26.33 -4.89
N ASN D 728 -74.86 25.63 -5.57
CA ASN D 728 -75.02 25.69 -7.02
C ASN D 728 -75.46 27.06 -7.56
N ASN D 729 -75.95 27.95 -6.67
CA ASN D 729 -76.41 29.30 -7.02
C ASN D 729 -75.76 30.38 -6.16
N SER D 730 -74.58 30.11 -5.62
CA SER D 730 -73.91 31.10 -4.77
C SER D 730 -72.49 31.40 -5.18
N ILE D 731 -72.18 32.67 -5.40
CA ILE D 731 -70.82 33.05 -5.76
C ILE D 731 -70.29 34.11 -4.80
N ALA D 732 -69.04 33.97 -4.40
CA ALA D 732 -68.44 35.02 -3.58
C ALA D 732 -67.54 35.87 -4.44
N ILE D 733 -67.82 37.15 -4.47
CA ILE D 733 -67.07 38.08 -5.30
C ILE D 733 -66.45 39.15 -4.43
N PRO D 734 -65.15 39.40 -4.55
CA PRO D 734 -64.44 40.37 -3.76
C PRO D 734 -64.94 41.76 -4.08
N THR D 735 -65.04 42.58 -3.05
CA THR D 735 -65.47 43.98 -3.12
C THR D 735 -64.34 44.98 -2.84
N ASN D 736 -63.25 44.52 -2.21
CA ASN D 736 -62.07 45.33 -1.90
C ASN D 736 -60.84 44.45 -2.05
N PHE D 737 -59.66 45.08 -2.13
CA PHE D 737 -58.38 44.42 -2.37
C PHE D 737 -57.24 45.17 -1.72
N THR D 738 -56.12 44.47 -1.59
CA THR D 738 -54.89 45.08 -1.13
C THR D 738 -53.75 44.78 -2.07
N ILE D 739 -52.69 45.57 -1.94
CA ILE D 739 -51.48 45.35 -2.70
C ILE D 739 -50.42 44.91 -1.73
N SER D 740 -49.74 43.83 -2.07
CA SER D 740 -48.73 43.31 -1.18
C SER D 740 -47.43 43.09 -1.90
N VAL D 741 -46.35 43.13 -1.15
CA VAL D 741 -45.04 42.89 -1.73
C VAL D 741 -44.36 41.71 -1.07
N THR D 742 -43.99 40.74 -1.88
CA THR D 742 -43.31 39.54 -1.41
C THR D 742 -41.84 39.60 -1.78
N THR D 743 -40.99 39.33 -0.81
CA THR D 743 -39.57 39.32 -1.10
C THR D 743 -39.13 37.89 -1.33
N GLU D 744 -38.57 37.63 -2.50
CA GLU D 744 -38.09 36.30 -2.83
C GLU D 744 -36.62 36.33 -3.18
N ILE D 745 -35.86 35.48 -2.52
CA ILE D 745 -34.42 35.47 -2.67
C ILE D 745 -33.90 34.24 -3.38
N LEU D 746 -33.08 34.46 -4.41
CA LEU D 746 -32.45 33.36 -5.11
C LEU D 746 -30.95 33.59 -5.19
N PRO D 747 -30.12 32.57 -4.95
CA PRO D 747 -28.69 32.62 -5.17
C PRO D 747 -28.44 32.60 -6.64
N VAL D 748 -27.37 33.26 -7.07
CA VAL D 748 -27.00 33.23 -8.47
C VAL D 748 -25.61 32.64 -8.67
N SER D 749 -24.69 32.93 -7.77
CA SER D 749 -23.33 32.50 -7.98
C SER D 749 -22.58 32.18 -6.69
N MET D 750 -21.51 31.43 -6.84
CA MET D 750 -20.60 31.09 -5.76
C MET D 750 -19.34 31.89 -5.93
N THR D 751 -18.42 31.79 -4.98
CA THR D 751 -17.14 32.42 -5.19
C THR D 751 -16.40 31.57 -6.18
N LYS D 752 -15.39 32.12 -6.83
CA LYS D 752 -14.63 31.35 -7.79
C LYS D 752 -13.36 30.83 -7.17
N THR D 753 -13.33 29.55 -6.89
CA THR D 753 -12.18 28.99 -6.22
C THR D 753 -11.34 28.20 -7.18
N SER D 754 -10.06 28.12 -6.88
CA SER D 754 -9.14 27.32 -7.65
C SER D 754 -8.00 26.86 -6.77
N VAL D 755 -7.61 25.61 -6.90
CA VAL D 755 -6.48 25.12 -6.12
C VAL D 755 -5.50 24.38 -6.99
N ASP D 756 -4.23 24.75 -6.86
CA ASP D 756 -3.15 24.07 -7.56
C ASP D 756 -2.79 22.82 -6.80
N CYS D 757 -3.01 21.63 -7.41
CA CYS D 757 -2.75 20.37 -6.74
C CYS D 757 -1.27 20.23 -6.41
N THR D 758 -0.42 20.87 -7.20
CA THR D 758 0.99 20.71 -6.94
C THR D 758 1.31 21.30 -5.58
N MET D 759 0.81 22.51 -5.32
CA MET D 759 1.04 23.16 -4.04
C MET D 759 0.25 22.55 -2.90
N TYR D 760 -0.96 22.12 -3.20
CA TYR D 760 -1.81 21.53 -2.18
C TYR D 760 -1.25 20.20 -1.71
N ILE D 761 -0.89 19.35 -2.66
CA ILE D 761 -0.36 18.02 -2.36
C ILE D 761 1.08 18.07 -1.84
N CYS D 762 1.95 18.80 -2.55
CA CYS D 762 3.38 18.86 -2.26
C CYS D 762 3.79 20.28 -1.84
N GLY D 763 4.39 20.39 -0.66
CA GLY D 763 4.83 21.67 -0.14
C GLY D 763 6.13 22.14 -0.77
N ASP D 764 6.09 22.40 -2.08
CA ASP D 764 7.26 22.81 -2.86
C ASP D 764 8.42 21.84 -2.69
N SER D 765 8.12 20.55 -2.68
CA SER D 765 9.13 19.52 -2.51
C SER D 765 9.27 18.71 -3.78
N THR D 766 10.47 18.71 -4.35
CA THR D 766 10.73 18.01 -5.60
C THR D 766 10.54 16.51 -5.45
N GLU D 767 10.99 15.95 -4.35
CA GLU D 767 10.85 14.51 -4.12
C GLU D 767 9.38 14.06 -4.18
N CYS D 768 8.46 14.91 -3.69
CA CYS D 768 7.02 14.69 -3.70
C CYS D 768 6.46 14.89 -5.10
N SER D 769 6.82 16.00 -5.76
CA SER D 769 6.25 16.29 -7.06
C SER D 769 6.62 15.21 -8.07
N ASN D 770 7.77 14.57 -7.86
CA ASN D 770 8.20 13.49 -8.73
C ASN D 770 7.29 12.27 -8.62
N LEU D 771 6.64 12.10 -7.47
CA LEU D 771 5.74 11.00 -7.24
C LEU D 771 4.33 11.39 -7.67
N LEU D 772 4.02 12.68 -7.54
CA LEU D 772 2.72 13.19 -7.95
C LEU D 772 2.52 12.98 -9.45
N LEU D 773 3.61 13.12 -10.20
CA LEU D 773 3.58 12.94 -11.66
C LEU D 773 3.25 11.52 -12.08
N GLN D 774 3.27 10.57 -11.15
CA GLN D 774 3.02 9.18 -11.49
C GLN D 774 1.53 8.97 -11.67
N TYR D 775 0.74 9.99 -11.34
CA TYR D 775 -0.70 9.90 -11.46
C TYR D 775 -1.18 10.56 -12.75
N GLY D 776 -0.22 10.92 -13.60
CA GLY D 776 -0.54 11.43 -14.93
C GLY D 776 -1.35 12.72 -14.94
N SER D 777 -2.49 12.65 -15.61
CA SER D 777 -3.39 13.77 -15.83
C SER D 777 -4.41 13.96 -14.72
N PHE D 778 -4.28 13.19 -13.64
CA PHE D 778 -5.22 13.29 -12.52
C PHE D 778 -5.45 14.72 -12.02
N CYS D 779 -4.37 15.49 -11.94
CA CYS D 779 -4.40 16.91 -11.56
C CYS D 779 -5.00 17.80 -12.65
N THR D 780 -4.78 17.46 -13.90
CA THR D 780 -5.31 18.25 -14.98
C THR D 780 -6.82 18.22 -14.92
N GLN D 781 -7.37 17.05 -14.61
CA GLN D 781 -8.82 16.91 -14.49
C GLN D 781 -9.36 17.77 -13.36
N LEU D 782 -8.64 17.81 -12.24
CA LEU D 782 -9.08 18.62 -11.10
C LEU D 782 -9.06 20.10 -11.47
N ASN D 783 -8.01 20.50 -12.18
CA ASN D 783 -7.84 21.90 -12.54
C ASN D 783 -8.88 22.36 -13.54
N ARG D 784 -9.21 21.51 -14.50
CA ARG D 784 -10.20 21.89 -15.51
C ARG D 784 -11.58 21.96 -14.91
N ALA D 785 -11.90 21.05 -14.00
CA ALA D 785 -13.20 21.06 -13.40
C ALA D 785 -13.44 22.35 -12.63
N LEU D 786 -12.45 22.78 -11.87
CA LEU D 786 -12.60 24.00 -11.09
C LEU D 786 -12.62 25.22 -11.98
N THR D 787 -11.84 25.21 -13.05
CA THR D 787 -11.85 26.34 -13.96
C THR D 787 -13.22 26.46 -14.60
N GLY D 788 -13.79 25.32 -15.00
CA GLY D 788 -15.09 25.32 -15.63
C GLY D 788 -16.14 25.91 -14.69
N ILE D 789 -16.08 25.55 -13.42
CA ILE D 789 -17.02 26.11 -12.47
C ILE D 789 -16.86 27.60 -12.38
N ALA D 790 -15.62 28.05 -12.26
CA ALA D 790 -15.34 29.47 -12.12
C ALA D 790 -15.89 30.26 -13.31
N VAL D 791 -15.77 29.72 -14.50
CA VAL D 791 -16.30 30.41 -15.68
C VAL D 791 -17.80 30.50 -15.63
N GLU D 792 -18.45 29.41 -15.25
CA GLU D 792 -19.89 29.37 -15.17
C GLU D 792 -20.42 30.40 -14.19
N GLN D 793 -19.67 30.67 -13.13
CA GLN D 793 -20.17 31.62 -12.15
C GLN D 793 -20.35 33.00 -12.77
N ASP D 794 -19.53 33.36 -13.77
CA ASP D 794 -19.72 34.66 -14.40
C ASP D 794 -20.84 34.60 -15.41
N LYS D 795 -21.01 33.44 -16.05
CA LYS D 795 -22.10 33.29 -16.98
C LYS D 795 -23.43 33.41 -16.23
N ASN D 796 -23.47 32.85 -15.02
CA ASN D 796 -24.69 32.89 -14.23
C ASN D 796 -25.06 34.32 -13.91
N THR D 797 -24.08 35.11 -13.51
CA THR D 797 -24.36 36.49 -13.17
C THR D 797 -24.82 37.27 -14.39
N GLN D 798 -24.17 37.07 -15.52
CA GLN D 798 -24.56 37.83 -16.70
C GLN D 798 -25.95 37.46 -17.19
N GLU D 799 -26.30 36.18 -17.18
CA GLU D 799 -27.62 35.79 -17.66
C GLU D 799 -28.73 36.36 -16.80
N VAL D 800 -28.49 36.49 -15.50
CA VAL D 800 -29.52 37.02 -14.62
C VAL D 800 -29.64 38.54 -14.71
N PHE D 801 -28.52 39.26 -14.68
CA PHE D 801 -28.60 40.71 -14.61
C PHE D 801 -28.45 41.46 -15.92
N ALA D 802 -27.63 40.96 -16.84
CA ALA D 802 -27.36 41.70 -18.06
C ALA D 802 -28.38 41.38 -19.13
N GLN D 803 -29.64 41.69 -18.85
CA GLN D 803 -30.72 41.44 -19.80
C GLN D 803 -31.23 42.72 -20.40
N VAL D 804 -30.55 43.81 -20.11
CA VAL D 804 -30.98 45.10 -20.58
C VAL D 804 -29.97 45.57 -21.61
N LYS D 805 -30.46 46.05 -22.74
CA LYS D 805 -29.61 46.48 -23.83
C LYS D 805 -28.86 47.77 -23.53
N GLN D 806 -29.50 48.64 -22.76
CA GLN D 806 -28.94 49.93 -22.42
C GLN D 806 -29.07 50.21 -20.94
N ILE D 807 -28.22 51.06 -20.42
CA ILE D 807 -28.36 51.43 -19.03
C ILE D 807 -29.26 52.64 -18.94
N TYR D 808 -30.45 52.45 -18.38
CA TYR D 808 -31.45 53.50 -18.36
C TYR D 808 -31.39 54.28 -17.07
N LYS D 809 -31.46 55.59 -17.20
CA LYS D 809 -31.51 56.48 -16.07
C LYS D 809 -32.94 56.85 -15.75
N THR D 810 -33.20 57.19 -14.50
CA THR D 810 -34.49 57.67 -14.08
C THR D 810 -34.57 59.16 -14.39
N PRO D 811 -35.77 59.75 -14.46
CA PRO D 811 -35.97 61.17 -14.60
C PRO D 811 -35.51 61.86 -13.32
N PRO D 812 -35.07 63.12 -13.41
CA PRO D 812 -34.64 63.97 -12.30
C PRO D 812 -35.80 64.31 -11.37
N ILE D 813 -37.01 64.23 -11.89
CA ILE D 813 -38.20 64.51 -11.12
C ILE D 813 -38.97 63.23 -10.94
N LYS D 814 -39.16 62.84 -9.70
CA LYS D 814 -39.84 61.59 -9.44
C LYS D 814 -41.33 61.82 -9.26
N ASP D 815 -42.09 61.42 -10.25
CA ASP D 815 -43.53 61.55 -10.23
C ASP D 815 -44.16 60.37 -10.91
N PHE D 816 -44.53 59.40 -10.11
CA PHE D 816 -45.06 58.17 -10.62
C PHE D 816 -46.50 58.00 -10.17
N GLY D 817 -47.21 59.11 -10.05
CA GLY D 817 -48.63 59.05 -9.73
C GLY D 817 -48.91 58.70 -8.27
N GLY D 818 -47.96 58.98 -7.40
CA GLY D 818 -48.10 58.67 -5.98
C GLY D 818 -47.29 57.46 -5.55
N PHE D 819 -46.74 56.72 -6.51
CA PHE D 819 -45.94 55.56 -6.16
C PHE D 819 -44.52 56.01 -5.83
N ASN D 820 -44.07 55.71 -4.59
CA ASN D 820 -42.77 56.10 -4.06
C ASN D 820 -41.76 54.95 -4.21
N PHE D 821 -40.81 55.10 -5.14
CA PHE D 821 -39.80 54.09 -5.46
C PHE D 821 -38.42 54.47 -4.93
N SER D 822 -38.36 55.49 -4.09
CA SER D 822 -37.07 55.98 -3.63
C SER D 822 -36.30 54.97 -2.80
N GLN D 823 -36.97 53.95 -2.30
CA GLN D 823 -36.33 52.96 -1.46
C GLN D 823 -35.80 51.78 -2.27
N ILE D 824 -36.18 51.71 -3.55
CA ILE D 824 -35.70 50.62 -4.41
C ILE D 824 -34.74 51.15 -5.47
N LEU D 825 -34.81 52.47 -5.74
CA LEU D 825 -33.91 53.12 -6.68
C LEU D 825 -32.61 53.49 -6.00
N PRO D 826 -31.50 53.60 -6.74
CA PRO D 826 -30.20 53.95 -6.22
C PRO D 826 -30.21 55.26 -5.47
N ASP D 827 -29.51 55.28 -4.34
CA ASP D 827 -29.36 56.46 -3.52
C ASP D 827 -28.32 57.34 -4.22
N PRO D 828 -28.64 58.60 -4.59
CA PRO D 828 -27.75 59.54 -5.24
C PRO D 828 -26.42 59.72 -4.48
N SER D 829 -26.46 59.47 -3.17
CA SER D 829 -25.27 59.59 -2.34
C SER D 829 -24.34 58.40 -2.53
N LYS D 830 -23.04 58.57 -2.23
CA LYS D 830 -22.02 57.52 -2.30
C LYS D 830 -21.73 57.15 -3.75
N SER D 832 -22.14 52.84 -2.40
CA SER D 832 -21.73 52.25 -3.67
C SER D 832 -22.85 52.33 -4.73
N LYS D 833 -23.57 53.47 -4.75
CA LYS D 833 -24.68 53.78 -5.67
C LYS D 833 -25.76 52.70 -5.66
N ARG D 834 -26.10 52.24 -4.48
CA ARG D 834 -27.12 51.23 -4.26
C ARG D 834 -28.34 51.86 -3.62
N SER D 835 -29.46 51.18 -3.70
CA SER D 835 -30.69 51.65 -3.09
C SER D 835 -30.66 51.39 -1.60
N PHE D 836 -31.60 51.98 -0.87
CA PHE D 836 -31.65 51.74 0.57
C PHE D 836 -31.82 50.26 0.86
N ILE D 837 -32.78 49.62 0.20
CA ILE D 837 -33.00 48.20 0.42
C ILE D 837 -31.79 47.38 0.04
N GLU D 838 -31.15 47.68 -1.09
CA GLU D 838 -29.99 46.90 -1.46
C GLU D 838 -28.92 46.96 -0.38
N ASP D 839 -28.70 48.14 0.21
CA ASP D 839 -27.73 48.19 1.31
C ASP D 839 -28.15 47.31 2.48
N LEU D 840 -29.45 47.21 2.74
CA LEU D 840 -29.87 46.36 3.84
C LEU D 840 -29.49 44.92 3.53
N LEU D 841 -29.62 44.54 2.27
CA LEU D 841 -29.34 43.16 1.90
C LEU D 841 -27.85 42.85 2.02
N PHE D 842 -27.01 43.78 1.59
CA PHE D 842 -25.57 43.55 1.64
C PHE D 842 -25.06 43.48 3.07
N ASN D 843 -25.64 44.29 3.94
CA ASN D 843 -25.18 44.37 5.32
C ASN D 843 -25.58 43.14 6.14
N LYS D 844 -26.38 42.25 5.56
CA LYS D 844 -26.84 41.07 6.27
C LYS D 844 -26.05 39.81 5.96
N VAL D 845 -25.19 39.83 4.95
CA VAL D 845 -24.50 38.60 4.58
C VAL D 845 -22.99 38.75 4.75
N THR D 846 -22.38 37.84 5.53
CA THR D 846 -20.95 37.84 5.84
C THR D 846 -20.57 36.55 6.57
N PHE D 874 -4.46 29.22 2.32
CA PHE D 874 -3.52 29.69 1.30
C PHE D 874 -2.56 28.58 0.81
N ASN D 875 -2.88 27.32 1.12
CA ASN D 875 -2.06 26.15 0.75
C ASN D 875 -2.37 25.71 -0.68
N GLY D 876 -2.05 26.58 -1.61
CA GLY D 876 -2.23 26.33 -3.03
C GLY D 876 -3.57 26.83 -3.55
N LEU D 877 -4.47 27.20 -2.65
CA LEU D 877 -5.77 27.69 -3.07
C LEU D 877 -5.82 29.19 -3.23
N THR D 878 -6.78 29.65 -4.01
CA THR D 878 -7.01 31.05 -4.26
C THR D 878 -8.48 31.31 -4.55
N VAL D 879 -8.90 32.55 -4.34
CA VAL D 879 -10.25 32.95 -4.71
C VAL D 879 -10.18 34.09 -5.70
N LEU D 880 -10.79 33.90 -6.85
CA LEU D 880 -10.73 34.85 -7.94
C LEU D 880 -11.92 35.80 -7.88
N PRO D 881 -11.75 37.07 -8.26
CA PRO D 881 -12.79 38.07 -8.32
C PRO D 881 -13.73 37.81 -9.49
N PRO D 882 -14.99 38.21 -9.39
CA PRO D 882 -16.02 38.17 -10.41
C PRO D 882 -15.72 39.21 -11.46
N LEU D 883 -16.22 39.01 -12.67
CA LEU D 883 -16.08 40.04 -13.69
C LEU D 883 -16.89 41.27 -13.35
N LEU D 884 -18.12 41.06 -12.89
CA LEU D 884 -18.98 42.18 -12.55
C LEU D 884 -18.96 42.44 -11.06
N THR D 885 -18.47 43.61 -10.71
CA THR D 885 -18.35 44.01 -9.33
C THR D 885 -19.69 44.46 -8.79
N ASP D 886 -19.80 44.63 -7.49
CA ASP D 886 -21.07 45.02 -6.91
C ASP D 886 -21.60 46.30 -7.54
N GLU D 887 -20.71 47.21 -7.87
CA GLU D 887 -21.08 48.46 -8.50
C GLU D 887 -21.72 48.25 -9.87
N MET D 888 -21.28 47.23 -10.60
CA MET D 888 -21.80 46.97 -11.92
C MET D 888 -23.12 46.24 -11.86
N ILE D 889 -23.28 45.44 -10.82
CA ILE D 889 -24.53 44.75 -10.62
C ILE D 889 -25.57 45.79 -10.27
N ALA D 890 -25.18 46.74 -9.43
CA ALA D 890 -26.07 47.82 -9.06
C ALA D 890 -26.49 48.63 -10.28
N GLN D 891 -25.56 48.88 -11.21
CA GLN D 891 -25.92 49.61 -12.42
C GLN D 891 -26.88 48.83 -13.31
N TYR D 892 -26.70 47.52 -13.43
CA TYR D 892 -27.64 46.74 -14.22
C TYR D 892 -29.00 46.76 -13.57
N THR D 893 -29.02 46.63 -12.24
CA THR D 893 -30.27 46.63 -11.51
C THR D 893 -30.96 47.96 -11.68
N SER D 894 -30.19 49.05 -11.60
CA SER D 894 -30.75 50.38 -11.76
C SER D 894 -31.39 50.53 -13.11
N ALA D 895 -30.73 50.04 -14.15
CA ALA D 895 -31.26 50.12 -15.50
C ALA D 895 -32.56 49.36 -15.62
N LEU D 896 -32.64 48.21 -14.98
CA LEU D 896 -33.85 47.41 -15.02
C LEU D 896 -34.96 48.11 -14.28
N LEU D 897 -34.65 48.76 -13.17
CA LEU D 897 -35.68 49.47 -12.42
C LEU D 897 -36.17 50.67 -13.19
N ALA D 898 -35.25 51.43 -13.78
CA ALA D 898 -35.65 52.61 -14.53
C ALA D 898 -36.48 52.20 -15.71
N GLY D 899 -36.09 51.11 -16.36
CA GLY D 899 -36.83 50.59 -17.50
C GLY D 899 -38.23 50.19 -17.06
N THR D 900 -38.32 49.39 -16.01
CA THR D 900 -39.59 48.87 -15.53
C THR D 900 -40.54 49.99 -15.17
N ILE D 901 -40.03 51.00 -14.49
CA ILE D 901 -40.86 52.09 -14.01
C ILE D 901 -41.29 53.05 -15.11
N THR D 902 -40.38 53.45 -15.99
CA THR D 902 -40.76 54.47 -16.98
C THR D 902 -41.21 53.94 -18.33
N SER D 903 -40.93 52.67 -18.66
CA SER D 903 -41.31 52.15 -19.98
C SER D 903 -42.03 50.79 -19.94
N GLY D 904 -42.36 50.32 -18.76
CA GLY D 904 -43.04 49.04 -18.63
C GLY D 904 -42.21 47.91 -19.17
N TRP D 905 -42.79 47.11 -20.04
CA TRP D 905 -42.10 45.97 -20.61
C TRP D 905 -41.52 46.24 -22.00
N THR D 906 -41.64 47.46 -22.50
CA THR D 906 -41.23 47.65 -23.87
C THR D 906 -39.72 47.69 -23.96
N PHE D 907 -39.04 48.00 -22.85
CA PHE D 907 -37.59 48.04 -22.87
C PHE D 907 -37.04 46.64 -23.01
N GLY D 908 -37.88 45.66 -22.75
CA GLY D 908 -37.52 44.27 -22.88
C GLY D 908 -37.70 43.86 -24.33
N ALA D 909 -38.94 43.95 -24.80
CA ALA D 909 -39.30 43.56 -26.16
C ALA D 909 -38.58 44.38 -27.25
N GLY D 910 -38.38 45.66 -27.01
CA GLY D 910 -37.77 46.54 -28.00
C GLY D 910 -37.13 47.76 -27.34
N ALA D 911 -37.58 48.95 -27.74
CA ALA D 911 -37.06 50.20 -27.18
C ALA D 911 -37.80 50.57 -25.92
N ALA D 912 -37.17 51.33 -25.06
CA ALA D 912 -37.86 51.78 -23.86
C ALA D 912 -38.73 52.96 -24.21
N LEU D 913 -40.03 52.72 -24.25
CA LEU D 913 -41.00 53.73 -24.65
C LEU D 913 -41.71 54.31 -23.45
N GLN D 914 -41.59 55.62 -23.26
CA GLN D 914 -42.16 56.21 -22.07
C GLN D 914 -43.66 56.04 -21.99
N ILE D 915 -44.12 55.81 -20.78
CA ILE D 915 -45.54 55.76 -20.45
C ILE D 915 -45.73 56.33 -19.04
N PRO D 916 -46.77 57.10 -18.75
CA PRO D 916 -47.08 57.55 -17.42
C PRO D 916 -47.20 56.34 -16.53
N PHE D 917 -46.65 56.41 -15.32
CA PHE D 917 -46.68 55.22 -14.48
C PHE D 917 -48.10 54.77 -14.19
N ALA D 918 -49.00 55.72 -13.93
CA ALA D 918 -50.38 55.34 -13.63
C ALA D 918 -51.01 54.59 -14.78
N MET D 919 -50.65 54.94 -16.01
CA MET D 919 -51.23 54.24 -17.14
C MET D 919 -50.58 52.89 -17.29
N GLN D 920 -49.31 52.81 -16.96
CA GLN D 920 -48.64 51.53 -17.00
C GLN D 920 -49.33 50.56 -16.07
N MET D 921 -49.70 51.03 -14.88
CA MET D 921 -50.39 50.17 -13.94
C MET D 921 -51.75 49.79 -14.47
N ALA D 922 -52.39 50.68 -15.21
CA ALA D 922 -53.69 50.40 -15.77
C ALA D 922 -53.63 49.17 -16.65
N TYR D 923 -52.53 49.03 -17.38
CA TYR D 923 -52.39 47.89 -18.26
C TYR D 923 -52.17 46.64 -17.43
N ARG D 924 -51.38 46.78 -16.37
CA ARG D 924 -51.08 45.68 -15.47
C ARG D 924 -52.31 45.19 -14.73
N PHE D 925 -53.22 46.10 -14.38
CA PHE D 925 -54.48 45.71 -13.75
C PHE D 925 -55.39 45.03 -14.75
N ASN D 926 -55.47 45.56 -15.96
CA ASN D 926 -56.30 44.95 -16.97
C ASN D 926 -55.80 43.54 -17.24
N GLY D 927 -54.49 43.35 -17.14
CA GLY D 927 -53.83 42.09 -17.37
C GLY D 927 -54.19 41.01 -16.35
N ILE D 928 -54.82 41.38 -15.24
CA ILE D 928 -55.21 40.37 -14.24
C ILE D 928 -56.73 40.27 -14.16
N GLY D 929 -57.41 40.80 -15.16
CA GLY D 929 -58.86 40.70 -15.21
C GLY D 929 -59.59 41.78 -14.43
N VAL D 930 -58.92 42.88 -14.10
CA VAL D 930 -59.58 43.95 -13.39
C VAL D 930 -59.64 45.16 -14.29
N THR D 931 -60.85 45.60 -14.61
CA THR D 931 -60.99 46.68 -15.55
C THR D 931 -60.24 47.90 -15.05
N GLN D 932 -59.53 48.56 -15.94
CA GLN D 932 -58.63 49.66 -15.62
C GLN D 932 -59.25 50.85 -14.91
N ASN D 933 -60.57 50.99 -14.97
CA ASN D 933 -61.17 52.12 -14.30
C ASN D 933 -61.03 51.96 -12.81
N VAL D 934 -60.82 50.72 -12.35
CA VAL D 934 -60.69 50.45 -10.94
C VAL D 934 -59.45 51.14 -10.42
N LEU D 935 -58.37 51.05 -11.19
CA LEU D 935 -57.13 51.68 -10.79
C LEU D 935 -57.27 53.17 -10.66
N TYR D 936 -57.84 53.80 -11.67
CA TYR D 936 -57.85 55.25 -11.65
C TYR D 936 -58.73 55.75 -10.52
N GLU D 937 -59.88 55.11 -10.33
CA GLU D 937 -60.80 55.55 -9.30
C GLU D 937 -60.19 55.34 -7.91
N ASN D 938 -59.38 54.30 -7.76
CA ASN D 938 -58.73 54.00 -6.50
C ASN D 938 -57.24 54.27 -6.55
N GLN D 939 -56.78 55.13 -7.46
CA GLN D 939 -55.35 55.34 -7.60
C GLN D 939 -54.66 55.78 -6.32
N LYS D 940 -55.30 56.66 -5.55
CA LYS D 940 -54.65 57.13 -4.34
C LYS D 940 -54.51 56.01 -3.33
N LEU D 941 -55.55 55.18 -3.22
CA LEU D 941 -55.53 54.06 -2.31
C LEU D 941 -54.46 53.07 -2.69
N ILE D 942 -54.38 52.77 -3.97
CA ILE D 942 -53.44 51.79 -4.46
C ILE D 942 -52.02 52.25 -4.24
N ALA D 943 -51.73 53.52 -4.54
CA ALA D 943 -50.40 54.05 -4.32
C ALA D 943 -50.03 54.00 -2.85
N ASN D 944 -51.00 54.29 -1.96
CA ASN D 944 -50.71 54.27 -0.54
C ASN D 944 -50.48 52.86 -0.03
N GLN D 945 -51.24 51.89 -0.53
CA GLN D 945 -51.04 50.52 -0.12
C GLN D 945 -49.68 50.03 -0.59
N PHE D 946 -49.29 50.43 -1.79
CA PHE D 946 -48.00 50.06 -2.33
C PHE D 946 -46.89 50.61 -1.46
N ASN D 947 -46.96 51.90 -1.14
CA ASN D 947 -45.91 52.54 -0.39
C ASN D 947 -45.77 51.92 0.98
N SER D 948 -46.90 51.55 1.59
CA SER D 948 -46.89 50.90 2.88
C SER D 948 -46.21 49.54 2.80
N ALA D 949 -46.55 48.76 1.77
CA ALA D 949 -45.97 47.44 1.59
C ALA D 949 -44.46 47.50 1.47
N ILE D 950 -43.94 48.54 0.81
CA ILE D 950 -42.50 48.67 0.70
C ILE D 950 -41.91 48.93 2.09
N GLY D 951 -42.55 49.79 2.87
CA GLY D 951 -42.06 50.04 4.21
C GLY D 951 -42.01 48.74 5.03
N LYS D 952 -42.99 47.87 4.83
CA LYS D 952 -43.03 46.62 5.57
C LYS D 952 -41.86 45.69 5.24
N ILE D 953 -41.46 45.63 3.97
CA ILE D 953 -40.34 44.76 3.63
C ILE D 953 -39.04 45.31 4.19
N GLN D 954 -38.95 46.64 4.33
CA GLN D 954 -37.76 47.22 4.92
C GLN D 954 -37.65 46.82 6.38
N ASP D 955 -38.79 46.83 7.08
CA ASP D 955 -38.79 46.45 8.48
C ASP D 955 -38.46 44.97 8.63
N SER D 956 -38.96 44.15 7.72
CA SER D 956 -38.69 42.73 7.80
C SER D 956 -37.20 42.44 7.62
N LEU D 957 -36.60 43.03 6.60
CA LEU D 957 -35.17 42.81 6.35
C LEU D 957 -34.30 43.40 7.44
N SER D 958 -34.68 44.55 7.96
CA SER D 958 -33.87 45.18 9.01
C SER D 958 -33.88 44.37 10.31
N SER D 959 -35.06 43.91 10.72
CA SER D 959 -35.24 43.20 11.98
C SER D 959 -34.92 41.70 11.95
N THR D 960 -35.43 40.98 10.96
CA THR D 960 -35.33 39.53 10.93
C THR D 960 -33.99 39.03 10.39
N ALA D 961 -33.33 38.18 11.18
CA ALA D 961 -32.05 37.58 10.76
C ALA D 961 -32.29 36.44 9.78
N SER D 962 -33.34 35.67 10.04
CA SER D 962 -33.70 34.53 9.19
C SER D 962 -34.49 35.02 7.98
N ALA D 963 -33.82 35.79 7.15
CA ALA D 963 -34.42 36.39 5.97
C ALA D 963 -33.66 35.91 4.74
N LEU D 964 -32.41 36.33 4.63
CA LEU D 964 -31.60 35.92 3.50
C LEU D 964 -30.91 34.62 3.85
N GLY D 965 -31.72 33.60 4.12
CA GLY D 965 -31.24 32.31 4.58
C GLY D 965 -30.61 31.51 3.47
N LYS D 966 -30.91 31.88 2.23
CA LYS D 966 -30.37 31.17 1.10
C LYS D 966 -28.99 31.70 0.72
N LEU D 967 -28.79 32.99 0.91
CA LEU D 967 -27.51 33.58 0.55
C LEU D 967 -26.52 33.27 1.64
N GLN D 968 -26.95 33.37 2.90
CA GLN D 968 -26.07 33.03 4.01
C GLN D 968 -26.19 31.53 4.28
N ASP D 969 -25.93 30.78 3.23
CA ASP D 969 -25.95 29.33 3.22
C ASP D 969 -25.05 28.90 2.10
N VAL D 970 -25.28 29.43 0.91
CA VAL D 970 -24.40 29.11 -0.19
C VAL D 970 -22.98 29.49 0.18
N VAL D 971 -22.81 30.65 0.82
CA VAL D 971 -21.48 31.06 1.23
C VAL D 971 -20.95 30.19 2.36
N ASN D 972 -21.84 29.69 3.22
CA ASN D 972 -21.41 28.89 4.35
C ASN D 972 -20.96 27.52 3.88
N GLN D 973 -21.66 26.97 2.90
CA GLN D 973 -21.31 25.65 2.41
C GLN D 973 -19.97 25.68 1.71
N ASN D 974 -19.68 26.75 0.99
CA ASN D 974 -18.40 26.84 0.30
C ASN D 974 -17.30 27.09 1.32
N ALA D 975 -17.58 27.88 2.35
CA ALA D 975 -16.59 28.14 3.37
C ALA D 975 -16.23 26.85 4.10
N GLN D 976 -17.24 26.04 4.39
CA GLN D 976 -17.01 24.79 5.07
C GLN D 976 -16.23 23.84 4.18
N ALA D 977 -16.55 23.82 2.89
CA ALA D 977 -15.84 22.94 1.98
C ALA D 977 -14.37 23.28 1.94
N LEU D 978 -14.05 24.58 1.92
CA LEU D 978 -12.65 24.99 1.90
C LEU D 978 -11.98 24.75 3.22
N ASN D 979 -12.68 24.98 4.33
CA ASN D 979 -12.05 24.78 5.62
C ASN D 979 -11.74 23.32 5.84
N THR D 980 -12.63 22.45 5.36
CA THR D 980 -12.41 21.03 5.50
C THR D 980 -11.23 20.62 4.63
N LEU D 981 -11.20 21.11 3.41
CA LEU D 981 -10.12 20.76 2.49
C LEU D 981 -8.78 21.12 3.09
N VAL D 982 -8.67 22.32 3.64
CA VAL D 982 -7.41 22.75 4.22
C VAL D 982 -7.05 21.93 5.46
N LYS D 983 -8.02 21.67 6.32
CA LYS D 983 -7.74 20.89 7.52
C LYS D 983 -7.28 19.47 7.20
N GLN D 984 -7.71 18.91 6.07
CA GLN D 984 -7.28 17.55 5.70
C GLN D 984 -5.78 17.45 5.46
N LEU D 985 -5.10 18.57 5.30
CA LEU D 985 -3.65 18.53 5.11
C LEU D 985 -2.95 18.11 6.39
N SER D 986 -3.67 18.17 7.50
CA SER D 986 -3.13 17.79 8.80
C SER D 986 -3.35 16.32 9.10
N SER D 987 -4.02 15.59 8.19
CA SER D 987 -4.28 14.18 8.40
C SER D 987 -3.09 13.34 7.95
N ASN D 988 -2.91 12.21 8.63
CA ASN D 988 -1.82 11.31 8.32
C ASN D 988 -2.13 10.37 7.16
N PHE D 989 -3.38 9.97 7.04
CA PHE D 989 -3.78 9.02 6.00
C PHE D 989 -3.01 7.72 6.08
N GLY D 990 -2.55 7.38 7.28
CA GLY D 990 -1.80 6.15 7.52
C GLY D 990 -0.30 6.40 7.61
N ALA D 991 0.13 7.60 7.24
CA ALA D 991 1.53 7.98 7.30
C ALA D 991 1.96 8.20 8.74
N ILE D 992 3.27 8.13 8.96
CA ILE D 992 3.84 8.38 10.28
C ILE D 992 3.68 9.84 10.71
N SER D 993 3.51 10.73 9.74
CA SER D 993 3.32 12.15 10.00
C SER D 993 2.62 12.82 8.83
N SER D 994 1.75 13.77 9.14
CA SER D 994 1.04 14.55 8.13
C SER D 994 1.94 15.57 7.45
N VAL D 995 3.10 15.83 8.04
CA VAL D 995 4.00 16.85 7.50
C VAL D 995 4.98 16.25 6.52
N LEU D 996 4.94 16.75 5.30
CA LEU D 996 5.76 16.22 4.23
C LEU D 996 7.23 16.33 4.54
N ASN D 997 7.62 17.44 5.15
CA ASN D 997 9.02 17.66 5.46
C ASN D 997 9.52 16.72 6.55
N ASP D 998 8.64 16.34 7.48
CA ASP D 998 9.06 15.49 8.58
C ASP D 998 9.22 14.06 8.13
N ILE D 999 8.41 13.61 7.18
CA ILE D 999 8.59 12.26 6.69
C ILE D 999 9.80 12.21 5.77
N LEU D 1000 10.02 13.27 5.00
CA LEU D 1000 11.11 13.24 4.05
C LEU D 1000 12.48 13.38 4.71
N SER D 1001 12.63 14.33 5.64
CA SER D 1001 13.95 14.60 6.21
C SER D 1001 14.43 13.51 7.16
N ARG D 1002 13.53 12.64 7.61
CA ARG D 1002 13.90 11.61 8.56
C ARG D 1002 14.01 10.22 7.95
N LEU D 1003 13.74 10.10 6.66
CA LEU D 1003 13.70 8.79 6.03
C LEU D 1003 14.65 8.66 4.85
N ASP D 1004 15.08 7.44 4.58
CA ASP D 1004 15.89 7.17 3.41
C ASP D 1004 14.95 7.16 2.21
N PRO D 1005 15.43 7.09 0.96
CA PRO D 1005 14.61 7.09 -0.23
C PRO D 1005 13.41 6.12 -0.19
N PRO D 1006 13.57 4.78 -0.09
CA PRO D 1006 12.46 3.87 -0.21
C PRO D 1006 11.41 4.06 0.89
N GLU D 1007 11.83 4.53 2.07
CA GLU D 1007 10.85 4.75 3.13
C GLU D 1007 10.13 6.07 2.91
N ALA D 1008 10.85 7.07 2.43
CA ALA D 1008 10.24 8.35 2.16
C ALA D 1008 9.21 8.18 1.06
N GLU D 1009 9.52 7.36 0.07
CA GLU D 1009 8.61 7.17 -1.05
C GLU D 1009 7.32 6.53 -0.60
N VAL D 1010 7.39 5.56 0.31
CA VAL D 1010 6.17 4.94 0.81
C VAL D 1010 5.34 5.93 1.61
N GLN D 1011 5.98 6.68 2.49
CA GLN D 1011 5.22 7.62 3.31
C GLN D 1011 4.62 8.73 2.47
N ILE D 1012 5.34 9.15 1.43
CA ILE D 1012 4.82 10.18 0.57
C ILE D 1012 3.64 9.63 -0.23
N ASP D 1013 3.75 8.41 -0.75
CA ASP D 1013 2.61 7.83 -1.49
C ASP D 1013 1.35 7.87 -0.65
N ARG D 1014 1.48 7.59 0.66
CA ARG D 1014 0.31 7.62 1.53
C ARG D 1014 -0.29 9.01 1.61
N LEU D 1015 0.55 10.04 1.71
CA LEU D 1015 0.02 11.40 1.80
C LEU D 1015 -0.53 11.88 0.46
N ILE D 1016 0.11 11.51 -0.64
CA ILE D 1016 -0.37 11.95 -1.95
C ILE D 1016 -1.72 11.33 -2.23
N THR D 1017 -1.85 10.04 -1.98
CA THR D 1017 -3.11 9.38 -2.25
C THR D 1017 -4.22 9.98 -1.41
N GLY D 1018 -3.93 10.19 -0.12
CA GLY D 1018 -4.92 10.75 0.79
C GLY D 1018 -5.32 12.17 0.41
N ARG D 1019 -4.35 12.98 0.03
CA ARG D 1019 -4.63 14.36 -0.31
C ARG D 1019 -5.28 14.48 -1.69
N LEU D 1020 -4.93 13.61 -2.63
CA LEU D 1020 -5.62 13.65 -3.92
C LEU D 1020 -7.04 13.21 -3.75
N GLN D 1021 -7.30 12.25 -2.87
CA GLN D 1021 -8.66 11.84 -2.62
C GLN D 1021 -9.44 13.01 -2.07
N SER D 1022 -8.82 13.80 -1.20
CA SER D 1022 -9.46 14.97 -0.64
C SER D 1022 -9.79 16.00 -1.72
N LEU D 1023 -8.85 16.26 -2.64
CA LEU D 1023 -9.15 17.20 -3.72
C LEU D 1023 -10.23 16.65 -4.63
N GLN D 1024 -10.20 15.36 -4.91
CA GLN D 1024 -11.21 14.79 -5.79
C GLN D 1024 -12.57 14.89 -5.15
N THR D 1025 -12.63 14.71 -3.84
CA THR D 1025 -13.88 14.82 -3.12
C THR D 1025 -14.37 16.24 -3.17
N TYR D 1026 -13.49 17.20 -2.92
CA TYR D 1026 -13.83 18.60 -2.96
C TYR D 1026 -14.36 19.01 -4.32
N VAL D 1027 -13.64 18.65 -5.38
CA VAL D 1027 -14.04 19.04 -6.71
C VAL D 1027 -15.38 18.44 -7.06
N THR D 1028 -15.59 17.18 -6.71
CA THR D 1028 -16.86 16.54 -7.02
C THR D 1028 -17.99 17.28 -6.35
N GLN D 1029 -17.80 17.66 -5.09
CA GLN D 1029 -18.85 18.36 -4.37
C GLN D 1029 -19.09 19.74 -4.96
N GLN D 1030 -18.04 20.42 -5.41
CA GLN D 1030 -18.21 21.73 -5.99
C GLN D 1030 -18.94 21.64 -7.31
N LEU D 1031 -18.73 20.57 -8.07
CA LEU D 1031 -19.43 20.41 -9.34
C LEU D 1031 -20.90 20.16 -9.13
N ILE D 1032 -21.23 19.36 -8.12
CA ILE D 1032 -22.63 19.09 -7.84
C ILE D 1032 -23.30 20.36 -7.32
N ARG D 1033 -22.63 21.05 -6.42
CA ARG D 1033 -23.16 22.31 -5.90
C ARG D 1033 -23.26 23.34 -7.00
N ALA D 1034 -22.29 23.37 -7.90
CA ALA D 1034 -22.34 24.32 -8.98
C ALA D 1034 -23.57 24.07 -9.83
N ALA D 1035 -23.92 22.81 -10.01
CA ALA D 1035 -25.07 22.47 -10.83
C ALA D 1035 -26.36 22.99 -10.21
N GLU D 1036 -26.52 22.91 -8.89
CA GLU D 1036 -27.75 23.41 -8.30
C GLU D 1036 -27.77 24.93 -8.29
N ILE D 1037 -26.60 25.55 -8.18
CA ILE D 1037 -26.51 27.01 -8.28
C ILE D 1037 -26.85 27.45 -9.67
N ARG D 1038 -26.40 26.70 -10.68
CA ARG D 1038 -26.72 27.00 -12.05
C ARG D 1038 -28.22 26.90 -12.26
N ALA D 1039 -28.85 25.89 -11.69
CA ALA D 1039 -30.29 25.75 -11.80
C ALA D 1039 -30.99 26.94 -11.17
N SER D 1040 -30.49 27.40 -10.02
CA SER D 1040 -31.06 28.55 -9.36
C SER D 1040 -30.86 29.80 -10.21
N ALA D 1041 -29.68 29.95 -10.80
CA ALA D 1041 -29.40 31.09 -11.65
C ALA D 1041 -30.32 31.08 -12.86
N ASN D 1042 -30.60 29.90 -13.40
CA ASN D 1042 -31.48 29.80 -14.55
C ASN D 1042 -32.89 30.23 -14.16
N LEU D 1043 -33.32 29.85 -12.97
CA LEU D 1043 -34.62 30.26 -12.48
C LEU D 1043 -34.67 31.75 -12.25
N ALA D 1044 -33.60 32.30 -11.68
CA ALA D 1044 -33.54 33.72 -11.41
C ALA D 1044 -33.59 34.50 -12.71
N ALA D 1045 -32.90 34.01 -13.73
CA ALA D 1045 -32.90 34.67 -15.02
C ALA D 1045 -34.28 34.61 -15.64
N THR D 1046 -34.96 33.48 -15.45
CA THR D 1046 -36.30 33.31 -15.98
C THR D 1046 -37.27 34.28 -15.31
N LYS D 1047 -37.17 34.41 -13.99
CA LYS D 1047 -38.02 35.34 -13.26
C LYS D 1047 -37.77 36.76 -13.70
N MET D 1048 -36.50 37.08 -13.93
CA MET D 1048 -36.19 38.43 -14.37
C MET D 1048 -36.92 38.70 -15.68
N SER D 1049 -36.77 37.80 -16.63
CA SER D 1049 -37.34 38.02 -17.94
C SER D 1049 -38.85 38.06 -17.93
N GLU D 1050 -39.47 37.19 -17.17
CA GLU D 1050 -40.93 37.10 -17.20
C GLU D 1050 -41.70 37.99 -16.24
N CYS D 1051 -41.13 38.34 -15.07
CA CYS D 1051 -41.80 39.08 -14.03
C CYS D 1051 -41.33 40.53 -13.92
N VAL D 1052 -40.10 40.82 -14.38
CA VAL D 1052 -39.60 42.19 -14.30
C VAL D 1052 -39.86 42.86 -15.64
N LEU D 1053 -39.61 42.13 -16.72
CA LEU D 1053 -39.78 42.65 -18.07
C LEU D 1053 -41.14 42.26 -18.64
N GLY D 1054 -42.11 42.00 -17.77
CA GLY D 1054 -43.46 41.65 -18.20
C GLY D 1054 -44.30 41.05 -17.07
N GLN D 1055 -45.49 40.58 -17.40
CA GLN D 1055 -46.37 39.91 -16.46
C GLN D 1055 -46.41 38.44 -16.80
N SER D 1056 -45.92 37.60 -15.90
CA SER D 1056 -45.79 36.19 -16.22
C SER D 1056 -47.12 35.48 -16.38
N LYS D 1057 -48.12 35.92 -15.62
CA LYS D 1057 -49.44 35.30 -15.63
C LYS D 1057 -49.39 33.83 -15.22
N ARG D 1058 -48.32 33.44 -14.55
CA ARG D 1058 -48.14 32.09 -14.04
C ARG D 1058 -48.45 32.10 -12.57
N VAL D 1059 -49.33 31.22 -12.14
CA VAL D 1059 -49.76 31.22 -10.75
C VAL D 1059 -48.64 30.87 -9.80
N ASP D 1060 -48.47 31.70 -8.79
CA ASP D 1060 -47.48 31.58 -7.74
C ASP D 1060 -46.07 31.50 -8.25
N PHE D 1061 -45.85 31.90 -9.49
CA PHE D 1061 -44.50 31.97 -10.02
C PHE D 1061 -43.71 33.11 -9.39
N CYS D 1062 -44.36 34.28 -9.23
CA CYS D 1062 -43.77 35.49 -8.67
C CYS D 1062 -44.67 36.10 -7.60
N GLY D 1063 -44.76 35.40 -6.48
CA GLY D 1063 -45.55 35.85 -5.35
C GLY D 1063 -46.95 35.29 -5.40
N LYS D 1064 -47.61 35.26 -4.24
CA LYS D 1064 -48.97 34.79 -4.16
C LYS D 1064 -49.88 35.92 -4.61
N GLY D 1065 -50.92 35.59 -5.36
CA GLY D 1065 -51.85 36.62 -5.82
C GLY D 1065 -51.68 36.86 -7.31
N TYR D 1066 -52.32 37.90 -7.82
CA TYR D 1066 -52.27 38.16 -9.24
C TYR D 1066 -51.11 39.11 -9.52
N HIS D 1067 -50.15 38.66 -10.30
CA HIS D 1067 -48.93 39.44 -10.51
C HIS D 1067 -49.19 40.73 -11.24
N LEU D 1068 -48.71 41.84 -10.68
CA LEU D 1068 -48.79 43.12 -11.35
C LEU D 1068 -47.43 43.51 -11.91
N MET D 1069 -46.40 43.45 -11.07
CA MET D 1069 -45.06 43.86 -11.46
C MET D 1069 -44.03 43.40 -10.46
N SER D 1070 -42.77 43.54 -10.79
CA SER D 1070 -41.74 43.25 -9.82
C SER D 1070 -40.51 44.09 -10.05
N PHE D 1071 -39.70 44.18 -9.01
CA PHE D 1071 -38.47 44.94 -9.07
C PHE D 1071 -37.31 44.11 -8.55
N PRO D 1072 -36.21 43.98 -9.30
CA PRO D 1072 -35.02 43.29 -8.89
C PRO D 1072 -34.26 44.15 -7.91
N GLN D 1073 -33.49 43.52 -7.05
CA GLN D 1073 -32.56 44.19 -6.16
C GLN D 1073 -31.24 43.44 -6.14
N SER D 1074 -30.14 44.16 -6.10
CA SER D 1074 -28.82 43.56 -5.98
C SER D 1074 -28.65 42.92 -4.62
N ALA D 1075 -27.96 41.80 -4.58
CA ALA D 1075 -27.68 41.13 -3.32
C ALA D 1075 -26.36 40.40 -3.46
N PRO D 1076 -25.62 40.17 -2.37
CA PRO D 1076 -24.37 39.48 -2.39
C PRO D 1076 -24.57 38.06 -2.86
N HIS D 1077 -23.89 37.70 -3.93
CA HIS D 1077 -23.95 36.38 -4.55
C HIS D 1077 -25.34 35.96 -4.99
N GLY D 1078 -26.22 36.92 -5.25
CA GLY D 1078 -27.56 36.55 -5.67
C GLY D 1078 -28.44 37.73 -6.00
N VAL D 1079 -29.72 37.43 -6.21
CA VAL D 1079 -30.68 38.45 -6.58
C VAL D 1079 -31.91 38.36 -5.71
N VAL D 1080 -32.44 39.52 -5.36
CA VAL D 1080 -33.67 39.56 -4.59
C VAL D 1080 -34.76 40.23 -5.39
N PHE D 1081 -35.90 39.58 -5.48
CA PHE D 1081 -37.00 40.15 -6.22
C PHE D 1081 -38.09 40.63 -5.29
N LEU D 1082 -38.63 41.79 -5.60
CA LEU D 1082 -39.76 42.31 -4.87
C LEU D 1082 -40.97 42.17 -5.76
N HIS D 1083 -41.84 41.23 -5.43
CA HIS D 1083 -42.98 40.94 -6.28
C HIS D 1083 -44.22 41.64 -5.78
N VAL D 1084 -44.81 42.44 -6.66
CA VAL D 1084 -45.98 43.22 -6.32
C VAL D 1084 -47.21 42.52 -6.86
N THR D 1085 -48.10 42.13 -5.96
CA THR D 1085 -49.26 41.36 -6.35
C THR D 1085 -50.57 41.99 -5.88
N TYR D 1086 -51.61 41.71 -6.64
CA TYR D 1086 -52.97 42.11 -6.31
C TYR D 1086 -53.68 40.98 -5.61
N VAL D 1087 -54.14 41.24 -4.40
CA VAL D 1087 -54.80 40.21 -3.64
C VAL D 1087 -56.17 40.67 -3.16
N PRO D 1088 -57.26 39.99 -3.52
CA PRO D 1088 -58.61 40.26 -3.08
C PRO D 1088 -58.63 40.27 -1.57
N ALA D 1089 -59.34 41.20 -0.95
CA ALA D 1089 -59.30 41.34 0.51
C ALA D 1089 -60.63 41.08 1.20
N GLN D 1090 -61.71 41.59 0.64
CA GLN D 1090 -63.01 41.46 1.29
C GLN D 1090 -64.00 40.97 0.27
N GLU D 1091 -64.93 40.10 0.68
CA GLU D 1091 -65.90 39.53 -0.25
C GLU D 1091 -67.30 39.47 0.31
N LYS D 1092 -68.28 39.42 -0.60
CA LYS D 1092 -69.67 39.24 -0.23
C LYS D 1092 -70.29 38.03 -0.94
N ASN D 1093 -71.31 37.42 -0.31
CA ASN D 1093 -72.10 36.31 -0.82
C ASN D 1093 -73.19 36.81 -1.76
N PHE D 1094 -73.07 36.57 -3.06
CA PHE D 1094 -74.05 36.99 -4.07
C PHE D 1094 -74.76 35.80 -4.64
N THR D 1095 -76.00 35.98 -5.04
CA THR D 1095 -76.73 34.91 -5.70
C THR D 1095 -76.34 34.99 -7.17
N THR D 1096 -76.15 33.85 -7.80
CA THR D 1096 -75.73 33.86 -9.19
C THR D 1096 -76.54 33.00 -10.11
N ALA D 1097 -76.22 33.09 -11.40
CA ALA D 1097 -76.87 32.31 -12.43
C ALA D 1097 -75.95 32.28 -13.65
N PRO D 1098 -75.96 31.18 -14.42
CA PRO D 1098 -75.22 31.03 -15.66
C PRO D 1098 -75.75 31.88 -16.79
N ALA D 1099 -77.02 32.24 -16.72
CA ALA D 1099 -77.62 33.01 -17.79
C ALA D 1099 -78.89 33.68 -17.37
N ILE D 1100 -79.28 34.67 -18.14
CA ILE D 1100 -80.55 35.35 -17.96
C ILE D 1100 -81.50 35.01 -19.10
N CYS D 1101 -82.73 34.63 -18.75
CA CYS D 1101 -83.79 34.33 -19.71
C CYS D 1101 -84.60 35.60 -19.95
N HIS D 1102 -84.66 36.00 -21.22
CA HIS D 1102 -85.37 37.22 -21.58
C HIS D 1102 -86.60 36.85 -22.39
N ASP D 1103 -86.61 37.13 -23.70
CA ASP D 1103 -87.75 36.79 -24.52
C ASP D 1103 -87.61 35.37 -25.05
N GLY D 1104 -87.46 34.43 -24.11
CA GLY D 1104 -87.27 33.01 -24.42
C GLY D 1104 -85.82 32.70 -24.80
N LYS D 1105 -85.01 33.74 -24.85
CA LYS D 1105 -83.62 33.66 -25.26
C LYS D 1105 -82.69 33.64 -24.06
N ALA D 1106 -81.54 33.01 -24.22
CA ALA D 1106 -80.57 32.94 -23.13
C ALA D 1106 -79.44 33.92 -23.32
N HIS D 1107 -79.29 34.83 -22.35
CA HIS D 1107 -78.28 35.87 -22.35
C HIS D 1107 -77.12 35.52 -21.43
N PHE D 1108 -75.92 35.54 -21.97
CA PHE D 1108 -74.70 35.23 -21.24
C PHE D 1108 -73.83 36.48 -21.22
N PRO D 1109 -73.04 36.73 -20.18
CA PRO D 1109 -72.20 37.90 -20.08
C PRO D 1109 -71.07 37.78 -21.07
N ARG D 1110 -70.65 38.88 -21.68
CA ARG D 1110 -69.50 38.81 -22.56
C ARG D 1110 -68.22 38.63 -21.78
N GLU D 1111 -68.12 39.32 -20.66
CA GLU D 1111 -66.95 39.23 -19.80
C GLU D 1111 -67.34 39.62 -18.38
N GLY D 1112 -67.94 38.68 -17.67
CA GLY D 1112 -68.45 38.97 -16.35
C GLY D 1112 -69.29 37.84 -15.82
N VAL D 1113 -69.90 38.06 -14.68
CA VAL D 1113 -70.74 37.07 -14.04
C VAL D 1113 -72.04 37.71 -13.57
N PHE D 1114 -73.15 37.00 -13.72
CA PHE D 1114 -74.40 37.56 -13.22
C PHE D 1114 -74.48 37.39 -11.72
N VAL D 1115 -74.92 38.43 -11.05
CA VAL D 1115 -75.06 38.43 -9.62
C VAL D 1115 -76.40 38.98 -9.19
N SER D 1116 -76.82 38.65 -7.99
CA SER D 1116 -78.01 39.26 -7.43
C SER D 1116 -77.81 39.58 -5.96
N ASN D 1117 -78.28 40.77 -5.56
CA ASN D 1117 -78.20 41.25 -4.18
C ASN D 1117 -79.47 40.89 -3.37
N GLY D 1118 -80.36 40.07 -3.95
CA GLY D 1118 -81.61 39.61 -3.35
C GLY D 1118 -82.82 40.25 -3.99
N THR D 1119 -82.66 41.40 -4.65
CA THR D 1119 -83.81 42.01 -5.31
C THR D 1119 -83.56 42.31 -6.78
N HIS D 1120 -82.30 42.59 -7.14
CA HIS D 1120 -82.00 42.93 -8.53
C HIS D 1120 -80.80 42.19 -9.07
N TRP D 1121 -80.88 41.84 -10.35
CA TRP D 1121 -79.78 41.20 -11.05
C TRP D 1121 -78.90 42.20 -11.76
N PHE D 1122 -77.61 42.01 -11.62
CA PHE D 1122 -76.57 42.85 -12.22
C PHE D 1122 -75.52 41.97 -12.85
N VAL D 1123 -74.74 42.54 -13.75
CA VAL D 1123 -73.61 41.80 -14.28
C VAL D 1123 -72.33 42.51 -13.89
N THR D 1124 -71.37 41.77 -13.36
CA THR D 1124 -70.15 42.43 -12.94
C THR D 1124 -68.91 41.67 -13.36
N GLN D 1125 -67.76 42.28 -13.14
CA GLN D 1125 -66.49 41.65 -13.47
C GLN D 1125 -66.13 40.64 -12.39
N ARG D 1126 -65.34 39.66 -12.75
CA ARG D 1126 -65.03 38.57 -11.85
C ARG D 1126 -64.14 38.90 -10.64
N ASN D 1127 -63.13 39.75 -10.80
CA ASN D 1127 -62.17 39.96 -9.71
C ASN D 1127 -62.36 41.23 -8.88
N PHE D 1128 -63.45 41.94 -9.06
CA PHE D 1128 -63.72 43.14 -8.26
C PHE D 1128 -65.16 43.60 -8.46
N TYR D 1129 -65.98 43.49 -7.43
CA TYR D 1129 -67.39 43.77 -7.53
C TYR D 1129 -67.67 45.20 -7.91
N GLU D 1130 -68.36 45.36 -9.02
CA GLU D 1130 -68.72 46.64 -9.55
C GLU D 1130 -69.91 46.46 -10.51
N PRO D 1131 -71.12 46.33 -9.98
CA PRO D 1131 -72.31 45.85 -10.66
C PRO D 1131 -72.78 46.79 -11.74
N GLN D 1132 -73.12 46.23 -12.89
CA GLN D 1132 -73.64 46.99 -14.00
C GLN D 1132 -75.06 46.56 -14.31
N ILE D 1133 -75.81 47.43 -14.95
CA ILE D 1133 -77.13 47.06 -15.41
C ILE D 1133 -76.97 46.05 -16.52
N ILE D 1134 -77.78 45.00 -16.50
CA ILE D 1134 -77.70 43.98 -17.53
C ILE D 1134 -78.36 44.52 -18.78
N THR D 1135 -77.57 44.62 -19.84
CA THR D 1135 -78.03 45.19 -21.10
C THR D 1135 -77.58 44.33 -22.26
N THR D 1136 -78.06 44.66 -23.44
CA THR D 1136 -77.67 43.98 -24.65
C THR D 1136 -76.23 44.26 -25.03
N ASP D 1137 -75.63 45.28 -24.41
CA ASP D 1137 -74.25 45.62 -24.68
C ASP D 1137 -73.31 44.95 -23.68
N ASN D 1138 -73.88 44.23 -22.72
CA ASN D 1138 -73.08 43.52 -21.73
C ASN D 1138 -73.15 42.01 -21.94
N THR D 1139 -74.25 41.57 -22.55
CA THR D 1139 -74.49 40.14 -22.75
C THR D 1139 -74.67 39.79 -24.21
N PHE D 1140 -74.52 38.51 -24.53
CA PHE D 1140 -74.73 38.01 -25.86
C PHE D 1140 -75.74 36.88 -25.83
N VAL D 1141 -76.39 36.61 -26.95
CA VAL D 1141 -77.43 35.61 -26.98
C VAL D 1141 -77.07 34.36 -27.73
N SER D 1142 -77.35 33.22 -27.11
CA SER D 1142 -77.16 31.94 -27.76
C SER D 1142 -78.04 30.86 -27.15
N GLY D 1143 -78.60 30.00 -27.96
CA GLY D 1143 -79.43 28.91 -27.45
C GLY D 1143 -80.72 29.48 -26.90
N ASN D 1144 -81.32 28.77 -25.95
CA ASN D 1144 -82.58 29.23 -25.38
C ASN D 1144 -82.74 28.75 -23.93
N CYS D 1145 -83.84 29.21 -23.30
CA CYS D 1145 -84.15 28.99 -21.90
C CYS D 1145 -84.50 27.54 -21.55
N ASP D 1146 -84.72 26.71 -22.56
CA ASP D 1146 -85.06 25.32 -22.30
C ASP D 1146 -83.82 24.45 -22.30
N VAL D 1147 -82.67 25.06 -22.58
CA VAL D 1147 -81.42 24.32 -22.67
C VAL D 1147 -80.51 24.59 -21.48
N VAL D 1148 -80.36 25.86 -21.12
CA VAL D 1148 -79.43 26.20 -20.05
C VAL D 1148 -79.94 25.79 -18.69
N ILE D 1149 -79.11 25.10 -17.92
CA ILE D 1149 -79.47 24.63 -16.60
C ILE D 1149 -79.25 25.72 -15.56
N GLY D 1150 -80.29 26.05 -14.80
CA GLY D 1150 -80.16 27.07 -13.77
C GLY D 1150 -80.36 28.49 -14.28
N ILE D 1151 -80.96 28.64 -15.44
CA ILE D 1151 -81.22 29.95 -16.02
C ILE D 1151 -82.33 30.66 -15.24
N VAL D 1152 -82.19 31.96 -15.03
CA VAL D 1152 -83.20 32.69 -14.27
C VAL D 1152 -83.86 33.77 -15.13
N ASN D 1153 -85.08 34.16 -14.75
CA ASN D 1153 -85.88 35.15 -15.46
C ASN D 1153 -85.57 36.58 -14.98
N ASN D 1154 -85.27 37.47 -15.94
CA ASN D 1154 -84.97 38.89 -15.67
C ASN D 1154 -85.34 39.71 -16.89
N THR D 1155 -85.13 41.01 -16.78
CA THR D 1155 -85.36 41.90 -17.90
C THR D 1155 -84.04 42.48 -18.37
N VAL D 1156 -83.72 42.25 -19.62
CA VAL D 1156 -82.49 42.77 -20.19
C VAL D 1156 -82.80 44.09 -20.88
N TYR D 1157 -82.05 45.11 -20.53
CA TYR D 1157 -82.27 46.45 -21.05
C TYR D 1157 -81.64 46.68 -22.41
N ASP D 1158 -82.40 47.32 -23.29
CA ASP D 1158 -81.92 47.70 -24.62
C ASP D 1158 -81.77 49.22 -24.72
N PRO D 1159 -80.54 49.77 -24.67
CA PRO D 1159 -80.19 51.18 -24.73
C PRO D 1159 -80.70 51.89 -25.97
N LEU D 1160 -81.04 51.14 -27.01
CA LEU D 1160 -81.53 51.74 -28.25
C LEU D 1160 -82.99 52.15 -28.18
N GLN D 1161 -83.82 51.42 -27.45
CA GLN D 1161 -85.24 51.69 -27.56
C GLN D 1161 -85.64 53.10 -27.10
N PRO D 1162 -85.06 53.67 -26.02
CA PRO D 1162 -85.30 55.03 -25.55
C PRO D 1162 -84.83 56.10 -26.54
N GLU D 1163 -83.94 55.72 -27.47
CA GLU D 1163 -83.42 56.67 -28.44
C GLU D 1163 -84.30 56.80 -29.69
N LEU D 1164 -84.95 55.68 -30.09
CA LEU D 1164 -85.81 55.59 -31.27
C LEU D 1164 -87.06 56.46 -31.09
N GLU E 1 -8.02 -12.45 36.73
CA GLU E 1 -7.42 -12.17 38.02
C GLU E 1 -7.98 -13.12 39.10
N VAL E 2 -7.15 -14.07 39.55
CA VAL E 2 -7.50 -15.07 40.55
C VAL E 2 -6.82 -14.78 41.87
N GLN E 3 -7.61 -14.76 42.94
CA GLN E 3 -7.07 -14.48 44.27
C GLN E 3 -7.60 -15.45 45.32
N LEU E 4 -6.73 -15.76 46.27
CA LEU E 4 -7.07 -16.62 47.41
C LEU E 4 -6.90 -15.82 48.71
N VAL E 5 -7.91 -15.85 49.58
CA VAL E 5 -7.88 -15.14 50.85
C VAL E 5 -8.13 -16.07 52.04
N GLU E 6 -7.18 -16.14 52.97
CA GLU E 6 -7.33 -17.08 54.08
C GLU E 6 -7.55 -16.42 55.42
N SER E 7 -8.21 -17.17 56.31
CA SER E 7 -8.46 -16.76 57.69
C SER E 7 -8.72 -17.97 58.58
N GLY E 8 -8.81 -17.72 59.89
CA GLY E 8 -9.15 -18.78 60.85
C GLY E 8 -7.96 -19.29 61.68
N GLY E 9 -6.82 -18.60 61.59
CA GLY E 9 -5.65 -19.01 62.35
C GLY E 9 -5.71 -18.50 63.78
N GLY E 10 -4.62 -18.69 64.52
CA GLY E 10 -4.58 -18.27 65.92
C GLY E 10 -4.05 -19.37 66.83
N LEU E 11 -4.26 -19.18 68.13
CA LEU E 11 -3.79 -20.10 69.16
C LEU E 11 -4.90 -21.01 69.67
N VAL E 12 -4.65 -22.32 69.63
CA VAL E 12 -5.58 -23.33 70.08
C VAL E 12 -4.87 -24.28 71.06
N GLN E 13 -5.61 -24.82 72.01
CA GLN E 13 -5.04 -25.77 72.95
C GLN E 13 -4.95 -27.15 72.29
N PRO E 14 -4.03 -28.02 72.71
CA PRO E 14 -3.92 -29.40 72.31
C PRO E 14 -5.24 -30.11 72.56
N GLY E 15 -5.69 -30.85 71.56
CA GLY E 15 -6.95 -31.57 71.64
C GLY E 15 -8.12 -30.71 71.18
N GLY E 16 -7.84 -29.44 70.90
CA GLY E 16 -8.86 -28.51 70.47
C GLY E 16 -9.11 -28.60 68.98
N SER E 17 -9.93 -27.69 68.46
CA SER E 17 -10.25 -27.71 67.05
C SER E 17 -10.53 -26.33 66.51
N LEU E 18 -10.43 -26.20 65.20
CA LEU E 18 -10.74 -24.96 64.52
C LEU E 18 -11.00 -25.19 63.05
N ARG E 19 -11.62 -24.22 62.40
CA ARG E 19 -11.85 -24.33 60.96
C ARG E 19 -11.14 -23.24 60.20
N LEU E 20 -10.34 -23.65 59.22
CA LEU E 20 -9.66 -22.69 58.37
C LEU E 20 -10.49 -22.49 57.12
N SER E 21 -10.42 -21.31 56.54
CA SER E 21 -11.13 -21.08 55.30
C SER E 21 -10.28 -20.31 54.31
N CYS E 22 -10.54 -20.54 53.02
CA CYS E 22 -9.89 -19.87 51.89
C CYS E 22 -10.94 -19.43 50.86
N ALA E 23 -11.27 -18.14 50.94
CA ALA E 23 -12.26 -17.56 50.05
C ALA E 23 -11.57 -17.25 48.75
N ALA E 24 -12.28 -17.35 47.63
CA ALA E 24 -11.58 -17.03 46.41
C ALA E 24 -12.49 -16.57 45.30
N SER E 25 -11.89 -15.90 44.33
CA SER E 25 -12.62 -15.43 43.17
C SER E 25 -11.74 -15.39 41.92
N GLY E 26 -12.37 -15.17 40.77
CA GLY E 26 -11.67 -15.10 39.48
C GLY E 26 -11.80 -16.40 38.69
N PHE E 27 -12.47 -17.38 39.28
CA PHE E 27 -12.67 -18.68 38.65
C PHE E 27 -13.91 -19.35 39.21
N THR E 28 -14.38 -20.37 38.53
CA THR E 28 -15.49 -21.16 39.04
C THR E 28 -14.92 -22.32 39.85
N PHE E 29 -15.36 -22.44 41.10
CA PHE E 29 -14.82 -23.47 41.98
C PHE E 29 -15.08 -24.87 41.48
N SER E 30 -16.24 -25.10 40.91
CA SER E 30 -16.64 -26.42 40.46
C SER E 30 -15.78 -26.94 39.31
N SER E 31 -14.93 -26.09 38.74
CA SER E 31 -14.07 -26.49 37.64
C SER E 31 -12.65 -26.86 38.09
N TYR E 32 -12.34 -26.66 39.37
CA TYR E 32 -10.97 -26.87 39.87
C TYR E 32 -10.85 -27.71 41.14
N TRP E 33 -9.67 -28.34 41.28
CA TRP E 33 -9.33 -29.12 42.45
C TRP E 33 -8.83 -28.18 43.53
N MET E 34 -9.21 -28.44 44.78
CA MET E 34 -8.76 -27.57 45.87
C MET E 34 -7.93 -28.36 46.86
N ASN E 35 -6.86 -27.75 47.35
CA ASN E 35 -5.95 -28.42 48.26
C ASN E 35 -5.48 -27.58 49.44
N TRP E 36 -5.08 -28.27 50.50
CA TRP E 36 -4.37 -27.65 51.60
C TRP E 36 -2.97 -28.23 51.70
N VAL E 37 -1.98 -27.34 51.83
CA VAL E 37 -0.57 -27.67 51.96
C VAL E 37 -0.04 -27.05 53.23
N ARG E 38 0.70 -27.82 54.02
CA ARG E 38 1.18 -27.34 55.30
C ARG E 38 2.70 -27.11 55.32
N GLN E 39 3.12 -26.08 56.07
CA GLN E 39 4.54 -25.84 56.26
C GLN E 39 4.87 -25.37 57.68
N ALA E 40 5.45 -26.25 58.48
CA ALA E 40 5.85 -25.87 59.83
C ALA E 40 7.04 -24.93 59.71
N PRO E 41 7.24 -23.99 60.65
CA PRO E 41 8.39 -23.12 60.66
C PRO E 41 9.69 -23.91 60.61
N GLY E 42 10.56 -23.53 59.68
CA GLY E 42 11.85 -24.19 59.50
C GLY E 42 11.77 -25.49 58.71
N LYS E 43 10.58 -25.85 58.25
CA LYS E 43 10.36 -27.10 57.51
C LYS E 43 9.97 -26.85 56.06
N GLY E 44 10.02 -27.90 55.27
CA GLY E 44 9.62 -27.82 53.88
C GLY E 44 8.12 -27.99 53.74
N LEU E 45 7.66 -28.18 52.53
CA LEU E 45 6.23 -28.29 52.28
C LEU E 45 5.77 -29.73 52.40
N GLU E 46 4.53 -29.92 52.85
CA GLU E 46 3.91 -31.24 52.82
C GLU E 46 2.42 -31.08 52.50
N TRP E 47 1.86 -32.06 51.84
CA TRP E 47 0.45 -32.02 51.50
C TRP E 47 -0.43 -32.54 52.63
N VAL E 48 -1.57 -31.89 52.85
CA VAL E 48 -2.51 -32.32 53.88
C VAL E 48 -3.76 -32.98 53.33
N ALA E 49 -4.46 -32.29 52.43
CA ALA E 49 -5.71 -32.83 51.92
C ALA E 49 -6.08 -32.30 50.55
N ASN E 50 -6.88 -33.09 49.83
CA ASN E 50 -7.36 -32.79 48.48
C ASN E 50 -8.83 -33.09 48.32
N ILE E 51 -9.57 -32.14 47.75
CA ILE E 51 -10.98 -32.38 47.50
C ILE E 51 -11.33 -32.17 46.03
N LYS E 52 -12.13 -33.09 45.51
CA LYS E 52 -12.52 -33.10 44.10
C LYS E 52 -13.43 -31.94 43.75
N GLN E 53 -13.41 -31.58 42.47
CA GLN E 53 -14.10 -30.43 41.89
C GLN E 53 -15.55 -30.26 42.36
N ASP E 54 -16.31 -31.35 42.38
CA ASP E 54 -17.70 -31.30 42.79
C ASP E 54 -17.94 -31.75 44.22
N GLY E 55 -16.85 -32.00 44.95
CA GLY E 55 -16.91 -32.45 46.33
C GLY E 55 -17.28 -33.92 46.47
N SER E 56 -17.31 -34.65 45.35
CA SER E 56 -17.75 -36.05 45.36
C SER E 56 -16.77 -37.02 46.00
N GLU E 57 -15.50 -36.60 46.16
CA GLU E 57 -14.49 -37.48 46.76
C GLU E 57 -13.42 -36.65 47.48
N LYS E 58 -12.79 -37.26 48.50
CA LYS E 58 -11.76 -36.59 49.30
C LYS E 58 -10.55 -37.49 49.56
N TYR E 59 -9.37 -36.87 49.64
CA TYR E 59 -8.13 -37.59 49.90
C TYR E 59 -7.34 -36.93 51.03
N TYR E 60 -6.67 -37.73 51.85
CA TYR E 60 -5.89 -37.19 52.97
C TYR E 60 -4.52 -37.84 53.09
N VAL E 61 -3.57 -37.09 53.64
CA VAL E 61 -2.29 -37.66 54.02
C VAL E 61 -2.49 -38.46 55.30
N ASP E 62 -1.81 -39.58 55.43
CA ASP E 62 -2.00 -40.44 56.61
C ASP E 62 -1.85 -39.71 57.94
N SER E 63 -0.96 -38.74 58.02
CA SER E 63 -0.68 -38.05 59.28
C SER E 63 -1.88 -37.27 59.86
N VAL E 64 -2.89 -36.97 59.04
CA VAL E 64 -4.05 -36.22 59.54
C VAL E 64 -5.32 -37.04 59.38
N LYS E 65 -5.16 -38.30 58.99
CA LYS E 65 -6.32 -39.12 58.69
C LYS E 65 -7.12 -39.37 59.94
N GLY E 66 -8.42 -39.16 59.86
CA GLY E 66 -9.32 -39.35 60.98
C GLY E 66 -9.42 -38.11 61.86
N ARG E 67 -8.60 -37.09 61.58
CA ARG E 67 -8.61 -35.88 62.38
C ARG E 67 -9.05 -34.68 61.58
N PHE E 68 -8.54 -34.55 60.35
CA PHE E 68 -8.87 -33.39 59.55
C PHE E 68 -9.88 -33.75 58.48
N THR E 69 -10.82 -32.85 58.24
CA THR E 69 -11.79 -33.00 57.16
C THR E 69 -11.72 -31.84 56.17
N ILE E 70 -11.57 -32.17 54.89
CA ILE E 70 -11.52 -31.15 53.86
C ILE E 70 -12.91 -31.05 53.26
N SER E 71 -13.40 -29.85 53.10
CA SER E 71 -14.72 -29.65 52.54
C SER E 71 -14.77 -28.38 51.73
N ARG E 72 -15.75 -28.27 50.86
CA ARG E 72 -15.85 -27.08 50.02
C ARG E 72 -17.29 -26.70 49.77
N ASP E 73 -17.49 -25.43 49.46
CA ASP E 73 -18.80 -24.95 49.07
C ASP E 73 -18.64 -24.12 47.81
N ASN E 74 -19.10 -24.67 46.69
CA ASN E 74 -18.90 -24.05 45.38
C ASN E 74 -19.85 -22.87 45.16
N ALA E 75 -20.83 -22.72 46.04
CA ALA E 75 -21.80 -21.62 45.92
C ALA E 75 -21.28 -20.42 46.70
N LYS E 76 -20.58 -20.70 47.79
CA LYS E 76 -20.02 -19.67 48.65
C LYS E 76 -18.62 -19.28 48.20
N ASN E 77 -18.14 -19.95 47.17
CA ASN E 77 -16.82 -19.73 46.63
C ASN E 77 -15.73 -19.81 47.69
N SER E 78 -15.76 -20.87 48.50
CA SER E 78 -14.73 -21.01 49.52
C SER E 78 -14.38 -22.47 49.89
N LEU E 79 -13.11 -22.68 50.17
CA LEU E 79 -12.53 -23.95 50.63
C LEU E 79 -12.37 -23.96 52.15
N PHE E 80 -12.70 -25.09 52.79
CA PHE E 80 -12.57 -25.16 54.23
C PHE E 80 -11.75 -26.37 54.71
N LEU E 81 -11.10 -26.23 55.86
CA LEU E 81 -10.45 -27.36 56.51
C LEU E 81 -10.81 -27.41 57.99
N GLN E 82 -11.47 -28.47 58.40
CA GLN E 82 -11.86 -28.64 59.80
C GLN E 82 -10.85 -29.52 60.49
N MET E 83 -10.10 -28.95 61.41
CA MET E 83 -9.04 -29.70 62.07
C MET E 83 -9.38 -30.04 63.49
N ASN E 84 -9.59 -31.32 63.77
CA ASN E 84 -9.97 -31.78 65.10
C ASN E 84 -8.79 -32.41 65.81
N SER E 85 -8.84 -32.45 67.14
CA SER E 85 -7.81 -33.09 67.95
C SER E 85 -6.42 -32.62 67.56
N LEU E 86 -6.25 -31.31 67.42
CA LEU E 86 -4.96 -30.76 67.02
C LEU E 86 -3.86 -31.07 68.02
N ARG E 87 -2.71 -31.47 67.48
CA ARG E 87 -1.55 -31.85 68.28
C ARG E 87 -0.45 -30.80 68.21
N ALA E 88 0.51 -30.86 69.13
CA ALA E 88 1.62 -29.90 69.10
C ALA E 88 2.36 -29.97 67.78
N GLU E 89 2.44 -31.16 67.21
CA GLU E 89 3.11 -31.42 65.95
C GLU E 89 2.42 -30.77 64.75
N ASP E 90 1.19 -30.31 64.95
CA ASP E 90 0.41 -29.69 63.88
C ASP E 90 0.64 -28.18 63.80
N THR E 91 1.54 -27.64 64.64
CA THR E 91 1.81 -26.22 64.53
C THR E 91 2.46 -25.96 63.17
N ALA E 92 1.82 -25.10 62.38
CA ALA E 92 2.30 -24.86 61.03
C ALA E 92 1.55 -23.75 60.34
N VAL E 93 2.08 -23.30 59.22
CA VAL E 93 1.37 -22.39 58.34
C VAL E 93 0.60 -23.19 57.30
N TYR E 94 -0.70 -22.96 57.22
CA TYR E 94 -1.55 -23.66 56.28
C TYR E 94 -1.88 -22.83 55.06
N TYR E 95 -1.51 -23.34 53.90
CA TYR E 95 -1.74 -22.67 52.64
C TYR E 95 -2.87 -23.36 51.90
N CYS E 96 -3.68 -22.59 51.18
CA CYS E 96 -4.68 -23.13 50.26
C CYS E 96 -4.13 -22.96 48.85
N ALA E 97 -4.51 -23.87 47.95
CA ALA E 97 -4.03 -23.73 46.59
C ALA E 97 -5.00 -24.34 45.58
N ARG E 98 -4.94 -23.78 44.37
CA ARG E 98 -5.73 -24.22 43.23
C ARG E 98 -4.93 -25.12 42.31
N VAL E 99 -5.53 -26.26 41.97
CA VAL E 99 -4.94 -27.23 41.07
C VAL E 99 -5.80 -27.49 39.82
N TRP E 100 -5.19 -27.33 38.64
CA TRP E 100 -5.91 -27.54 37.37
C TRP E 100 -6.41 -28.98 37.25
N TRP E 101 -5.53 -29.94 37.47
CA TRP E 101 -5.91 -31.35 37.39
C TRP E 101 -5.15 -32.13 38.45
N LEU E 102 -5.64 -33.31 38.79
CA LEU E 102 -5.13 -34.04 39.96
C LEU E 102 -3.61 -34.22 40.01
N ARG E 103 -2.98 -34.51 38.89
CA ARG E 103 -1.54 -34.76 38.91
C ARG E 103 -0.76 -33.61 38.31
N GLY E 104 -1.41 -32.46 38.19
CA GLY E 104 -0.79 -31.28 37.65
C GLY E 104 -0.20 -30.42 38.75
N SER E 105 0.02 -29.15 38.45
CA SER E 105 0.64 -28.23 39.38
C SER E 105 -0.35 -27.45 40.23
N PHE E 106 0.19 -26.83 41.26
CA PHE E 106 -0.56 -25.92 42.11
C PHE E 106 -0.36 -24.53 41.54
N ASP E 107 -1.37 -24.03 40.84
CA ASP E 107 -1.23 -22.82 40.04
C ASP E 107 -1.33 -21.56 40.88
N TYR E 108 -2.18 -21.59 41.90
CA TYR E 108 -2.35 -20.43 42.76
C TYR E 108 -2.22 -20.81 44.21
N TRP E 109 -1.56 -19.95 44.97
CA TRP E 109 -1.33 -20.17 46.38
C TRP E 109 -1.80 -18.99 47.21
N GLY E 110 -2.28 -19.26 48.41
CA GLY E 110 -2.66 -18.23 49.36
C GLY E 110 -1.41 -17.71 50.06
N GLN E 111 -1.57 -16.93 51.11
CA GLN E 111 -0.42 -16.38 51.81
C GLN E 111 -0.02 -17.23 53.01
N GLY E 112 -0.96 -18.01 53.52
CA GLY E 112 -0.68 -18.91 54.62
C GLY E 112 -1.23 -18.44 55.96
N THR E 113 -1.99 -19.31 56.60
CA THR E 113 -2.60 -19.01 57.89
C THR E 113 -1.91 -19.80 59.00
N LEU E 114 -1.40 -19.10 60.00
CA LEU E 114 -0.65 -19.78 61.06
C LEU E 114 -1.51 -20.28 62.18
N VAL E 115 -1.37 -21.58 62.44
CA VAL E 115 -2.05 -22.25 63.53
C VAL E 115 -1.03 -22.76 64.56
N THR E 116 -1.17 -22.30 65.79
CA THR E 116 -0.26 -22.70 66.85
C THR E 116 -0.98 -23.52 67.90
N VAL E 117 -0.44 -24.68 68.23
CA VAL E 117 -1.06 -25.53 69.21
C VAL E 117 -0.23 -25.53 70.49
N SER E 118 -0.82 -25.04 71.58
CA SER E 118 -0.11 -24.90 72.85
C SER E 118 -1.03 -24.75 74.06
N SER E 119 -0.72 -25.49 75.12
CA SER E 119 -1.45 -25.41 76.38
C SER E 119 -0.83 -24.41 77.34
N ALA E 120 0.29 -23.85 76.93
CA ALA E 120 1.06 -22.92 77.76
C ALA E 120 0.28 -21.64 78.05
N SER E 121 0.41 -21.17 79.28
CA SER E 121 -0.13 -19.89 79.70
C SER E 121 0.93 -18.83 79.50
N THR E 122 0.57 -17.56 79.62
CA THR E 122 1.58 -16.53 79.48
C THR E 122 2.54 -16.57 80.66
N LYS E 123 3.84 -16.63 80.36
CA LYS E 123 4.88 -16.68 81.38
C LYS E 123 6.11 -15.90 80.98
N GLY E 124 6.77 -15.27 81.95
CA GLY E 124 8.01 -14.58 81.66
C GLY E 124 9.14 -15.60 81.62
N PRO E 125 10.26 -15.27 80.96
CA PRO E 125 11.46 -16.08 80.82
C PRO E 125 12.30 -16.19 82.07
N SER E 126 13.05 -17.27 82.14
CA SER E 126 14.12 -17.43 83.10
C SER E 126 15.41 -17.30 82.31
N VAL E 127 16.41 -16.66 82.88
CA VAL E 127 17.63 -16.48 82.13
C VAL E 127 18.81 -17.08 82.84
N PHE E 128 19.57 -17.87 82.09
CA PHE E 128 20.76 -18.51 82.62
C PHE E 128 21.94 -18.08 81.77
N PRO E 129 23.08 -17.73 82.36
CA PRO E 129 24.27 -17.29 81.66
C PRO E 129 24.91 -18.44 80.93
N LEU E 130 25.48 -18.17 79.78
CA LEU E 130 26.24 -19.15 79.03
C LEU E 130 27.71 -18.77 79.02
N ALA E 131 28.49 -19.43 79.88
CA ALA E 131 29.89 -19.09 80.04
C ALA E 131 30.77 -19.91 79.10
N PRO E 132 31.77 -19.29 78.45
CA PRO E 132 32.76 -19.96 77.63
C PRO E 132 33.70 -20.80 78.46
N SER E 133 34.15 -21.92 77.90
CA SER E 133 35.13 -22.76 78.58
C SER E 133 36.55 -22.32 78.21
N SER E 134 37.52 -22.75 79.01
CA SER E 134 38.92 -22.40 78.77
C SER E 134 39.43 -22.94 77.44
N LYS E 135 38.85 -24.05 76.98
CA LYS E 135 39.26 -24.64 75.71
C LYS E 135 39.04 -23.71 74.54
N SER E 136 37.96 -22.92 74.57
CA SER E 136 37.68 -22.02 73.47
C SER E 136 38.35 -20.68 73.71
N THR E 137 38.47 -20.29 74.97
CA THR E 137 39.05 -19.01 75.37
C THR E 137 40.50 -18.93 74.94
N SER E 138 41.22 -20.05 75.05
CA SER E 138 42.64 -20.14 74.73
C SER E 138 42.95 -19.85 73.26
N GLY E 139 41.93 -19.84 72.41
CA GLY E 139 42.13 -19.59 70.99
C GLY E 139 42.47 -18.12 70.68
N GLY E 140 42.28 -17.25 71.66
CA GLY E 140 42.57 -15.82 71.52
C GLY E 140 41.31 -14.97 71.38
N THR E 141 40.22 -15.61 70.98
CA THR E 141 38.92 -14.96 70.86
C THR E 141 37.93 -15.75 71.69
N ALA E 142 36.79 -15.16 72.00
CA ALA E 142 35.82 -15.88 72.79
C ALA E 142 34.41 -15.38 72.56
N ALA E 143 33.44 -16.19 72.93
CA ALA E 143 32.06 -15.76 72.87
C ALA E 143 31.36 -16.12 74.17
N LEU E 144 30.46 -15.27 74.59
CA LEU E 144 29.68 -15.51 75.79
C LEU E 144 28.27 -15.04 75.54
N GLY E 145 27.29 -15.68 76.18
CA GLY E 145 25.91 -15.29 75.90
C GLY E 145 24.95 -15.67 77.01
N CYS E 146 23.65 -15.58 76.73
CA CYS E 146 22.56 -15.89 77.64
C CYS E 146 21.56 -16.85 77.02
N LEU E 147 21.04 -17.76 77.81
CA LEU E 147 19.95 -18.64 77.43
C LEU E 147 18.65 -18.14 78.04
N VAL E 148 17.67 -17.91 77.19
CA VAL E 148 16.37 -17.44 77.63
C VAL E 148 15.39 -18.60 77.50
N LYS E 149 14.84 -19.05 78.61
CA LYS E 149 14.07 -20.28 78.56
C LYS E 149 12.71 -20.21 79.27
N ASP E 150 11.80 -21.08 78.83
CA ASP E 150 10.47 -21.31 79.39
C ASP E 150 9.54 -20.10 79.40
N TYR E 151 9.49 -19.35 78.29
CA TYR E 151 8.59 -18.20 78.21
C TYR E 151 7.50 -18.43 77.19
N PHE E 152 6.40 -17.71 77.33
CA PHE E 152 5.30 -17.83 76.38
C PHE E 152 4.43 -16.60 76.42
N PRO E 153 3.98 -16.10 75.27
CA PRO E 153 4.31 -16.37 73.88
C PRO E 153 5.51 -15.58 73.39
N GLU E 154 5.81 -15.72 72.11
CA GLU E 154 6.80 -14.89 71.44
C GLU E 154 6.29 -13.45 71.32
N PRO E 155 7.18 -12.49 71.03
CA PRO E 155 8.64 -12.48 70.94
C PRO E 155 9.34 -12.17 72.26
N VAL E 156 10.67 -12.35 72.25
CA VAL E 156 11.56 -11.82 73.28
C VAL E 156 12.67 -10.99 72.65
N THR E 157 12.92 -9.81 73.20
CA THR E 157 13.98 -8.95 72.71
C THR E 157 15.16 -8.99 73.67
N VAL E 158 16.37 -9.17 73.13
CA VAL E 158 17.55 -9.21 73.99
C VAL E 158 18.63 -8.25 73.50
N SER E 159 19.19 -7.48 74.42
CA SER E 159 20.27 -6.54 74.10
C SER E 159 21.33 -6.59 75.19
N TRP E 160 22.53 -6.07 74.91
CA TRP E 160 23.57 -6.11 75.92
C TRP E 160 23.90 -4.72 76.49
N ASN E 161 24.13 -4.68 77.80
CA ASN E 161 24.50 -3.48 78.53
C ASN E 161 23.52 -2.34 78.25
N SER E 162 22.24 -2.66 78.26
CA SER E 162 21.13 -1.74 78.04
C SER E 162 21.18 -1.04 76.68
N GLY E 163 21.74 -1.70 75.67
CA GLY E 163 21.80 -1.15 74.33
C GLY E 163 23.14 -0.49 74.05
N ALA E 164 23.98 -0.36 75.09
CA ALA E 164 25.29 0.23 74.94
C ALA E 164 26.20 -0.66 74.10
N LEU E 165 26.03 -1.98 74.20
CA LEU E 165 26.89 -2.89 73.47
C LEU E 165 26.11 -3.49 72.31
N THR E 166 26.45 -3.03 71.10
CA THR E 166 25.77 -3.48 69.88
C THR E 166 26.73 -4.17 68.93
N SER E 167 28.04 -3.97 69.15
CA SER E 167 29.05 -4.51 68.25
C SER E 167 29.37 -5.95 68.58
N GLY E 168 29.28 -6.82 67.58
CA GLY E 168 29.53 -8.24 67.79
C GLY E 168 28.36 -8.91 68.49
N VAL E 169 27.15 -8.38 68.30
CA VAL E 169 25.99 -8.90 68.98
C VAL E 169 24.94 -9.47 68.05
N HIS E 170 24.46 -10.66 68.40
CA HIS E 170 23.40 -11.30 67.64
C HIS E 170 22.41 -12.04 68.51
N THR E 171 21.12 -11.86 68.21
CA THR E 171 20.06 -12.57 68.90
C THR E 171 19.51 -13.63 67.98
N PHE E 172 19.48 -14.86 68.46
CA PHE E 172 19.03 -15.97 67.65
C PHE E 172 17.52 -16.08 67.68
N PRO E 173 16.90 -16.64 66.63
CA PRO E 173 15.50 -16.98 66.55
C PRO E 173 15.14 -17.97 67.65
N ALA E 174 13.90 -17.91 68.11
CA ALA E 174 13.42 -18.81 69.15
C ALA E 174 12.96 -20.14 68.57
N VAL E 175 12.92 -21.14 69.42
CA VAL E 175 12.36 -22.44 69.07
C VAL E 175 11.21 -22.78 70.01
N LEU E 176 10.29 -23.60 69.53
CA LEU E 176 9.16 -24.05 70.35
C LEU E 176 9.42 -25.43 70.91
N GLN E 177 9.36 -25.54 72.23
CA GLN E 177 9.58 -26.79 72.93
C GLN E 177 8.29 -27.59 72.97
N SER E 178 8.40 -28.89 73.20
CA SER E 178 7.24 -29.79 73.27
C SER E 178 6.32 -29.45 74.45
N SER E 179 6.83 -28.65 75.38
CA SER E 179 6.08 -28.23 76.56
C SER E 179 5.13 -27.07 76.25
N GLY E 180 5.25 -26.50 75.05
CA GLY E 180 4.42 -25.37 74.63
C GLY E 180 5.11 -24.04 74.91
N LEU E 181 6.29 -24.11 75.50
CA LEU E 181 7.06 -22.92 75.83
C LEU E 181 8.15 -22.66 74.81
N TYR E 182 8.62 -21.43 74.76
CA TYR E 182 9.66 -21.04 73.83
C TYR E 182 11.00 -20.81 74.50
N SER E 183 12.07 -20.95 73.71
CA SER E 183 13.43 -20.65 74.18
C SER E 183 14.28 -20.03 73.07
N LEU E 184 15.22 -19.18 73.46
CA LEU E 184 16.15 -18.56 72.51
C LEU E 184 17.44 -18.22 73.19
N SER E 185 18.39 -17.68 72.45
CA SER E 185 19.66 -17.27 73.03
C SER E 185 20.21 -16.03 72.35
N SER E 186 21.15 -15.39 73.01
CA SER E 186 21.83 -14.21 72.50
C SER E 186 23.30 -14.26 72.84
N VAL E 187 24.16 -13.89 71.89
CA VAL E 187 25.59 -13.95 72.12
C VAL E 187 26.30 -12.66 71.76
N VAL E 188 27.35 -12.36 72.53
CA VAL E 188 28.23 -11.25 72.22
C VAL E 188 29.65 -11.79 72.00
N THR E 189 30.26 -11.37 70.90
CA THR E 189 31.61 -11.80 70.54
C THR E 189 32.64 -10.87 71.15
N VAL E 190 33.63 -11.44 71.82
CA VAL E 190 34.64 -10.65 72.49
C VAL E 190 36.06 -11.15 72.20
N PRO E 191 37.09 -10.34 72.45
CA PRO E 191 38.48 -10.75 72.61
C PRO E 191 38.55 -11.65 73.84
N SER E 192 39.38 -12.68 73.82
CA SER E 192 39.43 -13.56 74.99
C SER E 192 39.90 -12.83 76.25
N SER E 193 40.75 -11.84 76.08
CA SER E 193 41.32 -11.09 77.20
C SER E 193 40.31 -10.17 77.89
N SER E 194 39.19 -9.89 77.25
CA SER E 194 38.22 -8.98 77.83
C SER E 194 37.24 -9.69 78.75
N LEU E 195 37.24 -11.03 78.73
CA LEU E 195 36.25 -11.79 79.49
C LEU E 195 36.32 -11.52 80.98
N GLY E 196 37.53 -11.34 81.49
CA GLY E 196 37.72 -11.12 82.92
C GLY E 196 37.84 -9.65 83.31
N THR E 197 37.66 -8.72 82.36
CA THR E 197 37.81 -7.30 82.71
C THR E 197 36.60 -6.45 82.35
N GLN E 198 35.82 -6.88 81.36
CA GLN E 198 34.68 -6.11 80.91
C GLN E 198 33.37 -6.69 81.45
N THR E 199 32.35 -5.85 81.50
CA THR E 199 31.04 -6.26 81.97
C THR E 199 30.13 -6.63 80.81
N TYR E 200 29.54 -7.82 80.90
CA TYR E 200 28.64 -8.33 79.88
C TYR E 200 27.32 -8.76 80.48
N ILE E 201 26.37 -7.84 80.54
CA ILE E 201 25.05 -8.14 81.09
C ILE E 201 24.00 -8.13 79.98
N CYS E 202 23.22 -9.22 79.86
CA CYS E 202 22.17 -9.31 78.85
C CYS E 202 20.88 -8.81 79.47
N ASN E 203 20.09 -8.13 78.66
CA ASN E 203 18.83 -7.58 79.09
C ASN E 203 17.72 -8.23 78.31
N VAL E 204 17.00 -9.13 78.97
CA VAL E 204 15.98 -9.93 78.33
C VAL E 204 14.61 -9.37 78.62
N ASN E 205 13.89 -8.98 77.56
CA ASN E 205 12.60 -8.33 77.69
C ASN E 205 11.44 -9.09 77.05
N HIS E 206 10.49 -9.49 77.89
CA HIS E 206 9.32 -10.21 77.42
C HIS E 206 8.06 -9.41 77.74
N LYS E 207 7.56 -8.70 76.74
CA LYS E 207 6.47 -7.76 76.92
C LYS E 207 5.17 -8.36 77.48
N PRO E 208 4.69 -9.52 77.00
CA PRO E 208 3.44 -10.15 77.40
C PRO E 208 3.31 -10.42 78.89
N SER E 209 4.43 -10.50 79.62
CA SER E 209 4.34 -10.79 81.05
C SER E 209 4.97 -9.67 81.87
N ASN E 210 5.33 -8.57 81.21
CA ASN E 210 6.02 -7.46 81.88
C ASN E 210 7.25 -7.94 82.64
N THR E 211 8.03 -8.82 82.01
CA THR E 211 9.22 -9.37 82.66
C THR E 211 10.52 -8.89 82.04
N LYS E 212 11.42 -8.42 82.90
CA LYS E 212 12.74 -7.96 82.49
C LYS E 212 13.80 -8.61 83.35
N VAL E 213 14.73 -9.32 82.72
CA VAL E 213 15.78 -10.00 83.47
C VAL E 213 17.16 -9.54 83.06
N ASP E 214 17.95 -9.09 84.04
CA ASP E 214 19.30 -8.61 83.80
C ASP E 214 20.32 -9.64 84.29
N LYS E 215 21.01 -10.29 83.36
CA LYS E 215 21.92 -11.36 83.77
C LYS E 215 23.36 -11.17 83.31
N LYS E 216 24.27 -11.16 84.29
CA LYS E 216 25.69 -11.02 84.03
C LYS E 216 26.30 -12.35 83.63
N VAL E 217 27.10 -12.35 82.56
CA VAL E 217 27.74 -13.58 82.11
C VAL E 217 29.24 -13.50 82.31
N GLU E 218 29.79 -14.47 83.04
CA GLU E 218 31.21 -14.54 83.35
C GLU E 218 31.80 -15.81 82.72
N PRO E 219 33.11 -15.83 82.42
CA PRO E 219 33.86 -16.96 81.90
C PRO E 219 34.00 -18.08 82.92
N LYS E 220 34.12 -19.33 82.44
CA LYS E 220 34.37 -20.51 83.28
C LYS E 220 35.85 -20.86 83.22
N ASN F 1 5.78 -45.63 51.64
CA ASN F 1 5.12 -44.79 50.65
C ASN F 1 6.19 -43.98 49.91
N PHE F 2 5.89 -43.50 48.68
CA PHE F 2 6.82 -42.71 47.88
C PHE F 2 7.13 -41.37 48.53
N MET F 3 8.42 -41.05 48.60
CA MET F 3 8.89 -39.81 49.20
C MET F 3 9.96 -39.14 48.36
N LEU F 4 10.08 -37.83 48.52
CA LEU F 4 11.08 -37.04 47.84
C LEU F 4 12.06 -36.41 48.81
N THR F 5 13.34 -36.38 48.44
CA THR F 5 14.36 -35.74 49.27
C THR F 5 15.19 -34.75 48.47
N GLN F 6 15.74 -33.75 49.15
CA GLN F 6 16.55 -32.70 48.52
C GLN F 6 17.78 -32.36 49.35
N PRO F 7 18.86 -31.84 48.74
CA PRO F 7 20.05 -31.31 49.39
C PRO F 7 19.70 -30.03 50.13
N HIS F 8 20.26 -29.84 51.32
CA HIS F 8 19.96 -28.64 52.09
C HIS F 8 20.64 -27.39 51.54
N SER F 9 21.95 -27.46 51.35
CA SER F 9 22.71 -26.28 50.95
C SER F 9 23.16 -26.29 49.50
N VAL F 10 22.60 -25.37 48.72
CA VAL F 10 22.97 -25.21 47.32
C VAL F 10 23.30 -23.75 47.06
N SER F 11 24.45 -23.50 46.45
CA SER F 11 24.81 -22.12 46.17
C SER F 11 25.70 -22.01 44.95
N GLU F 12 25.65 -20.84 44.32
CA GLU F 12 26.48 -20.54 43.16
C GLU F 12 26.63 -19.03 42.96
N SER F 13 27.67 -18.62 42.26
CA SER F 13 27.93 -17.22 41.94
C SER F 13 26.85 -16.62 41.02
N PRO F 14 26.55 -15.32 41.15
CA PRO F 14 25.61 -14.60 40.33
C PRO F 14 26.09 -14.60 38.89
N GLY F 15 25.15 -14.75 37.97
CA GLY F 15 25.43 -14.79 36.54
C GLY F 15 25.72 -16.21 36.05
N LYS F 16 25.89 -17.14 36.98
CA LYS F 16 26.22 -18.53 36.64
C LYS F 16 25.01 -19.44 36.79
N THR F 17 25.16 -20.70 36.37
CA THR F 17 24.06 -21.65 36.43
C THR F 17 24.21 -22.62 37.59
N VAL F 18 23.14 -22.76 38.36
CA VAL F 18 23.11 -23.67 39.51
C VAL F 18 22.10 -24.78 39.30
N THR F 19 22.45 -25.99 39.72
CA THR F 19 21.52 -27.10 39.59
C THR F 19 20.94 -27.50 40.94
N ILE F 20 19.62 -27.54 41.01
CA ILE F 20 18.90 -27.96 42.20
C ILE F 20 18.23 -29.31 41.93
N SER F 21 18.64 -30.31 42.67
CA SER F 21 18.15 -31.66 42.41
C SER F 21 17.16 -32.15 43.48
N CYS F 22 16.39 -33.18 43.11
CA CYS F 22 15.42 -33.88 43.96
C CYS F 22 15.41 -35.35 43.58
N THR F 23 15.45 -36.23 44.57
CA THR F 23 15.46 -37.66 44.28
C THR F 23 14.27 -38.34 44.91
N GLY F 24 13.85 -39.45 44.33
CA GLY F 24 12.74 -40.19 44.90
C GLY F 24 13.15 -41.52 45.48
N SER F 25 12.29 -42.04 46.35
CA SER F 25 12.47 -43.37 46.92
C SER F 25 11.11 -44.03 47.15
N SER F 26 11.10 -45.36 47.20
CA SER F 26 9.89 -46.15 47.42
C SER F 26 8.83 -45.88 46.34
N GLY F 27 9.27 -45.77 45.10
CA GLY F 27 8.42 -45.55 43.93
C GLY F 27 9.22 -44.86 42.84
N SER F 28 8.61 -44.64 41.68
CA SER F 28 9.29 -44.05 40.54
C SER F 28 8.85 -42.62 40.24
N ILE F 29 9.80 -41.69 40.35
CA ILE F 29 9.53 -40.26 40.17
C ILE F 29 9.08 -39.96 38.73
N ALA F 30 9.61 -40.73 37.77
CA ALA F 30 9.35 -40.51 36.35
C ALA F 30 8.01 -41.06 35.89
N SER F 31 7.22 -41.66 36.79
CA SER F 31 5.93 -42.20 36.38
C SER F 31 4.84 -41.14 36.37
N ASN F 32 5.17 -39.95 36.87
CA ASN F 32 4.23 -38.85 36.99
C ASN F 32 4.94 -37.54 36.69
N TYR F 33 4.23 -36.43 36.77
CA TYR F 33 4.83 -35.14 36.48
C TYR F 33 5.57 -34.56 37.67
N VAL F 34 6.66 -33.84 37.38
CA VAL F 34 7.39 -33.17 38.43
C VAL F 34 7.29 -31.64 38.32
N GLN F 35 6.91 -31.04 39.45
CA GLN F 35 6.80 -29.60 39.59
C GLN F 35 7.93 -29.04 40.45
N TRP F 36 8.26 -27.78 40.19
CA TRP F 36 9.22 -27.06 41.01
C TRP F 36 8.63 -25.73 41.47
N TYR F 37 8.79 -25.43 42.75
CA TYR F 37 8.27 -24.23 43.36
C TYR F 37 9.35 -23.37 43.95
N GLN F 38 9.13 -22.07 43.97
CA GLN F 38 10.06 -21.13 44.59
C GLN F 38 9.39 -20.26 45.62
N GLN F 39 9.85 -20.37 46.86
CA GLN F 39 9.32 -19.61 47.96
C GLN F 39 10.28 -18.54 48.45
N ARG F 40 10.02 -17.30 48.12
CA ARG F 40 10.88 -16.25 48.63
C ARG F 40 10.45 -16.03 50.08
N PRO F 41 11.37 -15.73 51.00
CA PRO F 41 11.08 -15.50 52.40
C PRO F 41 9.99 -14.45 52.56
N GLY F 42 9.05 -14.73 53.46
CA GLY F 42 7.95 -13.81 53.75
C GLY F 42 6.63 -14.17 53.05
N SER F 43 6.66 -15.07 52.06
CA SER F 43 5.41 -15.41 51.38
C SER F 43 5.30 -16.89 51.01
N ALA F 44 4.31 -17.20 50.17
CA ALA F 44 3.98 -18.54 49.71
C ALA F 44 4.88 -18.96 48.56
N PRO F 45 5.07 -20.27 48.35
CA PRO F 45 5.72 -20.84 47.19
C PRO F 45 4.86 -20.65 45.96
N THR F 46 5.49 -20.42 44.82
CA THR F 46 4.73 -20.35 43.56
C THR F 46 5.39 -21.22 42.51
N THR F 47 4.63 -21.57 41.48
CA THR F 47 5.16 -22.44 40.43
C THR F 47 6.20 -21.73 39.60
N VAL F 48 7.32 -22.40 39.37
CA VAL F 48 8.36 -21.90 38.49
C VAL F 48 8.38 -22.78 37.27
N ILE F 49 8.41 -24.09 37.51
CA ILE F 49 8.39 -25.09 36.45
C ILE F 49 7.29 -26.10 36.74
N TYR F 50 6.55 -26.49 35.73
CA TYR F 50 5.54 -27.51 35.92
C TYR F 50 5.53 -28.52 34.82
N GLU F 51 5.03 -29.71 35.12
CA GLU F 51 4.97 -30.77 34.16
C GLU F 51 6.32 -30.95 33.46
N ASP F 52 7.37 -31.02 34.29
CA ASP F 52 8.75 -31.25 33.91
C ASP F 52 9.46 -30.04 33.31
N ASN F 53 8.91 -29.49 32.23
CA ASN F 53 9.61 -28.42 31.51
C ASN F 53 8.78 -27.20 31.08
N GLN F 54 7.61 -27.00 31.66
CA GLN F 54 6.79 -25.85 31.28
C GLN F 54 6.93 -24.75 32.31
N ARG F 55 6.68 -23.50 31.94
CA ARG F 55 6.74 -22.44 32.94
C ARG F 55 5.58 -21.46 32.74
N PRO F 56 5.03 -20.89 33.83
CA PRO F 56 3.96 -19.91 33.84
C PRO F 56 4.46 -18.52 33.44
N SER F 57 3.54 -17.67 33.01
CA SER F 57 3.90 -16.31 32.68
C SER F 57 4.51 -15.62 33.90
N GLY F 58 5.55 -14.84 33.66
CA GLY F 58 6.26 -14.13 34.72
C GLY F 58 7.57 -14.83 35.05
N VAL F 59 7.71 -16.08 34.61
CA VAL F 59 8.94 -16.83 34.83
C VAL F 59 9.75 -16.80 33.53
N PRO F 60 11.01 -16.35 33.58
CA PRO F 60 11.92 -16.22 32.46
C PRO F 60 12.45 -17.57 32.01
N ASP F 61 13.10 -17.58 30.85
CA ASP F 61 13.66 -18.79 30.28
C ASP F 61 14.96 -19.21 30.95
N ARG F 62 15.30 -18.53 32.04
CA ARG F 62 16.45 -18.90 32.84
C ARG F 62 16.13 -20.14 33.66
N PHE F 63 14.83 -20.48 33.75
CA PHE F 63 14.39 -21.64 34.52
C PHE F 63 13.94 -22.78 33.62
N SER F 64 14.63 -23.91 33.73
CA SER F 64 14.33 -25.10 32.93
C SER F 64 14.69 -26.35 33.71
N GLY F 65 14.29 -27.53 33.21
CA GLY F 65 14.61 -28.76 33.93
C GLY F 65 14.24 -30.03 33.17
N SER F 66 14.46 -31.17 33.81
CA SER F 66 14.22 -32.49 33.24
C SER F 66 14.14 -33.58 34.30
N ILE F 67 13.72 -34.77 33.89
CA ILE F 67 13.71 -35.93 34.80
C ILE F 67 14.64 -37.02 34.30
N ASP F 68 15.53 -37.47 35.18
CA ASP F 68 16.46 -38.54 34.87
C ASP F 68 15.85 -39.87 35.34
N SER F 69 15.11 -40.52 34.43
CA SER F 69 14.30 -41.66 34.84
C SER F 69 15.12 -42.85 35.31
N SER F 70 16.31 -43.02 34.76
CA SER F 70 17.13 -44.19 35.11
C SER F 70 17.80 -44.02 36.47
N SER F 71 17.76 -42.80 37.01
CA SER F 71 18.38 -42.52 38.30
C SER F 71 17.30 -42.26 39.34
N ASN F 72 16.03 -42.38 38.92
CA ASN F 72 14.90 -42.09 39.78
C ASN F 72 15.02 -40.71 40.41
N SER F 73 15.39 -39.72 39.60
CA SER F 73 15.58 -38.37 40.10
C SER F 73 15.24 -37.31 39.07
N ALA F 74 15.17 -36.06 39.52
CA ALA F 74 14.84 -34.93 38.66
C ALA F 74 15.59 -33.69 39.13
N SER F 75 15.71 -32.71 38.24
CA SER F 75 16.39 -31.47 38.62
C SER F 75 15.95 -30.27 37.80
N LEU F 76 16.22 -29.08 38.32
CA LEU F 76 16.06 -27.86 37.53
C LEU F 76 17.37 -27.11 37.53
N THR F 77 17.57 -26.32 36.50
CA THR F 77 18.73 -25.46 36.44
C THR F 77 18.29 -24.02 36.35
N ILE F 78 19.01 -23.15 37.05
CA ILE F 78 18.72 -21.73 36.99
C ILE F 78 19.91 -20.98 36.45
N SER F 79 19.81 -20.50 35.23
CA SER F 79 20.94 -19.82 34.60
C SER F 79 20.89 -18.34 34.94
N GLY F 80 22.01 -17.64 34.77
CA GLY F 80 21.98 -16.20 34.92
C GLY F 80 21.54 -15.78 36.32
N LEU F 81 21.99 -16.48 37.35
CA LEU F 81 21.50 -16.19 38.69
C LEU F 81 21.55 -14.73 39.08
N LYS F 82 20.43 -14.28 39.64
CA LYS F 82 20.27 -12.93 40.14
C LYS F 82 20.19 -12.98 41.65
N THR F 83 20.41 -11.87 42.32
CA THR F 83 20.34 -11.85 43.78
C THR F 83 18.89 -11.97 44.26
N GLU F 84 17.96 -11.85 43.32
CA GLU F 84 16.53 -11.97 43.58
C GLU F 84 16.09 -13.44 43.57
N ASP F 85 17.01 -14.34 43.23
CA ASP F 85 16.70 -15.75 43.14
C ASP F 85 16.90 -16.47 44.48
N GLU F 86 17.33 -15.75 45.51
CA GLU F 86 17.48 -16.42 46.80
C GLU F 86 16.10 -16.86 47.25
N ALA F 87 15.96 -18.15 47.50
CA ALA F 87 14.66 -18.71 47.86
C ALA F 87 14.75 -20.15 48.31
N ASP F 88 13.68 -20.62 48.92
CA ASP F 88 13.55 -22.03 49.25
C ASP F 88 12.85 -22.73 48.08
N TYR F 89 13.55 -23.66 47.44
CA TYR F 89 13.00 -24.36 46.28
C TYR F 89 12.45 -25.72 46.67
N TYR F 90 11.31 -26.08 46.08
CA TYR F 90 10.69 -27.36 46.40
C TYR F 90 10.36 -28.17 45.16
N CYS F 91 10.45 -29.51 45.29
CA CYS F 91 10.01 -30.46 44.26
C CYS F 91 8.69 -31.09 44.67
N GLN F 92 7.86 -31.38 43.68
CA GLN F 92 6.60 -32.06 43.94
C GLN F 92 6.22 -33.04 42.83
N SER F 93 5.69 -34.19 43.23
CA SER F 93 5.21 -35.21 42.30
C SER F 93 3.99 -35.92 42.88
N TYR F 94 3.41 -36.82 42.11
CA TYR F 94 2.22 -37.55 42.54
C TYR F 94 2.46 -39.05 42.58
N ASP F 95 1.87 -39.73 43.56
CA ASP F 95 1.92 -41.19 43.62
C ASP F 95 0.58 -41.75 44.09
N SER F 96 0.46 -43.08 44.16
CA SER F 96 -0.77 -43.72 44.61
C SER F 96 -0.64 -44.10 46.06
N SER F 97 0.61 -44.25 46.52
CA SER F 97 0.89 -44.59 47.90
C SER F 97 0.82 -43.34 48.77
N ASN F 98 1.08 -42.21 48.14
CA ASN F 98 1.02 -40.90 48.73
C ASN F 98 0.62 -39.94 47.63
N HIS F 99 -0.56 -39.36 47.76
CA HIS F 99 -1.14 -38.57 46.68
C HIS F 99 -0.21 -37.47 46.23
N VAL F 100 -0.09 -36.43 47.00
CA VAL F 100 0.82 -35.36 46.64
C VAL F 100 2.06 -35.40 47.50
N VAL F 101 3.20 -35.56 46.86
CA VAL F 101 4.44 -35.71 47.57
C VAL F 101 5.36 -34.52 47.34
N PHE F 102 5.76 -33.87 48.43
CA PHE F 102 6.68 -32.75 48.36
C PHE F 102 8.03 -33.15 48.93
N GLY F 103 9.10 -32.55 48.43
CA GLY F 103 10.43 -32.76 48.98
C GLY F 103 10.64 -31.87 50.21
N GLY F 104 11.79 -32.00 50.85
CA GLY F 104 12.08 -31.25 52.07
C GLY F 104 12.51 -29.80 51.82
N GLY F 105 12.79 -29.47 50.57
CA GLY F 105 13.22 -28.13 50.22
C GLY F 105 14.72 -27.97 50.08
N THR F 106 15.12 -27.05 49.23
CA THR F 106 16.51 -26.70 48.99
C THR F 106 16.72 -25.21 49.26
N LYS F 107 17.74 -24.87 50.02
CA LYS F 107 18.03 -23.46 50.26
C LYS F 107 19.03 -22.95 49.22
N LEU F 108 18.58 -22.08 48.32
CA LEU F 108 19.47 -21.55 47.29
C LEU F 108 19.99 -20.18 47.64
N THR F 109 21.30 -20.07 47.71
CA THR F 109 21.96 -18.80 47.96
C THR F 109 22.78 -18.38 46.75
N VAL F 110 22.64 -17.12 46.37
CA VAL F 110 23.42 -16.59 45.27
C VAL F 110 24.59 -15.84 45.88
N LEU F 111 25.79 -16.25 45.50
CA LEU F 111 26.99 -15.80 46.18
C LEU F 111 27.48 -14.43 45.72
N GLY F 112 26.76 -13.40 46.14
CA GLY F 112 27.06 -12.02 45.79
C GLY F 112 28.08 -11.38 46.73
N GLN F 113 28.57 -12.17 47.67
CA GLN F 113 29.56 -11.73 48.65
C GLN F 113 30.48 -12.92 48.97
N PRO F 114 31.69 -12.70 49.51
CA PRO F 114 32.64 -13.72 49.93
C PRO F 114 32.03 -14.71 50.92
N LYS F 115 32.50 -15.96 50.82
CA LYS F 115 32.03 -17.04 51.68
C LYS F 115 32.79 -17.06 53.01
N ALA F 116 32.18 -17.68 54.01
CA ALA F 116 32.83 -17.83 55.31
C ALA F 116 32.42 -19.11 56.01
N ALA F 117 33.37 -19.75 56.67
CA ALA F 117 33.09 -20.92 57.49
C ALA F 117 32.47 -20.43 58.79
N PRO F 118 31.54 -21.18 59.40
CA PRO F 118 30.89 -20.87 60.65
C PRO F 118 31.82 -20.93 61.84
N SER F 119 31.55 -20.05 62.79
CA SER F 119 32.19 -20.05 64.09
C SER F 119 31.23 -20.68 65.06
N VAL F 120 31.65 -21.73 65.74
CA VAL F 120 30.73 -22.44 66.61
C VAL F 120 31.22 -22.42 68.04
N THR F 121 30.34 -22.01 68.94
CA THR F 121 30.66 -22.05 70.36
C THR F 121 29.61 -22.86 71.09
N LEU F 122 30.06 -23.84 71.86
CA LEU F 122 29.15 -24.68 72.60
C LEU F 122 29.24 -24.41 74.09
N PHE F 123 28.11 -24.07 74.69
CA PHE F 123 28.07 -23.73 76.09
C PHE F 123 27.43 -24.82 76.94
N PRO F 124 28.01 -25.14 78.11
CA PRO F 124 27.51 -26.05 79.12
C PRO F 124 26.40 -25.38 79.91
N PRO F 125 25.57 -26.13 80.63
CA PRO F 125 24.63 -25.66 81.64
C PRO F 125 25.33 -24.89 82.75
N SER F 126 24.74 -23.78 83.16
CA SER F 126 25.29 -22.99 84.27
C SER F 126 24.83 -23.61 85.59
N SER F 127 25.46 -23.20 86.69
CA SER F 127 25.05 -23.73 87.99
C SER F 127 23.62 -23.33 88.33
N GLU F 128 23.20 -22.16 87.88
CA GLU F 128 21.85 -21.68 88.13
C GLU F 128 20.78 -22.57 87.51
N GLU F 129 21.08 -23.11 86.33
CA GLU F 129 20.15 -23.95 85.60
C GLU F 129 20.11 -25.35 86.22
N LEU F 130 21.29 -25.85 86.59
CA LEU F 130 21.40 -27.18 87.17
C LEU F 130 20.64 -27.22 88.51
N GLN F 131 20.66 -26.11 89.23
CA GLN F 131 19.95 -25.99 90.51
C GLN F 131 18.42 -25.96 90.31
N ALA F 132 17.98 -25.79 89.07
CA ALA F 132 16.58 -25.77 88.70
C ALA F 132 16.19 -27.13 88.12
N ASN F 133 17.12 -28.09 88.25
CA ASN F 133 17.00 -29.44 87.72
C ASN F 133 16.89 -29.50 86.20
N LYS F 134 17.59 -28.61 85.50
CA LYS F 134 17.62 -28.62 84.05
C LYS F 134 19.06 -28.54 83.53
N ALA F 135 19.31 -29.10 82.35
CA ALA F 135 20.64 -29.06 81.75
C ALA F 135 20.56 -28.87 80.23
N THR F 136 20.21 -27.66 79.78
CA THR F 136 20.17 -27.41 78.34
C THR F 136 21.54 -26.99 77.84
N LEU F 137 21.99 -27.63 76.78
CA LEU F 137 23.26 -27.31 76.16
C LEU F 137 22.96 -26.43 74.96
N VAL F 138 23.72 -25.35 74.82
CA VAL F 138 23.41 -24.38 73.78
C VAL F 138 24.53 -24.26 72.73
N CYS F 139 24.20 -24.54 71.45
CA CYS F 139 25.14 -24.50 70.34
C CYS F 139 24.84 -23.29 69.46
N LEU F 140 25.76 -22.32 69.45
CA LEU F 140 25.55 -21.10 68.70
C LEU F 140 26.53 -20.97 67.54
N ILE F 141 25.97 -20.83 66.35
CA ILE F 141 26.72 -20.77 65.10
C ILE F 141 26.62 -19.37 64.50
N SER F 142 27.76 -18.75 64.18
CA SER F 142 27.69 -17.40 63.60
C SER F 142 28.71 -17.14 62.51
N ASP F 143 28.52 -16.00 61.82
CA ASP F 143 29.42 -15.49 60.80
C ASP F 143 29.66 -16.42 59.61
N PHE F 144 28.62 -17.10 59.11
CA PHE F 144 28.82 -17.99 57.96
C PHE F 144 28.13 -17.54 56.69
N TYR F 145 28.66 -17.99 55.56
CA TYR F 145 28.04 -17.72 54.27
C TYR F 145 28.46 -18.79 53.26
N PRO F 146 27.53 -19.34 52.45
CA PRO F 146 26.10 -19.06 52.29
C PRO F 146 25.31 -19.45 53.53
N GLY F 147 24.12 -18.87 53.68
CA GLY F 147 23.29 -19.08 54.86
C GLY F 147 22.59 -20.43 54.92
N ALA F 148 23.36 -21.51 54.91
CA ALA F 148 22.80 -22.85 55.00
C ALA F 148 23.76 -23.82 55.65
N VAL F 149 23.45 -24.23 56.89
CA VAL F 149 24.29 -25.16 57.63
C VAL F 149 23.44 -26.27 58.24
N THR F 150 24.09 -27.39 58.56
CA THR F 150 23.43 -28.49 59.25
C THR F 150 24.00 -28.64 60.65
N VAL F 151 23.12 -28.66 61.65
CA VAL F 151 23.58 -28.75 63.04
C VAL F 151 23.04 -30.00 63.71
N ALA F 152 23.94 -30.77 64.34
CA ALA F 152 23.54 -32.00 65.02
C ALA F 152 24.27 -32.20 66.34
N TRP F 153 23.60 -32.89 67.27
CA TRP F 153 24.16 -33.17 68.59
C TRP F 153 24.58 -34.62 68.74
N LYS F 154 25.61 -34.83 69.56
CA LYS F 154 26.07 -36.17 69.89
C LYS F 154 26.30 -36.34 71.40
N ALA F 155 26.10 -37.57 71.86
CA ALA F 155 26.39 -38.02 73.22
C ALA F 155 27.50 -39.06 73.14
N ASP F 156 28.66 -38.77 73.75
CA ASP F 156 29.82 -39.63 73.55
C ASP F 156 30.08 -39.79 72.05
N SER F 157 29.93 -41.02 71.51
CA SER F 157 30.21 -41.28 70.09
C SER F 157 28.93 -41.56 69.28
N SER F 158 27.76 -41.40 69.90
CA SER F 158 26.49 -41.70 69.23
C SER F 158 25.64 -40.44 69.14
N PRO F 159 24.84 -40.25 68.08
CA PRO F 159 23.97 -39.10 67.88
C PRO F 159 22.83 -39.09 68.87
N VAL F 160 22.40 -37.89 69.27
CA VAL F 160 21.23 -37.72 70.13
C VAL F 160 20.21 -36.83 69.44
N LYS F 161 18.98 -37.33 69.34
CA LYS F 161 17.92 -36.57 68.69
C LYS F 161 16.87 -36.08 69.67
N ALA F 162 16.69 -36.82 70.76
CA ALA F 162 15.68 -36.44 71.73
C ALA F 162 16.04 -35.13 72.39
N GLY F 163 15.05 -34.25 72.54
CA GLY F 163 15.28 -32.97 73.21
C GLY F 163 16.01 -31.97 72.34
N VAL F 164 15.95 -32.12 71.01
CA VAL F 164 16.69 -31.21 70.13
C VAL F 164 15.79 -30.35 69.27
N GLU F 165 15.99 -29.04 69.38
CA GLU F 165 15.25 -28.06 68.59
C GLU F 165 16.24 -27.18 67.83
N THR F 166 15.86 -26.75 66.62
CA THR F 166 16.76 -25.93 65.82
C THR F 166 16.09 -24.72 65.21
N THR F 167 16.91 -23.77 64.78
CA THR F 167 16.46 -22.59 64.04
C THR F 167 17.04 -22.60 62.65
N THR F 168 16.53 -21.73 61.80
CA THR F 168 17.12 -21.57 60.48
C THR F 168 18.19 -20.50 60.57
N PRO F 169 19.12 -20.42 59.62
CA PRO F 169 20.06 -19.34 59.45
C PRO F 169 19.34 -18.02 59.30
N SER F 170 19.87 -16.99 59.93
CA SER F 170 19.29 -15.65 59.88
C SER F 170 20.39 -14.62 59.70
N LYS F 171 20.20 -13.73 58.74
CA LYS F 171 21.20 -12.71 58.45
C LYS F 171 21.45 -11.83 59.67
N GLN F 172 22.73 -11.65 60.00
CA GLN F 172 23.15 -10.84 61.14
C GLN F 172 23.73 -9.51 60.63
N SER F 173 24.16 -8.65 61.55
CA SER F 173 24.59 -7.28 61.21
C SER F 173 25.79 -7.16 60.27
N ASN F 174 26.57 -8.23 60.11
CA ASN F 174 27.74 -8.19 59.23
C ASN F 174 27.48 -8.86 57.89
N ASN F 175 26.20 -9.04 57.55
CA ASN F 175 25.74 -9.64 56.29
C ASN F 175 26.05 -11.12 56.17
N LYS F 176 26.50 -11.73 57.25
CA LYS F 176 26.70 -13.18 57.32
C LYS F 176 25.51 -13.76 58.04
N TYR F 177 25.43 -15.08 58.13
CA TYR F 177 24.31 -15.72 58.79
C TYR F 177 24.68 -16.32 60.14
N ALA F 178 23.67 -16.46 60.99
CA ALA F 178 23.82 -17.12 62.27
C ALA F 178 22.66 -18.09 62.51
N ALA F 179 22.90 -19.13 63.29
CA ALA F 179 21.92 -20.17 63.57
C ALA F 179 22.16 -20.77 64.96
N SER F 180 21.15 -21.43 65.50
CA SER F 180 21.34 -22.07 66.81
C SER F 180 20.64 -23.41 66.90
N SER F 181 21.03 -24.17 67.91
CA SER F 181 20.43 -25.45 68.24
C SER F 181 20.49 -25.66 69.74
N TYR F 182 19.44 -26.27 70.28
CA TYR F 182 19.37 -26.50 71.71
C TYR F 182 19.13 -27.97 72.02
N LEU F 183 19.88 -28.48 73.00
CA LEU F 183 19.68 -29.84 73.49
C LEU F 183 19.24 -29.83 74.94
N SER F 184 17.99 -30.16 75.20
CA SER F 184 17.48 -30.10 76.56
C SER F 184 17.57 -31.41 77.30
N LEU F 185 18.50 -31.48 78.25
CA LEU F 185 18.72 -32.68 79.05
C LEU F 185 18.35 -32.39 80.48
N THR F 186 18.10 -33.44 81.25
CA THR F 186 18.01 -33.25 82.69
C THR F 186 19.47 -33.42 83.17
N PRO F 187 19.87 -32.90 84.33
CA PRO F 187 21.19 -33.06 84.90
C PRO F 187 21.63 -34.52 84.95
N GLU F 188 20.69 -35.41 85.21
CA GLU F 188 20.98 -36.84 85.29
C GLU F 188 21.40 -37.40 83.93
N GLN F 189 20.74 -36.94 82.86
CA GLN F 189 21.06 -37.40 81.52
C GLN F 189 22.38 -36.80 81.09
N TRP F 190 22.60 -35.54 81.43
CA TRP F 190 23.82 -34.83 81.07
C TRP F 190 25.03 -35.56 81.64
N LYS F 191 24.91 -36.01 82.88
CA LYS F 191 25.98 -36.68 83.60
C LYS F 191 26.07 -38.19 83.33
N SER F 192 25.23 -38.71 82.44
CA SER F 192 25.25 -40.15 82.11
C SER F 192 26.22 -40.46 80.98
N HIS F 193 26.81 -39.42 80.41
CA HIS F 193 27.73 -39.55 79.28
C HIS F 193 29.04 -38.85 79.62
N ARG F 194 30.13 -39.25 78.98
CA ARG F 194 31.42 -38.63 79.28
C ARG F 194 31.40 -37.17 78.87
N SER F 195 30.80 -36.91 77.72
CA SER F 195 30.69 -35.57 77.19
C SER F 195 29.58 -35.47 76.15
N TYR F 196 29.17 -34.24 75.87
CA TYR F 196 28.24 -33.91 74.80
C TYR F 196 28.89 -32.96 73.82
N SER F 197 28.47 -33.03 72.57
CA SER F 197 29.07 -32.18 71.56
C SER F 197 28.05 -31.73 70.50
N CYS F 198 28.44 -30.69 69.75
CA CYS F 198 27.66 -30.11 68.66
C CYS F 198 28.54 -30.03 67.43
N GLN F 199 28.08 -30.62 66.35
CA GLN F 199 28.83 -30.63 65.10
C GLN F 199 28.06 -29.89 64.02
N VAL F 200 28.72 -28.93 63.40
CA VAL F 200 28.10 -28.12 62.37
C VAL F 200 28.75 -28.34 61.02
N THR F 201 27.95 -28.73 60.03
CA THR F 201 28.47 -29.00 58.70
C THR F 201 28.23 -27.84 57.77
N HIS F 202 29.29 -27.43 57.08
CA HIS F 202 29.21 -26.34 56.11
C HIS F 202 29.92 -26.75 54.84
N GLU F 203 29.14 -26.98 53.78
CA GLU F 203 29.61 -27.47 52.47
C GLU F 203 30.07 -28.93 52.50
N GLY F 204 30.97 -29.26 53.43
CA GLY F 204 31.51 -30.60 53.56
C GLY F 204 32.30 -30.75 54.85
N SER F 205 33.17 -29.79 55.14
CA SER F 205 33.95 -29.83 56.37
C SER F 205 33.05 -29.51 57.54
N THR F 206 33.50 -29.84 58.76
CA THR F 206 32.67 -29.56 59.92
C THR F 206 33.43 -28.85 61.02
N VAL F 207 32.67 -28.21 61.90
CA VAL F 207 33.20 -27.59 63.10
C VAL F 207 32.57 -28.25 64.32
N GLU F 208 33.38 -28.84 65.18
CA GLU F 208 32.84 -29.57 66.32
C GLU F 208 33.37 -29.09 67.67
N LYS F 209 32.44 -28.80 68.58
CA LYS F 209 32.79 -28.36 69.92
C LYS F 209 32.24 -29.34 70.97
N THR F 210 32.97 -29.51 72.07
CA THR F 210 32.59 -30.43 73.13
C THR F 210 32.58 -29.78 74.52
N VAL F 211 31.55 -30.10 75.30
CA VAL F 211 31.44 -29.66 76.70
C VAL F 211 31.14 -30.89 77.58
N ALA F 212 31.39 -30.77 78.88
CA ALA F 212 31.16 -31.90 79.78
C ALA F 212 30.88 -31.41 81.20
N PRO F 213 30.28 -32.27 82.04
CA PRO F 213 30.18 -32.11 83.49
C PRO F 213 31.57 -32.03 84.08
N THR F 214 31.73 -31.21 85.13
CA THR F 214 32.99 -31.01 85.84
C THR F 214 32.74 -31.05 87.34
N ALA G 46 -25.73 -46.20 -24.68
CA ALA G 46 -27.05 -45.65 -24.43
C ALA G 46 -26.96 -44.44 -23.50
N TYR G 47 -27.65 -43.35 -23.87
CA TYR G 47 -27.70 -42.08 -23.14
C TYR G 47 -29.11 -41.57 -23.02
N THR G 48 -29.38 -40.79 -21.97
CA THR G 48 -30.66 -40.11 -21.87
C THR G 48 -30.49 -38.64 -21.53
N ASN G 49 -31.60 -37.93 -21.53
CA ASN G 49 -31.67 -36.51 -21.26
C ASN G 49 -31.86 -36.25 -19.77
N SER G 50 -30.89 -35.61 -19.14
CA SER G 50 -30.93 -35.33 -17.70
C SER G 50 -31.97 -34.29 -17.32
N PHE G 51 -32.48 -33.58 -18.31
CA PHE G 51 -33.46 -32.52 -18.12
C PHE G 51 -32.98 -31.48 -17.12
N THR G 52 -33.74 -31.31 -16.03
CA THR G 52 -33.40 -30.30 -15.04
C THR G 52 -33.05 -30.90 -13.70
N ARG G 53 -32.72 -32.19 -13.69
CA ARG G 53 -32.36 -32.89 -12.48
C ARG G 53 -30.89 -32.69 -12.15
N GLY G 54 -30.50 -32.92 -10.90
CA GLY G 54 -29.09 -32.79 -10.51
C GLY G 54 -28.82 -31.58 -9.64
N VAL G 55 -29.88 -30.92 -9.20
CA VAL G 55 -29.81 -29.80 -8.28
C VAL G 55 -29.93 -30.28 -6.86
N TYR G 56 -29.14 -29.70 -6.00
CA TYR G 56 -29.12 -30.06 -4.59
C TYR G 56 -28.85 -28.82 -3.78
N TYR G 57 -29.13 -28.90 -2.49
CA TYR G 57 -28.89 -27.75 -1.63
C TYR G 57 -27.39 -27.58 -1.44
N PRO G 58 -26.77 -26.49 -1.91
CA PRO G 58 -25.35 -26.25 -1.91
C PRO G 58 -24.79 -26.10 -0.50
N ASP G 59 -25.67 -25.77 0.43
CA ASP G 59 -25.28 -25.59 1.81
C ASP G 59 -26.45 -25.88 2.74
N LYS G 60 -26.27 -25.61 4.02
CA LYS G 60 -27.27 -25.90 5.02
C LYS G 60 -27.88 -24.60 5.55
N VAL G 61 -27.94 -23.60 4.67
CA VAL G 61 -28.45 -22.29 5.04
C VAL G 61 -29.89 -22.09 4.58
N PHE G 62 -30.73 -21.68 5.51
CA PHE G 62 -32.12 -21.41 5.21
C PHE G 62 -32.28 -20.06 4.54
N ARG G 63 -32.98 -20.06 3.44
CA ARG G 63 -33.29 -18.86 2.70
C ARG G 63 -34.73 -19.02 2.33
N SER G 64 -35.48 -17.94 2.16
CA SER G 64 -36.85 -18.10 1.74
C SER G 64 -37.34 -16.94 0.90
N SER G 65 -38.28 -17.25 0.02
CA SER G 65 -38.88 -16.25 -0.88
C SER G 65 -37.79 -15.41 -1.53
N VAL G 66 -36.78 -16.07 -2.06
CA VAL G 66 -35.63 -15.37 -2.61
C VAL G 66 -34.94 -16.16 -3.69
N LEU G 67 -34.33 -15.46 -4.64
CA LEU G 67 -33.53 -16.10 -5.65
C LEU G 67 -32.06 -15.92 -5.34
N HIS G 68 -31.36 -17.03 -5.19
CA HIS G 68 -29.95 -16.97 -4.81
C HIS G 68 -29.03 -17.49 -5.89
N SER G 69 -28.03 -16.70 -6.23
CA SER G 69 -27.06 -17.08 -7.25
C SER G 69 -25.85 -17.73 -6.61
N THR G 70 -25.56 -18.96 -7.02
CA THR G 70 -24.46 -19.71 -6.45
C THR G 70 -23.65 -20.45 -7.50
N GLN G 71 -22.40 -20.75 -7.19
CA GLN G 71 -21.57 -21.55 -8.07
C GLN G 71 -21.06 -22.78 -7.35
N ASP G 72 -21.34 -23.94 -7.91
CA ASP G 72 -20.95 -25.21 -7.30
C ASP G 72 -20.95 -26.29 -8.35
N LEU G 73 -20.62 -27.50 -7.96
CA LEU G 73 -20.64 -28.60 -8.88
C LEU G 73 -22.06 -29.14 -9.05
N PHE G 74 -22.67 -28.85 -10.18
CA PHE G 74 -24.04 -29.25 -10.45
C PHE G 74 -24.11 -30.01 -11.76
N LEU G 75 -25.13 -30.84 -11.93
CA LEU G 75 -25.26 -31.49 -13.23
C LEU G 75 -25.82 -30.45 -14.21
N PRO G 76 -25.15 -30.15 -15.32
CA PRO G 76 -25.58 -29.16 -16.29
C PRO G 76 -26.94 -29.54 -16.82
N PHE G 77 -27.80 -28.56 -17.03
CA PHE G 77 -29.14 -28.87 -17.52
C PHE G 77 -29.09 -29.38 -18.94
N PHE G 78 -29.94 -30.37 -19.18
CA PHE G 78 -30.13 -31.03 -20.46
C PHE G 78 -28.88 -31.72 -20.99
N SER G 79 -27.92 -32.01 -20.10
CA SER G 79 -26.75 -32.77 -20.51
C SER G 79 -27.09 -34.24 -20.67
N ASN G 80 -26.20 -35.00 -21.33
CA ASN G 80 -26.32 -36.44 -21.53
C ASN G 80 -25.78 -37.21 -20.32
N VAL G 81 -26.53 -38.23 -19.87
CA VAL G 81 -26.09 -39.14 -18.81
C VAL G 81 -26.14 -40.55 -19.36
N THR G 82 -25.17 -41.36 -18.98
CA THR G 82 -25.10 -42.70 -19.54
C THR G 82 -26.12 -43.60 -18.88
N TRP G 83 -26.87 -44.31 -19.71
CA TRP G 83 -27.95 -45.19 -19.27
C TRP G 83 -27.51 -46.64 -19.21
N PHE G 84 -27.44 -47.18 -18.00
CA PHE G 84 -26.97 -48.54 -17.78
C PHE G 84 -28.13 -49.44 -17.39
N HIS G 85 -28.05 -50.72 -17.80
CA HIS G 85 -29.07 -51.73 -17.48
C HIS G 85 -28.42 -52.91 -16.76
N ASN G 100 -23.11 -52.69 -14.89
CA ASN G 100 -22.20 -52.81 -13.76
C ASN G 100 -20.67 -52.60 -14.10
N PRO G 101 -20.26 -51.59 -14.93
CA PRO G 101 -18.87 -51.24 -15.25
C PRO G 101 -18.22 -50.40 -14.17
N VAL G 102 -16.91 -50.23 -14.27
CA VAL G 102 -16.26 -49.23 -13.44
C VAL G 102 -16.29 -47.90 -14.17
N LEU G 103 -16.79 -46.88 -13.50
CA LEU G 103 -16.96 -45.57 -14.10
C LEU G 103 -16.03 -44.55 -13.45
N PRO G 104 -15.63 -43.49 -14.16
CA PRO G 104 -14.91 -42.35 -13.64
C PRO G 104 -15.73 -41.64 -12.57
N PHE G 105 -15.05 -41.00 -11.63
CA PHE G 105 -15.71 -40.18 -10.64
C PHE G 105 -15.56 -38.70 -11.01
N ASN G 106 -14.41 -38.38 -11.58
CA ASN G 106 -14.06 -37.02 -11.97
C ASN G 106 -14.18 -36.01 -10.81
N ASP G 107 -15.00 -34.97 -11.00
CA ASP G 107 -15.17 -33.91 -10.00
C ASP G 107 -16.24 -34.26 -8.99
N GLY G 108 -17.19 -35.06 -9.44
CA GLY G 108 -18.31 -35.49 -8.63
C GLY G 108 -19.30 -36.20 -9.52
N VAL G 109 -20.17 -36.98 -8.92
CA VAL G 109 -21.09 -37.81 -9.66
C VAL G 109 -22.55 -37.65 -9.35
N TYR G 110 -23.34 -37.56 -10.40
CA TYR G 110 -24.78 -37.58 -10.28
C TYR G 110 -25.24 -38.98 -10.60
N PHE G 111 -25.92 -39.61 -9.66
CA PHE G 111 -26.38 -40.96 -9.85
C PHE G 111 -27.88 -41.03 -9.69
N ALA G 112 -28.55 -41.74 -10.57
CA ALA G 112 -29.98 -41.89 -10.39
C ALA G 112 -30.40 -43.27 -10.80
N SER G 113 -31.45 -43.78 -10.22
CA SER G 113 -31.92 -45.08 -10.60
C SER G 113 -33.40 -45.24 -10.52
N THR G 114 -33.90 -46.18 -11.30
CA THR G 114 -35.30 -46.53 -11.30
C THR G 114 -35.40 -48.00 -10.91
N GLU G 115 -36.29 -48.27 -9.95
CA GLU G 115 -36.41 -49.64 -9.45
C GLU G 115 -37.84 -50.12 -9.21
N LYS G 116 -37.99 -51.44 -9.29
CA LYS G 116 -39.22 -52.11 -8.94
C LYS G 116 -39.00 -53.15 -7.82
N SER G 117 -37.73 -53.34 -7.41
CA SER G 117 -37.41 -54.36 -6.41
C SER G 117 -36.07 -54.18 -5.69
N ASN G 118 -35.62 -52.94 -5.54
CA ASN G 118 -34.39 -52.66 -4.79
C ASN G 118 -33.17 -53.47 -5.25
N ILE G 119 -32.97 -53.56 -6.56
CA ILE G 119 -31.86 -54.30 -7.13
C ILE G 119 -30.50 -53.65 -6.87
N ILE G 120 -30.43 -52.32 -6.94
CA ILE G 120 -29.17 -51.66 -6.70
C ILE G 120 -28.94 -51.57 -5.20
N ARG G 121 -27.79 -52.08 -4.77
CA ARG G 121 -27.52 -52.16 -3.34
C ARG G 121 -26.45 -51.20 -2.88
N GLY G 122 -25.49 -50.85 -3.73
CA GLY G 122 -24.42 -50.03 -3.20
C GLY G 122 -23.38 -49.56 -4.20
N TRP G 123 -22.33 -48.94 -3.66
CA TRP G 123 -21.25 -48.37 -4.45
C TRP G 123 -19.87 -48.59 -3.84
N ILE G 124 -18.85 -48.66 -4.69
CA ILE G 124 -17.48 -48.65 -4.22
C ILE G 124 -16.77 -47.42 -4.77
N PHE G 125 -16.22 -46.59 -3.90
CA PHE G 125 -15.52 -45.40 -4.37
C PHE G 125 -14.04 -45.45 -4.03
N GLY G 126 -13.19 -45.21 -5.03
CA GLY G 126 -11.74 -45.25 -4.78
C GLY G 126 -10.91 -45.07 -6.04
N THR G 127 -9.70 -45.62 -6.02
CA THR G 127 -8.76 -45.51 -7.15
C THR G 127 -8.64 -46.86 -7.84
N THR G 128 -7.88 -47.76 -7.22
CA THR G 128 -7.66 -49.09 -7.77
C THR G 128 -8.88 -50.00 -7.59
N LEU G 129 -9.66 -49.75 -6.54
CA LEU G 129 -10.88 -50.51 -6.26
C LEU G 129 -10.67 -52.02 -6.12
N ASP G 130 -9.51 -52.44 -5.62
CA ASP G 130 -9.22 -53.86 -5.41
C ASP G 130 -8.04 -54.02 -4.47
N SER G 131 -8.31 -53.99 -3.16
CA SER G 131 -7.27 -53.98 -2.15
C SER G 131 -6.26 -52.88 -2.45
N LYS G 132 -5.01 -53.09 -2.05
CA LYS G 132 -3.89 -52.15 -2.24
C LYS G 132 -4.00 -50.90 -1.38
N THR G 133 -5.09 -50.17 -1.54
CA THR G 133 -5.36 -48.96 -0.76
C THR G 133 -6.79 -48.97 -0.25
N GLN G 134 -7.18 -47.93 0.46
CA GLN G 134 -8.51 -47.87 1.02
C GLN G 134 -9.55 -47.48 -0.01
N SER G 135 -10.76 -47.99 0.16
CA SER G 135 -11.86 -47.58 -0.68
C SER G 135 -13.12 -47.55 0.16
N LEU G 136 -14.09 -46.75 -0.27
CA LEU G 136 -15.34 -46.59 0.46
C LEU G 136 -16.44 -47.48 -0.08
N LEU G 137 -16.88 -48.39 0.77
CA LEU G 137 -17.91 -49.35 0.41
C LEU G 137 -19.23 -49.05 1.10
N ILE G 138 -20.23 -48.68 0.31
CA ILE G 138 -21.54 -48.36 0.87
C ILE G 138 -22.56 -49.37 0.41
N VAL G 139 -23.00 -50.25 1.31
CA VAL G 139 -23.91 -51.31 0.90
C VAL G 139 -25.19 -51.45 1.71
N ASN G 140 -26.31 -51.49 1.00
CA ASN G 140 -27.62 -51.75 1.55
C ASN G 140 -27.92 -53.25 1.40
N ASN G 141 -28.05 -53.97 2.52
CA ASN G 141 -28.26 -55.43 2.50
C ASN G 141 -29.28 -55.85 3.56
N ALA G 142 -30.32 -56.58 3.11
CA ALA G 142 -31.43 -57.08 3.93
C ALA G 142 -32.18 -55.95 4.62
N THR G 143 -31.92 -55.72 5.90
CA THR G 143 -32.65 -54.72 6.66
C THR G 143 -31.84 -53.49 7.08
N ASN G 144 -30.57 -53.39 6.67
CA ASN G 144 -29.81 -52.20 7.08
C ASN G 144 -28.73 -51.77 6.09
N VAL G 145 -28.03 -50.71 6.46
CA VAL G 145 -26.99 -50.13 5.64
C VAL G 145 -25.65 -50.15 6.33
N VAL G 146 -24.66 -50.67 5.63
CA VAL G 146 -23.30 -50.76 6.15
C VAL G 146 -22.29 -49.97 5.35
N ILE G 147 -21.60 -49.06 6.01
CA ILE G 147 -20.55 -48.27 5.38
C ILE G 147 -19.20 -48.56 5.99
N LYS G 148 -18.25 -48.96 5.16
CA LYS G 148 -16.90 -49.28 5.63
C LYS G 148 -15.83 -48.73 4.70
N VAL G 149 -14.65 -48.40 5.23
CA VAL G 149 -13.56 -47.91 4.37
C VAL G 149 -12.25 -48.70 4.41
N CYS G 150 -12.32 -50.03 4.58
CA CYS G 150 -11.17 -50.92 4.64
C CYS G 150 -10.51 -51.10 3.27
N GLU G 151 -9.33 -51.70 3.27
CA GLU G 151 -8.65 -52.00 2.03
C GLU G 151 -9.22 -53.32 1.50
N PHE G 152 -10.47 -53.23 1.06
CA PHE G 152 -11.25 -54.39 0.66
C PHE G 152 -10.77 -54.98 -0.63
N GLN G 153 -10.74 -56.30 -0.68
CA GLN G 153 -10.43 -57.00 -1.92
C GLN G 153 -11.73 -57.22 -2.66
N PHE G 154 -11.73 -56.92 -3.95
CA PHE G 154 -12.96 -57.05 -4.72
C PHE G 154 -12.82 -57.93 -5.94
N CYS G 155 -13.93 -58.54 -6.32
CA CYS G 155 -14.01 -59.28 -7.56
C CYS G 155 -14.03 -58.31 -8.73
N ASN G 156 -13.77 -58.80 -9.93
CA ASN G 156 -13.81 -57.95 -11.12
C ASN G 156 -15.24 -57.86 -11.65
N ASP G 157 -16.13 -58.50 -10.91
CA ASP G 157 -17.56 -58.51 -11.15
C ASP G 157 -18.26 -58.74 -9.82
N PRO G 158 -18.19 -57.79 -8.88
CA PRO G 158 -18.74 -57.87 -7.55
C PRO G 158 -20.24 -57.75 -7.61
N PHE G 159 -20.93 -58.44 -6.73
CA PHE G 159 -22.38 -58.36 -6.66
C PHE G 159 -22.90 -58.93 -5.36
N LEU G 160 -24.19 -58.73 -5.12
CA LEU G 160 -24.84 -59.34 -3.96
C LEU G 160 -25.77 -60.45 -4.42
N GLY G 161 -25.98 -61.46 -3.59
CA GLY G 161 -26.91 -62.52 -3.99
C GLY G 161 -28.35 -62.18 -3.58
N VAL G 162 -29.29 -63.04 -4.03
CA VAL G 162 -30.72 -62.91 -3.73
C VAL G 162 -31.23 -64.26 -3.21
N ASN G 184 -7.39 -51.74 6.57
CA ASN G 184 -7.97 -51.35 7.84
C ASN G 184 -9.00 -50.22 7.64
N CYS G 185 -10.13 -50.30 8.35
CA CYS G 185 -11.17 -49.26 8.32
C CYS G 185 -10.85 -48.15 9.32
N THR G 186 -10.99 -46.91 8.86
CA THR G 186 -10.84 -45.74 9.70
C THR G 186 -12.21 -45.09 9.88
N PHE G 187 -13.21 -45.78 9.36
CA PHE G 187 -14.60 -45.39 9.44
C PHE G 187 -15.49 -46.60 9.31
N GLU G 188 -16.48 -46.70 10.17
CA GLU G 188 -17.49 -47.73 10.03
C GLU G 188 -18.81 -47.26 10.61
N TYR G 189 -19.89 -47.51 9.87
CA TYR G 189 -21.23 -47.17 10.33
C TYR G 189 -22.25 -48.22 9.92
N VAL G 190 -23.12 -48.58 10.85
CA VAL G 190 -24.20 -49.49 10.53
C VAL G 190 -25.55 -48.95 11.02
N SER G 191 -26.56 -48.92 10.12
CA SER G 191 -27.92 -48.50 10.47
C SER G 191 -28.63 -49.65 11.18
N PHE G 205 -41.22 -49.99 -12.99
CA PHE G 205 -40.54 -49.19 -12.00
C PHE G 205 -41.53 -48.24 -11.31
N LYS G 206 -41.34 -48.03 -9.98
CA LYS G 206 -42.12 -47.08 -9.18
C LYS G 206 -41.24 -46.21 -8.32
N ASN G 207 -39.99 -46.63 -8.11
CA ASN G 207 -39.12 -45.91 -7.20
C ASN G 207 -37.97 -45.20 -7.89
N LEU G 208 -37.94 -43.88 -7.76
CA LEU G 208 -36.84 -43.08 -8.31
C LEU G 208 -35.92 -42.63 -7.20
N ARG G 209 -34.66 -43.01 -7.29
CA ARG G 209 -33.69 -42.65 -6.29
C ARG G 209 -32.61 -41.80 -6.91
N GLU G 210 -32.31 -40.67 -6.29
CA GLU G 210 -31.29 -39.78 -6.84
C GLU G 210 -30.25 -39.48 -5.79
N PHE G 211 -28.98 -39.49 -6.20
CA PHE G 211 -27.86 -39.22 -5.30
C PHE G 211 -26.82 -38.31 -5.92
N VAL G 212 -26.16 -37.53 -5.09
CA VAL G 212 -24.99 -36.79 -5.53
C VAL G 212 -23.81 -37.09 -4.64
N PHE G 213 -22.74 -37.52 -5.26
CA PHE G 213 -21.53 -37.88 -4.54
C PHE G 213 -20.39 -36.92 -4.88
N LYS G 214 -19.85 -36.23 -3.89
CA LYS G 214 -18.75 -35.30 -4.15
C LYS G 214 -17.72 -35.33 -3.03
N ASN G 215 -16.45 -35.11 -3.36
CA ASN G 215 -15.39 -35.13 -2.35
C ASN G 215 -14.75 -33.76 -2.19
N ILE G 216 -15.08 -33.08 -1.09
CA ILE G 216 -14.59 -31.73 -0.87
C ILE G 216 -13.71 -31.66 0.36
N ASP G 217 -12.45 -31.30 0.16
CA ASP G 217 -11.50 -31.17 1.25
C ASP G 217 -11.47 -32.41 2.14
N GLY G 218 -11.55 -33.59 1.53
CA GLY G 218 -11.47 -34.85 2.26
C GLY G 218 -12.82 -35.37 2.71
N TYR G 219 -13.86 -34.55 2.60
CA TYR G 219 -15.19 -34.98 3.03
C TYR G 219 -15.99 -35.58 1.91
N PHE G 220 -16.57 -36.73 2.17
CA PHE G 220 -17.40 -37.35 1.17
C PHE G 220 -18.84 -37.00 1.47
N LYS G 221 -19.39 -36.14 0.65
CA LYS G 221 -20.73 -35.64 0.88
C LYS G 221 -21.70 -36.40 0.02
N ILE G 222 -22.81 -36.79 0.63
CA ILE G 222 -23.84 -37.49 -0.11
C ILE G 222 -25.15 -36.78 0.04
N TYR G 223 -25.77 -36.46 -1.09
CA TYR G 223 -27.10 -35.86 -1.10
C TYR G 223 -28.03 -36.91 -1.65
N SER G 224 -29.29 -36.90 -1.22
CA SER G 224 -30.21 -37.89 -1.77
C SER G 224 -31.67 -37.48 -1.75
N LYS G 225 -32.43 -38.07 -2.66
CA LYS G 225 -33.87 -37.89 -2.76
C LYS G 225 -34.55 -39.18 -3.21
N HIS G 226 -35.71 -39.49 -2.64
CA HIS G 226 -36.49 -40.66 -3.06
C HIS G 226 -37.93 -40.27 -3.32
N THR G 227 -38.37 -40.44 -4.57
CA THR G 227 -39.73 -40.07 -4.96
C THR G 227 -40.40 -41.23 -5.71
N PRO G 228 -41.74 -41.33 -5.68
CA PRO G 228 -42.54 -42.22 -6.48
C PRO G 228 -42.62 -41.73 -7.92
N ILE G 229 -42.64 -42.65 -8.87
CA ILE G 229 -42.80 -42.32 -10.28
C ILE G 229 -43.81 -43.24 -10.96
N ASN G 230 -44.34 -42.80 -12.11
CA ASN G 230 -45.21 -43.66 -12.92
C ASN G 230 -44.62 -43.89 -14.31
N LEU G 231 -43.31 -43.70 -14.45
CA LEU G 231 -42.63 -43.93 -15.71
C LEU G 231 -41.74 -45.14 -15.60
N VAL G 232 -41.94 -46.10 -16.49
CA VAL G 232 -41.21 -47.37 -16.39
C VAL G 232 -40.18 -47.57 -17.50
N ARG G 233 -40.06 -46.61 -18.40
CA ARG G 233 -39.18 -46.79 -19.55
C ARG G 233 -37.86 -46.03 -19.48
N ASP G 234 -37.87 -44.81 -18.97
CA ASP G 234 -36.70 -43.95 -19.02
C ASP G 234 -36.64 -43.03 -17.81
N LEU G 235 -35.62 -42.18 -17.76
CA LEU G 235 -35.44 -41.22 -16.67
C LEU G 235 -36.61 -40.20 -16.71
N PRO G 236 -37.38 -40.06 -15.64
CA PRO G 236 -38.49 -39.11 -15.50
C PRO G 236 -38.04 -37.67 -15.63
N GLN G 237 -38.91 -36.86 -16.21
CA GLN G 237 -38.68 -35.42 -16.33
C GLN G 237 -39.38 -34.70 -15.20
N GLY G 238 -38.72 -33.70 -14.65
CA GLY G 238 -39.29 -32.92 -13.55
C GLY G 238 -38.17 -32.28 -12.75
N PHE G 239 -38.53 -31.59 -11.67
CA PHE G 239 -37.53 -30.92 -10.86
C PHE G 239 -37.66 -31.22 -9.39
N SER G 240 -36.53 -31.50 -8.76
CA SER G 240 -36.45 -31.69 -7.33
C SER G 240 -35.05 -31.35 -6.87
N ALA G 241 -34.91 -30.99 -5.60
CA ALA G 241 -33.58 -30.75 -5.05
C ALA G 241 -33.27 -31.83 -4.05
N LEU G 242 -32.01 -32.23 -4.01
CA LEU G 242 -31.58 -33.26 -3.08
C LEU G 242 -31.02 -32.68 -1.79
N GLU G 243 -31.56 -33.15 -0.68
CA GLU G 243 -31.13 -32.72 0.64
C GLU G 243 -29.88 -33.52 0.99
N PRO G 244 -28.96 -32.98 1.78
CA PRO G 244 -27.79 -33.68 2.28
C PRO G 244 -28.23 -34.81 3.18
N LEU G 245 -27.54 -35.93 3.06
CA LEU G 245 -27.81 -37.11 3.88
C LEU G 245 -26.71 -37.26 4.92
N VAL G 246 -25.48 -37.38 4.43
CA VAL G 246 -24.31 -37.49 5.30
C VAL G 246 -23.17 -36.60 4.83
N ASP G 247 -22.23 -36.38 5.73
CA ASP G 247 -20.99 -35.68 5.42
C ASP G 247 -19.89 -36.41 6.16
N LEU G 248 -19.19 -37.30 5.46
CA LEU G 248 -18.27 -38.20 6.12
C LEU G 248 -16.78 -37.80 6.00
N PRO G 249 -16.06 -37.67 7.12
CA PRO G 249 -14.66 -37.26 7.21
C PRO G 249 -13.73 -38.43 6.87
N ILE G 250 -13.77 -38.85 5.62
CA ILE G 250 -13.09 -40.07 5.16
C ILE G 250 -11.62 -39.92 4.72
N GLY G 251 -11.28 -38.91 3.91
CA GLY G 251 -9.89 -38.74 3.49
C GLY G 251 -9.38 -39.70 2.39
N ILE G 252 -10.27 -40.22 1.54
CA ILE G 252 -9.85 -41.15 0.48
C ILE G 252 -9.93 -40.53 -0.93
N ASN G 253 -8.87 -40.76 -1.75
CA ASN G 253 -8.82 -40.34 -3.16
C ASN G 253 -9.81 -41.17 -3.98
N ILE G 254 -10.76 -40.51 -4.65
CA ILE G 254 -11.76 -41.18 -5.47
C ILE G 254 -11.62 -40.72 -6.91
N THR G 255 -11.27 -41.64 -7.78
CA THR G 255 -11.10 -41.31 -9.19
C THR G 255 -12.05 -42.13 -10.03
N ARG G 256 -12.50 -43.25 -9.48
CA ARG G 256 -13.40 -44.19 -10.13
C ARG G 256 -14.40 -44.77 -9.13
N PHE G 257 -15.51 -45.30 -9.62
CA PHE G 257 -16.41 -46.01 -8.73
C PHE G 257 -17.13 -47.16 -9.43
N GLN G 258 -17.63 -48.10 -8.64
CA GLN G 258 -18.34 -49.28 -9.11
C GLN G 258 -19.74 -49.37 -8.54
N THR G 259 -20.74 -49.56 -9.38
CA THR G 259 -22.11 -49.73 -8.90
C THR G 259 -22.37 -51.21 -8.61
N LEU G 260 -23.01 -51.50 -7.48
CA LEU G 260 -23.27 -52.87 -7.06
C LEU G 260 -24.75 -53.23 -7.08
N LEU G 261 -25.07 -54.27 -7.84
CA LEU G 261 -26.43 -54.78 -7.97
C LEU G 261 -26.55 -56.18 -7.38
N ALA G 262 -27.75 -56.56 -6.95
CA ALA G 262 -27.99 -57.92 -6.54
C ALA G 262 -28.40 -58.78 -7.73
N LEU G 263 -27.96 -60.03 -7.77
CA LEU G 263 -28.29 -60.93 -8.87
C LEU G 263 -29.06 -62.17 -8.39
N HIS G 264 -30.04 -62.62 -9.20
CA HIS G 264 -30.84 -63.81 -8.93
C HIS G 264 -30.11 -65.07 -9.38
N ALA G 283 -32.51 -50.25 -13.57
CA ALA G 283 -31.60 -49.49 -14.44
C ALA G 283 -31.13 -48.23 -13.70
N TYR G 284 -29.99 -47.65 -14.16
CA TYR G 284 -29.43 -46.45 -13.53
C TYR G 284 -28.73 -45.54 -14.51
N TYR G 285 -28.55 -44.30 -14.10
CA TYR G 285 -27.99 -43.27 -14.94
C TYR G 285 -26.82 -42.59 -14.25
N VAL G 286 -25.76 -42.31 -14.99
CA VAL G 286 -24.64 -41.60 -14.40
C VAL G 286 -24.21 -40.38 -15.20
N GLY G 287 -24.15 -39.25 -14.51
CA GLY G 287 -23.70 -38.00 -15.11
C GLY G 287 -22.55 -37.42 -14.31
N TYR G 288 -22.02 -36.30 -14.76
CA TYR G 288 -20.91 -35.69 -14.06
C TYR G 288 -21.17 -34.23 -13.80
N LEU G 289 -20.69 -33.76 -12.66
CA LEU G 289 -20.94 -32.40 -12.23
C LEU G 289 -19.92 -31.42 -12.80
N GLN G 290 -20.34 -30.18 -12.97
CA GLN G 290 -19.47 -29.11 -13.43
C GLN G 290 -19.63 -27.87 -12.56
N PRO G 291 -18.58 -27.05 -12.41
CA PRO G 291 -18.56 -25.82 -11.62
C PRO G 291 -19.26 -24.68 -12.33
N ARG G 292 -20.58 -24.82 -12.45
CA ARG G 292 -21.42 -23.88 -13.16
C ARG G 292 -22.22 -23.02 -12.19
N THR G 293 -22.63 -21.85 -12.68
CA THR G 293 -23.46 -20.96 -11.89
C THR G 293 -24.94 -21.26 -12.11
N PHE G 294 -25.67 -21.32 -11.01
CA PHE G 294 -27.12 -21.51 -11.02
C PHE G 294 -27.85 -20.46 -10.21
N LEU G 295 -29.04 -20.13 -10.67
CA LEU G 295 -29.93 -19.28 -9.90
C LEU G 295 -30.97 -20.19 -9.26
N LEU G 296 -30.98 -20.26 -7.93
CA LEU G 296 -31.89 -21.16 -7.24
C LEU G 296 -33.06 -20.44 -6.62
N LYS G 297 -34.26 -20.94 -6.86
CA LYS G 297 -35.47 -20.33 -6.33
C LYS G 297 -35.98 -21.01 -5.08
N TYR G 298 -35.96 -20.27 -3.98
CA TYR G 298 -36.43 -20.75 -2.68
C TYR G 298 -37.84 -20.24 -2.41
N ASN G 299 -38.74 -21.15 -2.04
CA ASN G 299 -40.11 -20.77 -1.74
C ASN G 299 -40.23 -20.30 -0.30
N GLU G 300 -41.46 -20.09 0.16
CA GLU G 300 -41.71 -19.57 1.51
C GLU G 300 -41.15 -20.45 2.64
N ASN G 301 -41.12 -21.77 2.45
CA ASN G 301 -40.62 -22.74 3.43
C ASN G 301 -39.11 -23.01 3.27
N GLY G 302 -38.44 -22.32 2.33
CA GLY G 302 -37.02 -22.47 2.04
C GLY G 302 -36.67 -23.69 1.20
N THR G 303 -37.65 -24.22 0.49
CA THR G 303 -37.42 -25.37 -0.36
C THR G 303 -37.08 -24.89 -1.75
N ILE G 304 -36.11 -25.53 -2.40
CA ILE G 304 -35.77 -25.12 -3.75
C ILE G 304 -36.83 -25.71 -4.66
N THR G 305 -37.53 -24.85 -5.37
CA THR G 305 -38.63 -25.30 -6.22
C THR G 305 -38.28 -25.16 -7.69
N ASP G 306 -37.30 -24.33 -8.00
CA ASP G 306 -36.90 -24.19 -9.40
C ASP G 306 -35.43 -23.81 -9.50
N ALA G 307 -34.91 -23.73 -10.72
CA ALA G 307 -33.52 -23.34 -10.93
C ALA G 307 -33.26 -22.92 -12.37
N VAL G 308 -32.28 -22.03 -12.55
CA VAL G 308 -31.80 -21.66 -13.89
C VAL G 308 -30.33 -21.98 -14.06
N ASP G 309 -30.02 -22.69 -15.15
CA ASP G 309 -28.63 -22.98 -15.49
C ASP G 309 -28.13 -21.79 -16.30
N CYS G 310 -27.25 -20.99 -15.70
CA CYS G 310 -26.85 -19.66 -16.19
C CYS G 310 -25.99 -19.74 -17.45
N ALA G 311 -25.63 -20.93 -17.88
CA ALA G 311 -24.84 -21.03 -19.11
C ALA G 311 -25.49 -22.01 -20.08
N LEU G 312 -26.78 -22.24 -19.94
CA LEU G 312 -27.51 -23.13 -20.83
C LEU G 312 -27.82 -22.52 -22.18
N ASP G 313 -28.36 -21.31 -22.18
CA ASP G 313 -28.70 -20.61 -23.42
C ASP G 313 -28.80 -19.11 -23.10
N PRO G 314 -28.98 -18.22 -24.09
CA PRO G 314 -29.06 -16.78 -23.92
C PRO G 314 -30.23 -16.29 -23.07
N LEU G 315 -31.29 -17.09 -22.93
CA LEU G 315 -32.39 -16.59 -22.12
C LEU G 315 -32.08 -16.85 -20.67
N SER G 316 -31.45 -17.98 -20.42
CA SER G 316 -31.05 -18.30 -19.07
C SER G 316 -30.03 -17.28 -18.59
N GLU G 317 -29.16 -16.83 -19.49
CA GLU G 317 -28.18 -15.83 -19.11
C GLU G 317 -28.89 -14.55 -18.68
N THR G 318 -29.94 -14.16 -19.41
CA THR G 318 -30.69 -12.98 -19.04
C THR G 318 -31.36 -13.16 -17.69
N LYS G 319 -31.97 -14.32 -17.46
CA LYS G 319 -32.63 -14.58 -16.18
C LYS G 319 -31.68 -14.48 -14.99
N CYS G 320 -30.45 -15.03 -15.13
CA CYS G 320 -29.45 -14.99 -14.08
C CYS G 320 -28.93 -13.57 -13.89
N THR G 321 -28.71 -12.86 -14.98
CA THR G 321 -28.20 -11.49 -14.93
C THR G 321 -29.15 -10.59 -14.17
N LEU G 322 -30.44 -10.78 -14.42
CA LEU G 322 -31.47 -9.95 -13.80
C LEU G 322 -31.98 -10.50 -12.47
N LYS G 323 -31.45 -11.65 -12.04
CA LYS G 323 -31.92 -12.29 -10.82
C LYS G 323 -33.43 -12.44 -10.83
N SER G 324 -33.97 -13.02 -11.90
CA SER G 324 -35.41 -13.21 -12.00
C SER G 324 -35.78 -14.38 -12.91
N PHE G 325 -36.83 -15.10 -12.56
CA PHE G 325 -37.27 -16.23 -13.40
C PHE G 325 -38.24 -15.77 -14.46
N THR G 326 -38.57 -14.50 -14.42
CA THR G 326 -39.45 -13.86 -15.39
C THR G 326 -38.71 -12.69 -15.99
N VAL G 327 -38.73 -12.58 -17.31
CA VAL G 327 -38.04 -11.48 -17.96
C VAL G 327 -38.99 -10.63 -18.77
N GLU G 328 -38.97 -9.34 -18.49
CA GLU G 328 -39.79 -8.37 -19.18
C GLU G 328 -39.29 -8.13 -20.58
N LYS G 329 -40.17 -7.65 -21.44
CA LYS G 329 -39.80 -7.37 -22.81
C LYS G 329 -38.75 -6.27 -22.88
N GLY G 330 -37.72 -6.49 -23.69
CA GLY G 330 -36.66 -5.50 -23.84
C GLY G 330 -35.32 -6.12 -24.21
N ILE G 331 -34.25 -5.34 -24.04
CA ILE G 331 -32.90 -5.82 -24.36
C ILE G 331 -32.02 -5.75 -23.14
N TYR G 332 -31.35 -6.86 -22.84
CA TYR G 332 -30.47 -6.87 -21.69
C TYR G 332 -29.07 -7.29 -22.05
N GLN G 333 -28.07 -6.59 -21.53
CA GLN G 333 -26.69 -7.01 -21.78
C GLN G 333 -26.31 -8.04 -20.75
N THR G 334 -25.89 -9.21 -21.22
CA THR G 334 -25.62 -10.30 -20.30
C THR G 334 -24.17 -10.74 -20.25
N SER G 335 -23.44 -10.50 -21.32
CA SER G 335 -22.06 -10.94 -21.38
C SER G 335 -21.30 -10.12 -22.39
N ASN G 336 -19.98 -10.23 -22.39
CA ASN G 336 -19.20 -9.56 -23.42
C ASN G 336 -18.51 -10.56 -24.32
N PHE G 337 -18.38 -10.20 -25.58
CA PHE G 337 -17.73 -11.01 -26.60
C PHE G 337 -16.36 -10.49 -26.94
N ARG G 338 -15.37 -11.38 -26.95
CA ARG G 338 -14.03 -11.00 -27.34
C ARG G 338 -13.37 -12.07 -28.20
N VAL G 339 -12.90 -11.67 -29.36
CA VAL G 339 -12.18 -12.59 -30.23
C VAL G 339 -10.78 -12.81 -29.70
N GLN G 340 -10.40 -14.08 -29.60
CA GLN G 340 -9.09 -14.39 -29.06
C GLN G 340 -8.08 -14.59 -30.19
N PRO G 341 -6.80 -14.23 -29.98
CA PRO G 341 -5.68 -14.54 -30.85
C PRO G 341 -5.55 -16.03 -31.07
N THR G 342 -5.31 -16.43 -32.31
CA THR G 342 -5.15 -17.85 -32.63
C THR G 342 -3.74 -18.23 -33.06
N GLU G 343 -2.92 -17.24 -33.38
CA GLU G 343 -1.55 -17.48 -33.84
C GLU G 343 -0.61 -16.47 -33.23
N SER G 344 0.69 -16.61 -33.54
CA SER G 344 1.70 -15.67 -33.07
C SER G 344 2.69 -15.37 -34.19
N ILE G 345 2.75 -14.11 -34.59
CA ILE G 345 3.61 -13.70 -35.68
C ILE G 345 4.80 -12.90 -35.19
N VAL G 346 5.98 -13.41 -35.49
CA VAL G 346 7.21 -12.76 -35.06
C VAL G 346 8.06 -12.40 -36.27
N ARG G 347 8.38 -11.12 -36.41
CA ARG G 347 9.12 -10.69 -37.59
C ARG G 347 10.36 -9.86 -37.28
N PHE G 348 11.46 -10.30 -37.87
CA PHE G 348 12.75 -9.62 -37.80
C PHE G 348 13.23 -9.37 -39.22
N PRO G 349 14.05 -8.34 -39.44
CA PRO G 349 14.57 -7.93 -40.73
C PRO G 349 15.58 -8.93 -41.28
N ASN G 350 15.83 -8.85 -42.60
CA ASN G 350 16.80 -9.69 -43.31
C ASN G 350 18.20 -9.56 -42.71
N ILE G 351 18.88 -10.68 -42.50
CA ILE G 351 20.25 -10.70 -42.01
C ILE G 351 21.20 -10.73 -43.19
N THR G 352 21.82 -9.59 -43.43
CA THR G 352 22.72 -9.39 -44.56
C THR G 352 24.12 -9.10 -44.06
N ASN G 353 24.30 -9.25 -42.75
CA ASN G 353 25.55 -8.94 -42.09
C ASN G 353 25.92 -9.99 -41.06
N LEU G 354 26.52 -11.08 -41.52
CA LEU G 354 26.92 -12.17 -40.64
C LEU G 354 28.36 -11.98 -40.17
N CYS G 355 28.65 -12.44 -38.94
CA CYS G 355 29.98 -12.45 -38.35
C CYS G 355 30.89 -13.41 -39.10
N PRO G 356 32.12 -12.98 -39.45
CA PRO G 356 33.08 -13.69 -40.26
C PRO G 356 33.78 -14.83 -39.54
N PHE G 357 33.00 -15.78 -39.02
CA PHE G 357 33.60 -16.92 -38.37
C PHE G 357 34.26 -17.77 -39.45
N GLY G 358 33.61 -17.84 -40.60
CA GLY G 358 34.14 -18.63 -41.70
C GLY G 358 35.51 -18.10 -42.14
N GLU G 359 35.70 -16.78 -42.09
CA GLU G 359 36.98 -16.23 -42.52
C GLU G 359 38.10 -16.69 -41.59
N VAL G 360 37.80 -16.80 -40.31
CA VAL G 360 38.77 -17.23 -39.34
C VAL G 360 39.05 -18.72 -39.43
N PHE G 361 37.98 -19.51 -39.52
CA PHE G 361 38.07 -20.97 -39.55
C PHE G 361 38.54 -21.59 -40.89
N ASN G 362 38.19 -20.95 -42.03
CA ASN G 362 38.52 -21.44 -43.37
C ASN G 362 39.71 -20.69 -44.01
N ALA G 363 40.55 -20.07 -43.17
CA ALA G 363 41.74 -19.32 -43.60
C ALA G 363 42.76 -20.23 -44.27
N THR G 364 43.48 -19.69 -45.24
CA THR G 364 44.51 -20.46 -45.90
C THR G 364 45.71 -20.67 -44.98
N ARG G 365 45.93 -19.72 -44.06
CA ARG G 365 47.05 -19.81 -43.15
C ARG G 365 46.73 -19.34 -41.74
N PHE G 366 47.27 -20.06 -40.76
CA PHE G 366 47.24 -19.67 -39.36
C PHE G 366 48.61 -19.22 -38.87
N ALA G 367 48.61 -18.41 -37.82
CA ALA G 367 49.83 -17.97 -37.17
C ALA G 367 50.39 -19.03 -36.24
N SER G 368 51.67 -18.88 -35.95
CA SER G 368 52.34 -19.68 -34.94
C SER G 368 51.76 -19.35 -33.59
N VAL G 369 51.76 -20.31 -32.68
CA VAL G 369 51.17 -20.07 -31.37
C VAL G 369 51.93 -19.04 -30.55
N TYR G 370 53.24 -18.92 -30.74
CA TYR G 370 54.00 -17.91 -30.01
C TYR G 370 53.59 -16.51 -30.45
N ALA G 371 52.99 -16.42 -31.63
CA ALA G 371 52.58 -15.17 -32.23
C ALA G 371 51.17 -15.32 -32.77
N TRP G 372 50.26 -15.74 -31.90
CA TRP G 372 48.89 -16.05 -32.28
C TRP G 372 48.16 -14.82 -32.81
N ASN G 373 47.26 -15.03 -33.77
CA ASN G 373 46.51 -13.93 -34.37
C ASN G 373 45.24 -13.63 -33.60
N ARG G 374 44.78 -12.39 -33.72
CA ARG G 374 43.49 -12.00 -33.19
C ARG G 374 42.69 -11.18 -34.20
N LYS G 375 41.42 -11.52 -34.33
CA LYS G 375 40.52 -10.71 -35.12
C LYS G 375 39.29 -10.36 -34.31
N ARG G 376 38.90 -9.09 -34.37
CA ARG G 376 37.72 -8.64 -33.65
C ARG G 376 36.47 -8.82 -34.47
N ILE G 377 35.48 -9.42 -33.84
CA ILE G 377 34.16 -9.64 -34.40
C ILE G 377 33.21 -8.66 -33.72
N SER G 378 32.61 -7.78 -34.51
CA SER G 378 31.75 -6.73 -33.97
C SER G 378 30.69 -6.31 -34.97
N ASN G 379 29.61 -5.70 -34.48
CA ASN G 379 28.60 -5.11 -35.36
C ASN G 379 28.13 -6.05 -36.47
N CYS G 380 27.75 -7.28 -36.08
CA CYS G 380 27.35 -8.37 -36.98
C CYS G 380 26.46 -9.38 -36.28
N VAL G 381 25.87 -10.30 -37.05
CA VAL G 381 25.07 -11.37 -36.49
C VAL G 381 25.88 -12.64 -36.35
N ALA G 382 25.96 -13.13 -35.13
CA ALA G 382 26.79 -14.28 -34.82
C ALA G 382 26.05 -15.58 -35.00
N ASP G 383 26.24 -16.19 -36.14
CA ASP G 383 25.60 -17.44 -36.47
C ASP G 383 26.53 -18.58 -36.08
N TYR G 384 26.19 -19.32 -35.04
CA TYR G 384 27.10 -20.35 -34.56
C TYR G 384 26.67 -21.71 -35.08
N SER G 385 25.63 -21.73 -35.92
CA SER G 385 25.07 -22.98 -36.42
C SER G 385 26.03 -23.67 -37.37
N VAL G 386 27.03 -22.92 -37.81
CA VAL G 386 28.04 -23.44 -38.72
C VAL G 386 29.24 -23.94 -37.93
N LEU G 387 29.21 -23.78 -36.61
CA LEU G 387 30.30 -24.25 -35.77
C LEU G 387 29.89 -25.44 -34.91
N TYR G 388 28.70 -25.38 -34.30
CA TYR G 388 28.33 -26.45 -33.37
C TYR G 388 27.60 -27.62 -34.05
N ASN G 389 27.22 -27.46 -35.31
CA ASN G 389 26.56 -28.52 -36.06
C ASN G 389 27.54 -29.16 -37.05
N SER G 390 28.82 -28.83 -36.90
CA SER G 390 29.87 -29.32 -37.76
C SER G 390 30.60 -30.50 -37.15
N ALA G 391 30.64 -31.62 -37.86
CA ALA G 391 31.28 -32.85 -37.38
C ALA G 391 32.79 -32.86 -37.61
N SER G 392 33.30 -31.85 -38.30
CA SER G 392 34.72 -31.80 -38.64
C SER G 392 35.64 -31.45 -37.46
N PHE G 393 35.07 -30.90 -36.38
CA PHE G 393 35.89 -30.49 -35.25
C PHE G 393 36.18 -31.65 -34.31
N SER G 394 37.43 -31.74 -33.84
CA SER G 394 37.78 -32.80 -32.91
C SER G 394 37.59 -32.31 -31.48
N THR G 395 37.70 -31.00 -31.30
CA THR G 395 37.53 -30.36 -30.01
C THR G 395 36.46 -29.31 -30.11
N PHE G 396 35.54 -29.31 -29.18
CA PHE G 396 34.52 -28.29 -29.14
C PHE G 396 34.00 -28.19 -27.72
N LYS G 397 34.55 -27.28 -26.96
CA LYS G 397 34.19 -27.18 -25.56
C LYS G 397 34.07 -25.72 -25.14
N CYS G 398 32.92 -25.34 -24.53
CA CYS G 398 32.68 -24.00 -24.04
C CYS G 398 32.82 -23.95 -22.53
N TYR G 399 33.58 -22.98 -22.07
CA TYR G 399 33.86 -22.79 -20.66
C TYR G 399 33.03 -21.63 -20.14
N GLY G 400 32.44 -20.91 -21.07
CA GLY G 400 31.60 -19.77 -20.76
C GLY G 400 30.14 -20.20 -20.66
N VAL G 401 29.45 -20.20 -21.80
CA VAL G 401 28.05 -20.56 -21.83
C VAL G 401 27.77 -21.63 -22.89
N SER G 402 26.85 -22.52 -22.55
CA SER G 402 26.40 -23.57 -23.45
C SER G 402 26.01 -23.03 -24.84
N PRO G 403 26.43 -23.69 -25.94
CA PRO G 403 26.10 -23.38 -27.32
C PRO G 403 24.62 -23.26 -27.58
N THR G 404 23.81 -23.92 -26.75
CA THR G 404 22.37 -23.92 -26.90
C THR G 404 21.77 -22.58 -26.47
N LYS G 405 22.54 -21.80 -25.72
CA LYS G 405 22.11 -20.49 -25.26
C LYS G 405 22.87 -19.42 -26.01
N LEU G 406 24.12 -19.73 -26.37
CA LEU G 406 25.04 -18.78 -27.01
C LEU G 406 24.45 -18.16 -28.27
N ASN G 407 23.68 -18.93 -29.03
CA ASN G 407 23.12 -18.47 -30.29
C ASN G 407 21.93 -17.53 -30.07
N ASP G 408 21.60 -17.28 -28.80
CA ASP G 408 20.54 -16.35 -28.45
C ASP G 408 21.04 -15.26 -27.50
N LEU G 409 22.36 -15.07 -27.43
CA LEU G 409 22.93 -14.04 -26.55
C LEU G 409 23.59 -12.91 -27.33
N CYS G 410 23.61 -11.71 -26.71
CA CYS G 410 24.24 -10.51 -27.24
C CYS G 410 25.49 -10.14 -26.44
N PHE G 411 26.54 -9.76 -27.15
CA PHE G 411 27.83 -9.36 -26.59
C PHE G 411 28.30 -8.04 -27.20
N THR G 412 29.19 -7.33 -26.51
CA THR G 412 29.72 -6.10 -27.09
C THR G 412 30.83 -6.44 -28.06
N ASN G 413 31.63 -7.43 -27.69
CA ASN G 413 32.76 -7.85 -28.52
C ASN G 413 32.95 -9.35 -28.50
N VAL G 414 33.33 -9.89 -29.65
CA VAL G 414 33.71 -11.28 -29.74
C VAL G 414 35.10 -11.37 -30.35
N TYR G 415 36.00 -12.11 -29.73
CA TYR G 415 37.35 -12.18 -30.28
C TYR G 415 37.72 -13.58 -30.70
N ALA G 416 38.26 -13.70 -31.90
CA ALA G 416 38.66 -15.00 -32.40
C ALA G 416 40.18 -15.09 -32.48
N ASP G 417 40.75 -15.87 -31.55
CA ASP G 417 42.19 -16.04 -31.44
C ASP G 417 42.63 -17.33 -32.12
N SER G 418 43.52 -17.24 -33.10
CA SER G 418 43.86 -18.44 -33.89
C SER G 418 45.36 -18.76 -33.94
N PHE G 419 45.64 -20.07 -33.89
CA PHE G 419 47.01 -20.58 -33.93
C PHE G 419 47.12 -22.08 -34.24
N VAL G 420 48.32 -22.53 -34.59
CA VAL G 420 48.57 -23.97 -34.80
C VAL G 420 49.52 -24.58 -33.78
N ILE G 421 49.04 -25.65 -33.15
CA ILE G 421 49.79 -26.42 -32.15
C ILE G 421 49.66 -27.93 -32.40
N ARG G 422 50.43 -28.71 -31.66
CA ARG G 422 50.31 -30.18 -31.71
C ARG G 422 49.00 -30.66 -31.09
N GLY G 423 48.52 -31.80 -31.57
CA GLY G 423 47.31 -32.42 -31.01
C GLY G 423 47.42 -32.68 -29.50
N ASP G 424 48.60 -33.05 -29.04
CA ASP G 424 48.83 -33.34 -27.63
C ASP G 424 48.85 -32.09 -26.77
N GLU G 425 48.84 -30.93 -27.40
CA GLU G 425 48.86 -29.66 -26.72
C GLU G 425 47.51 -28.97 -26.75
N VAL G 426 46.54 -29.56 -27.46
CA VAL G 426 45.22 -28.94 -27.59
C VAL G 426 44.55 -28.86 -26.24
N ARG G 427 44.77 -29.87 -25.41
CA ARG G 427 44.23 -29.95 -24.07
C ARG G 427 44.72 -28.83 -23.15
N GLN G 428 45.79 -28.12 -23.54
CA GLN G 428 46.31 -27.03 -22.74
C GLN G 428 45.53 -25.75 -22.97
N ILE G 429 44.71 -25.70 -24.02
CA ILE G 429 44.00 -24.47 -24.31
C ILE G 429 42.72 -24.44 -23.52
N ALA G 430 42.85 -24.11 -22.26
CA ALA G 430 41.73 -24.07 -21.34
C ALA G 430 42.12 -23.30 -20.09
N PRO G 431 41.16 -22.70 -19.38
CA PRO G 431 41.34 -22.02 -18.12
C PRO G 431 41.82 -23.01 -17.08
N GLY G 432 42.78 -22.59 -16.26
CA GLY G 432 43.29 -23.43 -15.19
C GLY G 432 44.41 -24.39 -15.64
N GLN G 433 44.74 -24.38 -16.93
CA GLN G 433 45.77 -25.30 -17.42
C GLN G 433 47.15 -24.66 -17.43
N THR G 434 48.17 -25.51 -17.36
CA THR G 434 49.56 -25.09 -17.42
C THR G 434 50.29 -25.93 -18.46
N GLY G 435 51.50 -25.52 -18.82
CA GLY G 435 52.28 -26.26 -19.81
C GLY G 435 53.02 -25.30 -20.73
N LYS G 436 53.79 -25.83 -21.67
CA LYS G 436 54.58 -24.95 -22.52
C LYS G 436 53.73 -23.99 -23.33
N ILE G 437 52.54 -24.43 -23.74
CA ILE G 437 51.72 -23.55 -24.54
C ILE G 437 50.89 -22.67 -23.62
N ALA G 438 50.25 -23.27 -22.63
CA ALA G 438 49.42 -22.51 -21.71
C ALA G 438 50.22 -21.42 -20.99
N ASP G 439 51.48 -21.68 -20.67
CA ASP G 439 52.28 -20.70 -19.94
C ASP G 439 53.11 -19.75 -20.80
N TYR G 440 53.63 -20.18 -21.95
CA TYR G 440 54.51 -19.27 -22.69
C TYR G 440 53.97 -18.78 -24.03
N ASN G 441 52.89 -19.36 -24.53
CA ASN G 441 52.43 -18.98 -25.86
C ASN G 441 51.04 -18.38 -25.89
N TYR G 442 50.10 -19.05 -25.24
CA TYR G 442 48.71 -18.63 -25.27
C TYR G 442 47.99 -19.00 -23.98
N LYS G 443 47.82 -18.01 -23.11
CA LYS G 443 47.23 -18.23 -21.80
C LYS G 443 45.78 -17.77 -21.70
N LEU G 444 44.90 -18.66 -21.24
CA LEU G 444 43.54 -18.28 -20.97
C LEU G 444 43.38 -18.11 -19.46
N PRO G 445 42.63 -17.10 -19.01
CA PRO G 445 42.36 -16.79 -17.61
C PRO G 445 41.49 -17.86 -16.99
N ASP G 446 41.60 -18.04 -15.69
CA ASP G 446 40.82 -19.06 -14.98
C ASP G 446 39.31 -18.81 -15.12
N ASP G 447 38.92 -17.54 -15.27
CA ASP G 447 37.53 -17.16 -15.42
C ASP G 447 37.15 -16.89 -16.89
N PHE G 448 37.88 -17.53 -17.81
CA PHE G 448 37.62 -17.41 -19.24
C PHE G 448 36.18 -17.69 -19.61
N THR G 449 35.62 -16.77 -20.38
CA THR G 449 34.28 -16.93 -20.90
C THR G 449 34.35 -17.06 -22.40
N GLY G 450 34.05 -18.24 -22.90
CA GLY G 450 34.15 -18.50 -24.32
C GLY G 450 34.22 -19.97 -24.67
N CYS G 451 34.59 -20.24 -25.94
CA CYS G 451 34.62 -21.58 -26.52
C CYS G 451 35.94 -21.88 -27.23
N VAL G 452 36.43 -23.09 -27.02
CA VAL G 452 37.65 -23.54 -27.68
C VAL G 452 37.31 -24.60 -28.71
N ILE G 453 37.63 -24.30 -29.96
CA ILE G 453 37.32 -25.19 -31.07
C ILE G 453 38.59 -25.57 -31.83
N ALA G 454 38.79 -26.86 -32.09
CA ALA G 454 40.00 -27.26 -32.81
C ALA G 454 39.77 -28.45 -33.73
N TRP G 455 40.59 -28.53 -34.78
CA TRP G 455 40.49 -29.63 -35.72
C TRP G 455 41.83 -29.99 -36.33
N ASN G 456 41.94 -31.22 -36.79
CA ASN G 456 43.16 -31.72 -37.41
C ASN G 456 43.40 -31.06 -38.76
N SER G 457 44.64 -30.59 -38.97
CA SER G 457 45.01 -29.94 -40.22
C SER G 457 46.21 -30.63 -40.88
N ASN G 458 46.39 -31.91 -40.58
CA ASN G 458 47.54 -32.70 -41.05
C ASN G 458 47.58 -32.82 -42.56
N ASN G 459 46.45 -32.63 -43.22
CA ASN G 459 46.38 -32.77 -44.66
C ASN G 459 46.90 -31.54 -45.40
N LEU G 460 47.34 -30.53 -44.65
CA LEU G 460 47.86 -29.33 -45.28
C LEU G 460 49.10 -28.79 -44.55
N ASP G 461 49.00 -28.61 -43.23
CA ASP G 461 50.03 -27.92 -42.46
C ASP G 461 51.16 -28.83 -41.99
N SER G 462 51.73 -29.59 -42.92
CA SER G 462 52.83 -30.51 -42.59
C SER G 462 53.71 -30.76 -43.82
N LYS G 463 54.98 -31.13 -43.58
CA LYS G 463 55.97 -31.44 -44.64
C LYS G 463 56.91 -32.54 -44.17
N GLY G 466 60.35 -31.78 -42.73
CA GLY G 466 59.37 -31.33 -41.76
C GLY G 466 59.00 -29.87 -42.01
N ASN G 467 57.78 -29.50 -41.58
CA ASN G 467 57.26 -28.14 -41.66
C ASN G 467 57.58 -27.43 -40.36
N TYR G 468 58.57 -26.56 -40.41
CA TYR G 468 59.09 -25.88 -39.23
C TYR G 468 58.68 -24.42 -39.25
N ASN G 469 57.67 -24.11 -40.06
CA ASN G 469 57.18 -22.75 -40.20
C ASN G 469 56.41 -22.32 -38.96
N TYR G 470 55.84 -23.29 -38.25
CA TYR G 470 55.11 -23.00 -37.03
C TYR G 470 56.03 -23.14 -35.84
N LEU G 471 56.02 -22.13 -34.98
CA LEU G 471 56.86 -22.14 -33.78
C LEU G 471 56.10 -21.90 -32.49
N TYR G 472 56.70 -22.36 -31.41
CA TYR G 472 56.21 -22.13 -30.07
C TYR G 472 57.36 -21.70 -29.17
N ARG G 473 57.04 -20.97 -28.13
CA ARG G 473 58.01 -20.54 -27.17
C ARG G 473 58.30 -21.67 -26.21
N LEU G 474 59.59 -21.94 -26.04
CA LEU G 474 60.09 -23.02 -25.19
C LEU G 474 60.59 -22.46 -23.87
N PHE G 475 61.21 -21.28 -23.93
CA PHE G 475 61.75 -20.65 -22.73
C PHE G 475 61.27 -19.24 -22.55
N ARG G 476 61.05 -18.84 -21.30
CA ARG G 476 60.74 -17.46 -20.99
C ARG G 476 61.12 -17.18 -19.54
N LYS G 477 61.43 -15.92 -19.25
CA LYS G 477 61.78 -15.49 -17.89
C LYS G 477 60.64 -15.70 -16.90
N SER G 478 59.41 -15.53 -17.37
CA SER G 478 58.22 -15.71 -16.56
C SER G 478 57.08 -16.15 -17.47
N ASN G 479 55.95 -16.54 -16.89
CA ASN G 479 54.84 -17.00 -17.72
C ASN G 479 54.06 -15.81 -18.28
N LEU G 480 53.06 -16.10 -19.10
CA LEU G 480 52.22 -15.05 -19.69
C LEU G 480 51.00 -14.71 -18.86
N LYS G 481 50.57 -13.47 -18.99
CA LYS G 481 49.31 -13.02 -18.44
C LYS G 481 48.22 -13.50 -19.41
N PRO G 482 46.97 -13.60 -18.98
CA PRO G 482 45.85 -13.96 -19.82
C PRO G 482 45.80 -13.12 -21.08
N PHE G 483 45.71 -13.80 -22.21
CA PHE G 483 45.66 -13.20 -23.54
C PHE G 483 46.84 -12.30 -23.87
N GLU G 484 48.00 -12.55 -23.28
CA GLU G 484 49.16 -11.75 -23.65
C GLU G 484 49.83 -12.40 -24.87
N ARG G 485 50.87 -11.78 -25.38
CA ARG G 485 51.62 -12.29 -26.51
C ARG G 485 53.07 -11.85 -26.38
N ASP G 486 54.00 -12.74 -26.68
CA ASP G 486 55.41 -12.38 -26.65
C ASP G 486 56.12 -12.93 -27.87
N ILE G 487 56.56 -12.02 -28.74
CA ILE G 487 57.17 -12.40 -30.00
C ILE G 487 58.63 -11.94 -30.08
N SER G 488 59.23 -11.66 -28.93
CA SER G 488 60.62 -11.23 -28.90
C SER G 488 61.53 -12.43 -29.15
N THR G 489 62.77 -12.16 -29.53
CA THR G 489 63.76 -13.21 -29.80
C THR G 489 64.94 -13.15 -28.86
N GLU G 490 64.79 -12.42 -27.76
CA GLU G 490 65.86 -12.29 -26.79
C GLU G 490 66.29 -13.64 -26.26
N ILE G 491 67.59 -13.91 -26.27
CA ILE G 491 68.10 -15.20 -25.84
C ILE G 491 67.84 -15.41 -24.36
N TYR G 492 67.27 -16.56 -24.05
CA TYR G 492 66.93 -16.91 -22.68
C TYR G 492 68.16 -17.37 -21.93
N GLN G 493 68.35 -16.82 -20.74
CA GLN G 493 69.48 -17.20 -19.91
C GLN G 493 69.03 -18.18 -18.85
N ALA G 494 69.49 -19.42 -18.98
CA ALA G 494 69.12 -20.47 -18.03
C ALA G 494 70.12 -20.50 -16.89
N GLY G 495 71.35 -20.12 -17.19
CA GLY G 495 72.43 -20.17 -16.21
C GLY G 495 72.74 -18.80 -15.62
N SER G 496 73.97 -18.63 -15.14
CA SER G 496 74.39 -17.38 -14.49
C SER G 496 75.27 -16.54 -15.40
N THR G 497 75.62 -17.08 -16.56
CA THR G 497 76.50 -16.40 -17.51
C THR G 497 75.67 -15.59 -18.50
N PRO G 498 75.91 -14.27 -18.65
CA PRO G 498 75.23 -13.40 -19.59
C PRO G 498 75.33 -13.99 -20.99
N CYS G 499 74.20 -13.99 -21.73
CA CYS G 499 74.13 -14.57 -23.07
C CYS G 499 74.65 -13.56 -24.10
N ASN G 500 74.52 -12.29 -23.81
CA ASN G 500 74.99 -11.23 -24.69
C ASN G 500 74.41 -11.33 -26.11
N GLY G 501 73.15 -11.75 -26.21
CA GLY G 501 72.47 -11.81 -27.50
C GLY G 501 72.68 -13.10 -28.29
N VAL G 502 73.50 -14.03 -27.79
CA VAL G 502 73.75 -15.26 -28.55
C VAL G 502 73.53 -16.53 -27.72
N GLU G 503 73.38 -17.65 -28.43
CA GLU G 503 73.23 -18.96 -27.79
C GLU G 503 74.56 -19.45 -27.27
N GLY G 504 74.52 -20.37 -26.31
CA GLY G 504 75.74 -20.86 -25.69
C GLY G 504 75.44 -21.72 -24.47
N PHE G 505 76.42 -21.88 -23.60
CA PHE G 505 76.21 -22.73 -22.44
C PHE G 505 75.13 -22.12 -21.55
N ASN G 506 74.06 -22.86 -21.38
CA ASN G 506 72.88 -22.43 -20.65
C ASN G 506 72.27 -21.10 -21.17
N CYS G 507 72.28 -20.93 -22.51
CA CYS G 507 71.68 -19.80 -23.25
C CYS G 507 70.97 -20.38 -24.47
N TYR G 508 69.69 -20.04 -24.60
CA TYR G 508 68.89 -20.64 -25.67
C TYR G 508 68.05 -19.65 -26.46
N PHE G 509 67.88 -19.91 -27.75
CA PHE G 509 66.92 -19.12 -28.50
C PHE G 509 65.57 -19.50 -27.89
N PRO G 510 64.70 -18.54 -27.54
CA PRO G 510 63.46 -18.75 -26.83
C PRO G 510 62.43 -19.59 -27.57
N LEU G 511 62.52 -19.65 -28.89
CA LEU G 511 61.53 -20.40 -29.66
C LEU G 511 62.06 -21.74 -30.15
N GLN G 512 61.14 -22.68 -30.30
CA GLN G 512 61.44 -23.97 -30.89
C GLN G 512 60.37 -24.27 -31.93
N SER G 513 60.80 -24.77 -33.08
CA SER G 513 59.84 -25.07 -34.14
C SER G 513 59.17 -26.41 -33.95
N TYR G 514 58.02 -26.59 -34.60
CA TYR G 514 57.34 -27.88 -34.60
C TYR G 514 57.76 -28.71 -35.79
N GLY G 515 58.11 -29.95 -35.57
CA GLY G 515 58.45 -30.84 -36.68
C GLY G 515 57.21 -31.48 -37.24
N PHE G 516 56.37 -30.70 -37.91
CA PHE G 516 55.13 -31.25 -38.42
C PHE G 516 55.36 -32.00 -39.73
N GLN G 517 55.00 -33.27 -39.74
CA GLN G 517 55.17 -34.15 -40.89
C GLN G 517 53.87 -34.93 -41.11
N PRO G 518 53.52 -35.25 -42.36
CA PRO G 518 52.31 -35.93 -42.76
C PRO G 518 52.19 -37.33 -42.19
N THR G 519 53.32 -37.90 -41.78
CA THR G 519 53.34 -39.25 -41.23
C THR G 519 53.36 -39.35 -39.69
N ASN G 520 53.27 -38.21 -38.98
CA ASN G 520 53.25 -38.18 -37.51
C ASN G 520 52.06 -38.96 -36.94
N VAL G 522 49.09 -39.11 -34.22
CA VAL G 522 47.99 -38.16 -33.98
C VAL G 522 48.49 -37.02 -33.04
N GLY G 523 49.15 -37.37 -31.92
CA GLY G 523 49.61 -36.38 -30.92
C GLY G 523 50.60 -35.34 -31.46
N TYR G 524 51.37 -35.72 -32.48
CA TYR G 524 52.34 -34.82 -33.08
C TYR G 524 51.85 -34.21 -34.37
N GLN G 525 50.59 -34.45 -34.72
CA GLN G 525 50.03 -33.84 -35.92
C GLN G 525 49.62 -32.43 -35.54
N PRO G 526 49.62 -31.48 -36.48
CA PRO G 526 49.15 -30.13 -36.29
C PRO G 526 47.65 -30.06 -36.17
N TYR G 527 47.19 -29.18 -35.31
CA TYR G 527 45.79 -28.85 -35.14
C TYR G 527 45.60 -27.36 -35.21
N ARG G 528 44.54 -26.96 -35.89
CA ARG G 528 44.18 -25.57 -35.96
C ARG G 528 43.25 -25.27 -34.81
N VAL G 529 43.62 -24.30 -34.00
CA VAL G 529 42.83 -23.97 -32.83
C VAL G 529 42.32 -22.55 -32.91
N VAL G 530 41.02 -22.40 -32.71
CA VAL G 530 40.40 -21.09 -32.64
C VAL G 530 39.67 -20.93 -31.32
N VAL G 531 39.98 -19.87 -30.62
CA VAL G 531 39.31 -19.61 -29.35
C VAL G 531 38.40 -18.41 -29.49
N LEU G 532 37.14 -18.61 -29.20
CA LEU G 532 36.16 -17.54 -29.29
C LEU G 532 35.85 -16.99 -27.91
N SER G 533 36.31 -15.78 -27.65
CA SER G 533 36.12 -15.12 -26.36
C SER G 533 34.95 -14.14 -26.46
N PHE G 534 34.01 -14.26 -25.55
CA PHE G 534 32.81 -13.42 -25.63
C PHE G 534 32.69 -12.53 -24.40
N GLU G 535 32.51 -11.22 -24.60
CA GLU G 535 32.36 -10.34 -23.45
C GLU G 535 31.22 -9.35 -23.58
N LEU G 536 30.64 -9.03 -22.43
CA LEU G 536 29.62 -8.02 -22.32
C LEU G 536 30.12 -6.88 -21.46
N LEU G 537 30.18 -5.70 -22.05
CA LEU G 537 30.67 -4.49 -21.39
C LEU G 537 29.51 -3.55 -21.11
N HIS G 538 29.83 -2.40 -20.52
CA HIS G 538 28.83 -1.36 -20.25
C HIS G 538 28.35 -0.72 -21.54
N ALA G 539 29.12 -0.90 -22.60
CA ALA G 539 28.80 -0.41 -23.93
C ALA G 539 27.60 -1.18 -24.48
N PRO G 540 26.84 -0.63 -25.44
CA PRO G 540 25.76 -1.32 -26.12
C PRO G 540 26.29 -2.58 -26.79
N ALA G 541 25.53 -3.66 -26.73
CA ALA G 541 25.94 -4.90 -27.38
C ALA G 541 25.97 -4.67 -28.88
N THR G 542 26.92 -5.28 -29.58
CA THR G 542 26.97 -5.06 -31.02
C THR G 542 26.79 -6.37 -31.79
N VAL G 543 27.03 -7.50 -31.12
CA VAL G 543 26.92 -8.79 -31.76
C VAL G 543 25.90 -9.69 -31.08
N CYS G 544 24.85 -10.05 -31.83
CA CYS G 544 23.75 -10.90 -31.36
C CYS G 544 23.61 -12.06 -32.33
N GLY G 545 23.05 -13.17 -31.85
CA GLY G 545 22.79 -14.27 -32.75
C GLY G 545 21.61 -13.90 -33.63
N PRO G 546 21.32 -14.70 -34.66
CA PRO G 546 20.24 -14.52 -35.60
C PRO G 546 18.93 -14.78 -34.93
N LYS G 547 17.88 -14.11 -35.38
CA LYS G 547 16.57 -14.40 -34.86
C LYS G 547 15.72 -14.97 -35.97
N LYS G 548 14.90 -15.94 -35.64
CA LYS G 548 14.03 -16.54 -36.63
C LYS G 548 12.73 -15.79 -36.73
N SER G 549 12.15 -15.77 -37.91
CA SER G 549 10.88 -15.14 -38.14
C SER G 549 9.85 -16.15 -38.61
N THR G 550 8.60 -15.84 -38.36
CA THR G 550 7.49 -16.66 -38.80
C THR G 550 6.90 -16.05 -40.04
N ASN G 551 5.99 -16.77 -40.68
CA ASN G 551 5.29 -16.19 -41.81
C ASN G 551 4.26 -15.23 -41.27
N LEU G 552 3.84 -14.27 -42.09
CA LEU G 552 2.86 -13.31 -41.63
C LEU G 552 1.49 -13.63 -42.20
N VAL G 553 0.52 -13.75 -41.31
CA VAL G 553 -0.85 -14.06 -41.68
C VAL G 553 -1.72 -12.83 -41.53
N LYS G 554 -2.39 -12.48 -42.61
CA LYS G 554 -3.22 -11.28 -42.68
C LYS G 554 -4.67 -11.57 -42.37
N ASN G 555 -5.39 -10.52 -41.97
CA ASN G 555 -6.83 -10.55 -41.74
C ASN G 555 -7.24 -11.59 -40.69
N LYS G 556 -6.42 -11.78 -39.67
CA LYS G 556 -6.72 -12.71 -38.60
C LYS G 556 -6.29 -12.10 -37.27
N CYS G 557 -6.99 -12.45 -36.16
CA CYS G 557 -6.62 -12.00 -34.82
C CYS G 557 -5.42 -12.81 -34.33
N VAL G 558 -4.31 -12.11 -34.16
CA VAL G 558 -3.06 -12.72 -33.79
C VAL G 558 -2.33 -11.99 -32.68
N ASN G 559 -1.38 -12.67 -32.08
CA ASN G 559 -0.42 -12.01 -31.21
C ASN G 559 0.73 -11.64 -32.13
N PHE G 560 1.49 -10.61 -31.79
CA PHE G 560 2.63 -10.31 -32.64
C PHE G 560 3.81 -9.65 -31.94
N ASN G 561 4.96 -9.79 -32.59
CA ASN G 561 6.21 -9.16 -32.19
C ASN G 561 6.99 -8.69 -33.42
N PHE G 562 7.04 -7.38 -33.62
CA PHE G 562 7.75 -6.80 -34.76
C PHE G 562 8.96 -6.05 -34.26
N ASN G 563 10.14 -6.53 -34.60
CA ASN G 563 11.35 -5.92 -34.08
C ASN G 563 11.29 -5.90 -32.56
N GLY G 564 11.08 -4.72 -31.98
CA GLY G 564 11.06 -4.58 -30.53
C GLY G 564 9.68 -4.28 -29.93
N LEU G 565 8.62 -4.29 -30.74
CA LEU G 565 7.31 -3.98 -30.18
C LEU G 565 6.41 -5.19 -30.22
N THR G 566 5.50 -5.26 -29.25
CA THR G 566 4.56 -6.36 -29.21
C THR G 566 3.15 -5.85 -29.01
N GLY G 567 2.19 -6.72 -29.29
CA GLY G 567 0.79 -6.40 -29.07
C GLY G 567 -0.08 -7.46 -29.70
N THR G 568 -1.37 -7.18 -29.75
CA THR G 568 -2.31 -8.10 -30.36
C THR G 568 -3.22 -7.32 -31.28
N GLY G 569 -3.82 -8.00 -32.24
CA GLY G 569 -4.72 -7.33 -33.16
C GLY G 569 -4.75 -7.99 -34.52
N VAL G 570 -5.33 -7.28 -35.48
CA VAL G 570 -5.47 -7.78 -36.83
C VAL G 570 -4.62 -6.95 -37.79
N LEU G 571 -3.80 -7.62 -38.56
CA LEU G 571 -2.91 -6.97 -39.50
C LEU G 571 -3.51 -6.92 -40.91
N THR G 572 -3.65 -5.73 -41.46
CA THR G 572 -4.19 -5.58 -42.82
C THR G 572 -3.31 -4.62 -43.61
N GLU G 573 -3.38 -4.65 -44.92
CA GLU G 573 -2.59 -3.70 -45.69
C GLU G 573 -3.00 -2.27 -45.43
N SER G 574 -2.01 -1.40 -45.29
CA SER G 574 -2.25 0.02 -45.04
C SER G 574 -2.27 0.81 -46.32
N ASN G 575 -3.05 1.89 -46.33
CA ASN G 575 -3.07 2.79 -47.48
C ASN G 575 -2.21 4.03 -47.21
N LYS G 576 -1.42 3.98 -46.15
CA LYS G 576 -0.58 5.11 -45.78
C LYS G 576 0.89 4.78 -45.99
N LYS G 577 1.70 5.80 -46.20
CA LYS G 577 3.14 5.60 -46.32
C LYS G 577 3.89 6.29 -45.21
N PHE G 578 5.01 5.71 -44.83
CA PHE G 578 5.88 6.22 -43.79
C PHE G 578 7.12 6.83 -44.40
N LEU G 579 7.80 7.66 -43.62
CA LEU G 579 9.07 8.17 -44.06
C LEU G 579 10.03 6.99 -44.08
N PRO G 580 11.10 7.02 -44.89
CA PRO G 580 12.07 5.95 -45.09
C PRO G 580 12.70 5.36 -43.82
N PHE G 581 12.76 6.13 -42.74
CA PHE G 581 13.39 5.65 -41.52
C PHE G 581 12.42 5.20 -40.45
N GLN G 582 11.13 5.42 -40.66
CA GLN G 582 10.16 5.12 -39.63
C GLN G 582 9.82 3.63 -39.57
N GLN G 583 9.62 3.13 -38.35
CA GLN G 583 9.39 1.70 -38.15
C GLN G 583 7.95 1.34 -37.85
N PHE G 584 7.22 2.25 -37.28
CA PHE G 584 5.82 2.00 -36.95
C PHE G 584 5.12 3.32 -36.80
N GLY G 585 3.79 3.30 -36.82
CA GLY G 585 3.00 4.50 -36.64
C GLY G 585 2.24 4.46 -35.33
N ARG G 586 1.88 5.63 -34.84
CA ARG G 586 1.18 5.78 -33.59
C ARG G 586 -0.01 6.72 -33.71
N ASP G 587 -1.05 6.44 -32.92
CA ASP G 587 -2.29 7.22 -32.93
C ASP G 587 -2.25 8.42 -31.98
N ILE G 588 -3.35 9.16 -31.96
CA ILE G 588 -3.50 10.35 -31.11
C ILE G 588 -3.40 10.02 -29.64
N ALA G 589 -3.98 8.91 -29.23
CA ALA G 589 -3.98 8.51 -27.83
C ALA G 589 -2.80 7.59 -27.52
N ASP G 590 -1.73 7.73 -28.30
CA ASP G 590 -0.49 6.99 -28.11
C ASP G 590 -0.63 5.48 -28.15
N THR G 591 -1.46 4.97 -29.05
CA THR G 591 -1.56 3.53 -29.23
C THR G 591 -0.95 3.19 -30.58
N THR G 592 -0.55 1.94 -30.79
CA THR G 592 0.06 1.61 -32.08
C THR G 592 -1.01 1.64 -33.17
N ASP G 593 -0.72 2.36 -34.25
CA ASP G 593 -1.66 2.50 -35.36
C ASP G 593 -1.36 1.52 -36.48
N ALA G 594 -0.08 1.38 -36.77
CA ALA G 594 0.37 0.56 -37.88
C ALA G 594 1.80 0.14 -37.65
N VAL G 595 2.23 -0.92 -38.31
CA VAL G 595 3.62 -1.32 -38.21
C VAL G 595 4.21 -1.55 -39.59
N ARG G 596 5.48 -1.20 -39.76
CA ARG G 596 6.13 -1.46 -41.03
C ARG G 596 6.85 -2.79 -40.92
N ASP G 597 6.54 -3.70 -41.82
CA ASP G 597 7.10 -5.05 -41.78
C ASP G 597 8.61 -5.07 -42.06
N PRO G 598 9.42 -5.62 -41.17
CA PRO G 598 10.86 -5.72 -41.24
C PRO G 598 11.45 -6.36 -42.50
N GLN G 599 10.72 -7.24 -43.19
CA GLN G 599 11.31 -7.89 -44.36
C GLN G 599 10.77 -7.38 -45.68
N THR G 600 9.50 -7.01 -45.70
CA THR G 600 8.88 -6.59 -46.94
C THR G 600 8.83 -5.07 -47.03
N LEU G 601 8.98 -4.41 -45.89
CA LEU G 601 8.93 -2.96 -45.77
C LEU G 601 7.56 -2.40 -46.13
N GLU G 602 6.56 -3.28 -46.22
CA GLU G 602 5.19 -2.89 -46.45
C GLU G 602 4.57 -2.47 -45.14
N ILE G 603 3.57 -1.61 -45.20
CA ILE G 603 2.95 -1.14 -43.97
C ILE G 603 1.62 -1.82 -43.74
N LEU G 604 1.46 -2.34 -42.53
CA LEU G 604 0.25 -3.02 -42.13
C LEU G 604 -0.46 -2.28 -41.03
N ASP G 605 -1.73 -1.95 -41.25
CA ASP G 605 -2.52 -1.28 -40.23
C ASP G 605 -2.83 -2.28 -39.14
N ILE G 606 -2.90 -1.82 -37.90
CA ILE G 606 -3.25 -2.73 -36.83
C ILE G 606 -4.57 -2.34 -36.18
N THR G 607 -5.53 -3.25 -36.21
CA THR G 607 -6.79 -2.94 -35.55
C THR G 607 -6.91 -3.85 -34.33
N PRO G 608 -7.66 -3.46 -33.31
CA PRO G 608 -7.98 -4.29 -32.17
C PRO G 608 -8.77 -5.49 -32.65
N CYS G 609 -8.64 -6.62 -31.94
CA CYS G 609 -9.44 -7.83 -32.23
C CYS G 609 -10.87 -7.53 -31.84
N SER G 610 -11.79 -7.92 -32.69
CA SER G 610 -13.19 -7.60 -32.50
C SER G 610 -13.71 -7.92 -31.11
N PHE G 611 -14.43 -6.97 -30.52
CA PHE G 611 -15.04 -7.16 -29.23
C PHE G 611 -16.27 -6.28 -29.12
N GLY G 612 -17.13 -6.60 -28.18
CA GLY G 612 -18.29 -5.77 -27.90
C GLY G 612 -19.25 -6.48 -26.95
N GLY G 613 -20.25 -5.75 -26.47
CA GLY G 613 -21.22 -6.33 -25.56
C GLY G 613 -22.16 -7.27 -26.28
N VAL G 614 -22.66 -8.26 -25.55
CA VAL G 614 -23.63 -9.18 -26.09
C VAL G 614 -24.93 -9.01 -25.34
N SER G 615 -25.98 -8.70 -26.08
CA SER G 615 -27.26 -8.45 -25.46
C SER G 615 -28.35 -9.33 -26.03
N VAL G 616 -29.31 -9.65 -25.20
CA VAL G 616 -30.39 -10.52 -25.58
C VAL G 616 -31.67 -9.75 -25.77
N ILE G 617 -32.25 -9.92 -26.94
CA ILE G 617 -33.49 -9.27 -27.33
C ILE G 617 -34.64 -10.22 -27.12
N THR G 618 -35.53 -9.89 -26.23
CA THR G 618 -36.55 -10.84 -25.89
C THR G 618 -37.93 -10.21 -25.69
N PRO G 619 -39.00 -10.89 -26.14
CA PRO G 619 -40.37 -10.61 -25.84
C PRO G 619 -40.53 -11.07 -24.41
N GLY G 620 -41.53 -10.63 -23.70
CA GLY G 620 -41.59 -11.08 -22.33
C GLY G 620 -41.77 -12.59 -22.27
N THR G 621 -41.16 -13.21 -21.25
CA THR G 621 -41.25 -14.66 -21.04
C THR G 621 -42.66 -15.15 -20.70
N ASN G 622 -43.56 -14.18 -20.45
CA ASN G 622 -44.98 -14.40 -20.23
C ASN G 622 -45.67 -14.89 -21.51
N THR G 623 -45.11 -14.55 -22.70
CA THR G 623 -45.68 -14.92 -24.00
C THR G 623 -44.74 -15.82 -24.83
N SER G 624 -43.43 -15.71 -24.63
CA SER G 624 -42.49 -16.51 -25.42
C SER G 624 -41.10 -16.66 -24.81
N ASN G 625 -40.51 -17.84 -24.97
CA ASN G 625 -39.15 -18.08 -24.52
C ASN G 625 -38.16 -18.05 -25.67
N GLN G 626 -38.59 -17.53 -26.81
CA GLN G 626 -37.71 -17.39 -27.97
C GLN G 626 -36.93 -16.10 -27.87
N VAL G 627 -35.64 -16.14 -28.14
CA VAL G 627 -34.83 -14.92 -28.07
C VAL G 627 -33.95 -14.73 -29.29
N ALA G 628 -33.51 -13.49 -29.50
CA ALA G 628 -32.52 -13.17 -30.51
C ALA G 628 -31.33 -12.54 -29.82
N VAL G 629 -30.14 -12.73 -30.36
CA VAL G 629 -28.95 -12.18 -29.71
C VAL G 629 -28.21 -11.20 -30.58
N LEU G 630 -27.93 -10.03 -30.01
CA LEU G 630 -27.22 -8.98 -30.69
C LEU G 630 -25.80 -8.81 -30.19
N TYR G 631 -24.85 -8.97 -31.10
CA TYR G 631 -23.45 -8.76 -30.78
C TYR G 631 -23.08 -7.37 -31.22
N GLN G 632 -22.82 -6.50 -30.27
CA GLN G 632 -22.64 -5.09 -30.58
C GLN G 632 -21.35 -4.82 -31.31
N ASP G 633 -21.44 -4.00 -32.34
CA ASP G 633 -20.27 -3.52 -33.08
C ASP G 633 -19.30 -4.59 -33.54
N VAL G 634 -19.81 -5.71 -34.05
CA VAL G 634 -18.96 -6.75 -34.60
C VAL G 634 -19.50 -7.15 -35.97
N ASN G 635 -18.67 -7.84 -36.77
CA ASN G 635 -19.08 -8.40 -38.05
C ASN G 635 -19.69 -9.80 -37.85
N CYS G 636 -20.62 -10.21 -38.70
CA CYS G 636 -21.27 -11.50 -38.64
C CYS G 636 -20.33 -12.62 -39.06
N THR G 637 -19.20 -12.23 -39.64
CA THR G 637 -18.17 -13.17 -40.06
C THR G 637 -17.25 -13.49 -38.90
N GLU G 638 -17.35 -12.70 -37.84
CA GLU G 638 -16.50 -12.85 -36.65
C GLU G 638 -17.20 -13.63 -35.53
N VAL G 639 -18.54 -13.50 -35.43
CA VAL G 639 -19.36 -14.16 -34.40
C VAL G 639 -19.38 -15.67 -34.69
N ASN G 660 -30.96 -17.17 -39.68
CA ASN G 660 -31.44 -15.81 -39.50
C ASN G 660 -30.32 -14.90 -38.94
N VAL G 661 -29.36 -14.54 -39.80
CA VAL G 661 -28.25 -13.64 -39.42
C VAL G 661 -28.34 -12.34 -40.19
N PHE G 662 -28.53 -11.26 -39.45
CA PHE G 662 -28.71 -9.93 -40.00
C PHE G 662 -27.64 -8.96 -39.55
N GLN G 663 -26.92 -8.40 -40.50
CA GLN G 663 -25.87 -7.45 -40.17
C GLN G 663 -26.41 -6.03 -40.21
N THR G 664 -26.28 -5.32 -39.11
CA THR G 664 -26.70 -3.93 -39.09
C THR G 664 -25.65 -3.06 -38.43
N ARG G 665 -25.97 -1.78 -38.26
CA ARG G 665 -25.04 -0.81 -37.69
C ARG G 665 -24.85 -1.02 -36.20
N ALA G 666 -25.90 -1.45 -35.51
CA ALA G 666 -25.83 -1.70 -34.08
C ALA G 666 -24.88 -2.87 -33.80
N GLY G 667 -24.85 -3.84 -34.69
CA GLY G 667 -24.07 -5.04 -34.50
C GLY G 667 -24.64 -6.18 -35.34
N CYS G 668 -24.24 -7.42 -35.02
CA CYS G 668 -24.70 -8.61 -35.74
C CYS G 668 -25.83 -9.25 -34.94
N LEU G 669 -27.00 -9.30 -35.57
CA LEU G 669 -28.19 -9.81 -34.91
C LEU G 669 -28.56 -11.20 -35.40
N ILE G 670 -28.57 -12.16 -34.47
CA ILE G 670 -28.88 -13.54 -34.81
C ILE G 670 -30.16 -14.03 -34.17
N GLY G 671 -31.04 -14.59 -34.99
CA GLY G 671 -32.31 -15.17 -34.52
C GLY G 671 -33.51 -14.34 -34.92
N ALA G 672 -33.28 -13.08 -35.26
CA ALA G 672 -34.38 -12.23 -35.70
C ALA G 672 -34.46 -12.24 -37.21
N GLU G 673 -35.66 -12.29 -37.74
CA GLU G 673 -35.83 -12.26 -39.18
C GLU G 673 -36.03 -10.84 -39.65
N HIS G 674 -35.13 -10.36 -40.49
CA HIS G 674 -35.26 -9.00 -40.99
C HIS G 674 -36.34 -8.94 -42.05
N VAL G 675 -37.16 -7.89 -41.98
CA VAL G 675 -38.22 -7.70 -42.95
C VAL G 675 -38.16 -6.28 -43.54
N ASN G 676 -38.78 -6.10 -44.73
CA ASN G 676 -38.88 -4.80 -45.40
C ASN G 676 -39.89 -3.85 -44.75
N ASN G 677 -40.97 -4.42 -44.16
CA ASN G 677 -42.06 -3.65 -43.58
C ASN G 677 -41.64 -2.91 -42.31
N SER G 678 -41.96 -1.63 -42.24
CA SER G 678 -41.67 -0.85 -41.05
C SER G 678 -42.86 -0.93 -40.10
N TYR G 679 -42.59 -0.81 -38.82
CA TYR G 679 -43.63 -0.79 -37.81
C TYR G 679 -43.25 0.21 -36.74
N GLU G 680 -44.22 0.69 -35.98
CA GLU G 680 -43.89 1.53 -34.84
C GLU G 680 -42.95 0.72 -33.96
N CYS G 681 -41.93 1.36 -33.38
CA CYS G 681 -40.89 0.70 -32.59
C CYS G 681 -41.43 0.08 -31.31
N ASP G 682 -40.96 -1.13 -31.03
CA ASP G 682 -41.31 -1.84 -29.81
C ASP G 682 -40.04 -2.02 -28.99
N ILE G 683 -39.19 -2.99 -29.37
CA ILE G 683 -37.92 -3.15 -28.68
C ILE G 683 -36.83 -2.48 -29.50
N PRO G 684 -36.23 -1.37 -29.07
CA PRO G 684 -35.25 -0.64 -29.81
C PRO G 684 -33.94 -1.37 -29.84
N ILE G 685 -33.28 -1.42 -30.99
CA ILE G 685 -31.96 -2.03 -31.11
C ILE G 685 -30.91 -0.95 -31.24
N GLY G 686 -31.18 0.02 -32.12
CA GLY G 686 -30.25 1.13 -32.35
C GLY G 686 -30.09 1.38 -33.84
N ALA G 687 -29.65 2.58 -34.19
CA ALA G 687 -29.40 2.96 -35.56
C ALA G 687 -30.64 2.77 -36.44
N GLY G 688 -31.80 3.07 -35.90
CA GLY G 688 -33.05 3.01 -36.63
C GLY G 688 -33.71 1.64 -36.62
N ILE G 689 -33.05 0.65 -36.04
CA ILE G 689 -33.58 -0.71 -36.01
C ILE G 689 -34.28 -1.02 -34.69
N CYS G 690 -35.47 -1.64 -34.81
CA CYS G 690 -36.29 -2.13 -33.70
C CYS G 690 -36.70 -3.56 -33.99
N ALA G 691 -37.15 -4.27 -32.96
CA ALA G 691 -37.59 -5.64 -33.12
C ALA G 691 -38.89 -5.89 -32.36
N SER G 692 -39.61 -6.92 -32.79
CA SER G 692 -40.85 -7.31 -32.14
C SER G 692 -41.18 -8.78 -32.42
N TYR G 693 -42.18 -9.30 -31.71
CA TYR G 693 -42.61 -10.68 -31.88
C TYR G 693 -43.98 -10.71 -32.57
N GLN G 694 -43.99 -11.14 -33.83
CA GLN G 694 -45.20 -11.09 -34.65
C GLN G 694 -45.38 -12.33 -35.53
N THR G 695 -46.64 -12.60 -35.93
CA THR G 695 -47.00 -13.70 -36.84
C THR G 695 -46.34 -13.51 -38.21
N SER G 708 -45.99 -20.04 -35.10
CA SER G 708 -46.36 -19.09 -36.15
C SER G 708 -45.66 -17.74 -35.98
N GLN G 709 -45.54 -17.26 -34.72
CA GLN G 709 -44.91 -15.97 -34.37
C GLN G 709 -43.42 -16.14 -34.18
N SER G 710 -42.67 -15.09 -34.52
CA SER G 710 -41.22 -15.10 -34.31
C SER G 710 -40.69 -13.68 -34.19
N ILE G 711 -39.43 -13.57 -33.77
CA ILE G 711 -38.82 -12.27 -33.62
C ILE G 711 -38.37 -11.73 -34.96
N ILE G 712 -38.74 -10.48 -35.25
CA ILE G 712 -38.37 -9.84 -36.49
C ILE G 712 -37.63 -8.55 -36.22
N ALA G 713 -36.88 -8.11 -37.23
CA ALA G 713 -36.15 -6.84 -37.16
C ALA G 713 -36.53 -5.96 -38.32
N TYR G 714 -36.64 -4.67 -38.06
CA TYR G 714 -37.04 -3.73 -39.10
C TYR G 714 -36.60 -2.33 -38.81
N THR G 715 -36.59 -1.49 -39.85
CA THR G 715 -36.38 -0.08 -39.62
C THR G 715 -37.67 0.50 -39.10
N MET G 716 -37.58 1.21 -37.99
CA MET G 716 -38.77 1.70 -37.32
C MET G 716 -39.51 2.78 -38.08
N SER G 717 -40.82 2.76 -37.94
CA SER G 717 -41.67 3.80 -38.45
C SER G 717 -41.71 4.90 -37.42
N LEU G 718 -41.80 6.14 -37.87
CA LEU G 718 -41.84 7.25 -36.93
C LEU G 718 -43.27 7.67 -36.64
N GLY G 719 -44.22 6.94 -37.21
CA GLY G 719 -45.62 7.24 -37.04
C GLY G 719 -46.31 7.24 -38.39
N ALA G 720 -47.63 7.31 -38.37
CA ALA G 720 -48.39 7.32 -39.60
C ALA G 720 -48.05 8.56 -40.39
N GLU G 721 -48.01 8.44 -41.71
CA GLU G 721 -47.81 9.60 -42.55
C GLU G 721 -49.15 10.22 -42.88
N ASN G 722 -49.20 11.55 -42.87
CA ASN G 722 -50.42 12.24 -43.23
C ASN G 722 -50.08 13.49 -44.02
N SER G 723 -51.10 14.20 -44.45
CA SER G 723 -50.92 15.43 -45.18
C SER G 723 -52.06 16.36 -44.89
N VAL G 724 -51.74 17.56 -44.49
CA VAL G 724 -52.76 18.55 -44.23
C VAL G 724 -53.24 19.07 -45.57
N ALA G 725 -54.55 19.12 -45.76
CA ALA G 725 -55.09 19.57 -47.05
C ALA G 725 -55.05 21.08 -47.15
N TYR G 726 -53.85 21.60 -47.18
CA TYR G 726 -53.59 23.01 -47.20
C TYR G 726 -54.03 23.65 -48.49
N SER G 727 -54.71 24.77 -48.36
CA SER G 727 -55.13 25.58 -49.47
C SER G 727 -55.35 26.99 -48.93
N ASN G 728 -55.06 28.00 -49.76
CA ASN G 728 -55.09 29.41 -49.36
C ASN G 728 -56.48 29.94 -48.96
N ASN G 729 -57.54 29.20 -49.30
CA ASN G 729 -58.93 29.55 -48.98
C ASN G 729 -59.68 28.42 -48.28
N SER G 730 -58.97 27.54 -47.58
CA SER G 730 -59.63 26.43 -46.89
C SER G 730 -59.25 26.31 -45.44
N ILE G 731 -60.25 26.29 -44.56
CA ILE G 731 -59.98 26.14 -43.14
C ILE G 731 -60.76 24.97 -42.56
N ALA G 732 -60.12 24.19 -41.70
CA ALA G 732 -60.86 23.12 -41.05
C ALA G 732 -61.17 23.55 -39.63
N ILE G 733 -62.45 23.54 -39.31
CA ILE G 733 -62.90 24.00 -38.00
C ILE G 733 -63.66 22.88 -37.32
N PRO G 734 -63.31 22.53 -36.08
CA PRO G 734 -63.93 21.47 -35.34
C PRO G 734 -65.37 21.80 -35.05
N THR G 735 -66.22 20.80 -35.13
CA THR G 735 -67.66 20.87 -34.87
C THR G 735 -68.10 20.14 -33.60
N ASN G 736 -67.25 19.23 -33.10
CA ASN G 736 -67.49 18.46 -31.87
C ASN G 736 -66.15 18.28 -31.16
N PHE G 737 -66.21 17.90 -29.88
CA PHE G 737 -65.04 17.75 -29.01
C PHE G 737 -65.26 16.70 -27.96
N THR G 738 -64.16 16.26 -27.36
CA THR G 738 -64.20 15.36 -26.24
C THR G 738 -63.38 15.88 -25.08
N ILE G 739 -63.63 15.34 -23.91
CA ILE G 739 -62.87 15.66 -22.72
C ILE G 739 -62.08 14.44 -22.36
N SER G 740 -60.79 14.63 -22.14
CA SER G 740 -59.95 13.49 -21.82
C SER G 740 -59.14 13.76 -20.58
N VAL G 741 -58.76 12.68 -19.91
CA VAL G 741 -57.93 12.82 -18.72
C VAL G 741 -56.63 12.07 -18.89
N THR G 742 -55.53 12.80 -18.71
CA THR G 742 -54.20 12.25 -18.81
C THR G 742 -53.59 12.08 -17.44
N THR G 743 -53.04 10.91 -17.17
CA THR G 743 -52.40 10.71 -15.89
C THR G 743 -50.91 10.91 -16.05
N GLU G 744 -50.35 11.85 -15.31
CA GLU G 744 -48.93 12.12 -15.36
C GLU G 744 -48.29 11.96 -14.00
N ILE G 745 -47.24 11.15 -13.94
CA ILE G 745 -46.60 10.81 -12.69
C ILE G 745 -45.23 11.41 -12.54
N LEU G 746 -45.00 12.08 -11.41
CA LEU G 746 -43.69 12.62 -11.12
C LEU G 746 -43.24 12.18 -9.74
N PRO G 747 -41.98 11.77 -9.56
CA PRO G 747 -41.40 11.48 -8.28
C PRO G 747 -41.17 12.79 -7.56
N VAL G 748 -41.27 12.77 -6.25
CA VAL G 748 -40.99 13.96 -5.46
C VAL G 748 -39.84 13.74 -4.49
N SER G 749 -39.77 12.56 -3.90
CA SER G 749 -38.78 12.33 -2.87
C SER G 749 -38.26 10.91 -2.83
N MET G 750 -37.10 10.76 -2.20
CA MET G 750 -36.47 9.48 -1.95
C MET G 750 -36.64 9.14 -0.49
N THR G 751 -36.22 7.94 -0.09
CA THR G 751 -36.22 7.64 1.32
C THR G 751 -35.06 8.42 1.91
N LYS G 752 -35.08 8.63 3.21
CA LYS G 752 -33.99 9.35 3.84
C LYS G 752 -33.02 8.38 4.47
N THR G 753 -31.86 8.23 3.85
CA THR G 753 -30.92 7.26 4.35
C THR G 753 -29.77 7.96 5.05
N SER G 754 -29.18 7.26 5.99
CA SER G 754 -28.00 7.74 6.67
C SER G 754 -27.16 6.58 7.13
N VAL G 755 -25.86 6.68 6.96
CA VAL G 755 -24.97 5.62 7.42
C VAL G 755 -23.83 6.16 8.23
N ASP G 756 -23.62 5.58 9.40
CA ASP G 756 -22.50 5.94 10.25
C ASP G 756 -21.26 5.23 9.76
N CYS G 757 -20.25 5.98 9.28
CA CYS G 757 -19.05 5.38 8.72
C CYS G 757 -18.30 4.58 9.79
N THR G 758 -18.45 4.99 11.05
CA THR G 758 -17.73 4.28 12.07
C THR G 758 -18.21 2.84 12.12
N MET G 759 -19.53 2.66 12.14
CA MET G 759 -20.10 1.32 12.18
C MET G 759 -19.97 0.57 10.86
N TYR G 760 -20.08 1.30 9.77
CA TYR G 760 -19.99 0.68 8.45
C TYR G 760 -18.58 0.17 8.18
N ILE G 761 -17.60 1.02 8.45
CA ILE G 761 -16.20 0.68 8.22
C ILE G 761 -15.66 -0.29 9.27
N CYS G 762 -15.88 0.02 10.56
CA CYS G 762 -15.34 -0.74 11.68
C CYS G 762 -16.46 -1.39 12.49
N GLY G 763 -16.38 -2.71 12.63
CA GLY G 763 -17.39 -3.47 13.38
C GLY G 763 -17.20 -3.35 14.88
N ASP G 764 -17.36 -2.14 15.40
CA ASP G 764 -17.17 -1.84 16.82
C ASP G 764 -15.81 -2.31 17.32
N SER G 765 -14.78 -2.09 16.51
CA SER G 765 -13.43 -2.50 16.86
C SER G 765 -12.55 -1.28 17.06
N THR G 766 -11.99 -1.15 18.26
CA THR G 766 -11.17 0.01 18.60
C THR G 766 -9.91 0.07 17.74
N GLU G 767 -9.29 -1.08 17.51
CA GLU G 767 -8.07 -1.10 16.70
C GLU G 767 -8.30 -0.52 15.29
N CYS G 768 -9.50 -0.75 14.73
CA CYS G 768 -9.92 -0.24 13.43
C CYS G 768 -10.25 1.25 13.53
N SER G 769 -11.04 1.65 14.53
CA SER G 769 -11.46 3.04 14.61
C SER G 769 -10.26 3.96 14.81
N ASN G 770 -9.20 3.43 15.43
CA ASN G 770 -7.99 4.20 15.62
C ASN G 770 -7.29 4.52 14.29
N LEU G 771 -7.51 3.66 13.29
CA LEU G 771 -6.91 3.87 11.98
C LEU G 771 -7.85 4.69 11.12
N LEU G 772 -9.15 4.57 11.37
CA LEU G 772 -10.14 5.33 10.64
C LEU G 772 -9.94 6.83 10.90
N LEU G 773 -9.54 7.16 12.12
CA LEU G 773 -9.30 8.54 12.52
C LEU G 773 -8.13 9.18 11.77
N GLN G 774 -7.34 8.38 11.07
CA GLN G 774 -6.18 8.91 10.38
C GLN G 774 -6.62 9.60 9.10
N TYR G 775 -7.90 9.47 8.77
CA TYR G 775 -8.44 10.07 7.56
C TYR G 775 -9.15 11.38 7.89
N GLY G 776 -9.01 11.82 9.14
CA GLY G 776 -9.51 13.13 9.54
C GLY G 776 -11.01 13.30 9.42
N SER G 777 -11.39 14.32 8.66
CA SER G 777 -12.78 14.72 8.46
C SER G 777 -13.47 14.00 7.31
N PHE G 778 -12.80 13.02 6.73
CA PHE G 778 -13.36 12.27 5.60
C PHE G 778 -14.79 11.75 5.85
N CYS G 779 -15.01 11.25 7.06
CA CYS G 779 -16.33 10.77 7.51
C CYS G 779 -17.32 11.90 7.75
N THR G 780 -16.83 13.03 8.22
CA THR G 780 -17.69 14.16 8.49
C THR G 780 -18.32 14.61 7.18
N GLN G 781 -17.53 14.61 6.12
CA GLN G 781 -18.04 15.00 4.81
C GLN G 781 -19.13 14.04 4.35
N LEU G 782 -18.93 12.75 4.58
CA LEU G 782 -19.92 11.76 4.17
C LEU G 782 -21.22 11.95 4.94
N ASN G 783 -21.08 12.24 6.23
CA ASN G 783 -22.24 12.39 7.10
C ASN G 783 -23.04 13.63 6.76
N ARG G 784 -22.35 14.73 6.46
CA ARG G 784 -23.05 15.96 6.14
C ARG G 784 -23.75 15.86 4.81
N ALA G 785 -23.14 15.19 3.84
CA ALA G 785 -23.75 15.06 2.54
C ALA G 785 -25.06 14.31 2.63
N LEU G 786 -25.07 13.23 3.39
CA LEU G 786 -26.28 12.43 3.52
C LEU G 786 -27.33 13.16 4.33
N THR G 787 -26.92 13.90 5.35
CA THR G 787 -27.87 14.66 6.13
C THR G 787 -28.53 15.71 5.26
N GLY G 788 -27.73 16.37 4.43
CA GLY G 788 -28.25 17.40 3.55
C GLY G 788 -29.29 16.82 2.61
N ILE G 789 -29.03 15.64 2.07
CA ILE G 789 -29.99 15.01 1.19
C ILE G 789 -31.28 14.74 1.94
N ALA G 790 -31.15 14.17 3.13
CA ALA G 790 -32.31 13.82 3.92
C ALA G 790 -33.19 15.04 4.21
N VAL G 791 -32.57 16.17 4.49
CA VAL G 791 -33.34 17.39 4.75
C VAL G 791 -34.08 17.84 3.50
N GLU G 792 -33.40 17.81 2.36
CA GLU G 792 -33.99 18.21 1.11
C GLU G 792 -35.21 17.37 0.77
N GLN G 793 -35.21 16.10 1.16
CA GLN G 793 -36.34 15.27 0.82
C GLN G 793 -37.62 15.78 1.47
N ASP G 794 -37.52 16.42 2.65
CA ASP G 794 -38.72 16.95 3.26
C ASP G 794 -39.09 18.27 2.64
N LYS G 795 -38.08 19.04 2.23
CA LYS G 795 -38.36 20.29 1.56
C LYS G 795 -39.08 20.03 0.25
N ASN G 796 -38.68 18.96 -0.44
CA ASN G 796 -39.29 18.62 -1.71
C ASN G 796 -40.76 18.32 -1.52
N THR G 797 -41.08 17.53 -0.51
CA THR G 797 -42.47 17.18 -0.26
C THR G 797 -43.28 18.40 0.10
N GLN G 798 -42.74 19.27 0.95
CA GLN G 798 -43.51 20.44 1.35
C GLN G 798 -43.75 21.40 0.20
N GLU G 799 -42.76 21.62 -0.64
CA GLU G 799 -42.94 22.55 -1.74
C GLU G 799 -43.99 22.07 -2.74
N VAL G 800 -44.09 20.76 -2.92
CA VAL G 800 -45.08 20.22 -3.85
C VAL G 800 -46.48 20.22 -3.27
N PHE G 801 -46.65 19.74 -2.04
CA PHE G 801 -48.00 19.57 -1.50
C PHE G 801 -48.51 20.69 -0.62
N ALA G 802 -47.65 21.31 0.17
CA ALA G 802 -48.11 22.30 1.13
C ALA G 802 -48.20 23.68 0.51
N GLN G 803 -49.03 23.81 -0.51
CA GLN G 803 -49.22 25.07 -1.20
C GLN G 803 -50.55 25.70 -0.86
N VAL G 804 -51.25 25.09 0.06
CA VAL G 804 -52.57 25.57 0.42
C VAL G 804 -52.48 26.16 1.83
N LYS G 805 -53.06 27.32 2.00
CA LYS G 805 -53.00 28.03 3.27
C LYS G 805 -53.85 27.37 4.34
N GLN G 806 -54.96 26.79 3.92
CA GLN G 806 -55.91 26.17 4.83
C GLN G 806 -56.31 24.80 4.33
N ILE G 807 -56.75 23.94 5.23
CA ILE G 807 -57.23 22.65 4.80
C ILE G 807 -58.71 22.77 4.53
N TYR G 808 -59.09 22.66 3.26
CA TYR G 808 -60.47 22.87 2.88
C TYR G 808 -61.24 21.57 2.82
N LYS G 809 -62.43 21.60 3.37
CA LYS G 809 -63.34 20.47 3.31
C LYS G 809 -64.31 20.62 2.16
N THR G 810 -64.81 19.50 1.67
CA THR G 810 -65.84 19.50 0.65
C THR G 810 -67.18 19.67 1.33
N PRO G 811 -68.22 20.10 0.61
CA PRO G 811 -69.58 20.16 1.09
C PRO G 811 -70.08 18.75 1.33
N PRO G 812 -71.02 18.57 2.27
CA PRO G 812 -71.67 17.30 2.61
C PRO G 812 -72.55 16.79 1.49
N ILE G 813 -72.96 17.69 0.61
CA ILE G 813 -73.78 17.35 -0.54
C ILE G 813 -72.98 17.55 -1.79
N LYS G 814 -72.79 16.48 -2.55
CA LYS G 814 -71.98 16.59 -3.74
C LYS G 814 -72.84 16.90 -4.93
N ASP G 815 -72.74 18.12 -5.41
CA ASP G 815 -73.49 18.57 -6.56
C ASP G 815 -72.65 19.53 -7.36
N PHE G 816 -72.00 18.98 -8.36
CA PHE G 816 -71.09 19.77 -9.16
C PHE G 816 -71.58 19.83 -10.59
N GLY G 817 -72.89 19.86 -10.75
CA GLY G 817 -73.47 20.05 -12.08
C GLY G 817 -73.38 18.80 -12.95
N GLY G 818 -73.29 17.64 -12.33
CA GLY G 818 -73.16 16.39 -13.08
C GLY G 818 -71.76 15.82 -13.06
N PHE G 819 -70.79 16.60 -12.59
CA PHE G 819 -69.42 16.11 -12.53
C PHE G 819 -69.23 15.28 -11.26
N ASN G 820 -68.85 14.00 -11.44
CA ASN G 820 -68.67 13.02 -10.37
C ASN G 820 -67.19 12.93 -9.97
N PHE G 821 -66.85 13.48 -8.80
CA PHE G 821 -65.49 13.53 -8.27
C PHE G 821 -65.27 12.53 -7.14
N SER G 822 -66.22 11.62 -6.94
CA SER G 822 -66.13 10.72 -5.80
C SER G 822 -64.94 9.78 -5.87
N GLN G 823 -64.35 9.62 -7.05
CA GLN G 823 -63.23 8.72 -7.22
C GLN G 823 -61.89 9.41 -7.00
N ILE G 824 -61.91 10.74 -6.91
CA ILE G 824 -60.67 11.48 -6.69
C ILE G 824 -60.66 12.11 -5.29
N LEU G 825 -61.84 12.27 -4.70
CA LEU G 825 -61.98 12.79 -3.34
C LEU G 825 -61.79 11.68 -2.33
N PRO G 826 -61.36 11.99 -1.10
CA PRO G 826 -61.15 11.03 -0.03
C PRO G 826 -62.38 10.21 0.25
N ASP G 827 -62.17 8.92 0.46
CA ASP G 827 -63.23 7.99 0.83
C ASP G 827 -63.52 8.22 2.31
N PRO G 828 -64.76 8.56 2.70
CA PRO G 828 -65.18 8.79 4.08
C PRO G 828 -64.82 7.61 5.00
N SER G 829 -64.69 6.42 4.41
CA SER G 829 -64.35 5.22 5.17
C SER G 829 -62.87 5.21 5.51
N LYS G 830 -62.48 4.46 6.57
CA LYS G 830 -61.08 4.28 6.99
C LYS G 830 -60.53 5.59 7.58
N SER G 832 -56.93 4.84 4.92
CA SER G 832 -56.12 5.95 5.45
C SER G 832 -56.62 7.32 4.91
N LYS G 833 -57.95 7.47 4.80
CA LYS G 833 -58.65 8.68 4.32
C LYS G 833 -58.15 9.14 2.96
N ARG G 834 -57.96 8.17 2.07
CA ARG G 834 -57.51 8.41 0.71
C ARG G 834 -58.64 8.16 -0.26
N SER G 835 -58.51 8.67 -1.46
CA SER G 835 -59.51 8.47 -2.51
C SER G 835 -59.36 7.09 -3.10
N PHE G 836 -60.35 6.66 -3.88
CA PHE G 836 -60.26 5.36 -4.51
C PHE G 836 -59.01 5.28 -5.39
N ILE G 837 -58.81 6.27 -6.24
CA ILE G 837 -57.65 6.27 -7.11
C ILE G 837 -56.35 6.30 -6.31
N GLU G 838 -56.27 7.11 -5.27
CA GLU G 838 -55.04 7.15 -4.50
C GLU G 838 -54.70 5.77 -3.95
N ASP G 839 -55.71 5.03 -3.47
CA ASP G 839 -55.41 3.67 -3.01
C ASP G 839 -54.88 2.80 -4.13
N LEU G 840 -55.38 2.99 -5.35
CA LEU G 840 -54.86 2.18 -6.45
C LEU G 840 -53.39 2.48 -6.63
N LEU G 841 -53.01 3.73 -6.48
CA LEU G 841 -51.62 4.12 -6.71
C LEU G 841 -50.71 3.54 -5.64
N PHE G 842 -51.15 3.57 -4.39
CA PHE G 842 -50.33 3.06 -3.31
C PHE G 842 -50.14 1.56 -3.39
N ASN G 843 -51.18 0.86 -3.82
CA ASN G 843 -51.14 -0.60 -3.88
C ASN G 843 -50.27 -1.12 -5.02
N LYS G 844 -49.77 -0.22 -5.87
CA LYS G 844 -48.96 -0.62 -7.00
C LYS G 844 -47.47 -0.49 -6.78
N VAL G 845 -47.04 0.17 -5.71
CA VAL G 845 -45.61 0.39 -5.53
C VAL G 845 -45.11 -0.28 -4.26
N THR G 846 -44.07 -1.13 -4.41
CA THR G 846 -43.48 -1.90 -3.31
C THR G 846 -42.21 -2.60 -3.80
N PHE G 874 -28.36 -3.35 7.99
CA PHE G 874 -28.29 -2.75 9.33
C PHE G 874 -26.86 -2.51 9.83
N ASN G 875 -25.87 -2.58 8.91
CA ASN G 875 -24.45 -2.40 9.22
C ASN G 875 -24.09 -0.93 9.27
N GLY G 876 -24.67 -0.23 10.23
CA GLY G 876 -24.43 1.18 10.45
C GLY G 876 -25.42 2.07 9.71
N LEU G 877 -26.21 1.49 8.82
CA LEU G 877 -27.19 2.28 8.07
C LEU G 877 -28.55 2.30 8.74
N THR G 878 -29.32 3.32 8.40
CA THR G 878 -30.67 3.49 8.88
C THR G 878 -31.52 4.24 7.87
N VAL G 879 -32.82 4.08 7.97
CA VAL G 879 -33.74 4.85 7.15
C VAL G 879 -34.67 5.64 8.04
N LEU G 880 -34.68 6.95 7.83
CA LEU G 880 -35.44 7.85 8.66
C LEU G 880 -36.82 8.12 8.05
N PRO G 881 -37.86 8.29 8.87
CA PRO G 881 -39.20 8.61 8.44
C PRO G 881 -39.29 10.05 7.94
N PRO G 882 -40.21 10.34 7.03
CA PRO G 882 -40.55 11.65 6.50
C PRO G 882 -41.28 12.44 7.56
N LEU G 883 -41.24 13.75 7.47
CA LEU G 883 -42.04 14.57 8.37
C LEU G 883 -43.51 14.41 8.10
N LEU G 884 -43.90 14.40 6.83
CA LEU G 884 -45.29 14.28 6.47
C LEU G 884 -45.62 12.85 6.09
N THR G 885 -46.49 12.24 6.88
CA THR G 885 -46.88 10.87 6.69
C THR G 885 -47.90 10.78 5.58
N ASP G 886 -48.19 9.58 5.10
CA ASP G 886 -49.13 9.42 4.00
C ASP G 886 -50.46 10.08 4.32
N GLU G 887 -50.88 10.01 5.58
CA GLU G 887 -52.12 10.61 6.02
C GLU G 887 -52.11 12.13 5.86
N MET G 888 -50.95 12.75 6.04
CA MET G 888 -50.86 14.20 5.95
C MET G 888 -50.78 14.65 4.52
N ILE G 889 -50.19 13.80 3.68
CA ILE G 889 -50.13 14.09 2.26
C ILE G 889 -51.54 14.02 1.72
N ALA G 890 -52.29 13.02 2.17
CA ALA G 890 -53.67 12.86 1.76
C ALA G 890 -54.49 14.08 2.17
N GLN G 891 -54.25 14.62 3.38
CA GLN G 891 -54.98 15.80 3.80
C GLN G 891 -54.64 17.03 2.97
N TYR G 892 -53.37 17.21 2.60
CA TYR G 892 -53.03 18.33 1.76
C TYR G 892 -53.67 18.17 0.40
N THR G 893 -53.66 16.95 -0.12
CA THR G 893 -54.25 16.69 -1.42
C THR G 893 -55.73 16.95 -1.37
N SER G 894 -56.38 16.52 -0.29
CA SER G 894 -57.81 16.73 -0.13
C SER G 894 -58.13 18.20 -0.15
N ALA G 895 -57.33 19.00 0.55
CA ALA G 895 -57.55 20.44 0.60
C ALA G 895 -57.42 21.06 -0.76
N LEU G 896 -56.46 20.59 -1.54
CA LEU G 896 -56.26 21.11 -2.87
C LEU G 896 -57.42 20.72 -3.77
N LEU G 897 -57.94 19.51 -3.62
CA LEU G 897 -59.08 19.09 -4.42
C LEU G 897 -60.32 19.88 -4.06
N ALA G 898 -60.56 20.05 -2.77
CA ALA G 898 -61.75 20.77 -2.33
C ALA G 898 -61.66 22.20 -2.81
N GLY G 899 -60.46 22.78 -2.72
CA GLY G 899 -60.25 24.14 -3.18
C GLY G 899 -60.52 24.23 -4.67
N THR G 900 -59.91 23.35 -5.45
CA THR G 900 -60.03 23.38 -6.89
C THR G 900 -61.46 23.25 -7.33
N ILE G 901 -62.20 22.36 -6.70
CA ILE G 901 -63.57 22.08 -7.10
C ILE G 901 -64.55 23.17 -6.66
N THR G 902 -64.45 23.66 -5.44
CA THR G 902 -65.46 24.62 -4.98
C THR G 902 -65.09 26.09 -5.12
N SER G 903 -63.81 26.41 -5.32
CA SER G 903 -63.42 27.82 -5.41
C SER G 903 -62.51 28.15 -6.60
N GLY G 904 -62.31 27.19 -7.48
CA GLY G 904 -61.46 27.42 -8.65
C GLY G 904 -60.04 27.76 -8.26
N TRP G 905 -59.53 28.84 -8.78
CA TRP G 905 -58.16 29.25 -8.49
C TRP G 905 -58.06 30.33 -7.43
N THR G 906 -59.17 30.72 -6.83
CA THR G 906 -59.07 31.86 -5.93
C THR G 906 -58.45 31.43 -4.62
N PHE G 907 -58.52 30.13 -4.31
CA PHE G 907 -57.92 29.66 -3.05
C PHE G 907 -56.41 29.74 -3.16
N GLY G 908 -55.91 29.87 -4.37
CA GLY G 908 -54.49 29.99 -4.63
C GLY G 908 -54.11 31.45 -4.45
N ALA G 909 -54.70 32.30 -5.28
CA ALA G 909 -54.41 33.73 -5.29
C ALA G 909 -54.76 34.44 -3.97
N GLY G 910 -55.84 34.03 -3.34
CA GLY G 910 -56.31 34.67 -2.10
C GLY G 910 -57.17 33.73 -1.28
N ALA G 911 -58.41 34.14 -1.00
CA ALA G 911 -59.33 33.34 -0.23
C ALA G 911 -60.08 32.36 -1.13
N ALA G 912 -60.55 31.27 -0.56
CA ALA G 912 -61.33 30.34 -1.36
C ALA G 912 -62.75 30.85 -1.46
N LEU G 913 -63.09 31.34 -2.64
CA LEU G 913 -64.39 31.96 -2.88
C LEU G 913 -65.30 31.02 -3.63
N GLN G 914 -66.44 30.68 -3.04
CA GLN G 914 -67.30 29.70 -3.66
C GLN G 914 -67.80 30.15 -5.02
N ILE G 915 -67.87 29.18 -5.92
CA ILE G 915 -68.46 29.36 -7.24
C ILE G 915 -69.15 28.05 -7.63
N PRO G 916 -70.31 28.05 -8.28
CA PRO G 916 -70.95 26.87 -8.80
C PRO G 916 -69.97 26.18 -9.71
N PHE G 917 -69.87 24.86 -9.65
CA PHE G 917 -68.88 24.19 -10.46
C PHE G 917 -69.10 24.44 -11.94
N ALA G 918 -70.36 24.41 -12.38
CA ALA G 918 -70.64 24.62 -13.80
C ALA G 918 -70.15 25.99 -14.25
N MET G 919 -70.23 26.99 -13.38
CA MET G 919 -69.78 28.30 -13.78
C MET G 919 -68.27 28.35 -13.76
N GLN G 920 -67.68 27.62 -12.85
CA GLN G 920 -66.24 27.54 -12.83
C GLN G 920 -65.72 27.00 -14.14
N MET G 921 -66.38 25.96 -14.65
CA MET G 921 -65.97 25.39 -15.92
C MET G 921 -66.18 26.38 -17.04
N ALA G 922 -67.22 27.20 -16.94
CA ALA G 922 -67.48 28.20 -17.95
C ALA G 922 -66.30 29.11 -18.13
N TYR G 923 -65.64 29.44 -17.02
CA TYR G 923 -64.49 30.32 -17.10
C TYR G 923 -63.34 29.59 -17.72
N ARG G 924 -63.20 28.31 -17.37
CA ARG G 924 -62.13 27.47 -17.89
C ARG G 924 -62.27 27.23 -19.39
N PHE G 925 -63.50 27.13 -19.87
CA PHE G 925 -63.75 26.99 -21.30
C PHE G 925 -63.47 28.30 -22.02
N ASN G 926 -63.90 29.40 -21.44
CA ASN G 926 -63.64 30.70 -22.06
C ASN G 926 -62.13 30.91 -22.16
N GLY G 927 -61.41 30.39 -21.17
CA GLY G 927 -59.97 30.49 -21.09
C GLY G 927 -59.22 29.76 -22.19
N ILE G 928 -59.90 28.90 -22.94
CA ILE G 928 -59.24 28.19 -24.03
C ILE G 928 -59.80 28.63 -25.38
N GLY G 929 -60.51 29.75 -25.39
CA GLY G 929 -61.04 30.29 -26.62
C GLY G 929 -62.38 29.71 -27.04
N VAL G 930 -63.10 29.08 -26.12
CA VAL G 930 -64.40 28.52 -26.45
C VAL G 930 -65.45 29.28 -25.69
N THR G 931 -66.34 29.95 -26.39
CA THR G 931 -67.32 30.78 -25.72
C THR G 931 -68.12 29.94 -24.76
N GLN G 932 -68.35 30.48 -23.56
CA GLN G 932 -68.97 29.78 -22.45
C GLN G 932 -70.35 29.21 -22.72
N ASN G 933 -71.04 29.70 -23.73
CA ASN G 933 -72.37 29.17 -23.97
C ASN G 933 -72.27 27.74 -24.44
N VAL G 934 -71.09 27.35 -24.95
CA VAL G 934 -70.89 26.01 -25.44
C VAL G 934 -71.00 25.05 -24.29
N LEU G 935 -70.40 25.41 -23.15
CA LEU G 935 -70.46 24.56 -21.97
C LEU G 935 -71.87 24.36 -21.51
N TYR G 936 -72.61 25.43 -21.36
CA TYR G 936 -73.92 25.28 -20.77
C TYR G 936 -74.83 24.47 -21.68
N GLU G 937 -74.77 24.74 -22.97
CA GLU G 937 -75.63 24.04 -23.91
C GLU G 937 -75.27 22.55 -23.96
N ASN G 938 -74.00 22.24 -23.78
CA ASN G 938 -73.53 20.86 -23.79
C ASN G 938 -73.13 20.38 -22.41
N GLN G 939 -73.63 21.00 -21.35
CA GLN G 939 -73.19 20.64 -20.02
C GLN G 939 -73.38 19.17 -19.69
N LYS G 940 -74.50 18.58 -20.10
CA LYS G 940 -74.72 17.17 -19.77
C LYS G 940 -73.72 16.29 -20.49
N LEU G 941 -73.43 16.62 -21.74
CA LEU G 941 -72.47 15.85 -22.52
C LEU G 941 -71.09 15.94 -21.91
N ILE G 942 -70.71 17.14 -21.54
CA ILE G 942 -69.39 17.38 -21.00
C ILE G 942 -69.20 16.66 -19.69
N ALA G 943 -70.20 16.72 -18.81
CA ALA G 943 -70.11 16.03 -17.54
C ALA G 943 -70.01 14.52 -17.76
N ASN G 944 -70.75 13.99 -18.75
CA ASN G 944 -70.70 12.56 -19.01
C ASN G 944 -69.36 12.13 -19.58
N GLN G 945 -68.79 12.95 -20.47
CA GLN G 945 -67.50 12.61 -21.03
C GLN G 945 -66.44 12.64 -19.94
N PHE G 946 -66.54 13.61 -19.04
CA PHE G 946 -65.62 13.71 -17.92
C PHE G 946 -65.69 12.48 -17.05
N ASN G 947 -66.90 12.09 -16.68
CA ASN G 947 -67.08 10.97 -15.77
C ASN G 947 -66.55 9.69 -16.39
N SER G 948 -66.74 9.55 -17.70
CA SER G 948 -66.24 8.38 -18.41
C SER G 948 -64.72 8.35 -18.40
N ALA G 949 -64.10 9.50 -18.66
CA ALA G 949 -62.65 9.60 -18.68
C ALA G 949 -62.04 9.20 -17.35
N ILE G 950 -62.70 9.55 -16.25
CA ILE G 950 -62.19 9.15 -14.95
C ILE G 950 -62.26 7.63 -14.82
N GLY G 951 -63.36 7.04 -15.25
CA GLY G 951 -63.47 5.60 -15.20
C GLY G 951 -62.34 4.93 -15.99
N LYS G 952 -61.96 5.52 -17.12
CA LYS G 952 -60.90 4.96 -17.94
C LYS G 952 -59.55 4.96 -17.24
N ILE G 953 -59.23 6.02 -16.50
CA ILE G 953 -57.94 6.04 -15.82
C ILE G 953 -57.92 5.02 -14.69
N GLN G 954 -59.08 4.76 -14.08
CA GLN G 954 -59.12 3.74 -13.04
C GLN G 954 -58.82 2.37 -13.62
N ASP G 955 -59.36 2.09 -14.81
CA ASP G 955 -59.12 0.82 -15.46
C ASP G 955 -57.66 0.69 -15.87
N SER G 956 -57.07 1.80 -16.32
CA SER G 956 -55.68 1.77 -16.72
C SER G 956 -54.77 1.46 -15.55
N LEU G 957 -54.97 2.16 -14.43
CA LEU G 957 -54.13 1.94 -13.26
C LEU G 957 -54.36 0.56 -12.65
N SER G 958 -55.60 0.10 -12.65
CA SER G 958 -55.88 -1.21 -12.06
C SER G 958 -55.25 -2.35 -12.86
N SER G 959 -55.37 -2.30 -14.19
CA SER G 959 -54.89 -3.35 -15.07
C SER G 959 -53.41 -3.30 -15.43
N THR G 960 -52.91 -2.13 -15.83
CA THR G 960 -51.56 -2.01 -16.35
C THR G 960 -50.50 -1.91 -15.27
N ALA G 961 -49.49 -2.78 -15.35
CA ALA G 961 -48.38 -2.77 -14.39
C ALA G 961 -47.39 -1.67 -14.75
N SER G 962 -47.17 -1.49 -16.05
CA SER G 962 -46.25 -0.47 -16.54
C SER G 962 -46.95 0.89 -16.59
N ALA G 963 -47.28 1.38 -15.40
CA ALA G 963 -48.01 2.63 -15.24
C ALA G 963 -47.17 3.56 -14.40
N LEU G 964 -47.00 3.21 -13.13
CA LEU G 964 -46.20 4.04 -12.25
C LEU G 964 -44.76 3.60 -12.35
N GLY G 965 -44.21 3.71 -13.56
CA GLY G 965 -42.88 3.23 -13.86
C GLY G 965 -41.81 4.14 -13.30
N LYS G 966 -42.19 5.37 -12.96
CA LYS G 966 -41.24 6.31 -12.43
C LYS G 966 -41.10 6.15 -10.93
N LEU G 967 -42.18 5.79 -10.26
CA LEU G 967 -42.12 5.66 -8.82
C LEU G 967 -41.50 4.32 -8.50
N GLN G 968 -41.86 3.27 -9.25
CA GLN G 968 -41.25 1.96 -9.03
C GLN G 968 -39.97 1.89 -9.87
N ASP G 969 -39.11 2.85 -9.62
CA ASP G 969 -37.81 3.01 -10.24
C ASP G 969 -36.96 3.80 -9.29
N VAL G 970 -37.46 4.94 -8.85
CA VAL G 970 -36.72 5.70 -7.88
C VAL G 970 -36.47 4.84 -6.65
N VAL G 971 -37.48 4.09 -6.24
CA VAL G 971 -37.31 3.21 -5.08
C VAL G 971 -36.37 2.06 -5.40
N ASN G 972 -36.37 1.59 -6.65
CA ASN G 972 -35.53 0.47 -7.03
C ASN G 972 -34.08 0.87 -7.07
N GLN G 973 -33.82 2.08 -7.56
CA GLN G 973 -32.45 2.55 -7.67
C GLN G 973 -31.84 2.75 -6.30
N ASN G 974 -32.63 3.23 -5.35
CA ASN G 974 -32.11 3.43 -4.01
C ASN G 974 -31.93 2.09 -3.31
N ALA G 975 -32.83 1.15 -3.57
CA ALA G 975 -32.70 -0.16 -2.98
C ALA G 975 -31.45 -0.86 -3.47
N GLN G 976 -31.16 -0.71 -4.77
CA GLN G 976 -29.98 -1.31 -5.34
C GLN G 976 -28.73 -0.65 -4.80
N ALA G 977 -28.77 0.67 -4.63
CA ALA G 977 -27.61 1.36 -4.10
C ALA G 977 -27.28 0.88 -2.71
N LEU G 978 -28.30 0.67 -1.88
CA LEU G 978 -28.07 0.17 -0.53
C LEU G 978 -27.65 -1.27 -0.52
N ASN G 979 -28.24 -2.08 -1.39
CA ASN G 979 -27.87 -3.50 -1.40
C ASN G 979 -26.45 -3.66 -1.82
N THR G 980 -26.01 -2.85 -2.77
CA THR G 980 -24.64 -2.91 -3.25
C THR G 980 -23.71 -2.46 -2.15
N LEU G 981 -24.06 -1.37 -1.48
CA LEU G 981 -23.22 -0.84 -0.43
C LEU G 981 -23.00 -1.89 0.65
N VAL G 982 -24.07 -2.55 1.07
CA VAL G 982 -23.94 -3.55 2.10
C VAL G 982 -23.13 -4.75 1.63
N LYS G 983 -23.37 -5.22 0.42
CA LYS G 983 -22.63 -6.36 -0.11
C LYS G 983 -21.14 -6.08 -0.21
N GLN G 984 -20.74 -4.83 -0.41
CA GLN G 984 -19.32 -4.50 -0.51
C GLN G 984 -18.56 -4.78 0.77
N LEU G 985 -19.26 -4.95 1.88
CA LEU G 985 -18.59 -5.26 3.14
C LEU G 985 -17.98 -6.65 3.11
N SER G 986 -18.43 -7.46 2.15
CA SER G 986 -17.93 -8.82 1.99
C SER G 986 -16.72 -8.89 1.08
N SER G 987 -16.31 -7.76 0.53
CA SER G 987 -15.17 -7.74 -0.37
C SER G 987 -13.86 -7.64 0.41
N ASN G 988 -12.82 -8.23 -0.15
CA ASN G 988 -11.51 -8.23 0.48
C ASN G 988 -10.73 -6.95 0.22
N PHE G 989 -10.90 -6.37 -0.96
CA PHE G 989 -10.15 -5.18 -1.35
C PHE G 989 -8.65 -5.40 -1.28
N GLY G 990 -8.22 -6.64 -1.45
CA GLY G 990 -6.81 -7.01 -1.44
C GLY G 990 -6.39 -7.62 -0.10
N ALA G 991 -7.27 -7.54 0.89
CA ALA G 991 -7.01 -8.09 2.20
C ALA G 991 -7.11 -9.60 2.17
N ILE G 992 -6.50 -10.25 3.16
CA ILE G 992 -6.57 -11.70 3.29
C ILE G 992 -7.98 -12.18 3.63
N SER G 993 -8.78 -11.29 4.21
CA SER G 993 -10.15 -11.60 4.56
C SER G 993 -10.98 -10.33 4.67
N SER G 994 -12.23 -10.42 4.24
CA SER G 994 -13.18 -9.30 4.33
C SER G 994 -13.65 -9.06 5.75
N VAL G 995 -13.43 -10.03 6.63
CA VAL G 995 -13.92 -9.92 7.99
C VAL G 995 -12.88 -9.27 8.90
N LEU G 996 -13.27 -8.16 9.49
CA LEU G 996 -12.37 -7.38 10.32
C LEU G 996 -11.85 -8.18 11.50
N ASN G 997 -12.73 -8.98 12.09
CA ASN G 997 -12.34 -9.77 13.24
C ASN G 997 -11.36 -10.87 12.89
N ASP G 998 -11.45 -11.41 11.68
CA ASP G 998 -10.58 -12.50 11.28
C ASP G 998 -9.19 -12.00 10.96
N ILE G 999 -9.09 -10.80 10.42
CA ILE G 999 -7.76 -10.28 10.16
C ILE G 999 -7.12 -9.81 11.46
N LEU G 1000 -7.93 -9.26 12.36
CA LEU G 1000 -7.37 -8.74 13.59
C LEU G 1000 -6.94 -9.83 14.56
N SER G 1001 -7.79 -10.83 14.78
CA SER G 1001 -7.51 -11.84 15.80
C SER G 1001 -6.38 -12.80 15.42
N ARG G 1002 -6.02 -12.83 14.15
CA ARG G 1002 -5.00 -13.76 13.68
C ARG G 1002 -3.66 -13.09 13.38
N LEU G 1003 -3.58 -11.78 13.55
CA LEU G 1003 -2.37 -11.05 13.17
C LEU G 1003 -1.78 -10.26 14.32
N ASP G 1004 -0.47 -10.04 14.25
CA ASP G 1004 0.20 -9.19 15.21
C ASP G 1004 -0.11 -7.74 14.82
N PRO G 1005 0.24 -6.73 15.62
CA PRO G 1005 -0.04 -5.33 15.34
C PRO G 1005 0.31 -4.89 13.91
N PRO G 1006 1.59 -4.90 13.44
CA PRO G 1006 1.93 -4.34 12.14
C PRO G 1006 1.23 -5.04 10.98
N GLU G 1007 0.91 -6.33 11.12
CA GLU G 1007 0.21 -7.01 10.04
C GLU G 1007 -1.26 -6.68 10.08
N ALA G 1008 -1.82 -6.57 11.27
CA ALA G 1008 -3.22 -6.22 11.40
C ALA G 1008 -3.44 -4.84 10.84
N GLU G 1009 -2.50 -3.93 11.10
CA GLU G 1009 -2.64 -2.56 10.63
C GLU G 1009 -2.66 -2.50 9.12
N VAL G 1010 -1.82 -3.28 8.46
CA VAL G 1010 -1.83 -3.28 7.01
C VAL G 1010 -3.12 -3.84 6.45
N GLN G 1011 -3.58 -4.95 7.02
CA GLN G 1011 -4.81 -5.56 6.50
C GLN G 1011 -6.01 -4.66 6.76
N ILE G 1012 -6.01 -3.97 7.90
CA ILE G 1012 -7.11 -3.08 8.21
C ILE G 1012 -7.07 -1.89 7.25
N ASP G 1013 -5.89 -1.32 6.99
CA ASP G 1013 -5.81 -0.20 6.06
C ASP G 1013 -6.45 -0.57 4.73
N ARG G 1014 -6.22 -1.80 4.26
CA ARG G 1014 -6.81 -2.23 3.00
C ARG G 1014 -8.33 -2.23 3.06
N LEU G 1015 -8.90 -2.71 4.18
CA LEU G 1015 -10.36 -2.74 4.28
C LEU G 1015 -10.94 -1.34 4.49
N ILE G 1016 -10.26 -0.49 5.25
CA ILE G 1016 -10.77 0.85 5.47
C ILE G 1016 -10.78 1.63 4.18
N THR G 1017 -9.69 1.55 3.42
CA THR G 1017 -9.62 2.30 2.18
C THR G 1017 -10.70 1.81 1.22
N GLY G 1018 -10.86 0.50 1.11
CA GLY G 1018 -11.84 -0.07 0.22
C GLY G 1018 -13.27 0.28 0.62
N ARG G 1019 -13.55 0.25 1.92
CA ARG G 1019 -14.88 0.54 2.38
C ARG G 1019 -15.19 2.03 2.36
N LEU G 1020 -14.19 2.88 2.60
CA LEU G 1020 -14.44 4.32 2.48
C LEU G 1020 -14.68 4.67 1.04
N GLN G 1021 -13.98 4.01 0.12
CA GLN G 1021 -14.21 4.28 -1.28
C GLN G 1021 -15.64 3.92 -1.62
N SER G 1022 -16.14 2.82 -1.06
CA SER G 1022 -17.52 2.40 -1.28
C SER G 1022 -18.51 3.43 -0.75
N LEU G 1023 -18.27 3.95 0.46
CA LEU G 1023 -19.17 4.99 0.98
C LEU G 1023 -19.08 6.25 0.16
N GLN G 1024 -17.89 6.63 -0.28
CA GLN G 1024 -17.76 7.83 -1.06
C GLN G 1024 -18.48 7.68 -2.38
N THR G 1025 -18.42 6.49 -2.96
CA THR G 1025 -19.12 6.23 -4.20
C THR G 1025 -20.61 6.31 -3.99
N TYR G 1026 -21.10 5.70 -2.92
CA TYR G 1026 -22.51 5.72 -2.60
C TYR G 1026 -23.02 7.13 -2.39
N VAL G 1027 -22.31 7.91 -1.58
CA VAL G 1027 -22.75 9.26 -1.29
C VAL G 1027 -22.76 10.09 -2.57
N THR G 1028 -21.74 9.96 -3.39
CA THR G 1028 -21.70 10.73 -4.62
C THR G 1028 -22.90 10.41 -5.48
N GLN G 1029 -23.24 9.13 -5.60
CA GLN G 1029 -24.38 8.74 -6.41
C GLN G 1029 -25.68 9.25 -5.82
N GLN G 1030 -25.80 9.26 -4.51
CA GLN G 1030 -27.01 9.74 -3.88
C GLN G 1030 -27.16 11.24 -4.08
N LEU G 1031 -26.06 11.97 -4.10
CA LEU G 1031 -26.13 13.41 -4.33
C LEU G 1031 -26.55 13.73 -5.74
N ILE G 1032 -26.05 12.97 -6.70
CA ILE G 1032 -26.43 13.20 -8.08
C ILE G 1032 -27.89 12.83 -8.27
N ARG G 1033 -28.29 11.68 -7.73
CA ARG G 1033 -29.68 11.26 -7.81
C ARG G 1033 -30.58 12.24 -7.07
N ALA G 1034 -30.12 12.75 -5.94
CA ALA G 1034 -30.93 13.70 -5.21
C ALA G 1034 -31.19 14.93 -6.05
N ALA G 1035 -30.18 15.33 -6.83
CA ALA G 1035 -30.32 16.51 -7.66
C ALA G 1035 -31.39 16.32 -8.73
N GLU G 1036 -31.47 15.15 -9.34
CA GLU G 1036 -32.50 14.95 -10.36
C GLU G 1036 -33.87 14.82 -9.73
N ILE G 1037 -33.93 14.26 -8.51
CA ILE G 1037 -35.20 14.19 -7.79
C ILE G 1037 -35.64 15.57 -7.41
N ARG G 1038 -34.71 16.43 -7.01
CA ARG G 1038 -35.02 17.80 -6.68
C ARG G 1038 -35.57 18.50 -7.90
N ALA G 1039 -34.98 18.27 -9.06
CA ALA G 1039 -35.46 18.88 -10.28
C ALA G 1039 -36.88 18.41 -10.58
N SER G 1040 -37.14 17.13 -10.36
CA SER G 1040 -38.48 16.59 -10.56
C SER G 1040 -39.46 17.20 -9.58
N ALA G 1041 -39.04 17.35 -8.32
CA ALA G 1041 -39.89 17.94 -7.31
C ALA G 1041 -40.20 19.38 -7.67
N ASN G 1042 -39.22 20.09 -8.23
CA ASN G 1042 -39.44 21.48 -8.62
C ASN G 1042 -40.46 21.55 -9.74
N LEU G 1043 -40.38 20.61 -10.67
CA LEU G 1043 -41.35 20.55 -11.74
C LEU G 1043 -42.73 20.21 -11.22
N ALA G 1044 -42.79 19.27 -10.30
CA ALA G 1044 -44.06 18.87 -9.73
C ALA G 1044 -44.70 20.04 -8.99
N ALA G 1045 -43.89 20.80 -8.28
CA ALA G 1045 -44.39 21.95 -7.55
C ALA G 1045 -44.90 23.00 -8.52
N THR G 1046 -44.19 23.16 -9.64
CA THR G 1046 -44.59 24.11 -10.66
C THR G 1046 -45.92 23.72 -11.27
N LYS G 1047 -46.08 22.45 -11.58
CA LYS G 1047 -47.33 21.96 -12.15
C LYS G 1047 -48.47 22.16 -11.17
N MET G 1048 -48.20 21.92 -9.91
CA MET G 1048 -49.25 22.11 -8.91
C MET G 1048 -49.72 23.55 -8.96
N SER G 1049 -48.78 24.47 -8.90
CA SER G 1049 -49.13 25.87 -8.83
C SER G 1049 -49.83 26.37 -10.08
N GLU G 1050 -49.36 25.94 -11.24
CA GLU G 1050 -49.91 26.47 -12.48
C GLU G 1050 -51.11 25.74 -13.07
N CYS G 1051 -51.25 24.43 -12.85
CA CYS G 1051 -52.28 23.61 -13.45
C CYS G 1051 -53.39 23.21 -12.47
N VAL G 1052 -53.08 23.21 -11.17
CA VAL G 1052 -54.11 22.84 -10.18
C VAL G 1052 -54.73 24.12 -9.66
N LEU G 1053 -53.89 25.11 -9.40
CA LEU G 1053 -54.34 26.39 -8.85
C LEU G 1053 -54.54 27.42 -9.96
N GLY G 1054 -54.79 26.96 -11.18
CA GLY G 1054 -55.03 27.83 -12.32
C GLY G 1054 -54.93 27.12 -13.65
N GLN G 1055 -55.00 27.87 -14.74
CA GLN G 1055 -54.83 27.34 -16.09
C GLN G 1055 -53.51 27.81 -16.63
N SER G 1056 -52.60 26.88 -16.89
CA SER G 1056 -51.26 27.26 -17.28
C SER G 1056 -51.19 27.92 -18.64
N LYS G 1057 -52.07 27.51 -19.54
CA LYS G 1057 -52.08 28.02 -20.92
C LYS G 1057 -50.76 27.75 -21.64
N ARG G 1058 -50.00 26.80 -21.14
CA ARG G 1058 -48.74 26.39 -21.75
C ARG G 1058 -48.98 25.10 -22.50
N VAL G 1059 -48.60 25.08 -23.76
CA VAL G 1059 -48.88 23.93 -24.58
C VAL G 1059 -48.14 22.69 -24.13
N ASP G 1060 -48.89 21.61 -23.98
CA ASP G 1060 -48.42 20.30 -23.57
C ASP G 1060 -47.70 20.31 -22.24
N PHE G 1061 -47.88 21.37 -21.46
CA PHE G 1061 -47.33 21.41 -20.12
C PHE G 1061 -48.05 20.44 -19.19
N CYS G 1062 -49.39 20.40 -19.28
CA CYS G 1062 -50.27 19.58 -18.46
C CYS G 1062 -51.28 18.82 -19.32
N GLY G 1063 -50.76 17.86 -20.08
CA GLY G 1063 -51.58 17.03 -20.93
C GLY G 1063 -51.68 17.60 -22.33
N LYS G 1064 -52.01 16.73 -23.28
CA LYS G 1064 -52.19 17.16 -24.65
C LYS G 1064 -53.57 17.78 -24.78
N GLY G 1065 -53.67 18.86 -25.53
CA GLY G 1065 -54.97 19.51 -25.70
C GLY G 1065 -55.01 20.83 -24.96
N TYR G 1066 -56.19 21.42 -24.88
CA TYR G 1066 -56.31 22.71 -24.23
C TYR G 1066 -56.64 22.50 -22.76
N HIS G 1067 -55.77 22.95 -21.88
CA HIS G 1067 -55.93 22.67 -20.46
C HIS G 1067 -57.15 23.32 -19.87
N LEU G 1068 -57.98 22.53 -19.19
CA LEU G 1068 -59.12 23.08 -18.47
C LEU G 1068 -58.84 23.10 -16.99
N MET G 1069 -58.40 21.98 -16.44
CA MET G 1069 -58.16 21.86 -15.00
C MET G 1069 -57.37 20.61 -14.69
N SER G 1070 -56.93 20.49 -13.45
CA SER G 1070 -56.29 19.25 -13.04
C SER G 1070 -56.49 18.98 -11.58
N PHE G 1071 -56.29 17.73 -11.21
CA PHE G 1071 -56.44 17.30 -9.84
C PHE G 1071 -55.22 16.51 -9.41
N PRO G 1072 -54.58 16.85 -8.29
CA PRO G 1072 -53.47 16.14 -7.72
C PRO G 1072 -53.99 14.88 -7.04
N GLN G 1073 -53.14 13.87 -6.97
CA GLN G 1073 -53.40 12.66 -6.21
C GLN G 1073 -52.15 12.27 -5.44
N SER G 1074 -52.34 11.79 -4.22
CA SER G 1074 -51.23 11.30 -3.41
C SER G 1074 -50.67 10.02 -4.01
N ALA G 1075 -49.37 9.85 -3.93
CA ALA G 1075 -48.73 8.64 -4.41
C ALA G 1075 -47.49 8.39 -3.57
N PRO G 1076 -47.05 7.14 -3.43
CA PRO G 1076 -45.88 6.81 -2.67
C PRO G 1076 -44.66 7.45 -3.28
N HIS G 1077 -43.97 8.25 -2.50
CA HIS G 1077 -42.77 8.97 -2.90
C HIS G 1077 -42.96 9.89 -4.09
N GLY G 1078 -44.18 10.34 -4.33
CA GLY G 1078 -44.40 11.23 -5.47
C GLY G 1078 -45.82 11.72 -5.60
N VAL G 1079 -46.10 12.37 -6.71
CA VAL G 1079 -47.40 12.95 -6.95
C VAL G 1079 -47.92 12.54 -8.32
N VAL G 1080 -49.20 12.30 -8.40
CA VAL G 1080 -49.83 11.99 -9.66
C VAL G 1080 -50.85 13.04 -10.01
N PHE G 1081 -50.75 13.56 -11.22
CA PHE G 1081 -51.69 14.57 -11.65
C PHE G 1081 -52.65 14.02 -12.66
N LEU G 1082 -53.91 14.38 -12.51
CA LEU G 1082 -54.92 14.04 -13.48
C LEU G 1082 -55.26 15.29 -14.26
N HIS G 1083 -54.81 15.36 -15.50
CA HIS G 1083 -54.98 16.57 -16.28
C HIS G 1083 -56.18 16.45 -17.18
N VAL G 1084 -57.10 17.40 -17.04
CA VAL G 1084 -58.33 17.40 -17.81
C VAL G 1084 -58.20 18.38 -18.95
N THR G 1085 -58.28 17.87 -20.17
CA THR G 1085 -58.08 18.71 -21.33
C THR G 1085 -59.23 18.64 -22.33
N TYR G 1086 -59.39 19.73 -23.05
CA TYR G 1086 -60.36 19.85 -24.12
C TYR G 1086 -59.70 19.52 -25.45
N VAL G 1087 -60.21 18.53 -26.13
CA VAL G 1087 -59.62 18.12 -27.39
C VAL G 1087 -60.67 18.09 -28.50
N PRO G 1088 -60.50 18.86 -29.58
CA PRO G 1088 -61.35 18.88 -30.74
C PRO G 1088 -61.47 17.46 -31.28
N ALA G 1089 -62.66 17.04 -31.68
CA ALA G 1089 -62.86 15.64 -32.08
C ALA G 1089 -63.26 15.46 -33.54
N GLN G 1090 -64.14 16.30 -34.04
CA GLN G 1090 -64.63 16.15 -35.40
C GLN G 1090 -64.55 17.48 -36.09
N GLU G 1091 -64.20 17.48 -37.38
CA GLU G 1091 -64.04 18.73 -38.13
C GLU G 1091 -64.63 18.69 -39.51
N LYS G 1092 -64.95 19.87 -40.03
CA LYS G 1092 -65.41 20.01 -41.40
C LYS G 1092 -64.54 20.99 -42.20
N ASN G 1093 -64.48 20.80 -43.53
CA ASN G 1093 -63.79 21.65 -44.49
C ASN G 1093 -64.65 22.85 -44.87
N PHE G 1094 -64.29 24.05 -44.43
CA PHE G 1094 -65.03 25.28 -44.72
C PHE G 1094 -64.23 26.17 -45.64
N THR G 1095 -64.90 26.94 -46.46
CA THR G 1095 -64.21 27.90 -47.29
C THR G 1095 -64.01 29.14 -46.44
N THR G 1096 -62.86 29.77 -46.55
CA THR G 1096 -62.60 30.94 -45.71
C THR G 1096 -62.11 32.15 -46.46
N ALA G 1097 -61.97 33.24 -45.71
CA ALA G 1097 -61.48 34.50 -46.24
C ALA G 1097 -60.97 35.34 -45.07
N PRO G 1098 -59.94 36.16 -45.27
CA PRO G 1098 -59.40 37.09 -44.29
C PRO G 1098 -60.31 38.25 -44.00
N ALA G 1099 -61.20 38.57 -44.93
CA ALA G 1099 -62.07 39.72 -44.73
C ALA G 1099 -63.26 39.67 -45.65
N ILE G 1100 -64.26 40.43 -45.29
CA ILE G 1100 -65.44 40.64 -46.12
C ILE G 1100 -65.46 42.06 -46.68
N CYS G 1101 -65.68 42.18 -47.99
CA CYS G 1101 -65.80 43.46 -48.67
C CYS G 1101 -67.27 43.85 -48.72
N HIS G 1102 -67.57 45.02 -48.17
CA HIS G 1102 -68.95 45.48 -48.12
C HIS G 1102 -69.11 46.69 -49.03
N ASP G 1103 -69.27 47.88 -48.47
CA ASP G 1103 -69.41 49.06 -49.29
C ASP G 1103 -68.03 49.65 -49.60
N GLY G 1104 -67.18 48.81 -50.20
CA GLY G 1104 -65.81 49.16 -50.54
C GLY G 1104 -64.87 49.07 -49.34
N LYS G 1105 -65.46 48.75 -48.19
CA LYS G 1105 -64.75 48.66 -46.93
C LYS G 1105 -64.42 47.23 -46.56
N ALA G 1106 -63.33 47.05 -45.82
CA ALA G 1106 -62.93 45.71 -45.41
C ALA G 1106 -63.31 45.42 -43.97
N HIS G 1107 -64.12 44.38 -43.80
CA HIS G 1107 -64.62 43.95 -42.51
C HIS G 1107 -63.86 42.73 -42.00
N PHE G 1108 -63.33 42.83 -40.79
CA PHE G 1108 -62.57 41.76 -40.16
C PHE G 1108 -63.32 41.33 -38.91
N PRO G 1109 -63.27 40.07 -38.49
CA PRO G 1109 -63.97 39.59 -37.33
C PRO G 1109 -63.30 40.15 -36.09
N ARG G 1110 -64.08 40.48 -35.07
CA ARG G 1110 -63.45 40.93 -33.83
C ARG G 1110 -62.79 39.78 -33.10
N GLU G 1111 -63.44 38.63 -33.11
CA GLU G 1111 -62.91 37.45 -32.45
C GLU G 1111 -63.53 36.22 -33.10
N GLY G 1112 -62.99 35.83 -34.24
CA GLY G 1112 -63.56 34.74 -35.00
C GLY G 1112 -62.93 34.63 -36.37
N VAL G 1113 -63.48 33.74 -37.18
CA VAL G 1113 -63.00 33.52 -38.52
C VAL G 1113 -64.17 33.44 -39.50
N PHE G 1114 -64.00 34.03 -40.68
CA PHE G 1114 -65.07 33.93 -41.65
C PHE G 1114 -65.06 32.56 -42.31
N VAL G 1115 -66.23 32.00 -42.45
CA VAL G 1115 -66.39 30.70 -43.06
C VAL G 1115 -67.49 30.69 -44.09
N SER G 1116 -67.46 29.74 -44.99
CA SER G 1116 -68.56 29.55 -45.92
C SER G 1116 -68.85 28.08 -46.11
N ASN G 1117 -70.15 27.76 -46.14
CA ASN G 1117 -70.64 26.39 -46.33
C ASN G 1117 -70.93 26.09 -47.82
N GLY G 1118 -70.53 27.01 -48.72
CA GLY G 1118 -70.70 26.90 -50.17
C GLY G 1118 -71.76 27.84 -50.70
N THR G 1119 -72.68 28.31 -49.85
CA THR G 1119 -73.68 29.26 -50.32
C THR G 1119 -73.75 30.53 -49.47
N HIS G 1120 -73.42 30.42 -48.19
CA HIS G 1120 -73.51 31.58 -47.32
C HIS G 1120 -72.29 31.76 -46.43
N TRP G 1121 -71.92 33.02 -46.22
CA TRP G 1121 -70.82 33.38 -45.34
C TRP G 1121 -71.30 33.64 -43.92
N PHE G 1122 -70.57 33.09 -42.97
CA PHE G 1122 -70.84 33.23 -41.55
C PHE G 1122 -69.56 33.56 -40.82
N VAL G 1123 -69.66 34.08 -39.62
CA VAL G 1123 -68.48 34.27 -38.82
C VAL G 1123 -68.58 33.41 -37.58
N THR G 1124 -67.54 32.66 -37.27
CA THR G 1124 -67.63 31.79 -36.11
C THR G 1124 -66.39 31.83 -35.25
N GLN G 1125 -66.45 31.19 -34.10
CA GLN G 1125 -65.32 31.13 -33.20
C GLN G 1125 -64.33 30.09 -33.69
N ARG G 1126 -63.07 30.26 -33.34
CA ARG G 1126 -62.02 29.41 -33.84
C ARG G 1126 -62.02 27.94 -33.37
N ASN G 1127 -62.33 27.68 -32.11
CA ASN G 1127 -62.18 26.32 -31.58
C ASN G 1127 -63.46 25.48 -31.49
N PHE G 1128 -64.55 25.96 -32.04
CA PHE G 1128 -65.80 25.18 -32.03
C PHE G 1128 -66.83 25.82 -32.96
N TYR G 1129 -67.15 25.13 -34.04
CA TYR G 1129 -68.01 25.67 -35.06
C TYR G 1129 -69.39 25.99 -34.55
N GLU G 1130 -69.75 27.25 -34.69
CA GLU G 1130 -71.03 27.75 -34.26
C GLU G 1130 -71.31 29.06 -35.01
N PRO G 1131 -71.77 28.99 -36.25
CA PRO G 1131 -71.81 30.06 -37.22
C PRO G 1131 -72.78 31.15 -36.85
N GLN G 1132 -72.34 32.39 -36.99
CA GLN G 1132 -73.18 33.54 -36.71
C GLN G 1132 -73.38 34.34 -37.97
N ILE G 1133 -74.45 35.12 -38.01
CA ILE G 1133 -74.65 36.03 -39.12
C ILE G 1133 -73.59 37.11 -39.04
N ILE G 1134 -73.00 37.46 -40.18
CA ILE G 1134 -71.99 38.49 -40.18
C ILE G 1134 -72.67 39.83 -40.08
N THR G 1135 -72.35 40.55 -39.01
CA THR G 1135 -72.98 41.84 -38.74
C THR G 1135 -71.93 42.85 -38.32
N THR G 1136 -72.36 44.09 -38.19
CA THR G 1136 -71.49 45.16 -37.74
C THR G 1136 -71.10 45.00 -36.27
N ASP G 1137 -71.80 44.13 -35.55
CA ASP G 1137 -71.50 43.88 -34.16
C ASP G 1137 -70.55 42.69 -34.00
N ASN G 1138 -70.21 42.05 -35.11
CA ASN G 1138 -69.29 40.92 -35.09
C ASN G 1138 -67.96 41.28 -35.72
N THR G 1139 -67.99 42.26 -36.63
CA THR G 1139 -66.80 42.66 -37.36
C THR G 1139 -66.46 44.12 -37.16
N PHE G 1140 -65.23 44.48 -37.48
CA PHE G 1140 -64.77 45.86 -37.42
C PHE G 1140 -64.20 46.27 -38.76
N VAL G 1141 -64.17 47.55 -39.03
CA VAL G 1141 -63.71 48.02 -40.33
C VAL G 1141 -62.38 48.72 -40.31
N SER G 1142 -61.52 48.34 -41.24
CA SER G 1142 -60.24 49.00 -41.41
C SER G 1142 -59.70 48.81 -42.82
N GLY G 1143 -59.10 49.86 -43.37
CA GLY G 1143 -58.52 49.75 -44.70
C GLY G 1143 -59.62 49.62 -45.73
N ASN G 1144 -59.32 48.98 -46.85
CA ASN G 1144 -60.31 48.84 -47.91
C ASN G 1144 -60.05 47.58 -48.75
N CYS G 1145 -60.98 47.32 -49.68
CA CYS G 1145 -61.01 46.12 -50.52
C CYS G 1145 -59.88 46.05 -51.55
N ASP G 1146 -59.17 47.14 -51.75
CA ASP G 1146 -58.07 47.14 -52.71
C ASP G 1146 -56.76 46.80 -52.04
N VAL G 1147 -56.79 46.62 -50.73
CA VAL G 1147 -55.58 46.35 -49.97
C VAL G 1147 -55.51 44.92 -49.50
N VAL G 1148 -56.60 44.40 -48.95
CA VAL G 1148 -56.59 43.05 -48.38
C VAL G 1148 -56.53 41.99 -49.47
N ILE G 1149 -55.59 41.06 -49.32
CA ILE G 1149 -55.42 39.98 -50.27
C ILE G 1149 -56.38 38.84 -49.97
N GLY G 1150 -57.17 38.44 -50.97
CA GLY G 1150 -58.10 37.33 -50.78
C GLY G 1150 -59.43 37.75 -50.16
N ILE G 1151 -59.75 39.02 -50.20
CA ILE G 1151 -61.00 39.53 -49.67
C ILE G 1151 -62.17 39.11 -50.55
N VAL G 1152 -63.29 38.75 -49.95
CA VAL G 1152 -64.43 38.32 -50.74
C VAL G 1152 -65.63 39.24 -50.54
N ASN G 1153 -66.54 39.26 -51.52
CA ASN G 1153 -67.74 40.10 -51.52
C ASN G 1153 -68.91 39.42 -50.81
N ASN G 1154 -69.51 40.14 -49.85
CA ASN G 1154 -70.68 39.66 -49.09
C ASN G 1154 -71.50 40.84 -48.63
N THR G 1155 -72.59 40.55 -47.93
CA THR G 1155 -73.41 41.59 -47.36
C THR G 1155 -73.33 41.54 -45.85
N VAL G 1156 -72.89 42.63 -45.26
CA VAL G 1156 -72.80 42.70 -43.81
C VAL G 1156 -74.06 43.34 -43.26
N TYR G 1157 -74.68 42.66 -42.32
CA TYR G 1157 -75.94 43.10 -41.76
C TYR G 1157 -75.79 44.15 -40.66
N ASP G 1158 -76.64 45.16 -40.72
CA ASP G 1158 -76.68 46.21 -39.70
C ASP G 1158 -77.98 46.12 -38.89
N PRO G 1159 -77.94 45.61 -37.65
CA PRO G 1159 -79.06 45.41 -36.74
C PRO G 1159 -79.83 46.69 -36.43
N LEU G 1160 -79.23 47.85 -36.68
CA LEU G 1160 -79.90 49.11 -36.42
C LEU G 1160 -80.91 49.50 -37.48
N GLN G 1161 -80.66 49.16 -38.74
CA GLN G 1161 -81.51 49.71 -39.78
C GLN G 1161 -82.98 49.29 -39.65
N PRO G 1162 -83.32 48.03 -39.30
CA PRO G 1162 -84.67 47.55 -39.08
C PRO G 1162 -85.36 48.22 -37.89
N GLU G 1163 -84.58 48.83 -36.99
CA GLU G 1163 -85.14 49.48 -35.82
C GLU G 1163 -85.55 50.94 -36.07
N LEU G 1164 -84.80 51.63 -36.96
CA LEU G 1164 -85.01 53.03 -37.32
C LEU G 1164 -86.35 53.20 -38.04
N GLU H 1 5.25 -30.61 -24.58
CA GLU H 1 5.17 -32.06 -24.39
C GLU H 1 5.71 -32.78 -25.64
N VAL H 2 6.90 -33.38 -25.51
CA VAL H 2 7.58 -34.13 -26.58
C VAL H 2 7.53 -35.62 -26.33
N GLN H 3 7.09 -36.36 -27.34
CA GLN H 3 6.99 -37.80 -27.23
C GLN H 3 7.55 -38.52 -28.44
N LEU H 4 8.15 -39.68 -28.18
CA LEU H 4 8.69 -40.56 -29.21
C LEU H 4 7.96 -41.91 -29.18
N VAL H 5 7.49 -42.38 -30.33
CA VAL H 5 6.78 -43.65 -30.43
C VAL H 5 7.43 -44.59 -31.45
N GLU H 6 7.84 -45.77 -31.00
CA GLU H 6 8.55 -46.67 -31.91
C GLU H 6 7.77 -47.93 -32.27
N SER H 7 8.10 -48.47 -33.44
CA SER H 7 7.53 -49.71 -33.93
C SER H 7 8.44 -50.35 -34.99
N GLY H 8 8.09 -51.58 -35.41
CA GLY H 8 8.83 -52.26 -36.47
C GLY H 8 9.75 -53.38 -35.97
N GLY H 9 9.63 -53.76 -34.70
CA GLY H 9 10.46 -54.82 -34.16
C GLY H 9 9.88 -56.19 -34.47
N GLY H 10 10.47 -57.23 -33.90
CA GLY H 10 10.01 -58.59 -34.16
C GLY H 10 11.16 -59.53 -34.49
N LEU H 11 10.82 -60.70 -35.04
CA LEU H 11 11.78 -61.74 -35.39
C LEU H 11 12.08 -61.75 -36.88
N VAL H 12 13.37 -61.68 -37.21
CA VAL H 12 13.85 -61.70 -38.59
C VAL H 12 14.94 -62.76 -38.73
N GLN H 13 15.04 -63.36 -39.90
CA GLN H 13 16.08 -64.35 -40.16
C GLN H 13 17.41 -63.63 -40.44
N PRO H 14 18.56 -64.26 -40.19
CA PRO H 14 19.87 -63.78 -40.55
C PRO H 14 19.92 -63.52 -42.04
N GLY H 15 20.46 -62.36 -42.40
CA GLY H 15 20.56 -61.95 -43.79
C GLY H 15 19.32 -61.20 -44.24
N GLY H 16 18.31 -61.15 -43.37
CA GLY H 16 17.05 -60.49 -43.68
C GLY H 16 17.13 -59.00 -43.41
N SER H 17 15.99 -58.33 -43.53
CA SER H 17 15.97 -56.89 -43.33
C SER H 17 14.65 -56.41 -42.79
N LEU H 18 14.66 -55.23 -42.19
CA LEU H 18 13.45 -54.60 -41.70
C LEU H 18 13.65 -53.11 -41.51
N ARG H 19 12.55 -52.37 -41.39
CA ARG H 19 12.65 -50.95 -41.15
C ARG H 19 12.03 -50.57 -39.82
N LEU H 20 12.80 -49.89 -38.99
CA LEU H 20 12.30 -49.40 -37.72
C LEU H 20 11.84 -47.97 -37.92
N SER H 21 10.84 -47.56 -37.15
CA SER H 21 10.42 -46.18 -37.22
C SER H 21 10.16 -45.61 -35.84
N CYS H 22 10.34 -44.28 -35.71
CA CYS H 22 10.09 -43.52 -34.50
C CYS H 22 9.32 -42.24 -34.84
N ALA H 23 8.01 -42.31 -34.59
CA ALA H 23 7.11 -41.20 -34.86
C ALA H 23 7.22 -40.24 -33.71
N ALA H 24 7.08 -38.95 -33.97
CA ALA H 24 7.18 -38.06 -32.82
C ALA H 24 6.44 -36.76 -33.00
N SER H 25 6.17 -36.11 -31.89
CA SER H 25 5.51 -34.82 -31.90
C SER H 25 5.94 -33.96 -30.72
N GLY H 26 5.55 -32.68 -30.76
CA GLY H 26 5.88 -31.71 -29.71
C GLY H 26 7.04 -30.82 -30.11
N PHE H 27 7.58 -31.05 -31.28
CA PHE H 27 8.71 -30.28 -31.80
C PHE H 27 8.73 -30.33 -33.31
N THR H 28 9.50 -29.43 -33.92
CA THR H 28 9.70 -29.47 -35.35
C THR H 28 10.92 -30.31 -35.65
N PHE H 29 10.76 -31.33 -36.49
CA PHE H 29 11.86 -32.24 -36.77
C PHE H 29 13.05 -31.55 -37.42
N SER H 30 12.78 -30.61 -38.30
CA SER H 30 13.83 -29.93 -39.05
C SER H 30 14.75 -29.09 -38.16
N SER H 31 14.38 -28.92 -36.88
CA SER H 31 15.19 -28.15 -35.96
C SER H 31 16.11 -29.01 -35.09
N TYR H 32 15.97 -30.34 -35.17
CA TYR H 32 16.73 -31.24 -34.29
C TYR H 32 17.45 -32.40 -34.99
N TRP H 33 18.52 -32.86 -34.33
CA TRP H 33 19.29 -34.01 -34.77
C TRP H 33 18.59 -35.27 -34.33
N MET H 34 18.57 -36.29 -35.17
CA MET H 34 17.92 -37.53 -34.80
C MET H 34 18.92 -38.68 -34.79
N ASN H 35 18.79 -39.55 -33.78
CA ASN H 35 19.74 -40.65 -33.63
C ASN H 35 19.10 -41.99 -33.27
N TRP H 36 19.82 -43.05 -33.61
CA TRP H 36 19.50 -44.39 -33.11
C TRP H 36 20.63 -44.88 -32.22
N VAL H 37 20.24 -45.42 -31.06
CA VAL H 37 21.14 -45.98 -30.06
C VAL H 37 20.72 -47.42 -29.78
N ARG H 38 21.68 -48.34 -29.77
CA ARG H 38 21.38 -49.74 -29.59
C ARG H 38 21.82 -50.29 -28.24
N GLN H 39 21.03 -51.23 -27.70
CA GLN H 39 21.41 -51.91 -26.47
C GLN H 39 21.04 -53.38 -26.47
N ALA H 40 22.03 -54.25 -26.63
CA ALA H 40 21.77 -55.68 -26.61
C ALA H 40 21.44 -56.06 -25.17
N PRO H 41 20.63 -57.09 -24.91
CA PRO H 41 20.33 -57.58 -23.58
C PRO H 41 21.62 -57.88 -22.82
N GLY H 42 21.72 -57.34 -21.62
CA GLY H 42 22.87 -57.55 -20.75
C GLY H 42 24.06 -56.66 -21.10
N LYS H 43 23.91 -55.79 -22.10
CA LYS H 43 24.98 -54.92 -22.57
C LYS H 43 24.68 -53.45 -22.29
N GLY H 44 25.71 -52.63 -22.44
CA GLY H 44 25.55 -51.20 -22.24
C GLY H 44 25.06 -50.56 -23.54
N LEU H 45 25.12 -49.24 -23.60
CA LEU H 45 24.61 -48.52 -24.75
C LEU H 45 25.70 -48.35 -25.80
N GLU H 46 25.31 -48.34 -27.06
CA GLU H 46 26.22 -47.97 -28.13
C GLU H 46 25.46 -47.19 -29.20
N TRP H 47 26.14 -46.29 -29.87
CA TRP H 47 25.52 -45.51 -30.92
C TRP H 47 25.52 -46.23 -32.26
N VAL H 48 24.44 -46.10 -33.02
CA VAL H 48 24.34 -46.72 -34.33
C VAL H 48 24.43 -45.72 -35.47
N ALA H 49 23.58 -44.70 -35.45
CA ALA H 49 23.56 -43.76 -36.57
C ALA H 49 23.00 -42.40 -36.17
N ASN H 50 23.42 -41.39 -36.93
CA ASN H 50 23.04 -39.98 -36.75
C ASN H 50 22.68 -39.30 -38.06
N ILE H 51 21.54 -38.62 -38.08
CA ILE H 51 21.16 -37.89 -39.26
C ILE H 51 20.93 -36.41 -38.97
N LYS H 52 21.44 -35.57 -39.86
CA LYS H 52 21.37 -34.13 -39.70
C LYS H 52 19.96 -33.59 -39.85
N GLN H 53 19.73 -32.42 -39.24
CA GLN H 53 18.44 -31.76 -39.13
C GLN H 53 17.63 -31.73 -40.43
N ASP H 54 18.27 -31.39 -41.54
CA ASP H 54 17.60 -31.31 -42.82
C ASP H 54 17.81 -32.54 -43.70
N GLY H 55 18.45 -33.55 -43.14
CA GLY H 55 18.73 -34.80 -43.85
C GLY H 55 19.89 -34.66 -44.85
N SER H 56 20.60 -33.54 -44.80
CA SER H 56 21.68 -33.26 -45.77
C SER H 56 22.93 -34.11 -45.58
N GLU H 57 23.10 -34.73 -44.42
CA GLU H 57 24.28 -35.54 -44.13
C GLU H 57 23.95 -36.66 -43.13
N LYS H 58 24.70 -37.77 -43.22
CA LYS H 58 24.49 -38.93 -42.34
C LYS H 58 25.80 -39.49 -41.79
N TYR H 59 25.76 -40.02 -40.57
CA TYR H 59 26.93 -40.62 -39.94
C TYR H 59 26.59 -42.00 -39.38
N TYR H 60 27.54 -42.93 -39.44
CA TYR H 60 27.32 -44.28 -38.93
C TYR H 60 28.49 -44.80 -38.11
N VAL H 61 28.19 -45.70 -37.18
CA VAL H 61 29.23 -46.44 -36.48
C VAL H 61 29.78 -47.49 -37.43
N ASP H 62 31.08 -47.74 -37.39
CA ASP H 62 31.68 -48.70 -38.31
C ASP H 62 31.00 -50.07 -38.33
N SER H 63 30.51 -50.53 -37.19
CA SER H 63 29.93 -51.87 -37.11
C SER H 63 28.67 -52.08 -37.97
N VAL H 64 28.02 -51.00 -38.40
CA VAL H 64 26.81 -51.15 -39.22
C VAL H 64 27.01 -50.50 -40.59
N LYS H 65 28.23 -50.06 -40.85
CA LYS H 65 28.49 -49.32 -42.07
C LYS H 65 28.28 -50.21 -43.28
N GLY H 66 27.53 -49.71 -44.25
CA GLY H 66 27.24 -50.44 -45.47
C GLY H 66 26.02 -51.35 -45.32
N ARG H 67 25.48 -51.45 -44.10
CA ARG H 67 24.34 -52.32 -43.86
C ARG H 67 23.12 -51.52 -43.45
N PHE H 68 23.31 -50.56 -42.54
CA PHE H 68 22.18 -49.79 -42.05
C PHE H 68 22.13 -48.42 -42.69
N THR H 69 20.93 -47.97 -43.01
CA THR H 69 20.73 -46.61 -43.51
C THR H 69 19.78 -45.82 -42.62
N ILE H 70 20.22 -44.64 -42.20
CA ILE H 70 19.40 -43.79 -41.37
C ILE H 70 18.75 -42.75 -42.28
N SER H 71 17.46 -42.56 -42.12
CA SER H 71 16.76 -41.60 -42.95
C SER H 71 15.64 -40.94 -42.16
N ARG H 72 15.17 -39.81 -42.64
CA ARG H 72 14.12 -39.09 -41.94
C ARG H 72 13.17 -38.42 -42.88
N ASP H 73 11.97 -38.18 -42.42
CA ASP H 73 11.00 -37.42 -43.16
C ASP H 73 10.40 -36.37 -42.25
N ASN H 74 10.77 -35.11 -42.49
CA ASN H 74 10.38 -34.01 -41.60
C ASN H 74 8.94 -33.58 -41.82
N ALA H 75 8.31 -34.09 -42.88
CA ALA H 75 6.92 -33.76 -43.18
C ALA H 75 6.01 -34.77 -42.50
N LYS H 76 6.49 -36.00 -42.40
CA LYS H 76 5.75 -37.10 -41.78
C LYS H 76 6.03 -37.17 -40.29
N ASN H 77 6.92 -36.31 -39.82
CA ASN H 77 7.32 -36.27 -38.43
C ASN H 77 7.80 -37.62 -37.92
N SER H 78 8.68 -38.27 -38.68
CA SER H 78 9.19 -39.56 -38.22
C SER H 78 10.62 -39.89 -38.68
N LEU H 79 11.34 -40.56 -37.80
CA LEU H 79 12.70 -41.06 -38.02
C LEU H 79 12.68 -42.55 -38.42
N PHE H 80 13.51 -42.93 -39.39
CA PHE H 80 13.54 -44.32 -39.81
C PHE H 80 14.94 -44.94 -39.80
N LEU H 81 15.01 -46.25 -39.58
CA LEU H 81 16.28 -46.97 -39.75
C LEU H 81 16.06 -48.23 -40.58
N GLN H 82 16.71 -48.29 -41.73
CA GLN H 82 16.60 -49.45 -42.60
C GLN H 82 17.78 -50.37 -42.36
N MET H 83 17.52 -51.54 -41.81
CA MET H 83 18.62 -52.43 -41.47
C MET H 83 18.68 -53.63 -42.39
N ASN H 84 19.72 -53.70 -43.21
CA ASN H 84 19.87 -54.77 -44.17
C ASN H 84 20.91 -55.78 -43.70
N SER H 85 20.83 -57.01 -44.21
CA SER H 85 21.80 -58.06 -43.90
C SER H 85 22.01 -58.21 -42.40
N LEU H 86 20.91 -58.25 -41.65
CA LEU H 86 21.00 -58.36 -40.20
C LEU H 86 21.68 -59.63 -39.75
N ARG H 87 22.58 -59.48 -38.77
CA ARG H 87 23.38 -60.58 -38.24
C ARG H 87 22.91 -60.98 -36.85
N ALA H 88 23.32 -62.16 -36.39
CA ALA H 88 22.94 -62.60 -35.05
C ALA H 88 23.41 -61.60 -33.99
N GLU H 89 24.56 -60.98 -34.25
CA GLU H 89 25.16 -60.00 -33.37
C GLU H 89 24.36 -58.71 -33.25
N ASP H 90 23.39 -58.52 -34.15
CA ASP H 90 22.58 -57.31 -34.18
C ASP H 90 21.32 -57.46 -33.32
N THR H 91 21.17 -58.59 -32.62
CA THR H 91 20.01 -58.71 -31.74
C THR H 91 20.15 -57.68 -30.62
N ALA H 92 19.17 -56.80 -30.52
CA ALA H 92 19.24 -55.72 -29.55
C ALA H 92 17.96 -54.92 -29.47
N VAL H 93 17.86 -54.09 -28.45
CA VAL H 93 16.80 -53.11 -28.36
C VAL H 93 17.25 -51.80 -28.99
N TYR H 94 16.49 -51.31 -29.94
CA TYR H 94 16.82 -50.08 -30.64
C TYR H 94 16.01 -48.90 -30.15
N TYR H 95 16.70 -47.89 -29.65
CA TYR H 95 16.09 -46.70 -29.13
C TYR H 95 16.27 -45.55 -30.12
N CYS H 96 15.27 -44.68 -30.22
CA CYS H 96 15.39 -43.43 -30.97
C CYS H 96 15.58 -42.31 -29.96
N ALA H 97 16.28 -41.27 -30.36
CA ALA H 97 16.46 -40.16 -29.45
C ALA H 97 16.65 -38.82 -30.16
N ARG H 98 16.25 -37.77 -29.46
CA ARG H 98 16.39 -36.38 -29.92
C ARG H 98 17.61 -35.71 -29.33
N VAL H 99 18.39 -35.08 -30.19
CA VAL H 99 19.58 -34.35 -29.81
C VAL H 99 19.53 -32.87 -30.22
N TRP H 100 19.73 -31.98 -29.24
CA TRP H 100 19.69 -30.54 -29.50
C TRP H 100 20.77 -30.12 -30.50
N TRP H 101 22.00 -30.53 -30.24
CA TRP H 101 23.11 -30.20 -31.13
C TRP H 101 24.07 -31.38 -31.20
N LEU H 102 24.90 -31.42 -32.23
CA LEU H 102 25.70 -32.62 -32.51
C LEU H 102 26.50 -33.17 -31.33
N ARG H 103 27.12 -32.30 -30.55
CA ARG H 103 27.97 -32.78 -29.46
C ARG H 103 27.31 -32.58 -28.10
N GLY H 104 26.00 -32.37 -28.12
CA GLY H 104 25.25 -32.17 -26.90
C GLY H 104 24.65 -33.49 -26.43
N SER H 105 23.63 -33.38 -25.59
CA SER H 105 23.00 -34.55 -24.99
C SER H 105 21.83 -35.09 -25.79
N PHE H 106 21.42 -36.30 -25.42
CA PHE H 106 20.23 -36.92 -25.94
C PHE H 106 19.11 -36.58 -24.99
N ASP H 107 18.26 -35.63 -25.38
CA ASP H 107 17.29 -35.04 -24.47
C ASP H 107 16.06 -35.91 -24.30
N TYR H 108 15.66 -36.57 -25.37
CA TYR H 108 14.48 -37.43 -25.31
C TYR H 108 14.77 -38.80 -25.86
N TRP H 109 14.24 -39.81 -25.19
CA TRP H 109 14.43 -41.20 -25.59
C TRP H 109 13.11 -41.92 -25.75
N GLY H 110 13.07 -42.86 -26.68
CA GLY H 110 11.92 -43.71 -26.87
C GLY H 110 11.95 -44.83 -25.86
N GLN H 111 11.10 -45.85 -26.01
CA GLN H 111 11.06 -46.94 -25.05
C GLN H 111 11.91 -48.12 -25.48
N GLY H 112 12.18 -48.21 -26.78
CA GLY H 112 13.04 -49.25 -27.31
C GLY H 112 12.28 -50.37 -28.03
N THR H 113 12.69 -50.64 -29.26
CA THR H 113 12.08 -51.66 -30.08
C THR H 113 13.01 -52.86 -30.22
N LEU H 114 12.53 -54.04 -29.83
CA LEU H 114 13.40 -55.21 -29.85
C LEU H 114 13.40 -55.94 -31.18
N VAL H 115 14.61 -56.11 -31.70
CA VAL H 115 14.84 -56.85 -32.93
C VAL H 115 15.67 -58.09 -32.65
N THR H 116 15.11 -59.25 -32.99
CA THR H 116 15.81 -60.51 -32.76
C THR H 116 16.15 -61.17 -34.07
N VAL H 117 17.41 -61.56 -34.23
CA VAL H 117 17.84 -62.20 -35.45
C VAL H 117 18.12 -63.67 -35.19
N SER H 118 17.34 -64.54 -35.84
CA SER H 118 17.45 -65.98 -35.63
C SER H 118 16.82 -66.82 -36.73
N SER H 119 17.56 -67.85 -37.15
CA SER H 119 17.09 -68.79 -38.17
C SER H 119 16.39 -69.99 -37.54
N ALA H 120 16.40 -70.04 -36.22
CA ALA H 120 15.84 -71.16 -35.48
C ALA H 120 14.33 -71.28 -35.67
N SER H 121 13.88 -72.53 -35.77
CA SER H 121 12.47 -72.86 -35.83
C SER H 121 11.99 -73.12 -34.41
N THR H 122 10.68 -73.23 -34.22
CA THR H 122 10.20 -73.52 -32.88
C THR H 122 10.58 -74.96 -32.50
N LYS H 123 11.20 -75.11 -31.34
CA LYS H 123 11.63 -76.42 -30.85
C LYS H 123 11.50 -76.52 -29.33
N GLY H 124 11.14 -77.71 -28.85
CA GLY H 124 11.09 -77.92 -27.41
C GLY H 124 12.50 -78.16 -26.89
N PRO H 125 12.73 -77.96 -25.59
CA PRO H 125 13.99 -78.15 -24.89
C PRO H 125 14.36 -79.59 -24.66
N SER H 126 15.65 -79.80 -24.51
CA SER H 126 16.20 -81.05 -24.01
C SER H 126 16.69 -80.76 -22.62
N VAL H 127 16.51 -81.69 -21.69
CA VAL H 127 16.93 -81.41 -20.34
C VAL H 127 17.93 -82.41 -19.86
N PHE H 128 19.02 -81.90 -19.30
CA PHE H 128 20.07 -82.73 -18.77
C PHE H 128 20.26 -82.36 -17.30
N PRO H 129 20.39 -83.34 -16.39
CA PRO H 129 20.56 -83.13 -14.98
C PRO H 129 21.93 -82.54 -14.68
N LEU H 130 22.00 -81.68 -13.70
CA LEU H 130 23.26 -81.15 -13.22
C LEU H 130 23.56 -81.67 -11.83
N ALA H 131 24.43 -82.67 -11.75
CA ALA H 131 24.72 -83.33 -10.48
C ALA H 131 25.89 -82.66 -9.77
N PRO H 132 25.82 -82.45 -8.46
CA PRO H 132 26.91 -81.94 -7.64
C PRO H 132 28.01 -82.97 -7.50
N SER H 133 29.25 -82.50 -7.40
CA SER H 133 30.39 -83.38 -7.17
C SER H 133 30.63 -83.55 -5.68
N SER H 134 31.38 -84.59 -5.32
CA SER H 134 31.69 -84.86 -3.92
C SER H 134 32.48 -83.73 -3.27
N LYS H 135 33.25 -83.01 -4.06
CA LYS H 135 34.06 -81.91 -3.55
C LYS H 135 33.20 -80.81 -2.93
N SER H 136 32.02 -80.56 -3.51
CA SER H 136 31.16 -79.51 -2.98
C SER H 136 30.23 -80.09 -1.92
N THR H 137 29.85 -81.35 -2.10
CA THR H 137 28.93 -82.03 -1.20
C THR H 137 29.51 -82.12 0.21
N SER H 138 30.82 -82.36 0.28
CA SER H 138 31.53 -82.53 1.54
C SER H 138 31.51 -81.29 2.42
N GLY H 139 31.11 -80.14 1.88
CA GLY H 139 31.07 -78.90 2.63
C GLY H 139 29.93 -78.86 3.64
N GLY H 140 28.98 -79.80 3.53
CA GLY H 140 27.84 -79.89 4.44
C GLY H 140 26.54 -79.42 3.79
N THR H 141 26.67 -78.62 2.73
CA THR H 141 25.53 -78.13 1.97
C THR H 141 25.75 -78.51 0.52
N ALA H 142 24.71 -78.46 -0.29
CA ALA H 142 24.89 -78.82 -1.68
C ALA H 142 23.84 -78.17 -2.56
N ALA H 143 24.13 -78.12 -3.85
CA ALA H 143 23.15 -77.64 -4.80
C ALA H 143 23.09 -78.58 -5.98
N LEU H 144 21.89 -78.77 -6.51
CA LEU H 144 21.70 -79.60 -7.68
C LEU H 144 20.67 -78.94 -8.58
N GLY H 145 20.78 -79.14 -9.88
CA GLY H 145 19.86 -78.45 -10.78
C GLY H 145 19.70 -79.14 -12.11
N CYS H 146 19.09 -78.45 -13.07
CA CYS H 146 18.82 -78.91 -14.43
C CYS H 146 19.29 -77.90 -15.46
N LEU H 147 19.85 -78.39 -16.56
CA LEU H 147 20.18 -77.58 -17.72
C LEU H 147 19.14 -77.76 -18.80
N VAL H 148 18.56 -76.67 -19.23
CA VAL H 148 17.55 -76.68 -20.27
C VAL H 148 18.17 -76.12 -21.53
N LYS H 149 18.27 -76.94 -22.58
CA LYS H 149 19.04 -76.53 -23.74
C LYS H 149 18.34 -76.74 -25.08
N ASP H 150 18.76 -75.93 -26.05
CA ASP H 150 18.35 -76.00 -27.46
C ASP H 150 16.86 -75.81 -27.72
N TYR H 151 16.24 -74.82 -27.07
CA TYR H 151 14.83 -74.54 -27.31
C TYR H 151 14.63 -73.20 -27.97
N PHE H 152 13.50 -73.03 -28.64
CA PHE H 152 13.19 -71.76 -29.27
C PHE H 152 11.70 -71.62 -29.49
N PRO H 153 11.13 -70.43 -29.26
CA PRO H 153 11.62 -69.21 -28.63
C PRO H 153 11.46 -69.23 -27.12
N GLU H 154 11.80 -68.12 -26.48
CA GLU H 154 11.53 -67.89 -25.07
C GLU H 154 10.02 -67.75 -24.83
N PRO H 155 9.56 -67.86 -23.58
CA PRO H 155 10.19 -68.27 -22.33
C PRO H 155 10.13 -69.76 -22.05
N VAL H 156 10.86 -70.19 -21.03
CA VAL H 156 10.71 -71.50 -20.41
C VAL H 156 10.49 -71.35 -18.90
N THR H 157 9.50 -72.07 -18.38
CA THR H 157 9.21 -72.04 -16.95
C THR H 157 9.69 -73.34 -16.30
N VAL H 158 10.41 -73.22 -15.19
CA VAL H 158 10.91 -74.41 -14.52
C VAL H 158 10.54 -74.40 -13.03
N SER H 159 10.03 -75.52 -12.55
CA SER H 159 9.67 -75.68 -11.14
C SER H 159 10.11 -77.05 -10.64
N TRP H 160 10.17 -77.24 -9.31
CA TRP H 160 10.58 -78.54 -8.80
C TRP H 160 9.45 -79.30 -8.13
N ASN H 161 9.43 -80.61 -8.37
CA ASN H 161 8.45 -81.53 -7.79
C ASN H 161 7.02 -81.04 -8.03
N SER H 162 6.76 -80.59 -9.25
CA SER H 162 5.46 -80.09 -9.70
C SER H 162 4.95 -78.91 -8.89
N GLY H 163 5.86 -78.09 -8.37
CA GLY H 163 5.47 -76.91 -7.62
C GLY H 163 5.48 -77.15 -6.12
N ALA H 164 5.65 -78.42 -5.72
CA ALA H 164 5.70 -78.77 -4.32
C ALA H 164 6.96 -78.20 -3.65
N LEU H 165 8.06 -78.11 -4.40
CA LEU H 165 9.30 -77.64 -3.82
C LEU H 165 9.57 -76.24 -4.32
N THR H 166 9.39 -75.25 -3.44
CA THR H 166 9.58 -73.85 -3.78
C THR H 166 10.69 -73.22 -2.95
N SER H 167 11.06 -73.87 -1.85
CA SER H 167 12.04 -73.32 -0.92
C SER H 167 13.45 -73.61 -1.38
N GLY H 168 14.27 -72.56 -1.50
CA GLY H 168 15.63 -72.71 -1.95
C GLY H 168 15.68 -72.92 -3.47
N VAL H 169 14.69 -72.37 -4.17
CA VAL H 169 14.60 -72.58 -5.61
C VAL H 169 14.74 -71.30 -6.41
N HIS H 170 15.57 -71.36 -7.45
CA HIS H 170 15.74 -70.23 -8.34
C HIS H 170 15.92 -70.65 -9.80
N THR H 171 15.21 -69.96 -10.68
CA THR H 171 15.35 -70.18 -12.12
C THR H 171 16.13 -69.03 -12.71
N PHE H 172 17.19 -69.36 -13.44
CA PHE H 172 18.05 -68.35 -14.01
C PHE H 172 17.49 -67.86 -15.33
N PRO H 173 17.80 -66.61 -15.73
CA PRO H 173 17.50 -66.04 -17.02
C PRO H 173 18.16 -66.86 -18.11
N ALA H 174 17.54 -66.88 -19.29
CA ALA H 174 18.07 -67.61 -20.42
C ALA H 174 19.10 -66.80 -21.18
N VAL H 175 19.93 -67.49 -21.94
CA VAL H 175 20.88 -66.85 -22.84
C VAL H 175 20.62 -67.32 -24.27
N LEU H 176 21.00 -66.49 -25.23
CA LEU H 176 20.85 -66.84 -26.64
C LEU H 176 22.17 -67.32 -27.22
N GLN H 177 22.16 -68.53 -27.76
CA GLN H 177 23.33 -69.14 -28.36
C GLN H 177 23.49 -68.67 -29.79
N SER H 178 24.69 -68.80 -30.34
CA SER H 178 24.99 -68.40 -31.70
C SER H 178 24.20 -69.23 -32.73
N SER H 179 23.64 -70.35 -32.28
CA SER H 179 22.86 -71.24 -33.13
C SER H 179 21.44 -70.73 -33.32
N GLY H 180 21.05 -69.70 -32.57
CA GLY H 180 19.70 -69.13 -32.63
C GLY H 180 18.79 -69.75 -31.59
N LEU H 181 19.32 -70.69 -30.83
CA LEU H 181 18.56 -71.37 -29.79
C LEU H 181 18.87 -70.81 -28.42
N TYR H 182 17.97 -71.03 -27.48
CA TYR H 182 18.13 -70.53 -26.13
C TYR H 182 18.46 -71.63 -25.13
N SER H 183 19.10 -71.25 -24.03
CA SER H 183 19.39 -72.17 -22.93
C SER H 183 19.27 -71.47 -21.58
N LEU H 184 18.89 -72.23 -20.55
CA LEU H 184 18.80 -71.70 -19.19
C LEU H 184 19.01 -72.81 -18.19
N SER H 185 18.98 -72.47 -16.91
CA SER H 185 19.13 -73.49 -15.88
C SER H 185 18.29 -73.14 -14.65
N SER H 186 18.08 -74.15 -13.82
CA SER H 186 17.35 -74.00 -12.56
C SER H 186 18.01 -74.80 -11.47
N VAL H 187 18.11 -74.24 -10.27
CA VAL H 187 18.77 -74.93 -9.18
C VAL H 187 17.94 -74.96 -7.91
N VAL H 188 18.08 -76.05 -7.17
CA VAL H 188 17.48 -76.16 -5.85
C VAL H 188 18.60 -76.38 -4.81
N THR H 189 18.55 -75.59 -3.75
CA THR H 189 19.55 -75.66 -2.68
C THR H 189 19.11 -76.67 -1.63
N VAL H 190 20.02 -77.57 -1.27
CA VAL H 190 19.69 -78.61 -0.32
C VAL H 190 20.78 -78.78 0.75
N PRO H 191 20.48 -79.43 1.88
CA PRO H 191 21.43 -80.01 2.81
C PRO H 191 22.19 -81.09 2.07
N SER H 192 23.48 -81.26 2.32
CA SER H 192 24.21 -82.30 1.58
C SER H 192 23.68 -83.70 1.86
N SER H 193 23.17 -83.92 3.07
CA SER H 193 22.67 -85.23 3.47
C SER H 193 21.35 -85.62 2.79
N SER H 194 20.66 -84.67 2.18
CA SER H 194 19.38 -84.98 1.56
C SER H 194 19.55 -85.44 0.12
N LEU H 195 20.75 -85.30 -0.44
CA LEU H 195 20.94 -85.61 -1.85
C LEU H 195 20.63 -87.05 -2.18
N GLY H 196 20.96 -87.96 -1.26
CA GLY H 196 20.75 -89.38 -1.50
C GLY H 196 19.45 -89.92 -0.91
N THR H 197 18.60 -89.06 -0.34
CA THR H 197 17.37 -89.56 0.28
C THR H 197 16.10 -88.89 -0.25
N GLN H 198 16.22 -87.67 -0.74
CA GLN H 198 15.06 -86.94 -1.21
C GLN H 198 14.98 -86.95 -2.73
N THR H 199 13.78 -86.73 -3.26
CA THR H 199 13.56 -86.69 -4.69
C THR H 199 13.57 -85.27 -5.22
N TYR H 200 14.38 -85.05 -6.24
CA TYR H 200 14.51 -83.74 -6.87
C TYR H 200 14.30 -83.81 -8.37
N ILE H 201 13.05 -83.63 -8.78
CA ILE H 201 12.71 -83.69 -10.20
C ILE H 201 12.33 -82.30 -10.70
N CYS H 202 12.98 -81.82 -11.77
CA CYS H 202 12.66 -80.52 -12.35
C CYS H 202 11.61 -80.71 -13.43
N ASN H 203 10.71 -79.75 -13.52
CA ASN H 203 9.65 -79.79 -14.50
C ASN H 203 9.80 -78.62 -15.43
N VAL H 204 10.26 -78.90 -16.63
CA VAL H 204 10.58 -77.89 -17.62
C VAL H 204 9.46 -77.75 -18.62
N ASN H 205 8.87 -76.56 -18.70
CA ASN H 205 7.71 -76.31 -19.54
C ASN H 205 7.94 -75.26 -20.62
N HIS H 206 7.84 -75.68 -21.87
CA HIS H 206 8.01 -74.78 -23.00
C HIS H 206 6.72 -74.73 -23.82
N LYS H 207 5.93 -73.68 -23.58
CA LYS H 207 4.60 -73.59 -24.16
C LYS H 207 4.55 -73.61 -25.71
N PRO H 208 5.41 -72.89 -26.43
CA PRO H 208 5.41 -72.79 -27.89
C PRO H 208 5.50 -74.13 -28.63
N SER H 209 6.01 -75.17 -27.98
CA SER H 209 6.14 -76.46 -28.66
C SER H 209 5.35 -77.54 -27.92
N ASN H 210 4.55 -77.15 -26.93
CA ASN H 210 3.81 -78.10 -26.11
C ASN H 210 4.72 -79.19 -25.54
N THR H 211 5.89 -78.78 -25.05
CA THR H 211 6.86 -79.73 -24.51
C THR H 211 7.03 -79.63 -23.00
N LYS H 212 6.93 -80.79 -22.34
CA LYS H 212 7.13 -80.88 -20.91
C LYS H 212 8.11 -82.00 -20.59
N VAL H 213 9.20 -81.65 -19.90
CA VAL H 213 10.22 -82.63 -19.58
C VAL H 213 10.42 -82.76 -18.07
N ASP H 214 10.29 -83.98 -17.57
CA ASP H 214 10.46 -84.26 -16.15
C ASP H 214 11.80 -84.96 -15.90
N LYS H 215 12.74 -84.26 -15.28
CA LYS H 215 14.07 -84.85 -15.12
C LYS H 215 14.56 -84.93 -13.68
N LYS H 216 14.87 -86.15 -13.24
CA LYS H 216 15.38 -86.39 -11.90
C LYS H 216 16.87 -86.10 -11.83
N VAL H 217 17.28 -85.37 -10.79
CA VAL H 217 18.70 -85.05 -10.64
C VAL H 217 19.27 -85.74 -9.41
N GLU H 218 20.32 -86.53 -9.62
CA GLU H 218 20.98 -87.29 -8.56
C GLU H 218 22.41 -86.78 -8.40
N PRO H 219 23.02 -86.94 -7.21
CA PRO H 219 24.40 -86.59 -6.88
C PRO H 219 25.39 -87.50 -7.59
N LYS H 220 26.60 -86.97 -7.86
CA LYS H 220 27.71 -87.73 -8.45
C LYS H 220 28.68 -88.15 -7.34
N ASN I 1 40.05 -46.19 -32.33
CA ASN I 1 39.08 -45.10 -32.17
C ASN I 1 38.86 -44.85 -30.68
N PHE I 2 38.38 -43.64 -30.32
CA PHE I 2 38.13 -43.27 -28.93
C PHE I 2 37.02 -44.11 -28.31
N MET I 3 37.28 -44.64 -27.12
CA MET I 3 36.33 -45.48 -26.41
C MET I 3 36.25 -45.10 -24.94
N LEU I 4 35.11 -45.41 -24.33
CA LEU I 4 34.87 -45.19 -22.92
C LEU I 4 34.67 -46.49 -22.17
N THR I 5 35.22 -46.57 -20.95
CA THR I 5 35.03 -47.74 -20.11
C THR I 5 34.56 -47.35 -18.71
N GLN I 6 33.85 -48.28 -18.07
CA GLN I 6 33.30 -48.06 -16.73
C GLN I 6 33.47 -49.28 -15.83
N PRO I 7 33.51 -49.11 -14.49
CA PRO I 7 33.51 -50.17 -13.50
C PRO I 7 32.15 -50.86 -13.49
N HIS I 8 32.15 -52.18 -13.35
CA HIS I 8 30.89 -52.91 -13.34
C HIS I 8 30.09 -52.73 -12.05
N SER I 9 30.73 -53.00 -10.92
CA SER I 9 30.02 -52.98 -9.65
C SER I 9 30.33 -51.77 -8.78
N VAL I 10 29.32 -50.94 -8.59
CA VAL I 10 29.42 -49.77 -7.73
C VAL I 10 28.27 -49.76 -6.74
N SER I 11 28.58 -49.60 -5.46
CA SER I 11 27.52 -49.59 -4.47
C SER I 11 27.89 -48.74 -3.26
N GLU I 12 26.86 -48.26 -2.59
CA GLU I 12 27.02 -47.48 -1.37
C GLU I 12 25.74 -47.48 -0.54
N SER I 13 25.87 -47.21 0.75
CA SER I 13 24.74 -47.12 1.69
C SER I 13 23.81 -45.95 1.34
N PRO I 14 22.50 -46.09 1.61
CA PRO I 14 21.50 -45.06 1.41
C PRO I 14 21.81 -43.87 2.30
N GLY I 15 21.59 -42.69 1.76
CA GLY I 15 21.84 -41.45 2.48
C GLY I 15 23.28 -40.95 2.28
N LYS I 16 24.13 -41.79 1.69
CA LYS I 16 25.54 -41.45 1.49
C LYS I 16 25.83 -41.10 0.04
N THR I 17 27.05 -40.65 -0.23
CA THR I 17 27.43 -40.25 -1.58
C THR I 17 28.29 -41.29 -2.26
N VAL I 18 27.90 -41.65 -3.49
CA VAL I 18 28.63 -42.63 -4.28
C VAL I 18 29.20 -41.99 -5.54
N THR I 19 30.42 -42.40 -5.91
CA THR I 19 31.01 -41.87 -7.12
C THR I 19 31.03 -42.90 -8.24
N ILE I 20 30.49 -42.52 -9.37
CA ILE I 20 30.48 -43.35 -10.57
C ILE I 20 31.42 -42.75 -11.60
N SER I 21 32.45 -43.50 -11.95
CA SER I 21 33.47 -42.96 -12.86
C SER I 21 33.40 -43.58 -14.25
N CYS I 22 34.02 -42.88 -15.21
CA CYS I 22 34.18 -43.29 -16.61
C CYS I 22 35.53 -42.79 -17.12
N THR I 23 36.26 -43.66 -17.80
CA THR I 23 37.57 -43.26 -18.31
C THR I 23 37.62 -43.39 -19.81
N GLY I 24 38.48 -42.61 -20.44
CA GLY I 24 38.63 -42.69 -21.88
C GLY I 24 39.96 -43.25 -22.31
N SER I 25 40.00 -43.73 -23.54
CA SER I 25 41.24 -44.20 -24.16
C SER I 25 41.22 -43.90 -25.65
N SER I 26 42.41 -43.83 -26.25
CA SER I 26 42.59 -43.55 -27.68
C SER I 26 41.95 -42.21 -28.08
N GLY I 27 42.14 -41.20 -27.24
CA GLY I 27 41.64 -39.85 -27.46
C GLY I 27 41.44 -39.16 -26.12
N SER I 28 41.06 -37.88 -26.16
CA SER I 28 40.90 -37.09 -24.93
C SER I 28 39.44 -36.80 -24.58
N ILE I 29 39.01 -37.31 -23.43
CA ILE I 29 37.62 -37.17 -22.99
C ILE I 29 37.25 -35.70 -22.74
N ALA I 30 38.23 -34.92 -22.30
CA ALA I 30 38.02 -33.52 -21.93
C ALA I 30 37.98 -32.57 -23.14
N SER I 31 38.10 -33.10 -24.36
CA SER I 31 38.06 -32.24 -25.54
C SER I 31 36.62 -31.96 -25.98
N ASN I 32 35.67 -32.65 -25.37
CA ASN I 32 34.27 -32.54 -25.72
C ASN I 32 33.42 -32.62 -24.46
N TYR I 33 32.12 -32.56 -24.61
CA TYR I 33 31.23 -32.61 -23.46
C TYR I 33 30.95 -34.02 -22.99
N VAL I 34 30.80 -34.18 -21.68
CA VAL I 34 30.43 -35.48 -21.13
C VAL I 34 29.03 -35.48 -20.53
N GLN I 35 28.25 -36.46 -20.97
CA GLN I 35 26.90 -36.69 -20.50
C GLN I 35 26.81 -37.92 -19.61
N TRP I 36 25.84 -37.91 -18.70
CA TRP I 36 25.56 -39.07 -17.88
C TRP I 36 24.08 -39.42 -17.96
N TYR I 37 23.80 -40.70 -18.13
CA TYR I 37 22.44 -41.22 -18.26
C TYR I 37 22.10 -42.21 -17.18
N GLN I 38 20.84 -42.27 -16.82
CA GLN I 38 20.36 -43.25 -15.85
C GLN I 38 19.22 -44.07 -16.40
N GLN I 39 19.43 -45.37 -16.49
CA GLN I 39 18.43 -46.31 -16.97
C GLN I 39 17.86 -47.17 -15.88
N ARG I 40 16.65 -46.89 -15.45
CA ARG I 40 16.05 -47.76 -14.46
C ARG I 40 15.56 -48.99 -15.21
N PRO I 41 15.63 -50.19 -14.63
CA PRO I 41 15.21 -51.43 -15.25
C PRO I 41 13.78 -51.31 -15.77
N GLY I 42 13.56 -51.81 -16.98
CA GLY I 42 12.25 -51.79 -17.61
C GLY I 42 12.04 -50.67 -18.63
N SER I 43 12.93 -49.67 -18.65
CA SER I 43 12.74 -48.58 -19.62
C SER I 43 14.05 -48.05 -20.22
N ALA I 44 13.95 -46.90 -20.88
CA ALA I 44 15.04 -46.25 -21.58
C ALA I 44 15.90 -45.43 -20.61
N PRO I 45 17.17 -45.17 -20.94
CA PRO I 45 18.04 -44.26 -20.25
C PRO I 45 17.58 -42.83 -20.47
N THR I 46 17.72 -41.99 -19.45
CA THR I 46 17.41 -40.57 -19.62
C THR I 46 18.55 -39.72 -19.10
N THR I 47 18.61 -38.47 -19.53
CA THR I 47 19.69 -37.58 -19.09
C THR I 47 19.56 -37.22 -17.63
N VAL I 48 20.66 -37.32 -16.91
CA VAL I 48 20.72 -36.89 -15.53
C VAL I 48 21.60 -35.67 -15.47
N ILE I 49 22.77 -35.79 -16.09
CA ILE I 49 23.74 -34.70 -16.17
C ILE I 49 24.15 -34.51 -17.62
N TYR I 50 24.25 -33.27 -18.06
CA TYR I 50 24.71 -33.02 -19.41
C TYR I 50 25.70 -31.88 -19.48
N GLU I 51 26.52 -31.91 -20.51
CA GLU I 51 27.52 -30.87 -20.68
C GLU I 51 28.30 -30.67 -19.39
N ASP I 52 28.77 -31.78 -18.83
CA ASP I 52 29.60 -31.87 -17.64
C ASP I 52 28.86 -31.66 -16.32
N ASN I 53 28.20 -30.51 -16.17
CA ASN I 53 27.59 -30.17 -14.89
C ASN I 53 26.16 -29.60 -14.92
N GLN I 54 25.44 -29.77 -16.01
CA GLN I 54 24.08 -29.24 -16.07
C GLN I 54 23.08 -30.35 -15.83
N ARG I 55 21.87 -30.03 -15.38
CA ARG I 55 20.87 -31.10 -15.21
C ARG I 55 19.50 -30.61 -15.69
N PRO I 56 18.68 -31.49 -16.28
CA PRO I 56 17.34 -31.24 -16.76
C PRO I 56 16.34 -31.15 -15.62
N SER I 57 15.20 -30.52 -15.88
CA SER I 57 14.15 -30.46 -14.87
C SER I 57 13.72 -31.87 -14.49
N GLY I 58 13.48 -32.06 -13.20
CA GLY I 58 13.08 -33.35 -12.66
C GLY I 58 14.25 -34.05 -11.98
N VAL I 59 15.47 -33.57 -12.25
CA VAL I 59 16.65 -34.11 -11.61
C VAL I 59 17.08 -33.18 -10.49
N PRO I 60 17.21 -33.68 -9.25
CA PRO I 60 17.56 -32.95 -8.06
C PRO I 60 19.03 -32.58 -8.04
N ASP I 61 19.40 -31.72 -7.11
CA ASP I 61 20.77 -31.26 -6.95
C ASP I 61 21.67 -32.28 -6.28
N ARG I 62 21.13 -33.47 -6.07
CA ARG I 62 21.90 -34.59 -5.54
C ARG I 62 22.83 -35.13 -6.62
N PHE I 63 22.56 -34.75 -7.88
CA PHE I 63 23.36 -35.21 -9.00
C PHE I 63 24.25 -34.12 -9.57
N SER I 64 25.56 -34.35 -9.51
CA SER I 64 26.56 -33.38 -10.00
C SER I 64 27.79 -34.12 -10.50
N GLY I 65 28.70 -33.42 -11.17
CA GLY I 65 29.90 -34.09 -11.68
C GLY I 65 30.93 -33.13 -12.27
N SER I 66 32.01 -33.71 -12.80
CA SER I 66 33.13 -32.96 -13.36
C SER I 66 33.99 -33.84 -14.26
N ILE I 67 34.92 -33.20 -14.99
CA ILE I 67 35.89 -33.94 -15.80
C ILE I 67 37.31 -33.68 -15.31
N ASP I 68 38.04 -34.76 -15.06
CA ASP I 68 39.43 -34.69 -14.64
C ASP I 68 40.33 -34.80 -15.88
N SER I 69 40.65 -33.65 -16.47
CA SER I 69 41.30 -33.66 -17.77
C SER I 69 42.69 -34.27 -17.76
N SER I 70 43.40 -34.12 -16.65
CA SER I 70 44.78 -34.63 -16.57
C SER I 70 44.82 -36.14 -16.41
N SER I 71 43.68 -36.74 -16.11
CA SER I 71 43.61 -38.18 -15.91
C SER I 71 42.83 -38.82 -17.06
N ASN I 72 42.42 -37.99 -18.01
CA ASN I 72 41.61 -38.44 -19.14
C ASN I 72 40.38 -39.20 -18.66
N SER I 73 39.71 -38.66 -17.65
CA SER I 73 38.53 -39.32 -17.09
C SER I 73 37.51 -38.33 -16.56
N ALA I 74 36.33 -38.84 -16.23
CA ALA I 74 35.22 -38.04 -15.74
C ALA I 74 34.40 -38.83 -14.74
N SER I 75 33.63 -38.13 -13.91
CA SER I 75 32.79 -38.83 -12.95
C SER I 75 31.58 -38.02 -12.52
N LEU I 76 30.59 -38.70 -11.95
CA LEU I 76 29.48 -38.02 -11.31
C LEU I 76 29.36 -38.54 -9.89
N THR I 77 28.81 -37.70 -9.03
CA THR I 77 28.54 -38.13 -7.68
C THR I 77 27.07 -38.02 -7.39
N ILE I 78 26.55 -39.00 -6.66
CA ILE I 78 25.15 -38.98 -6.28
C ILE I 78 25.03 -38.94 -4.77
N SER I 79 24.64 -37.80 -4.23
CA SER I 79 24.55 -37.65 -2.78
C SER I 79 23.19 -38.09 -2.31
N GLY I 80 23.05 -38.36 -1.01
CA GLY I 80 21.72 -38.63 -0.47
C GLY I 80 21.07 -39.83 -1.14
N LEU I 81 21.82 -40.89 -1.40
CA LEU I 81 21.26 -42.01 -2.15
C LEU I 81 19.94 -42.52 -1.62
N LYS I 82 19.01 -42.72 -2.54
CA LYS I 82 17.69 -43.26 -2.27
C LYS I 82 17.61 -44.64 -2.89
N THR I 83 16.65 -45.44 -2.45
CA THR I 83 16.51 -46.79 -3.00
C THR I 83 15.96 -46.74 -4.42
N GLU I 84 15.52 -45.56 -4.84
CA GLU I 84 14.98 -45.32 -6.17
C GLU I 84 16.11 -45.02 -7.16
N ASP I 85 17.35 -44.93 -6.66
CA ASP I 85 18.49 -44.61 -7.50
C ASP I 85 19.13 -45.87 -8.10
N GLU I 86 18.60 -47.04 -7.77
CA GLU I 86 19.17 -48.24 -8.38
C GLU I 86 18.95 -48.15 -9.88
N ALA I 87 20.04 -48.22 -10.63
CA ALA I 87 19.95 -48.08 -12.08
C ALA I 87 21.25 -48.40 -12.77
N ASP I 88 21.17 -48.57 -14.09
CA ASP I 88 22.36 -48.69 -14.90
C ASP I 88 22.77 -47.31 -15.40
N TYR I 89 23.96 -46.86 -14.99
CA TYR I 89 24.41 -45.53 -15.35
C TYR I 89 25.37 -45.58 -16.52
N TYR I 90 25.24 -44.62 -17.43
CA TYR I 90 26.11 -44.59 -18.62
C TYR I 90 26.77 -43.24 -18.82
N CYS I 91 28.01 -43.27 -19.36
CA CYS I 91 28.74 -42.07 -19.77
C CYS I 91 28.71 -41.96 -21.29
N GLN I 92 28.68 -40.72 -21.78
CA GLN I 92 28.73 -40.48 -23.22
C GLN I 92 29.52 -39.23 -23.57
N SER I 93 30.29 -39.31 -24.64
CA SER I 93 31.06 -38.19 -25.16
C SER I 93 31.13 -38.25 -26.67
N TYR I 94 31.74 -37.25 -27.28
CA TYR I 94 31.85 -37.19 -28.74
C TYR I 94 33.30 -37.18 -29.20
N ASP I 95 33.60 -37.84 -30.32
CA ASP I 95 34.93 -37.77 -30.92
C ASP I 95 34.83 -37.71 -32.45
N SER I 96 35.96 -37.61 -33.13
CA SER I 96 35.97 -37.56 -34.59
C SER I 96 36.27 -38.94 -35.15
N SER I 97 36.92 -39.76 -34.32
CA SER I 97 37.25 -41.13 -34.70
C SER I 97 36.04 -42.04 -34.52
N ASN I 98 35.18 -41.63 -33.60
CA ASN I 98 33.93 -42.29 -33.29
C ASN I 98 32.97 -41.21 -32.85
N HIS I 99 31.93 -40.98 -33.63
CA HIS I 99 31.05 -39.85 -33.41
C HIS I 99 30.50 -39.84 -32.00
N VAL I 100 29.55 -40.71 -31.72
CA VAL I 100 29.01 -40.76 -30.37
C VAL I 100 29.52 -41.99 -29.65
N VAL I 101 30.20 -41.76 -28.55
CA VAL I 101 30.83 -42.82 -27.81
C VAL I 101 30.17 -43.02 -26.46
N PHE I 102 29.69 -44.24 -26.22
CA PHE I 102 29.08 -44.59 -24.94
C PHE I 102 29.99 -45.54 -24.19
N GLY I 103 29.94 -45.48 -22.86
CA GLY I 103 30.66 -46.43 -22.03
C GLY I 103 29.88 -47.73 -21.89
N GLY I 104 30.46 -48.70 -21.20
CA GLY I 104 29.82 -50.01 -21.05
C GLY I 104 28.72 -50.05 -19.99
N GLY I 105 28.62 -49.01 -19.18
CA GLY I 105 27.64 -48.94 -18.12
C GLY I 105 28.15 -49.34 -16.76
N THR I 106 27.55 -48.75 -15.74
CA THR I 106 27.85 -49.04 -14.34
C THR I 106 26.59 -49.48 -13.62
N LYS I 107 26.67 -50.58 -12.88
CA LYS I 107 25.52 -51.02 -12.11
C LYS I 107 25.56 -50.44 -10.71
N LEU I 108 24.64 -49.52 -10.41
CA LEU I 108 24.62 -48.90 -9.09
C LEU I 108 23.59 -49.54 -8.19
N THR I 109 24.05 -50.04 -7.05
CA THR I 109 23.18 -50.62 -6.05
C THR I 109 23.24 -49.79 -4.77
N VAL I 110 22.08 -49.50 -4.22
CA VAL I 110 22.01 -48.78 -2.96
C VAL I 110 21.80 -49.82 -1.87
N LEU I 111 22.72 -49.83 -0.91
CA LEU I 111 22.78 -50.91 0.06
C LEU I 111 21.79 -50.77 1.20
N GLY I 112 20.52 -51.02 0.90
CA GLY I 112 19.43 -50.91 1.87
C GLY I 112 19.24 -52.20 2.67
N GLN I 113 20.10 -53.17 2.42
CA GLN I 113 20.07 -54.46 3.10
C GLN I 113 21.52 -54.95 3.26
N PRO I 114 21.80 -55.89 4.17
CA PRO I 114 23.10 -56.51 4.39
C PRO I 114 23.67 -57.13 3.13
N LYS I 115 24.99 -57.11 3.01
CA LYS I 115 25.70 -57.65 1.86
C LYS I 115 25.97 -59.14 2.03
N ALA I 116 26.20 -59.82 0.91
CA ALA I 116 26.52 -61.24 0.95
C ALA I 116 27.45 -61.65 -0.18
N ALA I 117 28.39 -62.53 0.13
CA ALA I 117 29.26 -63.09 -0.89
C ALA I 117 28.47 -64.15 -1.66
N PRO I 118 28.71 -64.34 -2.96
CA PRO I 118 28.05 -65.33 -3.79
C PRO I 118 28.43 -66.75 -3.45
N SER I 119 27.46 -67.63 -3.62
CA SER I 119 27.64 -69.05 -3.53
C SER I 119 27.74 -69.58 -4.94
N VAL I 120 28.81 -70.26 -5.26
CA VAL I 120 29.00 -70.71 -6.63
C VAL I 120 29.10 -72.22 -6.71
N THR I 121 28.29 -72.81 -7.57
CA THR I 121 28.36 -74.23 -7.80
C THR I 121 28.58 -74.50 -9.28
N LEU I 122 29.61 -75.28 -9.59
CA LEU I 122 29.92 -75.60 -10.97
C LEU I 122 29.62 -77.05 -11.28
N PHE I 123 28.79 -77.25 -12.29
CA PHE I 123 28.37 -78.59 -12.65
C PHE I 123 29.02 -79.07 -13.95
N PRO I 124 29.47 -80.34 -14.00
CA PRO I 124 30.01 -81.03 -15.15
C PRO I 124 28.86 -81.47 -16.06
N PRO I 125 29.14 -81.79 -17.32
CA PRO I 125 28.24 -82.46 -18.24
C PRO I 125 27.78 -83.80 -17.71
N SER I 126 26.50 -84.09 -17.86
CA SER I 126 25.95 -85.39 -17.46
C SER I 126 26.22 -86.41 -18.54
N SER I 127 26.05 -87.70 -18.23
CA SER I 127 26.26 -88.73 -19.24
C SER I 127 25.26 -88.60 -20.38
N GLU I 128 24.06 -88.14 -20.07
CA GLU I 128 23.02 -87.98 -21.09
C GLU I 128 23.40 -86.95 -22.14
N GLU I 129 24.09 -85.90 -21.72
CA GLU I 129 24.50 -84.83 -22.63
C GLU I 129 25.69 -85.26 -23.45
N LEU I 130 26.63 -85.96 -22.82
CA LEU I 130 27.84 -86.42 -23.50
C LEU I 130 27.46 -87.42 -24.60
N GLN I 131 26.42 -88.20 -24.36
CA GLN I 131 25.91 -89.17 -25.33
C GLN I 131 25.24 -88.48 -26.52
N ALA I 132 24.98 -87.18 -26.40
CA ALA I 132 24.38 -86.37 -27.44
C ALA I 132 25.47 -85.57 -28.15
N ASN I 133 26.73 -85.91 -27.83
CA ASN I 133 27.93 -85.26 -28.33
C ASN I 133 28.03 -83.79 -27.93
N LYS I 134 27.58 -83.45 -26.72
CA LYS I 134 27.71 -82.09 -26.21
C LYS I 134 28.29 -82.10 -24.79
N ALA I 135 28.98 -81.03 -24.42
CA ALA I 135 29.56 -80.91 -23.08
C ALA I 135 29.45 -79.47 -22.54
N THR I 136 28.25 -79.05 -22.17
CA THR I 136 28.10 -77.71 -21.61
C THR I 136 28.35 -77.75 -20.11
N LEU I 137 29.20 -76.83 -19.65
CA LEU I 137 29.50 -76.71 -18.23
C LEU I 137 28.66 -75.57 -17.69
N VAL I 138 28.02 -75.79 -16.55
CA VAL I 138 27.09 -74.79 -16.04
C VAL I 138 27.53 -74.21 -14.69
N CYS I 139 27.73 -72.87 -14.66
CA CYS I 139 28.18 -72.15 -13.47
C CYS I 139 27.01 -71.32 -12.89
N LEU I 140 26.55 -71.71 -11.71
CA LEU I 140 25.40 -71.05 -11.11
C LEU I 140 25.79 -70.31 -9.84
N ILE I 141 25.51 -69.01 -9.84
CA ILE I 141 25.86 -68.10 -8.76
C ILE I 141 24.60 -67.63 -8.04
N SER I 142 24.56 -67.77 -6.71
CA SER I 142 23.36 -67.33 -5.99
C SER I 142 23.63 -66.67 -4.65
N ASP I 143 22.58 -66.07 -4.10
CA ASP I 143 22.57 -65.46 -2.78
C ASP I 143 23.60 -64.34 -2.57
N PHE I 144 23.78 -63.46 -3.55
CA PHE I 144 24.75 -62.37 -3.37
C PHE I 144 24.13 -60.98 -3.32
N TYR I 145 24.85 -60.05 -2.69
CA TYR I 145 24.42 -58.67 -2.66
C TYR I 145 25.63 -57.77 -2.42
N PRO I 146 25.77 -56.65 -3.15
CA PRO I 146 24.92 -56.04 -4.18
C PRO I 146 24.84 -56.90 -5.43
N GLY I 147 23.79 -56.70 -6.22
CA GLY I 147 23.55 -57.51 -7.41
C GLY I 147 24.46 -57.20 -8.60
N ALA I 148 25.76 -57.35 -8.41
CA ALA I 148 26.71 -57.12 -9.49
C ALA I 148 27.96 -57.97 -9.32
N VAL I 149 28.11 -58.98 -10.17
CA VAL I 149 29.26 -59.89 -10.13
C VAL I 149 29.84 -60.07 -11.51
N THR I 150 31.12 -60.48 -11.57
CA THR I 150 31.76 -60.81 -12.83
C THR I 150 32.06 -62.29 -12.89
N VAL I 151 31.63 -62.94 -13.97
CA VAL I 151 31.81 -64.38 -14.10
C VAL I 151 32.66 -64.72 -15.32
N ALA I 152 33.70 -65.54 -15.11
CA ALA I 152 34.59 -65.92 -16.20
C ALA I 152 35.00 -67.39 -16.13
N TRP I 153 35.25 -67.98 -17.30
CA TRP I 153 35.67 -69.38 -17.42
C TRP I 153 37.14 -69.54 -17.73
N LYS I 154 37.73 -70.62 -17.22
CA LYS I 154 39.10 -70.97 -17.54
C LYS I 154 39.25 -72.44 -17.93
N ALA I 155 40.24 -72.69 -18.78
CA ALA I 155 40.68 -74.03 -19.19
C ALA I 155 42.10 -74.23 -18.68
N ASP I 156 42.31 -75.21 -17.80
CA ASP I 156 43.59 -75.34 -17.13
C ASP I 156 43.95 -74.00 -16.46
N SER I 157 45.02 -73.34 -16.93
CA SER I 157 45.47 -72.08 -16.34
C SER I 157 45.23 -70.86 -17.24
N SER I 158 44.53 -71.06 -18.37
CA SER I 158 44.30 -69.98 -19.32
C SER I 158 42.80 -69.73 -19.47
N PRO I 159 42.36 -68.48 -19.69
CA PRO I 159 40.96 -68.11 -19.86
C PRO I 159 40.39 -68.66 -21.15
N VAL I 160 39.10 -69.00 -21.12
CA VAL I 160 38.39 -69.43 -22.33
C VAL I 160 37.19 -68.52 -22.57
N LYS I 161 37.11 -67.96 -23.77
CA LYS I 161 36.01 -67.07 -24.11
C LYS I 161 35.06 -67.69 -25.12
N ALA I 162 35.57 -68.58 -25.97
CA ALA I 162 34.73 -69.18 -26.98
C ALA I 162 33.66 -70.03 -26.32
N GLY I 163 32.42 -69.94 -26.83
CA GLY I 163 31.33 -70.75 -26.32
C GLY I 163 30.80 -70.27 -24.98
N VAL I 164 31.01 -68.99 -24.65
CA VAL I 164 30.57 -68.50 -23.34
C VAL I 164 29.46 -67.47 -23.44
N GLU I 165 28.36 -67.76 -22.73
CA GLU I 165 27.22 -66.86 -22.67
C GLU I 165 26.90 -66.55 -21.21
N THR I 166 26.44 -65.34 -20.92
CA THR I 166 26.15 -64.96 -19.55
C THR I 166 24.81 -64.27 -19.38
N THR I 167 24.33 -64.23 -18.14
CA THR I 167 23.13 -63.50 -17.77
C THR I 167 23.49 -62.39 -16.82
N THR I 168 22.54 -61.50 -16.56
CA THR I 168 22.74 -60.48 -15.56
C THR I 168 22.22 -61.02 -14.23
N PRO I 169 22.63 -60.45 -13.10
CA PRO I 169 22.07 -60.70 -11.79
C PRO I 169 20.58 -60.44 -11.77
N SER I 170 19.85 -61.31 -11.11
CA SER I 170 18.40 -61.18 -10.99
C SER I 170 17.96 -61.47 -9.57
N LYS I 171 17.13 -60.60 -9.02
CA LYS I 171 16.68 -60.74 -7.65
C LYS I 171 15.91 -62.06 -7.48
N GLN I 172 16.28 -62.81 -6.46
CA GLN I 172 15.66 -64.09 -6.14
C GLN I 172 14.75 -63.94 -4.92
N SER I 173 14.10 -65.02 -4.49
CA SER I 173 13.08 -64.97 -3.44
C SER I 173 13.55 -64.51 -2.06
N ASN I 174 14.86 -64.52 -1.81
CA ASN I 174 15.39 -64.09 -0.52
C ASN I 174 15.97 -62.68 -0.56
N ASN I 175 15.60 -61.92 -1.60
CA ASN I 175 16.02 -60.54 -1.81
C ASN I 175 17.50 -60.39 -2.13
N LYS I 176 18.17 -61.50 -2.40
CA LYS I 176 19.55 -61.50 -2.86
C LYS I 176 19.51 -61.72 -4.36
N TYR I 177 20.65 -61.66 -5.02
CA TYR I 177 20.71 -61.84 -6.47
C TYR I 177 21.32 -63.17 -6.87
N ALA I 178 20.95 -63.61 -8.08
CA ALA I 178 21.51 -64.81 -8.66
C ALA I 178 21.87 -64.55 -10.12
N ALA I 179 22.86 -65.27 -10.63
CA ALA I 179 23.35 -65.12 -12.00
C ALA I 179 23.90 -66.44 -12.53
N SER I 180 24.01 -66.55 -13.83
CA SER I 180 24.59 -67.77 -14.41
C SER I 180 25.48 -67.50 -15.60
N SER I 181 26.27 -68.52 -15.93
CA SER I 181 27.13 -68.51 -17.10
C SER I 181 27.25 -69.91 -17.65
N TYR I 182 27.31 -70.01 -18.97
CA TYR I 182 27.39 -71.31 -19.62
C TYR I 182 28.58 -71.39 -20.55
N LEU I 183 29.30 -72.51 -20.49
CA LEU I 183 30.41 -72.78 -21.40
C LEU I 183 30.11 -73.99 -22.26
N SER I 184 29.85 -73.79 -23.54
CA SER I 184 29.47 -74.90 -24.40
C SER I 184 30.64 -75.50 -25.14
N LEU I 185 31.05 -76.69 -24.71
CA LEU I 185 32.17 -77.40 -25.31
C LEU I 185 31.65 -78.65 -25.99
N THR I 186 32.43 -79.20 -26.91
CA THR I 186 32.13 -80.52 -27.39
C THR I 186 32.88 -81.44 -26.41
N PRO I 187 32.51 -82.73 -26.26
CA PRO I 187 33.19 -83.68 -25.41
C PRO I 187 34.69 -83.74 -25.69
N GLU I 188 35.06 -83.60 -26.95
CA GLU I 188 36.47 -83.63 -27.34
C GLU I 188 37.24 -82.45 -26.76
N GLN I 189 36.62 -81.27 -26.75
CA GLN I 189 37.26 -80.07 -26.22
C GLN I 189 37.32 -80.17 -24.71
N TRP I 190 36.27 -80.67 -24.11
CA TRP I 190 36.17 -80.82 -22.67
C TRP I 190 37.31 -81.69 -22.15
N LYS I 191 37.58 -82.77 -22.87
CA LYS I 191 38.60 -83.75 -22.51
C LYS I 191 40.01 -83.38 -22.99
N SER I 192 40.18 -82.21 -23.61
CA SER I 192 41.50 -81.78 -24.09
C SER I 192 42.28 -81.02 -23.04
N HIS I 193 41.64 -80.78 -21.90
CA HIS I 193 42.22 -80.02 -20.80
C HIS I 193 42.14 -80.84 -19.52
N ARG I 194 43.02 -80.57 -18.56
CA ARG I 194 42.99 -81.35 -17.32
C ARG I 194 41.70 -81.08 -16.57
N SER I 195 41.29 -79.83 -16.57
CA SER I 195 40.07 -79.42 -15.90
C SER I 195 39.58 -78.08 -16.43
N TYR I 196 38.30 -77.80 -16.16
CA TYR I 196 37.68 -76.51 -16.42
C TYR I 196 37.17 -75.89 -15.14
N SER I 197 37.14 -74.57 -15.10
CA SER I 197 36.70 -73.90 -13.89
C SER I 197 35.92 -72.61 -14.18
N CYS I 198 35.21 -72.14 -13.16
CA CYS I 198 34.43 -70.90 -13.19
C CYS I 198 34.81 -70.05 -11.99
N GLN I 199 35.22 -68.82 -12.27
CA GLN I 199 35.64 -67.90 -11.22
C GLN I 199 34.72 -66.70 -11.18
N VAL I 200 34.18 -66.43 -10.00
CA VAL I 200 33.25 -65.33 -9.82
C VAL I 200 33.82 -64.27 -8.91
N THR I 201 33.88 -63.04 -9.41
CA THR I 201 34.45 -61.93 -8.64
C THR I 201 33.36 -61.09 -8.02
N HIS I 202 33.50 -60.84 -6.71
CA HIS I 202 32.55 -60.00 -5.99
C HIS I 202 33.31 -59.00 -5.14
N GLU I 203 33.26 -57.73 -5.54
CA GLU I 203 33.98 -56.62 -4.90
C GLU I 203 35.50 -56.67 -5.16
N GLY I 204 36.11 -57.82 -4.86
CA GLY I 204 37.55 -57.99 -5.02
C GLY I 204 37.94 -59.45 -4.87
N SER I 205 37.43 -60.10 -3.82
CA SER I 205 37.72 -61.51 -3.60
C SER I 205 36.96 -62.35 -4.63
N THR I 206 37.38 -63.59 -4.80
CA THR I 206 36.69 -64.44 -5.78
C THR I 206 36.31 -65.80 -5.22
N VAL I 207 35.34 -66.42 -5.87
CA VAL I 207 34.92 -67.79 -5.58
C VAL I 207 35.17 -68.65 -6.80
N GLU I 208 36.00 -69.68 -6.67
CA GLU I 208 36.34 -70.50 -7.83
C GLU I 208 36.04 -71.98 -7.63
N LYS I 209 35.33 -72.54 -8.60
CA LYS I 209 34.99 -73.96 -8.58
C LYS I 209 35.56 -74.67 -9.81
N THR I 210 35.95 -75.93 -9.65
CA THR I 210 36.55 -76.72 -10.73
C THR I 210 35.86 -78.08 -10.92
N VAL I 211 35.65 -78.44 -12.20
CA VAL I 211 35.12 -79.74 -12.58
C VAL I 211 36.03 -80.36 -13.66
N ALA I 212 35.94 -81.68 -13.83
CA ALA I 212 36.80 -82.34 -14.82
C ALA I 212 36.15 -83.62 -15.33
N PRO I 213 36.60 -84.13 -16.49
CA PRO I 213 36.32 -85.46 -17.00
C PRO I 213 36.80 -86.50 -16.00
N THR I 214 36.07 -87.61 -15.88
CA THR I 214 36.39 -88.71 -14.97
C THR I 214 36.21 -90.03 -15.71
C1 NAG J . -41.68 50.51 -42.30
C2 NAG J . -42.01 51.49 -43.47
C3 NAG J . -41.81 50.73 -44.81
C4 NAG J . -40.34 50.22 -44.89
C5 NAG J . -40.07 49.28 -43.67
C6 NAG J . -38.66 48.72 -43.65
C7 NAG J . -43.77 53.05 -42.77
C8 NAG J . -45.21 53.44 -42.67
N2 NAG J . -43.41 51.91 -43.36
O3 NAG J . -42.07 51.62 -45.91
O4 NAG J . -40.18 49.47 -46.11
O5 NAG J . -40.31 50.03 -42.42
O6 NAG J . -38.46 47.86 -42.53
O7 NAG J . -42.90 53.83 -42.33
C1 NAG J . -39.00 49.89 -46.94
C2 NAG J . -38.78 48.83 -48.08
C3 NAG J . -37.53 49.26 -48.89
C4 NAG J . -37.75 50.69 -49.46
C5 NAG J . -38.01 51.67 -48.28
C6 NAG J . -38.29 53.08 -48.76
C7 NAG J . -39.45 46.52 -47.55
C8 NAG J . -39.17 45.18 -46.92
N2 NAG J . -38.54 47.50 -47.48
O3 NAG J . -37.32 48.34 -49.97
O4 NAG J . -36.60 51.10 -50.20
O5 NAG J . -39.17 51.22 -47.50
O6 NAG J . -38.18 54.03 -47.70
O7 NAG J . -40.53 46.68 -48.14
C1 NAG K . -37.39 31.13 -52.09
C2 NAG K . -37.92 31.24 -53.57
C3 NAG K . -36.95 30.43 -54.49
C4 NAG K . -35.51 31.01 -54.37
C5 NAG K . -35.08 30.91 -52.87
C6 NAG K . -33.70 31.48 -52.60
C7 NAG K . -40.36 31.35 -53.53
C8 NAG K . -41.71 30.68 -53.61
N2 NAG K . -39.25 30.63 -53.65
O3 NAG K . -37.41 30.52 -55.84
O4 NAG K . -34.62 30.18 -55.16
O5 NAG K . -36.03 31.65 -52.03
O6 NAG K . -33.32 31.27 -51.25
O7 NAG K . -40.31 32.58 -53.37
C1 NAG K . -33.77 30.94 -56.14
C2 NAG K . -32.51 30.05 -56.50
C3 NAG K . -31.64 30.86 -57.49
C4 NAG K . -32.49 31.23 -58.75
C5 NAG K . -33.72 32.06 -58.30
C6 NAG K . -34.64 32.41 -59.46
C7 NAG K . -31.76 28.59 -54.68
C8 NAG K . -30.95 28.37 -53.43
N2 NAG K . -31.74 29.79 -55.28
O3 NAG K . -30.52 30.07 -57.89
O4 NAG K . -31.69 31.99 -59.67
O5 NAG K . -34.51 31.30 -57.33
O6 NAG K . -35.07 31.25 -60.18
O7 NAG K . -32.45 27.67 -55.12
C1 NAG L . 39.43 32.04 33.66
C2 NAG L . 38.62 31.99 32.30
C3 NAG L . 39.55 32.52 31.17
C4 NAG L . 40.01 33.98 31.52
C5 NAG L . 40.75 33.96 32.90
C6 NAG L . 41.18 35.34 33.37
C7 NAG L . 36.98 30.16 31.97
C8 NAG L . 36.67 28.72 31.70
N2 NAG L . 38.25 30.57 32.03
O3 NAG L . 38.86 32.51 29.92
O4 NAG L . 40.99 34.46 30.56
O5 NAG L . 39.85 33.40 33.93
O6 NAG L . 42.19 35.26 34.38
O7 NAG L . 36.05 30.97 32.14
C1 NAG L . 40.49 35.26 29.38
C2 NAG L . 40.32 36.80 29.76
C3 NAG L . 39.88 37.57 28.48
C4 NAG L . 40.94 37.36 27.36
C5 NAG L . 41.05 35.83 27.05
C6 NAG L . 42.13 35.53 26.00
C7 NAG L . 39.35 37.87 31.75
C8 NAG L . 38.24 38.02 32.75
N2 NAG L . 39.25 36.98 30.76
O3 NAG L . 39.75 38.97 28.77
O4 NAG L . 40.56 38.08 26.16
O5 NAG L . 41.42 35.11 28.28
O6 NAG L . 41.97 34.24 25.42
O7 NAG L . 40.36 38.59 31.85
C1 BMA L . 41.50 39.21 25.79
C2 BMA L . 41.45 39.45 24.24
C3 BMA L . 42.45 40.59 23.91
C4 BMA L . 42.07 41.87 24.70
C5 BMA L . 42.11 41.54 26.23
C6 BMA L . 41.70 42.72 27.09
O2 BMA L . 40.12 39.76 23.83
O3 BMA L . 42.44 40.85 22.50
O4 BMA L . 43.01 42.92 24.41
O5 BMA L . 41.18 40.43 26.52
O6 BMA L . 40.38 43.18 26.81
C1 NAG M . -54.10 65.58 -36.07
C2 NAG M . -53.39 66.65 -36.96
C3 NAG M . -54.48 67.43 -37.75
C4 NAG M . -55.28 66.44 -38.63
C5 NAG M . -55.92 65.35 -37.69
C6 NAG M . -56.70 64.28 -38.45
C7 NAG M . -51.36 67.69 -36.04
C8 NAG M . -50.71 68.68 -35.11
N2 NAG M . -52.69 67.60 -36.08
O3 NAG M . -53.85 68.42 -38.59
O4 NAG M . -56.35 67.21 -39.24
O5 NAG M . -54.85 64.66 -36.91
O6 NAG M . -55.92 63.67 -39.49
O7 NAG M . -50.65 67.00 -36.79
C1 NAG M . -56.60 66.91 -40.69
C2 NAG M . -57.96 67.59 -41.10
C3 NAG M . -58.25 67.22 -42.57
C4 NAG M . -57.08 67.70 -43.47
C5 NAG M . -55.76 67.02 -42.98
C6 NAG M . -54.54 67.51 -43.77
C7 NAG M . -59.52 67.81 -39.21
C8 NAG M . -60.60 67.25 -38.33
N2 NAG M . -59.03 67.07 -40.21
O3 NAG M . -59.46 67.87 -42.98
O4 NAG M . -57.34 67.35 -44.82
O5 NAG M . -55.53 67.35 -41.56
O6 NAG M . -53.43 66.66 -43.57
O7 NAG M . -59.11 68.96 -38.99
C1 NAG N . -63.35 70.32 -18.23
C2 NAG N . -62.62 71.53 -17.53
C3 NAG N . -63.37 71.87 -16.22
C4 NAG N . -64.85 72.23 -16.57
C5 NAG N . -65.50 71.02 -17.29
C6 NAG N . -66.92 71.32 -17.73
C7 NAG N . -60.20 71.95 -17.44
C8 NAG N . -58.80 71.49 -17.13
N2 NAG N . -61.23 71.13 -17.24
O3 NAG N . -62.73 72.98 -15.58
O4 NAG N . -65.59 72.49 -15.37
O5 NAG N . -64.74 70.68 -18.49
O6 NAG N . -67.58 70.17 -18.22
O7 NAG N . -60.37 73.09 -17.88
C1 NAG N . -65.51 73.90 -14.83
C2 NAG N . -66.98 74.44 -14.64
C3 NAG N . -66.88 75.89 -14.10
C4 NAG N . -66.07 75.89 -12.76
C5 NAG N . -64.66 75.31 -13.04
C6 NAG N . -63.81 75.20 -11.78
C7 NAG N . -68.91 74.03 -16.11
C8 NAG N . -69.57 74.07 -17.46
N2 NAG N . -67.65 74.46 -15.96
O3 NAG N . -68.20 76.40 -13.87
O4 NAG N . -65.98 77.22 -12.26
O5 NAG N . -64.77 73.95 -13.59
O6 NAG N . -64.47 74.50 -10.73
O7 NAG N . -69.55 73.62 -15.13
C1 NAG O . -60.60 49.02 1.20
C2 NAG O . -61.55 50.15 1.74
C3 NAG O . -60.69 51.41 2.04
C4 NAG O . -59.59 51.03 3.08
C5 NAG O . -58.71 49.88 2.49
C6 NAG O . -57.59 49.44 3.41
C7 NAG O . -63.76 49.93 0.71
C8 NAG O . -64.74 50.29 -0.38
N2 NAG O . -62.54 50.47 0.71
O3 NAG O . -61.53 52.45 2.57
O4 NAG O . -58.76 52.20 3.30
O5 NAG O . -59.57 48.72 2.18
O6 NAG O . -56.81 48.40 2.83
O7 NAG O . -64.11 49.17 1.61
C1 NAG O . -58.57 52.54 4.75
C2 NAG O . -57.44 53.63 4.88
C3 NAG O . -57.24 53.92 6.38
C4 NAG O . -58.58 54.41 7.01
C5 NAG O . -59.65 53.29 6.81
C6 NAG O . -61.02 53.71 7.33
C7 NAG O . -55.70 53.56 3.15
C8 NAG O . -54.42 53.01 2.59
N2 NAG O . -56.18 53.11 4.30
O3 NAG O . -56.26 54.95 6.54
O4 NAG O . -58.40 54.67 8.40
O5 NAG O . -59.81 52.99 5.37
O6 NAG O . -61.89 52.59 7.47
O7 NAG O . -56.27 54.47 2.52
C1 NAG P . -40.67 58.53 -0.17
C2 NAG P . -40.90 60.09 -0.06
C3 NAG P . -39.69 60.70 0.72
C4 NAG P . -39.59 60.05 2.13
C5 NAG P . -39.42 58.51 1.94
C6 NAG P . -39.35 57.74 3.25
C7 NAG P . -42.05 60.87 -2.08
C8 NAG P . -42.03 61.46 -3.46
N2 NAG P . -40.92 60.67 -1.41
O3 NAG P . -39.87 62.12 0.84
O4 NAG P . -38.41 60.57 2.79
O5 NAG P . -40.55 57.96 1.17
O6 NAG P . -39.09 56.37 3.02
O7 NAG P . -43.15 60.58 -1.56
C1 NAG P . -38.66 61.14 4.16
C2 NAG P . -37.29 61.14 4.96
C3 NAG P . -37.58 61.70 6.37
C4 NAG P . -38.19 63.13 6.25
C5 NAG P . -39.50 63.05 5.42
C6 NAG P . -40.13 64.41 5.19
C7 NAG P . -35.78 59.30 4.34
C8 NAG P . -35.31 57.89 4.49
N2 NAG P . -36.80 59.75 5.08
O3 NAG P . -36.35 61.77 7.11
O4 NAG P . -38.46 63.65 7.55
O5 NAG P . -39.22 62.47 4.09
O6 NAG P . -39.23 65.33 4.57
O7 NAG P . -35.22 60.04 3.51
C1 NAG Q . -14.00 -47.71 35.23
C2 NAG Q . -14.21 -46.18 34.99
C3 NAG Q . -14.22 -45.48 36.39
C4 NAG Q . -15.35 -46.09 37.27
C5 NAG Q . -15.10 -47.62 37.41
C6 NAG Q . -16.19 -48.35 38.20
C7 NAG Q . -13.26 -45.14 32.95
C8 NAG Q . -12.08 -44.65 32.16
N2 NAG Q . -13.09 -45.67 34.17
O3 NAG Q . -14.42 -44.07 36.23
O4 NAG Q . -15.30 -45.57 38.62
O5 NAG Q . -15.06 -48.24 36.08
O6 NAG Q . -15.75 -49.62 38.67
O7 NAG Q . -14.39 -45.06 32.45
C1 NAG Q . -16.15 -44.36 38.95
C2 NAG Q . -17.63 -44.80 39.33
C3 NAG Q . -18.42 -43.52 39.74
C4 NAG Q . -17.70 -42.81 40.92
C5 NAG Q . -16.27 -42.42 40.46
C6 NAG Q . -15.45 -41.77 41.59
C7 NAG Q . -19.15 -46.44 38.31
C8 NAG Q . -19.83 -47.02 37.11
N2 NAG Q . -18.33 -45.40 38.18
O3 NAG Q . -19.76 -43.88 40.13
O4 NAG Q . -18.44 -41.62 41.32
O5 NAG Q . -15.54 -43.63 40.05
O6 NAG Q . -14.33 -41.06 41.11
O7 NAG Q . -19.37 -46.94 39.42
C1 BMA Q . -19.02 -41.70 42.71
C2 BMA Q . -19.16 -40.25 43.30
C3 BMA Q . -19.73 -40.38 44.75
C4 BMA Q . -21.09 -41.11 44.70
C5 BMA Q . -20.88 -42.52 44.06
C6 BMA Q . -22.18 -43.30 43.95
O2 BMA Q . -19.98 -39.44 42.47
O3 BMA Q . -19.87 -39.08 45.33
O4 BMA Q . -21.61 -41.25 46.03
O5 BMA Q . -20.30 -42.38 42.71
O6 BMA Q . -23.14 -42.64 43.13
C1 NAG R . -79.94 45.98 -4.87
C2 NAG R . -80.55 46.47 -3.50
C3 NAG R . -81.66 47.51 -3.82
C4 NAG R . -81.05 48.70 -4.62
C5 NAG R . -80.42 48.13 -5.93
C6 NAG R . -79.74 49.20 -6.78
C7 NAG R . -80.66 44.83 -1.68
C8 NAG R . -81.32 43.67 -1.03
N2 NAG R . -81.15 45.32 -2.80
O3 NAG R . -82.22 47.99 -2.59
O4 NAG R . -82.17 49.55 -4.96
O5 NAG R . -79.39 47.10 -5.60
O6 NAG R . -78.79 49.97 -6.04
O7 NAG R . -79.68 45.36 -1.13
C1 NAG R . -81.90 51.03 -4.81
C2 NAG R . -83.08 51.79 -5.52
C3 NAG R . -82.77 53.31 -5.42
C4 NAG R . -82.64 53.71 -3.92
C5 NAG R . -81.50 52.88 -3.28
C6 NAG R . -81.35 53.17 -1.79
C7 NAG R . -84.08 50.54 -7.38
C8 NAG R . -84.10 50.13 -8.82
N2 NAG R . -83.14 51.38 -6.93
O3 NAG R . -83.86 54.04 -6.01
O4 NAG R . -82.35 55.11 -3.83
O5 NAG R . -81.78 51.44 -3.42
O6 NAG R . -80.12 52.68 -1.28
O7 NAG R . -84.95 50.09 -6.61
C1 NAG S . -89.41 31.91 -16.66
C2 NAG S . -90.23 30.91 -15.77
C3 NAG S . -90.94 29.90 -16.70
C4 NAG S . -91.89 30.69 -17.66
C5 NAG S . -91.03 31.69 -18.49
C6 NAG S . -91.89 32.55 -19.39
C7 NAG S . -89.56 29.97 -13.60
C8 NAG S . -88.57 29.26 -12.73
N2 NAG S . -89.28 30.21 -14.88
O3 NAG S . -91.71 28.98 -15.90
O4 NAG S . -92.52 29.79 -18.58
O5 NAG S . -90.32 32.59 -17.57
O6 NAG S . -91.11 33.34 -20.27
O7 NAG S . -90.64 30.33 -13.11
C1 NAG S . -93.79 29.13 -18.09
C2 NAG S . -94.93 29.40 -19.15
C3 NAG S . -96.22 28.73 -18.63
C4 NAG S . -95.96 27.20 -18.42
C5 NAG S . -94.81 27.03 -17.39
C6 NAG S . -94.43 25.58 -17.16
C7 NAG S . -95.30 31.46 -20.45
C8 NAG S . -95.52 32.94 -20.53
N2 NAG S . -95.14 30.86 -19.27
O3 NAG S . -97.26 28.90 -19.60
O4 NAG S . -97.15 26.58 -17.94
O5 NAG S . -93.60 27.71 -17.88
O6 NAG S . -94.16 24.88 -18.38
O7 NAG S . -95.27 30.80 -21.50
C1 NAG T . -70.37 14.73 -30.12
C2 NAG T . -71.84 14.43 -30.61
C3 NAG T . -72.62 13.75 -29.46
C4 NAG T . -71.88 12.44 -29.05
C5 NAG T . -70.42 12.82 -28.61
C6 NAG T . -69.60 11.61 -28.18
C7 NAG T . -72.54 16.17 -32.20
C8 NAG T . -73.20 17.48 -32.50
N2 NAG T . -72.49 15.71 -30.95
O3 NAG T . -73.94 13.44 -29.90
O4 NAG T . -72.58 11.85 -27.93
O5 NAG T . -69.72 13.49 -29.71
O6 NAG T . -68.29 11.99 -27.77
O7 NAG T . -72.05 15.51 -33.14
C1 NAG T . -72.90 10.39 -28.12
C2 NAG T . -73.40 9.80 -26.76
C3 NAG T . -73.68 8.29 -26.97
C4 NAG T . -74.73 8.11 -28.11
C5 NAG T . -74.19 8.76 -29.41
C6 NAG T . -75.18 8.69 -30.56
C7 NAG T . -72.47 10.84 -24.73
C8 NAG T . -71.38 10.98 -23.71
N2 NAG T . -72.35 9.96 -25.73
O3 NAG T . -74.19 7.72 -25.76
O4 NAG T . -74.99 6.72 -28.32
O5 NAG T . -73.89 10.19 -29.17
O6 NAG T . -74.57 8.95 -31.81
O7 NAG T . -73.49 11.54 -24.62
C1 NAG U . -70.21 8.44 -8.90
C2 NAG U . -71.72 8.29 -8.45
C3 NAG U . -71.79 7.10 -7.45
C4 NAG U . -71.26 5.80 -8.13
C5 NAG U . -69.79 6.06 -8.58
C6 NAG U . -69.16 4.89 -9.30
C7 NAG U . -72.78 10.49 -8.40
C8 NAG U . -73.21 11.72 -7.67
N2 NAG U . -72.16 9.51 -7.76
O3 NAG U . -73.16 6.91 -7.04
O4 NAG U . -71.26 4.74 -7.15
O5 NAG U . -69.74 7.21 -9.50
O6 NAG U . -67.79 5.13 -9.60
O7 NAG U . -73.03 10.40 -9.62
C1 NAG U . -71.97 3.49 -7.58
C2 NAG U . -71.44 2.27 -6.71
C3 NAG U . -72.16 0.99 -7.19
C4 NAG U . -73.70 1.18 -7.04
C5 NAG U . -74.14 2.41 -7.90
C6 NAG U . -75.62 2.71 -7.76
C7 NAG U . -69.09 2.51 -6.01
C8 NAG U . -67.62 2.34 -6.28
N2 NAG U . -69.98 2.13 -6.93
O3 NAG U . -71.74 -0.11 -6.38
O4 NAG U . -74.37 0.01 -7.49
O5 NAG U . -73.41 3.60 -7.46
O6 NAG U . -76.01 2.90 -6.41
O7 NAG U . -69.45 3.03 -4.95
C1 NAG V . 34.47 -23.97 -44.18
C2 NAG V . 33.01 -23.81 -43.61
C3 NAG V . 32.29 -25.18 -43.79
C4 NAG V . 32.28 -25.58 -45.31
C5 NAG V . 33.76 -25.65 -45.80
C6 NAG V . 33.89 -25.96 -47.29
C7 NAG V . 32.63 -22.31 -41.68
C8 NAG V . 32.76 -22.01 -40.20
N2 NAG V . 33.10 -23.46 -42.17
O3 NAG V . 30.94 -25.09 -43.30
O4 NAG V . 31.75 -26.90 -45.50
O5 NAG V . 34.42 -24.35 -45.57
O6 NAG V . 35.19 -26.42 -47.63
O7 NAG V . 32.10 -21.47 -42.43
C1 NAG V . 30.27 -27.04 -45.81
C2 NAG V . 30.00 -26.86 -47.37
C3 NAG V . 28.48 -27.09 -47.61
C4 NAG V . 28.07 -28.51 -47.12
C5 NAG V . 28.37 -28.60 -45.59
C6 NAG V . 28.07 -29.98 -45.02
C7 NAG V . 30.89 -25.24 -48.99
C8 NAG V . 31.20 -23.83 -49.40
N2 NAG V . 30.32 -25.49 -47.81
O3 NAG V . 28.20 -26.98 -49.02
O4 NAG V . 26.66 -28.74 -47.36
O5 NAG V . 29.81 -28.33 -45.35
O6 NAG V . 27.95 -29.97 -43.61
O7 NAG V . 31.17 -26.16 -49.76
C1 BMA V . 26.38 -29.84 -48.35
C2 BMA V . 24.98 -30.49 -48.05
C3 BMA V . 24.75 -31.64 -49.07
C4 BMA V . 24.82 -31.07 -50.51
C5 BMA V . 26.23 -30.41 -50.72
C6 BMA V . 26.38 -29.79 -52.10
O2 BMA V . 23.95 -29.51 -48.11
O3 BMA V . 23.49 -32.26 -48.84
O4 BMA V . 24.63 -32.13 -51.45
O5 BMA V . 26.44 -29.35 -49.72
O6 BMA V . 25.42 -28.77 -52.35
C1 NAG W . -75.60 27.19 -45.54
C2 NAG W . -76.40 26.07 -46.30
C3 NAG W . -77.80 26.63 -46.67
C4 NAG W . -78.54 27.08 -45.38
C5 NAG W . -77.67 28.15 -44.64
C6 NAG W . -78.28 28.62 -43.33
C7 NAG W . -75.10 24.54 -47.71
C8 NAG W . -74.38 24.26 -48.99
N2 NAG W . -75.68 25.72 -47.52
O3 NAG W . -78.55 25.62 -47.36
O4 NAG W . -79.78 27.70 -45.82
O5 NAG W . -76.33 27.59 -44.34
O6 NAG W . -78.61 27.53 -42.46
O7 NAG W . -75.18 23.65 -46.85
C1 NAG W . -81.00 27.33 -45.03
C2 NAG W . -82.15 28.31 -45.45
C3 NAG W . -83.39 27.98 -44.58
C4 NAG W . -83.79 26.50 -44.81
C5 NAG W . -82.59 25.58 -44.43
C6 NAG W . -82.88 24.11 -44.69
C7 NAG W . -81.33 30.52 -46.19
C8 NAG W . -80.87 31.91 -45.89
N2 NAG W . -81.70 29.71 -45.19
O3 NAG W . -84.48 28.83 -44.97
O4 NAG W . -84.92 26.19 -43.98
O5 NAG W . -81.41 25.95 -45.23
O6 NAG W . -81.95 23.27 -44.03
O7 NAG W . -81.36 30.12 -47.36
C1 NAG X . -66.27 42.70 -55.45
C2 NAG X . -65.78 42.24 -56.87
C3 NAG X . -65.11 43.44 -57.59
C4 NAG X . -66.17 44.59 -57.70
C5 NAG X . -66.65 44.99 -56.28
C6 NAG X . -67.73 46.04 -56.31
C7 NAG X . -64.80 40.06 -57.45
C8 NAG X . -63.78 38.98 -57.23
N2 NAG X . -64.80 41.16 -56.68
O3 NAG X . -64.68 43.04 -58.90
O4 NAG X . -65.57 45.75 -58.31
O5 NAG X . -67.21 43.81 -55.61
O6 NAG X . -68.04 46.53 -55.03
O7 NAG X . -65.62 39.93 -58.38
C1 NAG X . -65.57 45.77 -59.82
C2 NAG X . -66.23 47.13 -60.30
C3 NAG X . -66.22 47.13 -61.85
C4 NAG X . -64.74 47.00 -62.35
C5 NAG X . -64.17 45.65 -61.81
C6 NAG X . -62.70 45.44 -62.20
C7 NAG X . -68.15 48.28 -59.28
C8 NAG X . -69.57 48.29 -58.81
N2 NAG X . -67.63 47.17 -59.81
O3 NAG X . -66.76 48.38 -62.31
O4 NAG X . -64.73 47.00 -63.78
O5 NAG X . -64.23 45.64 -60.34
O6 NAG X . -61.88 46.56 -61.85
O7 NAG X . -67.47 49.31 -59.18
C1 NAG Y . 23.31 37.09 -28.60
C2 NAG Y . 22.21 37.29 -27.47
C3 NAG Y . 21.84 38.79 -27.42
C4 NAG Y . 23.11 39.62 -27.12
C5 NAG Y . 24.16 39.36 -28.23
C6 NAG Y . 25.47 40.09 -27.98
C7 NAG Y . 20.69 35.39 -27.14
C8 NAG Y . 19.46 34.61 -27.54
N2 NAG Y . 21.02 36.49 -27.82
O3 NAG Y . 20.85 39.00 -26.39
O4 NAG Y . 22.77 41.01 -27.09
O5 NAG Y . 24.47 37.91 -28.29
O6 NAG Y . 26.04 39.78 -26.71
O7 NAG Y . 21.38 34.98 -26.21
C1 NAG Z . 39.74 7.96 -47.27
C2 NAG Z . 40.05 7.11 -48.56
C3 NAG Z . 40.25 5.63 -48.15
C4 NAG Z . 41.40 5.52 -47.12
C5 NAG Z . 41.05 6.39 -45.88
C6 NAG Z . 42.15 6.39 -44.83
C7 NAG Z . 39.04 7.44 -50.78
C8 NAG Z . 37.83 7.51 -51.66
N2 NAG Z . 38.90 7.22 -49.47
O3 NAG Z . 40.57 4.84 -49.30
O4 NAG Z . 41.57 4.16 -46.74
O5 NAG Z . 40.83 7.79 -46.30
O6 NAG Z . 41.64 6.71 -43.54
O7 NAG Z . 40.17 7.60 -51.28
C1 NAG AA . 31.49 8.97 -19.04
C2 NAG AA . 30.50 7.83 -19.50
C3 NAG AA . 29.75 7.30 -18.26
C4 NAG AA . 30.80 6.75 -17.25
C5 NAG AA . 31.80 7.89 -16.87
C6 NAG AA . 32.89 7.38 -15.93
C7 NAG AA . 29.36 7.80 -21.69
C8 NAG AA . 28.42 8.40 -22.69
N2 NAG AA . 29.57 8.39 -20.51
O3 NAG AA . 28.83 6.27 -18.63
O4 NAG AA . 30.15 6.27 -16.09
O5 NAG AA . 32.45 8.42 -18.09
O6 NAG AA . 33.68 8.45 -15.41
O7 NAG AA . 29.95 6.75 -21.98
C1 NAG BA . 2.76 13.67 -49.81
C2 NAG BA . 2.61 15.22 -49.98
C3 NAG BA . 1.97 15.51 -51.37
C4 NAG BA . 2.88 14.91 -52.48
C5 NAG BA . 3.02 13.38 -52.24
C6 NAG BA . 3.94 12.72 -53.25
C7 NAG BA . 2.10 16.74 -48.12
C8 NAG BA . 1.18 17.21 -47.04
N2 NAG BA . 1.73 15.74 -48.92
O3 NAG BA . 1.86 16.93 -51.56
O4 NAG BA . 2.29 15.16 -53.75
O5 NAG BA . 3.59 13.13 -50.89
O6 NAG BA . 3.77 11.31 -53.28
O7 NAG BA . 3.20 17.28 -48.25
C1 NAG CA . 18.73 40.83 24.17
C2 NAG CA . 17.51 41.55 24.88
C3 NAG CA . 17.26 42.90 24.17
C4 NAG CA . 18.55 43.76 24.25
C5 NAG CA . 19.72 42.99 23.57
C6 NAG CA . 21.03 43.74 23.65
C7 NAG CA . 15.83 39.95 25.73
C8 NAG CA . 14.61 39.10 25.50
N2 NAG CA . 16.31 40.70 24.73
O3 NAG CA . 16.19 43.59 24.82
O4 NAG CA . 18.33 45.01 23.59
O5 NAG CA . 19.91 41.69 24.24
O6 NAG CA . 22.01 43.21 22.76
O7 NAG CA . 16.40 39.92 26.84
C1 NAG DA . -8.38 35.93 -40.33
C2 NAG DA . -9.11 37.30 -40.61
C3 NAG DA . -9.78 37.24 -42.01
C4 NAG DA . -8.69 36.95 -43.07
C5 NAG DA . -7.96 35.61 -42.73
C6 NAG DA . -6.83 35.30 -43.69
C7 NAG DA . -10.19 38.61 -38.81
C8 NAG DA . -11.23 38.76 -37.75
N2 NAG DA . -10.13 37.50 -39.54
O3 NAG DA . -10.43 38.48 -42.29
O4 NAG DA . -9.30 36.86 -44.36
O5 NAG DA . -7.39 35.70 -41.37
O6 NAG DA . -6.50 33.92 -43.69
O7 NAG DA . -9.38 39.55 -39.00
C1 NAG EA . 2.67 46.93 -3.76
C2 NAG EA . 1.28 47.34 -3.14
C3 NAG EA . 1.27 48.88 -2.90
C4 NAG EA . 2.44 49.24 -1.95
C5 NAG EA . 3.78 48.78 -2.60
C6 NAG EA . 4.98 49.05 -1.71
C7 NAG EA . -0.48 45.84 -3.96
C8 NAG EA . -1.56 45.49 -4.95
N2 NAG EA . 0.20 46.98 -4.09
O3 NAG EA . 0.02 49.26 -2.31
O4 NAG EA . 2.45 50.66 -1.75
O5 NAG EA . 3.74 47.33 -2.85
O6 NAG EA . 6.19 49.04 -2.44
O7 NAG EA . -0.23 45.04 -3.05
C1 NAG FA . -7.10 59.78 -16.69
C2 NAG FA . -5.59 59.37 -16.86
C3 NAG FA . -4.77 60.00 -15.68
C4 NAG FA . -4.93 61.54 -15.73
C5 NAG FA . -6.45 61.88 -15.60
C6 NAG FA . -6.70 63.39 -15.69
C7 NAG FA . -5.20 57.15 -17.86
C8 NAG FA . -5.10 55.67 -17.73
N2 NAG FA . -5.46 57.90 -16.78
O3 NAG FA . -3.38 59.65 -15.83
O4 NAG FA . -4.20 62.11 -14.64
O5 NAG FA . -7.20 61.24 -16.69
O6 NAG FA . -8.01 63.73 -15.27
O7 NAG FA . -5.04 57.68 -18.97
C1 NAG GA . -48.30 66.48 -14.57
C2 NAG GA . -49.86 66.56 -14.30
C3 NAG GA . -50.29 68.04 -14.39
C4 NAG GA . -49.49 68.86 -13.33
C5 NAG GA . -47.97 68.71 -13.63
C6 NAG GA . -47.10 69.44 -12.60
C7 NAG GA . -50.97 64.50 -15.07
C8 NAG GA . -51.66 63.70 -16.14
N2 NAG GA . -50.55 65.75 -15.32
O3 NAG GA . -51.70 68.13 -14.12
O4 NAG GA . -49.87 70.23 -13.43
O5 NAG GA . -47.59 67.29 -13.59
O6 NAG GA . -45.79 69.67 -13.10
O7 NAG GA . -50.78 63.97 -13.96
C1 NAG HA . -39.49 62.51 -27.20
C2 NAG HA . -38.50 61.92 -28.28
C3 NAG HA . -37.09 61.79 -27.64
C4 NAG HA . -36.61 63.19 -27.16
C5 NAG HA . -37.64 63.73 -26.12
C6 NAG HA . -37.27 65.13 -25.65
C7 NAG HA . -39.57 60.35 -29.83
C8 NAG HA . -40.05 58.96 -30.15
N2 NAG HA . -38.97 60.58 -28.67
O3 NAG HA . -36.17 61.27 -28.61
O4 NAG HA . -35.32 63.09 -26.57
O5 NAG HA . -38.98 63.81 -26.74
O6 NAG HA . -38.14 65.58 -24.62
O7 NAG HA . -39.72 61.25 -30.66
C1 NAG IA . 44.27 -1.51 -27.36
C2 NAG IA . 45.51 -0.54 -27.40
C3 NAG IA . 46.48 -0.97 -26.25
C4 NAG IA . 45.73 -0.89 -24.89
C5 NAG IA . 44.49 -1.83 -24.94
C6 NAG IA . 43.66 -1.77 -23.66
C7 NAG IA . 46.98 0.22 -29.24
C8 NAG IA . 47.59 -0.02 -30.58
N2 NAG IA . 46.16 -0.69 -28.71
O3 NAG IA . 47.63 -0.11 -26.19
O4 NAG IA . 46.61 -1.30 -23.84
O5 NAG IA . 43.61 -1.44 -26.05
O6 NAG IA . 43.28 -0.45 -23.32
O7 NAG IA . 47.24 1.27 -28.62
C1 NAG JA . -21.33 15.60 45.14
C2 NAG JA . -22.06 14.89 43.93
C3 NAG JA . -23.58 14.83 44.25
C4 NAG JA . -23.79 14.04 45.56
C5 NAG JA . -23.03 14.76 46.71
C6 NAG JA . -23.13 14.01 48.03
C7 NAG JA . -21.03 15.27 41.73
C8 NAG JA . -20.84 16.12 40.52
N2 NAG JA . -21.83 15.69 42.71
O3 NAG JA . -24.26 14.17 43.17
O4 NAG JA . -25.20 14.00 45.86
O5 NAG JA . -21.59 14.85 46.37
O6 NAG JA . -22.69 12.66 47.94
O7 NAG JA . -20.43 14.19 41.81
C1 NAG KA . 13.22 30.25 52.79
C2 NAG KA . 14.20 31.43 53.13
C3 NAG KA . 15.59 31.12 52.52
C4 NAG KA . 16.12 29.78 53.08
C5 NAG KA . 15.11 28.66 52.74
C6 NAG KA . 15.51 27.31 53.30
C7 NAG KA . 13.62 33.82 53.18
C8 NAG KA . 13.09 35.05 52.51
N2 NAG KA . 13.68 32.67 52.52
O3 NAG KA . 16.52 32.17 52.85
O4 NAG KA . 17.40 29.49 52.52
O5 NAG KA . 13.78 28.99 53.30
O6 NAG KA . 14.92 26.24 52.57
O7 NAG KA . 14.00 33.90 54.37
C1 NAG LA . 6.84 6.46 36.70
C2 NAG LA . 7.47 7.34 35.53
C3 NAG LA . 7.53 6.46 34.25
C4 NAG LA . 8.43 5.22 34.55
C5 NAG LA . 7.80 4.42 35.74
C6 NAG LA . 8.67 3.22 36.11
C7 NAG LA . 7.15 9.76 35.31
C8 NAG LA . 6.28 10.97 35.11
N2 NAG LA . 6.63 8.53 35.33
O3 NAG LA . 8.10 7.22 33.17
O4 NAG LA . 8.50 4.39 33.40
O5 NAG LA . 7.69 5.30 36.93
O6 NAG LA . 8.02 2.38 37.07
O7 NAG LA . 8.37 9.93 35.46
C1 NAG MA . -7.74 44.53 25.16
C2 NAG MA . -9.20 44.59 25.77
C3 NAG MA . -9.64 46.08 25.83
C4 NAG MA . -8.63 46.87 26.71
C5 NAG MA . -7.21 46.74 26.09
C6 NAG MA . -6.16 47.43 26.93
C7 NAG MA . -10.90 42.88 25.35
C8 NAG MA . -11.80 42.13 24.41
N2 NAG MA . -10.11 43.84 24.88
O3 NAG MA . -10.95 46.16 26.39
O4 NAG MA . -9.02 48.24 26.75
O5 NAG MA . -6.84 45.31 26.00
O6 NAG MA . -4.96 47.65 26.18
O7 NAG MA . -10.91 42.58 26.55
C1 NAG NA . -30.22 -32.69 24.91
C2 NAG NA . -31.44 -33.00 23.96
C3 NAG NA . -32.72 -32.38 24.58
C4 NAG NA . -32.94 -32.97 25.99
C5 NAG NA . -31.70 -32.65 26.87
C6 NAG NA . -31.81 -33.23 28.27
C7 NAG NA . -30.79 -33.09 21.57
C8 NAG NA . -30.55 -32.39 20.28
N2 NAG NA . -31.19 -32.39 22.63
O3 NAG NA . -33.85 -32.70 23.74
O4 NAG NA . -34.11 -32.38 26.57
O5 NAG NA . -30.49 -33.23 26.24
O6 NAG NA . -30.84 -32.68 29.14
O7 NAG NA . -30.59 -34.31 21.66
C1 NAG OA . -33.22 37.34 22.14
C2 NAG OA . -34.75 37.71 22.22
C3 NAG OA . -34.88 39.26 22.10
C4 NAG OA . -34.08 39.91 23.26
C5 NAG OA . -32.59 39.47 23.17
C6 NAG OA . -31.76 40.03 24.32
C7 NAG OA . -36.52 36.28 21.27
C8 NAG OA . -37.17 35.61 20.09
N2 NAG OA . -35.44 37.05 21.09
O3 NAG OA . -36.26 39.63 22.20
O4 NAG OA . -34.18 41.34 23.14
O5 NAG OA . -32.51 38.00 23.23
O6 NAG OA . -30.37 40.04 24.00
O7 NAG OA . -36.99 36.09 22.40
C1 NAG PA . -40.78 -1.67 23.62
C2 NAG PA . -41.79 -1.81 22.42
C3 NAG PA . -43.20 -2.18 22.99
C4 NAG PA . -43.08 -3.49 23.80
C5 NAG PA . -42.04 -3.30 24.95
C6 NAG PA . -41.83 -4.56 25.76
C7 NAG PA . -41.15 -0.32 20.58
C8 NAG PA . -41.24 1.00 19.86
N2 NAG PA . -41.88 -0.53 21.68
O3 NAG PA . -44.12 -2.35 21.91
O4 NAG PA . -44.36 -3.82 24.34
O5 NAG PA . -40.74 -2.90 24.38
O6 NAG PA . -41.24 -4.28 27.02
O7 NAG PA . -40.39 -1.19 20.14
C1 NAG QA . -55.70 12.57 25.36
C2 NAG QA . -54.66 12.24 26.51
C3 NAG QA . -54.94 10.81 27.06
C4 NAG QA . -56.40 10.77 27.59
C5 NAG QA . -57.38 11.12 26.44
C6 NAG QA . -58.83 11.17 26.90
C7 NAG QA . -52.44 13.26 26.22
C8 NAG QA . -51.06 13.24 25.63
N2 NAG QA . -53.28 12.27 25.96
O3 NAG QA . -54.02 10.52 28.12
O4 NAG QA . -56.67 9.45 28.08
O5 NAG QA . -57.05 12.47 25.90
O6 NAG QA . -59.73 11.17 25.80
O7 NAG QA . -52.75 14.20 26.96
C1 NAG RA . -79.68 23.79 -6.97
C2 NAG RA . -80.45 24.05 -8.33
C3 NAG RA . -81.96 24.14 -8.02
C4 NAG RA . -82.42 22.82 -7.36
C5 NAG RA . -81.62 22.59 -6.05
C6 NAG RA . -81.96 21.27 -5.37
C7 NAG RA . -79.03 25.34 -9.88
C8 NAG RA . -78.54 26.64 -10.43
N2 NAG RA . -79.95 25.32 -8.90
O3 NAG RA . -82.68 24.35 -9.26
O4 NAG RA . -83.82 22.90 -7.07
O5 NAG RA . -80.17 22.56 -6.36
O6 NAG RA . -81.57 21.27 -4.00
O7 NAG RA . -78.55 24.28 -10.32
C1 NAG SA . -71.46 33.03 3.02
C2 NAG SA . -70.43 33.77 3.96
C3 NAG SA . -69.74 32.71 4.87
C4 NAG SA . -70.82 31.97 5.70
C5 NAG SA . -71.82 31.29 4.72
C6 NAG SA . -72.95 30.60 5.47
C7 NAG SA . -69.37 35.73 2.92
C8 NAG SA . -68.31 36.32 2.04
N2 NAG SA . -69.40 34.42 3.12
O3 NAG SA . -68.81 33.35 5.75
O4 NAG SA . -70.22 31.00 6.54
O5 NAG SA . -72.43 32.31 3.85
O6 NAG SA . -73.80 29.89 4.58
O7 NAG SA . -70.19 36.48 3.46
C1 NAG TA . 22.36 10.94 45.72
C2 NAG TA . 22.02 10.46 47.20
C3 NAG TA . 22.75 9.09 47.43
C4 NAG TA . 22.26 8.07 46.37
C5 NAG TA . 22.58 8.61 44.95
C6 NAG TA . 22.08 7.70 43.85
C7 NAG TA . 22.10 11.63 49.38
C8 NAG TA . 22.67 12.70 50.25
N2 NAG TA . 22.53 11.49 48.12
O3 NAG TA . 22.47 8.58 48.75
O4 NAG TA . 22.94 6.82 46.58
O5 NAG TA . 21.92 9.93 44.77
O6 NAG TA . 20.70 7.37 43.98
O7 NAG TA . 21.23 10.86 49.84
C1 NAG UA . -26.29 -36.59 -26.58
C2 NAG UA . -25.89 -35.14 -27.07
C3 NAG UA . -26.51 -34.92 -28.48
C4 NAG UA . -25.98 -36.01 -29.45
C5 NAG UA . -26.38 -37.41 -28.89
C6 NAG UA . -25.84 -38.56 -29.75
C7 NAG UA . -25.63 -33.45 -25.30
C8 NAG UA . -26.24 -32.47 -24.36
N2 NAG UA . -26.42 -34.15 -26.13
O3 NAG UA . -26.15 -33.63 -28.96
O4 NAG UA . -26.58 -35.82 -30.73
O5 NAG UA . -25.81 -37.58 -27.53
O6 NAG UA . -24.43 -38.49 -29.92
O7 NAG UA . -24.41 -33.63 -25.29
C1 NAG VA . -25.02 -56.70 6.00
C2 NAG VA . -25.68 -57.46 7.21
C3 NAG VA . -24.76 -57.32 8.45
C4 NAG VA . -23.36 -57.90 8.13
C5 NAG VA . -22.77 -57.13 6.91
C6 NAG VA . -21.42 -57.68 6.48
C7 NAG VA . -28.09 -57.53 7.74
C8 NAG VA . -29.37 -56.82 8.05
N2 NAG VA . -26.98 -56.82 7.51
O3 NAG VA . -25.32 -58.03 9.57
O4 NAG VA . -22.51 -57.77 9.26
O5 NAG VA . -23.68 -57.24 5.76
O6 NAG VA . -20.67 -56.70 5.77
O7 NAG VA . -28.07 -58.77 7.68
C1 NAG WA . -5.31 -37.28 -4.03
C2 NAG WA . -5.75 -36.49 -2.73
C3 NAG WA . -4.85 -35.23 -2.62
C4 NAG WA . -3.37 -35.70 -2.51
C5 NAG WA . -3.00 -36.53 -3.78
C6 NAG WA . -1.57 -37.07 -3.70
C7 NAG WA . -8.05 -36.40 -1.89
C8 NAG WA . -9.50 -36.03 -2.04
N2 NAG WA . -7.17 -36.14 -2.86
O3 NAG WA . -5.21 -34.47 -1.45
O4 NAG WA . -2.52 -34.56 -2.40
O5 NAG WA . -3.91 -37.68 -3.91
O6 NAG WA . -1.15 -37.65 -4.92
O7 NAG WA . -7.69 -36.96 -0.84
C1 NAG XA . -45.07 -25.07 4.01
C2 NAG XA . -45.80 -25.15 2.61
C3 NAG XA . -47.34 -25.20 2.86
C4 NAG XA . -47.66 -26.43 3.74
C5 NAG XA . -46.89 -26.31 5.09
C6 NAG XA . -47.12 -27.52 5.98
C7 NAG XA . -44.97 -24.03 0.59
C8 NAG XA . -44.62 -22.78 -0.15
N2 NAG XA . -45.46 -23.95 1.83
O3 NAG XA . -48.01 -25.30 1.60
O4 NAG XA . -49.07 -26.46 3.98
O5 NAG XA . -45.44 -26.22 4.81
O6 NAG XA . -46.75 -27.24 7.33
O7 NAG XA . -44.79 -25.14 0.04
C1 NAG YA . 14.63 -10.22 -47.78
C2 NAG YA . 14.45 -8.88 -48.62
C3 NAG YA . 13.30 -9.10 -49.63
C4 NAG YA . 13.63 -10.29 -50.55
C5 NAG YA . 13.82 -11.56 -49.67
C6 NAG YA . 14.21 -12.78 -50.50
C7 NAG YA . 14.97 -6.87 -47.29
C8 NAG YA . 14.53 -5.80 -46.35
N2 NAG YA . 14.09 -7.79 -47.69
O3 NAG YA . 13.15 -7.91 -50.43
O4 NAG YA . 12.56 -10.50 -51.48
O5 NAG YA . 14.91 -11.33 -48.69
O6 NAG YA . 14.07 -13.98 -49.75
O7 NAG YA . 16.15 -6.90 -47.68
C1 NAG ZA . -49.43 -13.03 -19.36
C2 NAG ZA . -50.44 -12.61 -20.51
C3 NAG ZA . -51.88 -12.60 -19.92
C4 NAG ZA . -52.20 -14.02 -19.35
C5 NAG ZA . -51.15 -14.40 -18.27
C6 NAG ZA . -51.36 -15.81 -17.73
C7 NAG ZA . -49.85 -11.00 -22.27
C8 NAG ZA . -49.45 -9.63 -22.71
N2 NAG ZA . -50.05 -11.26 -20.98
O3 NAG ZA . -52.81 -12.26 -20.94
O4 NAG ZA . -53.51 -14.01 -18.79
O5 NAG ZA . -49.79 -14.34 -18.85
O6 NAG ZA . -50.75 -15.97 -16.44
O7 NAG ZA . -49.96 -11.89 -23.13
C1 NAG AB . -17.75 -8.31 -42.89
C2 NAG AB . -17.96 -6.82 -43.40
C3 NAG AB . -18.29 -6.86 -44.91
C4 NAG AB . -17.11 -7.54 -45.66
C5 NAG AB . -16.91 -8.98 -45.11
C6 NAG AB . -15.74 -9.69 -45.74
C7 NAG AB . -18.91 -5.46 -41.59
C8 NAG AB . -20.08 -4.88 -40.85
N2 NAG AB . -19.10 -6.23 -42.66
O3 NAG AB . -18.46 -5.52 -45.39
O4 NAG AB . -17.40 -7.58 -47.06
O5 NAG AB . -16.65 -8.91 -43.65
O6 NAG AB . -15.82 -11.10 -45.55
O7 NAG AB . -17.77 -5.22 -41.17
C1 NAG BB . -37.10 -6.23 -49.88
C2 NAG BB . -36.44 -7.63 -49.54
C3 NAG BB . -35.32 -7.92 -50.57
C4 NAG BB . -35.94 -7.92 -52.00
C5 NAG BB . -36.61 -6.55 -52.27
C6 NAG BB . -37.31 -6.50 -53.62
C7 NAG BB . -36.38 -8.20 -47.15
C8 NAG BB . -35.72 -8.10 -45.81
N2 NAG BB . -35.84 -7.57 -48.18
O3 NAG BB . -34.72 -9.20 -50.30
O4 NAG BB . -34.92 -8.17 -52.95
O5 NAG BB . -37.64 -6.28 -51.23
O6 NAG BB . -37.63 -5.16 -53.99
O7 NAG BB . -37.41 -8.88 -47.27
C1 NAG CB . -55.40 31.10 -54.11
C2 NAG CB . -55.88 32.61 -54.16
C3 NAG CB . -56.63 32.82 -55.50
C4 NAG CB . -55.69 32.48 -56.68
C5 NAG CB . -55.23 31.00 -56.54
C6 NAG CB . -54.23 30.60 -57.63
C7 NAG CB . -56.32 33.47 -51.90
C8 NAG CB . -57.24 33.70 -50.74
N2 NAG CB . -56.77 32.86 -53.02
O3 NAG CB . -57.06 34.19 -55.59
O4 NAG CB . -56.39 32.66 -57.91
O5 NAG CB . -54.55 30.80 -55.25
O6 NAG CB . -54.16 29.18 -57.77
O7 NAG CB . -55.13 33.81 -51.81
C1 NAG DB . -60.83 18.13 -46.67
C2 NAG DB . -61.10 16.83 -45.81
C3 NAG DB . -59.91 15.85 -46.00
C4 NAG DB . -59.77 15.51 -47.50
C5 NAG DB . -59.53 16.81 -48.30
C6 NAG DB . -59.45 16.56 -49.80
C7 NAG DB . -62.34 17.28 -43.73
C8 NAG DB . -62.35 17.70 -42.30
N2 NAG DB . -61.18 17.22 -44.39
O3 NAG DB . -60.16 14.65 -45.25
O4 NAG DB . -58.70 14.60 -47.70
O5 NAG DB . -60.65 17.75 -48.07
O6 NAG DB . -59.11 17.75 -50.51
O7 NAG DB . -63.40 16.97 -44.28
C1 NAG EB . -3.22 -51.37 7.79
C2 NAG EB . -3.05 -52.60 6.80
C3 NAG EB . -1.52 -52.93 6.74
C4 NAG EB . -0.73 -51.69 6.26
C5 NAG EB . -1.00 -50.51 7.24
C6 NAG EB . -0.30 -49.22 6.81
C7 NAG EB . -4.20 -54.77 6.61
C8 NAG EB . -4.98 -55.88 7.25
N2 NAG EB . -3.81 -53.73 7.34
O3 NAG EB . -1.26 -54.03 5.84
O4 NAG EB . 0.66 -51.99 6.22
O5 NAG EB . -2.44 -50.23 7.31
O6 NAG EB . -0.63 -48.86 5.46
O7 NAG EB . -3.93 -54.84 5.40
#